data_6UW2
#
_entry.id   6UW2
#
_cell.length_a   117.980
_cell.length_b   177.220
_cell.length_c   181.520
_cell.angle_alpha   90.000
_cell.angle_beta   90.000
_cell.angle_gamma   90.000
#
_symmetry.space_group_name_H-M   'P 21 21 21'
#
loop_
_entity.id
_entity.type
_entity.pdbx_description
1 polymer 'Obtusifoliol 14alphademethylase'
2 non-polymer 'PROTOPORPHYRIN IX CONTAINING FE'
3 non-polymer 1-[(2-CHLOROPHENYL)(DIPHENYL)METHYL]-1H-IMIDAZOLE
4 non-polymer GUANIDINE
5 water water
#
_entity_poly.entity_id   1
_entity_poly.type   'polypeptide(L)'
_entity_poly.pdbx_seq_one_letter_code
;MAKKTSSKGKLPPVVSSLIPFVGSGLSFAGGPLQYTTDAYKKYGDIFTMKVFGQRLTFLVGPDAHVPFFSQGDAELSQDE
PYQFSVPIFGPNVVYGADLAHRNQQLKFIAASLSTKALQSYVPLIVKEAEDFFAKWDKSGTVDIRDALAELIILTASRCL
MGKEIRENLFTEVAKLYQTLDEGLLPISVFFPYLPIPAHKRRDEARLAMVRMFKKIIDERRANPEVKHNDCLQVFMDARY
RGEEQALNDEEITGLMIALLFAGQHTSSVTGSWTGLLLFEANNKKKFLPGVLEEQEEIRKEFGDELTMEALNKMDKLHRC
VKEALRMYPPLLFVMRKVIKPFSYKDYYVPEGDTVFVSPALSMRVEEVFPNADQYNPERFVEEDKQAQKYRFVGFGAGRH
GCMGENFAYLQIKTIWSVLLRNFDIELVGELPKPDYTAMVVGPAHPCLLRYTRKHHHHHH
;
_entity_poly.pdbx_strand_id   A,B,C,D,E,F
#
# COMPACT_ATOMS: atom_id res chain seq x y z
N LYS A 8 -13.57 27.62 -21.08
CA LYS A 8 -13.64 26.48 -22.04
C LYS A 8 -14.03 26.95 -23.47
N GLY A 9 -14.32 25.98 -24.34
CA GLY A 9 -14.66 26.22 -25.75
C GLY A 9 -15.24 24.96 -26.38
N LYS A 10 -14.51 23.87 -26.19
CA LYS A 10 -14.98 22.47 -26.23
C LYS A 10 -13.71 21.63 -25.99
N LEU A 11 -13.62 20.92 -24.86
CA LEU A 11 -12.43 20.12 -24.55
C LEU A 11 -12.39 18.87 -25.44
N PRO A 12 -11.18 18.50 -25.92
CA PRO A 12 -11.11 17.33 -26.77
C PRO A 12 -11.44 16.07 -25.97
N PRO A 13 -12.02 15.07 -26.66
CA PRO A 13 -12.50 13.81 -26.06
C PRO A 13 -11.52 13.16 -25.08
N VAL A 14 -11.96 12.90 -23.85
CA VAL A 14 -11.16 12.18 -22.87
C VAL A 14 -11.31 10.70 -23.18
N VAL A 15 -10.19 9.97 -23.28
CA VAL A 15 -10.21 8.54 -23.59
C VAL A 15 -10.74 7.79 -22.37
N SER A 16 -11.60 6.81 -22.60
CA SER A 16 -12.46 6.22 -21.56
C SER A 16 -11.73 5.66 -20.29
N SER A 17 -11.53 4.35 -20.15
CA SER A 17 -11.00 3.72 -18.86
C SER A 17 -11.93 3.71 -17.64
N LEU A 18 -12.10 2.52 -17.06
CA LEU A 18 -12.96 2.34 -15.89
C LEU A 18 -12.19 2.21 -14.57
N ILE A 19 -10.90 2.51 -14.56
CA ILE A 19 -10.06 2.21 -13.39
C ILE A 19 -9.77 3.51 -12.64
N PRO A 20 -10.44 3.74 -11.50
CA PRO A 20 -10.29 4.97 -10.70
C PRO A 20 -8.86 5.46 -10.48
N PHE A 21 -8.64 6.77 -10.48
CA PHE A 21 -7.34 7.37 -10.10
C PHE A 21 -6.22 7.13 -11.14
N VAL A 22 -5.90 5.87 -11.46
CA VAL A 22 -4.87 5.57 -12.47
C VAL A 22 -5.42 5.80 -13.87
N GLY A 23 -6.63 5.30 -14.14
CA GLY A 23 -7.24 5.56 -15.44
C GLY A 23 -6.45 4.84 -16.49
N SER A 24 -5.93 5.57 -17.48
CA SER A 24 -5.14 4.94 -18.55
C SER A 24 -3.88 4.23 -18.01
N GLY A 25 -2.83 5.00 -17.67
CA GLY A 25 -1.66 4.51 -16.90
C GLY A 25 -1.19 3.08 -17.15
N LEU A 26 -1.84 2.13 -16.48
CA LEU A 26 -1.58 0.69 -16.65
C LEU A 26 -1.79 0.23 -18.10
N SER A 27 -2.79 0.76 -18.79
CA SER A 27 -2.95 0.36 -20.19
C SER A 27 -1.92 1.06 -21.10
N PHE A 28 -1.61 2.31 -20.79
CA PHE A 28 -0.75 3.14 -21.65
C PHE A 28 0.69 2.64 -21.58
N ALA A 29 1.31 2.70 -20.40
CA ALA A 29 2.61 2.05 -20.17
C ALA A 29 2.42 0.55 -20.42
N GLY A 30 3.31 -0.06 -21.20
CA GLY A 30 3.05 -1.41 -21.72
C GLY A 30 1.91 -1.39 -22.73
N GLY A 31 2.26 -1.23 -24.00
CA GLY A 31 1.36 -0.82 -25.09
C GLY A 31 1.31 0.65 -25.57
N PRO A 32 2.34 1.50 -25.27
CA PRO A 32 2.29 2.93 -25.62
C PRO A 32 1.84 3.22 -27.01
N LEU A 33 2.50 2.61 -28.00
CA LEU A 33 2.14 2.88 -29.37
C LEU A 33 0.79 2.28 -29.68
N GLN A 34 0.52 1.10 -29.15
CA GLN A 34 -0.71 0.37 -29.47
C GLN A 34 -1.95 1.07 -28.89
N TYR A 35 -1.81 1.66 -27.70
CA TYR A 35 -2.92 2.31 -26.99
C TYR A 35 -3.20 3.66 -27.62
N THR A 36 -2.16 4.45 -27.88
CA THR A 36 -2.33 5.74 -28.55
C THR A 36 -2.91 5.55 -29.95
N THR A 37 -2.49 4.49 -30.63
CA THR A 37 -3.06 4.12 -31.94
C THR A 37 -4.54 3.74 -31.90
N ASP A 38 -4.96 2.98 -30.91
CA ASP A 38 -6.37 2.65 -30.77
C ASP A 38 -7.20 3.87 -30.38
N ALA A 39 -6.61 4.79 -29.60
CA ALA A 39 -7.27 6.08 -29.26
C ALA A 39 -7.55 6.95 -30.49
N TYR A 40 -6.60 6.98 -31.41
CA TYR A 40 -6.76 7.69 -32.65
C TYR A 40 -7.96 7.13 -33.45
N LYS A 41 -8.12 5.81 -33.51
CA LYS A 41 -9.23 5.23 -34.26
C LYS A 41 -10.57 5.49 -33.60
N LYS A 42 -10.59 5.48 -32.27
CA LYS A 42 -11.82 5.68 -31.52
C LYS A 42 -12.21 7.16 -31.48
N TYR A 43 -11.26 8.01 -31.08
CA TYR A 43 -11.50 9.43 -30.84
C TYR A 43 -10.90 10.42 -31.89
N GLY A 44 -10.38 9.94 -33.02
CA GLY A 44 -9.82 10.81 -34.09
C GLY A 44 -8.58 11.66 -33.78
N ASP A 45 -8.29 12.62 -34.66
CA ASP A 45 -7.22 13.67 -34.57
C ASP A 45 -6.63 14.04 -33.22
N ILE A 46 -7.51 14.33 -32.26
CA ILE A 46 -7.10 14.95 -31.00
C ILE A 46 -7.95 14.41 -29.85
N PHE A 47 -7.27 13.97 -28.78
CA PHE A 47 -7.88 13.24 -27.66
C PHE A 47 -7.05 13.42 -26.39
N THR A 48 -7.62 13.03 -25.25
CA THR A 48 -6.99 13.27 -23.96
C THR A 48 -7.03 12.04 -23.06
N MET A 49 -5.94 11.82 -22.33
CA MET A 49 -5.83 10.74 -21.37
C MET A 49 -5.63 11.33 -20.00
N LYS A 50 -6.37 10.86 -19.02
CA LYS A 50 -6.18 11.25 -17.64
C LYS A 50 -5.46 10.07 -16.99
N VAL A 51 -4.38 10.40 -16.27
CA VAL A 51 -3.62 9.45 -15.47
C VAL A 51 -3.25 10.15 -14.16
N PHE A 52 -3.81 9.71 -13.03
CA PHE A 52 -3.67 10.44 -11.76
C PHE A 52 -3.93 11.92 -11.97
N GLY A 53 -5.03 12.20 -12.69
CA GLY A 53 -5.50 13.55 -12.93
C GLY A 53 -4.57 14.48 -13.70
N GLN A 54 -3.73 13.92 -14.56
CA GLN A 54 -2.95 14.71 -15.54
C GLN A 54 -3.63 14.54 -16.89
N ARG A 55 -4.05 15.63 -17.49
CA ARG A 55 -4.58 15.62 -18.83
C ARG A 55 -3.37 15.50 -19.79
N LEU A 56 -3.44 14.55 -20.73
CA LEU A 56 -2.41 14.35 -21.76
C LEU A 56 -3.08 14.41 -23.11
N THR A 57 -2.90 15.50 -23.82
CA THR A 57 -3.65 15.71 -25.04
C THR A 57 -2.78 15.28 -26.20
N PHE A 58 -3.35 14.57 -27.17
CA PHE A 58 -2.60 13.96 -28.28
C PHE A 58 -2.97 14.57 -29.62
N LEU A 59 -2.01 14.62 -30.54
CA LEU A 59 -2.17 15.29 -31.84
C LEU A 59 -1.63 14.37 -32.97
N VAL A 60 -2.52 14.06 -33.91
CA VAL A 60 -2.23 13.09 -34.96
C VAL A 60 -2.57 13.66 -36.35
N GLY A 61 -1.55 13.79 -37.19
CA GLY A 61 -1.71 14.28 -38.55
C GLY A 61 -1.34 15.75 -38.70
N PRO A 62 -1.14 16.21 -39.95
CA PRO A 62 -0.57 17.53 -40.24
C PRO A 62 -1.38 18.71 -39.71
N ASP A 63 -2.71 18.61 -39.82
CA ASP A 63 -3.60 19.66 -39.34
C ASP A 63 -3.39 19.79 -37.82
N ALA A 64 -3.44 18.63 -37.15
CA ALA A 64 -3.26 18.54 -35.68
C ALA A 64 -1.89 19.03 -35.14
N HIS A 65 -0.83 18.88 -35.94
CA HIS A 65 0.54 19.24 -35.50
C HIS A 65 0.77 20.74 -35.35
N VAL A 66 -0.07 21.52 -36.02
CA VAL A 66 0.17 22.95 -36.19
C VAL A 66 0.23 23.73 -34.85
N PRO A 67 -0.67 23.42 -33.91
CA PRO A 67 -0.50 24.12 -32.64
C PRO A 67 0.84 23.80 -31.98
N PHE A 68 1.27 22.54 -32.09
CA PHE A 68 2.50 22.01 -31.46
C PHE A 68 3.80 22.61 -31.99
N PHE A 69 3.99 22.60 -33.32
CA PHE A 69 5.26 23.07 -33.92
C PHE A 69 5.36 24.57 -34.20
N SER A 70 4.23 25.25 -34.31
CA SER A 70 4.23 26.70 -34.57
C SER A 70 4.63 27.51 -33.35
N GLN A 71 3.90 27.28 -32.25
CA GLN A 71 4.07 28.07 -31.04
C GLN A 71 5.50 27.99 -30.51
N GLY A 72 5.95 29.07 -29.86
CA GLY A 72 7.28 29.16 -29.26
C GLY A 72 7.28 28.91 -27.75
N ASP A 73 8.35 29.35 -27.08
CA ASP A 73 8.67 28.91 -25.70
C ASP A 73 7.72 29.47 -24.60
N ALA A 74 7.22 30.68 -24.82
CA ALA A 74 6.30 31.32 -23.88
C ALA A 74 4.85 30.87 -24.07
N GLU A 75 4.60 30.04 -25.10
CA GLU A 75 3.29 29.40 -25.35
C GLU A 75 3.25 27.87 -25.11
N LEU A 76 4.40 27.21 -25.26
CA LEU A 76 4.59 25.77 -25.01
C LEU A 76 5.96 25.58 -24.36
N SER A 77 6.03 24.84 -23.26
CA SER A 77 7.30 24.66 -22.55
C SER A 77 7.77 23.23 -22.65
N GLN A 78 9.10 23.10 -22.67
CA GLN A 78 9.80 21.82 -22.75
C GLN A 78 10.26 21.24 -21.39
N ASP A 79 10.19 22.01 -20.31
CA ASP A 79 10.94 21.70 -19.07
C ASP A 79 10.32 20.60 -18.27
N GLU A 80 8.99 20.62 -18.17
CA GLU A 80 8.31 19.65 -17.33
C GLU A 80 8.48 18.25 -17.93
N PRO A 81 8.01 18.00 -19.17
CA PRO A 81 8.07 16.62 -19.68
C PRO A 81 9.46 16.10 -20.09
N TYR A 82 10.48 16.98 -20.13
CA TYR A 82 11.86 16.55 -20.39
C TYR A 82 12.74 16.70 -19.14
N GLN A 83 12.14 16.58 -17.96
CA GLN A 83 12.90 16.75 -16.72
C GLN A 83 13.82 15.55 -16.42
N PHE A 84 13.51 14.37 -16.97
CA PHE A 84 14.39 13.19 -16.85
C PHE A 84 15.80 13.42 -17.36
N SER A 85 15.94 14.29 -18.36
CA SER A 85 17.26 14.61 -18.90
C SER A 85 18.19 15.27 -17.86
N VAL A 86 17.65 15.97 -16.86
CA VAL A 86 18.44 16.93 -16.08
C VAL A 86 19.59 16.31 -15.26
N PRO A 87 19.31 15.22 -14.53
CA PRO A 87 20.39 14.55 -13.80
C PRO A 87 21.34 13.76 -14.72
N ILE A 88 20.86 13.30 -15.87
CA ILE A 88 21.70 12.66 -16.88
C ILE A 88 22.70 13.67 -17.47
N PHE A 89 22.23 14.85 -17.92
CA PHE A 89 23.12 15.85 -18.53
C PHE A 89 23.87 16.68 -17.47
N GLY A 90 23.12 17.21 -16.52
CA GLY A 90 23.68 17.98 -15.41
C GLY A 90 23.02 19.32 -15.16
N PRO A 91 23.29 19.91 -13.99
CA PRO A 91 22.89 21.27 -13.68
C PRO A 91 23.17 22.31 -14.75
N ASN A 92 22.14 23.10 -15.06
CA ASN A 92 22.19 24.16 -16.06
C ASN A 92 22.47 23.68 -17.47
N VAL A 93 22.09 22.46 -17.80
CA VAL A 93 22.31 21.98 -19.15
C VAL A 93 21.01 21.60 -19.85
N VAL A 94 20.78 22.34 -20.94
CA VAL A 94 19.69 22.15 -21.87
C VAL A 94 18.40 22.35 -21.10
N TYR A 95 17.66 21.29 -20.81
CA TYR A 95 16.32 21.43 -20.27
C TYR A 95 16.35 21.74 -18.77
N GLY A 96 17.50 21.61 -18.13
CA GLY A 96 17.69 22.17 -16.79
C GLY A 96 18.25 23.58 -16.78
N ALA A 97 18.21 24.29 -17.90
CA ALA A 97 18.77 25.64 -17.99
C ALA A 97 17.68 26.69 -18.20
N ASP A 98 17.91 27.92 -17.73
CA ASP A 98 16.91 28.99 -17.85
C ASP A 98 16.97 29.51 -19.28
N LEU A 99 15.80 29.80 -19.86
CA LEU A 99 15.63 30.03 -21.31
C LEU A 99 16.68 30.94 -21.93
N ALA A 100 17.05 32.01 -21.21
CA ALA A 100 18.12 32.89 -21.65
C ALA A 100 19.35 32.04 -21.88
N HIS A 101 19.78 31.34 -20.83
CA HIS A 101 20.95 30.46 -20.94
C HIS A 101 20.75 29.28 -21.92
N ARG A 102 19.55 28.72 -22.00
CA ARG A 102 19.30 27.53 -22.86
C ARG A 102 19.42 27.77 -24.35
N ASN A 103 18.68 28.76 -24.84
CA ASN A 103 18.64 29.01 -26.26
C ASN A 103 20.05 29.30 -26.80
N GLN A 104 20.89 29.96 -26.00
CA GLN A 104 22.30 30.17 -26.36
C GLN A 104 23.10 28.88 -26.55
N GLN A 105 22.99 28.01 -25.55
CA GLN A 105 23.53 26.65 -25.61
C GLN A 105 23.03 25.93 -26.85
N LEU A 106 21.72 26.00 -27.09
CA LEU A 106 21.12 25.50 -28.33
C LEU A 106 21.71 26.16 -29.60
N LYS A 107 22.02 27.46 -29.52
CA LYS A 107 22.80 28.14 -30.59
C LYS A 107 24.18 27.51 -30.73
N PHE A 108 24.89 27.30 -29.61
CA PHE A 108 26.23 26.71 -29.68
C PHE A 108 26.21 25.28 -30.22
N ILE A 109 25.21 24.48 -29.83
CA ILE A 109 25.01 23.14 -30.41
C ILE A 109 24.84 23.21 -31.93
N ALA A 110 24.12 24.23 -32.39
CA ALA A 110 23.82 24.41 -33.82
C ALA A 110 25.04 24.70 -34.65
N ALA A 111 25.93 25.53 -34.10
CA ALA A 111 27.24 25.83 -34.69
C ALA A 111 28.08 24.55 -34.87
N SER A 112 28.18 23.78 -33.80
CA SER A 112 28.94 22.55 -33.80
C SER A 112 28.36 21.43 -34.67
N LEU A 113 27.12 21.55 -35.14
CA LEU A 113 26.54 20.59 -36.10
C LEU A 113 26.06 21.26 -37.39
N SER A 114 26.67 22.39 -37.71
CA SER A 114 26.36 23.14 -38.93
C SER A 114 27.02 22.49 -40.14
N THR A 115 26.56 22.84 -41.34
CA THR A 115 27.13 22.26 -42.56
C THR A 115 28.62 22.64 -42.69
N LYS A 116 29.03 23.82 -42.21
CA LYS A 116 30.46 24.16 -42.20
C LYS A 116 31.27 23.19 -41.29
N ALA A 117 30.75 22.89 -40.10
CA ALA A 117 31.43 21.97 -39.16
C ALA A 117 31.37 20.54 -39.62
N LEU A 118 30.23 20.15 -40.18
CA LEU A 118 30.01 18.79 -40.69
C LEU A 118 30.83 18.42 -41.92
N GLN A 119 31.34 19.40 -42.68
CA GLN A 119 32.24 19.12 -43.82
C GLN A 119 33.54 18.46 -43.35
N SER A 120 34.15 19.09 -42.35
CA SER A 120 35.42 18.65 -41.76
C SER A 120 35.26 17.51 -40.74
N TYR A 121 34.02 17.11 -40.45
CA TYR A 121 33.78 15.86 -39.70
C TYR A 121 33.68 14.64 -40.62
N VAL A 122 33.30 14.84 -41.90
CA VAL A 122 33.04 13.70 -42.80
C VAL A 122 34.29 12.79 -42.97
N PRO A 123 35.49 13.38 -43.12
CA PRO A 123 36.68 12.52 -43.18
C PRO A 123 36.80 11.60 -41.97
N LEU A 124 36.66 12.18 -40.77
CA LEU A 124 36.60 11.47 -39.49
C LEU A 124 35.52 10.40 -39.55
N ILE A 125 34.31 10.79 -39.95
CA ILE A 125 33.14 9.88 -40.04
C ILE A 125 33.46 8.72 -40.99
N VAL A 126 34.07 9.06 -42.12
CA VAL A 126 34.37 8.08 -43.16
C VAL A 126 35.48 7.16 -42.70
N LYS A 127 36.61 7.72 -42.26
CA LYS A 127 37.74 6.88 -41.79
C LYS A 127 37.28 5.82 -40.78
N GLU A 128 36.56 6.27 -39.76
CA GLU A 128 36.06 5.40 -38.72
C GLU A 128 35.22 4.30 -39.28
N ALA A 129 34.31 4.67 -40.18
CA ALA A 129 33.44 3.68 -40.80
C ALA A 129 34.27 2.67 -41.57
N GLU A 130 35.28 3.16 -42.27
CA GLU A 130 36.12 2.32 -43.10
C GLU A 130 37.06 1.38 -42.28
N ASP A 131 37.85 1.92 -41.33
CA ASP A 131 38.64 1.09 -40.37
C ASP A 131 37.78 0.03 -39.65
N PHE A 132 36.57 0.41 -39.26
CA PHE A 132 35.64 -0.49 -38.59
C PHE A 132 35.23 -1.64 -39.49
N PHE A 133 34.83 -1.36 -40.72
CA PHE A 133 34.32 -2.42 -41.61
C PHE A 133 35.43 -3.23 -42.31
N ALA A 134 36.62 -2.64 -42.42
CA ALA A 134 37.82 -3.38 -42.80
C ALA A 134 37.91 -4.64 -41.97
N LYS A 135 37.91 -4.44 -40.65
CA LYS A 135 38.18 -5.49 -39.68
C LYS A 135 37.17 -6.65 -39.68
N TRP A 136 36.15 -6.63 -40.52
CA TRP A 136 35.34 -7.84 -40.77
C TRP A 136 36.13 -8.90 -41.56
N ASP A 137 35.57 -10.09 -41.65
CA ASP A 137 36.22 -11.21 -42.36
C ASP A 137 35.90 -11.19 -43.84
N LYS A 138 36.35 -12.22 -44.56
CA LYS A 138 35.89 -12.49 -45.92
C LYS A 138 34.39 -12.82 -45.90
N SER A 139 33.94 -13.48 -44.84
CA SER A 139 32.54 -13.86 -44.72
C SER A 139 32.13 -13.94 -43.25
N GLY A 140 30.83 -14.06 -43.01
CA GLY A 140 30.31 -14.24 -41.65
C GLY A 140 28.88 -13.76 -41.50
N THR A 141 28.55 -13.35 -40.26
CA THR A 141 27.21 -12.85 -39.91
C THR A 141 27.27 -11.98 -38.65
N VAL A 142 26.83 -10.70 -38.74
CA VAL A 142 26.76 -9.79 -37.56
C VAL A 142 25.35 -9.45 -37.14
N ASP A 143 25.22 -8.99 -35.89
CA ASP A 143 24.07 -8.21 -35.46
C ASP A 143 24.32 -6.76 -35.83
N ILE A 144 23.57 -6.31 -36.81
CA ILE A 144 23.77 -4.99 -37.36
C ILE A 144 23.54 -3.86 -36.34
N ARG A 145 22.56 -4.05 -35.43
CA ARG A 145 22.31 -3.07 -34.38
C ARG A 145 23.52 -2.89 -33.47
N ASP A 146 24.00 -4.01 -32.93
CA ASP A 146 25.21 -4.03 -32.08
C ASP A 146 26.37 -3.34 -32.78
N ALA A 147 26.61 -3.78 -34.02
CA ALA A 147 27.73 -3.32 -34.85
C ALA A 147 27.69 -1.80 -35.03
N LEU A 148 26.54 -1.30 -35.49
CA LEU A 148 26.37 0.13 -35.76
C LEU A 148 26.36 0.96 -34.49
N ALA A 149 25.87 0.36 -33.41
CA ALA A 149 25.90 1.00 -32.13
C ALA A 149 27.34 1.30 -31.69
N GLU A 150 28.21 0.26 -31.81
CA GLU A 150 29.67 0.38 -31.56
C GLU A 150 30.34 1.47 -32.38
N LEU A 151 30.06 1.48 -33.68
CA LEU A 151 30.70 2.43 -34.63
C LEU A 151 30.28 3.89 -34.40
N ILE A 152 28.98 4.10 -34.12
CA ILE A 152 28.46 5.45 -33.96
C ILE A 152 29.00 6.15 -32.73
N ILE A 153 29.08 5.41 -31.62
CA ILE A 153 29.68 5.95 -30.39
C ILE A 153 31.15 6.26 -30.62
N LEU A 154 31.80 5.35 -31.34
CA LEU A 154 33.21 5.43 -31.65
C LEU A 154 33.53 6.69 -32.47
N THR A 155 32.79 6.90 -33.58
CA THR A 155 33.03 8.10 -34.40
C THR A 155 32.59 9.35 -33.62
N ALA A 156 31.42 9.25 -32.95
CA ALA A 156 30.88 10.32 -32.08
C ALA A 156 31.88 10.71 -31.00
N SER A 157 32.53 9.71 -30.40
CA SER A 157 33.64 9.95 -29.50
C SER A 157 34.67 10.94 -30.08
N ARG A 158 35.06 10.75 -31.35
CA ARG A 158 35.98 11.68 -32.04
C ARG A 158 35.32 13.02 -32.39
N CYS A 159 34.16 12.97 -33.06
CA CYS A 159 33.52 14.20 -33.60
C CYS A 159 33.00 15.15 -32.52
N LEU A 160 32.41 14.57 -31.47
CA LEU A 160 31.91 15.33 -30.34
C LEU A 160 33.05 15.67 -29.39
N MET A 161 33.80 14.66 -28.95
CA MET A 161 34.70 14.81 -27.77
C MET A 161 36.17 15.12 -28.07
N GLY A 162 36.63 14.84 -29.29
CA GLY A 162 38.01 15.10 -29.70
C GLY A 162 38.82 13.84 -29.83
N LYS A 163 40.06 13.97 -30.29
CA LYS A 163 40.87 12.79 -30.59
C LYS A 163 41.62 12.29 -29.35
N GLU A 164 41.87 13.16 -28.38
CA GLU A 164 42.45 12.73 -27.09
C GLU A 164 41.58 11.63 -26.53
N ILE A 165 40.31 11.99 -26.33
CA ILE A 165 39.27 11.11 -25.79
C ILE A 165 39.09 9.85 -26.64
N ARG A 166 39.24 10.02 -27.95
CA ARG A 166 39.11 8.94 -28.91
C ARG A 166 40.23 7.89 -28.79
N GLU A 167 41.48 8.35 -28.88
CA GLU A 167 42.62 7.42 -28.91
C GLU A 167 42.97 6.89 -27.53
N ASN A 168 43.03 7.78 -26.54
CA ASN A 168 43.29 7.37 -25.15
C ASN A 168 42.05 6.76 -24.49
N LEU A 169 41.04 7.58 -24.24
CA LEU A 169 40.01 7.27 -23.24
C LEU A 169 38.68 6.62 -23.71
N PHE A 170 38.61 6.12 -24.95
CA PHE A 170 37.32 5.62 -25.46
C PHE A 170 36.62 4.59 -24.56
N THR A 171 37.19 3.40 -24.36
CA THR A 171 36.47 2.31 -23.64
C THR A 171 36.05 2.70 -22.18
N GLU A 172 36.77 3.67 -21.60
CA GLU A 172 36.41 4.29 -20.32
C GLU A 172 35.14 5.11 -20.46
N VAL A 173 35.14 5.97 -21.47
CA VAL A 173 33.92 6.71 -21.88
C VAL A 173 32.74 5.79 -22.27
N ALA A 174 32.98 4.78 -23.09
CA ALA A 174 31.93 3.81 -23.41
C ALA A 174 31.40 3.10 -22.18
N LYS A 175 32.23 2.98 -21.14
CA LYS A 175 31.77 2.46 -19.83
C LYS A 175 30.89 3.51 -19.11
N LEU A 176 31.42 4.69 -18.83
CA LEU A 176 30.64 5.75 -18.20
C LEU A 176 29.29 5.97 -18.87
N TYR A 177 29.27 5.93 -20.21
CA TYR A 177 28.01 6.05 -20.95
C TYR A 177 27.07 4.87 -20.66
N GLN A 178 27.58 3.64 -20.70
CA GLN A 178 26.72 2.48 -20.50
C GLN A 178 25.95 2.60 -19.17
N THR A 179 26.64 3.13 -18.14
CA THR A 179 26.05 3.45 -16.83
C THR A 179 24.86 4.40 -16.93
N LEU A 180 25.04 5.50 -17.67
CA LEU A 180 24.04 6.54 -17.79
C LEU A 180 22.81 5.98 -18.51
N ASP A 181 22.99 5.24 -19.60
CA ASP A 181 21.84 4.55 -20.25
C ASP A 181 21.22 3.52 -19.31
N GLU A 182 22.01 3.00 -18.36
CA GLU A 182 21.48 2.11 -17.31
C GLU A 182 20.86 2.84 -16.09
N GLY A 183 21.13 4.13 -15.93
CA GLY A 183 20.38 4.98 -15.00
C GLY A 183 19.17 5.69 -15.62
N LEU A 184 18.62 5.11 -16.68
CA LEU A 184 17.47 5.69 -17.38
C LEU A 184 16.47 4.58 -17.65
N LEU A 185 15.62 4.32 -16.67
CA LEU A 185 14.62 3.24 -16.72
C LEU A 185 13.23 3.88 -16.83
N PRO A 186 12.19 3.09 -17.18
CA PRO A 186 10.83 3.63 -17.10
C PRO A 186 10.59 4.49 -15.84
N ILE A 187 10.98 3.94 -14.70
CA ILE A 187 10.85 4.58 -13.39
C ILE A 187 11.53 5.98 -13.32
N SER A 188 12.65 6.14 -14.04
CA SER A 188 13.46 7.36 -14.06
C SER A 188 12.83 8.55 -14.79
N VAL A 189 11.82 8.30 -15.61
CA VAL A 189 11.13 9.40 -16.30
C VAL A 189 10.05 10.01 -15.40
N PHE A 190 9.46 9.16 -14.55
CA PHE A 190 8.49 9.59 -13.56
C PHE A 190 9.21 10.21 -12.33
N PHE A 191 10.20 9.54 -11.76
CA PHE A 191 10.95 10.11 -10.61
C PHE A 191 12.44 10.16 -10.92
N PRO A 192 12.87 11.22 -11.63
CA PRO A 192 14.28 11.42 -12.01
C PRO A 192 15.31 11.38 -10.91
N TYR A 193 14.95 11.63 -9.65
CA TYR A 193 15.94 11.62 -8.55
C TYR A 193 15.70 10.55 -7.46
N LEU A 194 14.79 9.62 -7.74
CA LEU A 194 14.45 8.52 -6.84
C LEU A 194 15.77 7.88 -6.42
N PRO A 195 16.07 7.76 -5.10
CA PRO A 195 17.41 7.26 -4.71
C PRO A 195 17.70 5.73 -4.87
N ILE A 196 17.28 5.11 -5.99
CA ILE A 196 17.72 3.74 -6.33
C ILE A 196 19.24 3.67 -6.65
N PRO A 197 19.80 2.43 -6.76
CA PRO A 197 21.22 2.29 -7.11
C PRO A 197 21.58 2.82 -8.51
N ALA A 198 20.80 2.40 -9.51
CA ALA A 198 20.97 2.82 -10.93
C ALA A 198 21.21 4.31 -11.11
N HIS A 199 20.46 5.11 -10.33
CA HIS A 199 20.60 6.56 -10.33
C HIS A 199 21.85 6.98 -9.57
N LYS A 200 22.20 6.25 -8.51
CA LYS A 200 23.44 6.56 -7.77
C LYS A 200 24.70 6.23 -8.58
N ARG A 201 24.67 5.12 -9.35
CA ARG A 201 25.72 4.85 -10.37
C ARG A 201 25.83 5.99 -11.39
N ARG A 202 24.72 6.20 -12.10
CA ARG A 202 24.51 7.34 -12.99
C ARG A 202 25.02 8.67 -12.39
N ASP A 203 24.40 9.15 -11.31
CA ASP A 203 24.84 10.39 -10.65
C ASP A 203 26.39 10.39 -10.47
N GLU A 204 26.94 9.23 -10.12
CA GLU A 204 28.39 9.08 -9.87
C GLU A 204 29.17 9.13 -11.21
N ALA A 205 28.62 8.45 -12.23
CA ALA A 205 29.19 8.39 -13.58
C ALA A 205 29.32 9.79 -14.19
N ARG A 206 28.21 10.49 -14.26
CA ARG A 206 28.20 11.86 -14.72
C ARG A 206 29.30 12.70 -14.05
N LEU A 207 29.46 12.55 -12.74
CA LEU A 207 30.46 13.31 -11.98
C LEU A 207 31.89 12.90 -12.34
N ALA A 208 32.06 11.60 -12.64
CA ALA A 208 33.31 11.06 -13.23
C ALA A 208 33.61 11.64 -14.61
N MET A 209 32.63 11.59 -15.50
CA MET A 209 32.82 12.16 -16.83
C MET A 209 33.13 13.65 -16.78
N VAL A 210 32.63 14.39 -15.80
CA VAL A 210 33.02 15.80 -15.65
C VAL A 210 34.53 15.86 -15.38
N ARG A 211 34.97 15.10 -14.37
CA ARG A 211 36.38 15.07 -13.99
C ARG A 211 37.31 14.65 -15.14
N MET A 212 36.84 13.72 -15.99
CA MET A 212 37.56 13.33 -17.20
C MET A 212 37.75 14.52 -18.16
N PHE A 213 36.66 15.24 -18.46
CA PHE A 213 36.74 16.40 -19.35
C PHE A 213 37.46 17.57 -18.70
N LYS A 214 37.61 17.56 -17.37
CA LYS A 214 38.43 18.58 -16.71
C LYS A 214 39.89 18.44 -17.14
N LYS A 215 40.40 17.19 -17.12
CA LYS A 215 41.76 16.86 -17.62
C LYS A 215 42.03 17.56 -18.96
N ILE A 216 41.11 17.34 -19.90
CA ILE A 216 41.32 17.68 -21.31
C ILE A 216 41.27 19.18 -21.57
N ILE A 217 40.38 19.88 -20.88
CA ILE A 217 40.22 21.32 -21.07
C ILE A 217 41.42 22.10 -20.47
N ASP A 218 41.90 21.62 -19.33
CA ASP A 218 43.13 22.16 -18.75
C ASP A 218 44.28 22.01 -19.73
N GLU A 219 44.45 20.79 -20.24
CA GLU A 219 45.48 20.47 -21.25
C GLU A 219 45.40 21.46 -22.43
N ARG A 220 44.23 21.55 -23.05
CA ARG A 220 44.04 22.42 -24.24
C ARG A 220 44.34 23.89 -23.99
N ARG A 221 43.94 24.40 -22.83
CA ARG A 221 44.21 25.82 -22.48
C ARG A 221 45.66 26.11 -22.06
N ALA A 222 46.40 25.08 -21.65
CA ALA A 222 47.84 25.18 -21.44
C ALA A 222 48.62 25.07 -22.77
N ASN A 223 48.00 24.50 -23.82
CA ASN A 223 48.53 24.50 -25.20
C ASN A 223 47.72 25.40 -26.16
N PRO A 224 47.65 26.72 -25.90
CA PRO A 224 46.75 27.61 -26.65
C PRO A 224 46.57 27.39 -28.18
N GLU A 225 47.66 27.37 -28.95
CA GLU A 225 47.59 27.49 -30.42
C GLU A 225 47.13 26.22 -31.16
N VAL A 226 47.48 25.04 -30.64
CA VAL A 226 47.06 23.74 -31.24
C VAL A 226 45.55 23.64 -31.53
N LYS A 227 45.19 23.67 -32.80
CA LYS A 227 43.78 23.70 -33.22
C LYS A 227 43.13 22.31 -33.12
N HIS A 228 41.90 22.24 -32.64
CA HIS A 228 41.17 20.97 -32.65
C HIS A 228 39.89 21.06 -33.47
N ASN A 229 39.51 19.94 -34.09
CA ASN A 229 38.33 19.90 -34.91
C ASN A 229 37.33 18.96 -34.26
N ASP A 230 36.53 19.52 -33.34
CA ASP A 230 35.45 18.77 -32.65
C ASP A 230 34.40 19.73 -32.05
N CYS A 231 33.26 19.17 -31.64
CA CYS A 231 32.23 19.94 -30.96
C CYS A 231 32.80 20.60 -29.72
N LEU A 232 33.48 19.83 -28.89
CA LEU A 232 34.12 20.33 -27.67
C LEU A 232 34.86 21.65 -27.86
N GLN A 233 35.61 21.79 -28.95
CA GLN A 233 36.31 23.04 -29.20
C GLN A 233 35.35 24.21 -29.42
N VAL A 234 34.22 23.98 -30.09
CA VAL A 234 33.19 25.03 -30.22
C VAL A 234 32.67 25.45 -28.85
N PHE A 235 32.34 24.46 -28.02
CA PHE A 235 31.79 24.72 -26.68
C PHE A 235 32.79 25.45 -25.79
N MET A 236 34.06 25.09 -25.91
CA MET A 236 35.11 25.78 -25.18
C MET A 236 35.30 27.25 -25.60
N ASP A 237 34.86 27.60 -26.80
CA ASP A 237 34.99 28.96 -27.31
C ASP A 237 33.63 29.64 -27.34
N ALA A 238 32.59 28.97 -26.86
CA ALA A 238 31.27 29.58 -26.77
C ALA A 238 31.25 30.57 -25.61
N ARG A 239 30.49 31.64 -25.80
CA ARG A 239 30.45 32.74 -24.85
C ARG A 239 29.01 33.22 -24.71
N TYR A 240 28.57 33.38 -23.46
CA TYR A 240 27.22 33.85 -23.16
C TYR A 240 27.09 35.37 -23.42
N ARG A 241 26.17 35.75 -24.31
CA ARG A 241 25.97 37.17 -24.72
C ARG A 241 25.98 38.16 -23.55
N GLY A 242 26.70 39.27 -23.72
CA GLY A 242 26.93 40.24 -22.65
C GLY A 242 28.04 39.86 -21.68
N GLU A 243 28.15 38.57 -21.38
CA GLU A 243 29.03 38.04 -20.35
C GLU A 243 30.34 37.53 -20.99
N GLU A 244 31.48 37.97 -20.45
CA GLU A 244 32.75 37.27 -20.64
C GLU A 244 32.65 35.86 -20.03
N GLN A 245 31.77 35.70 -19.03
CA GLN A 245 31.40 34.42 -18.36
C GLN A 245 32.03 33.15 -18.90
N ALA A 246 31.60 32.70 -20.10
CA ALA A 246 32.14 31.48 -20.76
C ALA A 246 31.76 30.21 -20.02
N LEU A 247 31.29 29.19 -20.76
CA LEU A 247 30.86 27.92 -20.15
C LEU A 247 31.89 27.34 -19.18
N ASN A 248 31.42 26.72 -18.11
CA ASN A 248 32.30 25.98 -17.20
C ASN A 248 32.33 24.51 -17.63
N ASP A 249 33.13 23.70 -16.93
CA ASP A 249 33.34 22.29 -17.32
C ASP A 249 32.10 21.38 -17.13
N GLU A 250 31.34 21.59 -16.07
CA GLU A 250 30.17 20.77 -15.77
C GLU A 250 29.10 20.89 -16.86
N GLU A 251 28.97 22.11 -17.40
CA GLU A 251 28.06 22.42 -18.50
C GLU A 251 28.49 21.83 -19.84
N ILE A 252 29.80 21.90 -20.14
CA ILE A 252 30.37 21.39 -21.40
C ILE A 252 30.19 19.87 -21.54
N THR A 253 30.45 19.15 -20.46
CA THR A 253 30.15 17.71 -20.39
C THR A 253 28.68 17.36 -20.64
N GLY A 254 27.77 18.17 -20.07
CA GLY A 254 26.35 17.92 -20.23
C GLY A 254 25.96 17.90 -21.69
N LEU A 255 26.42 18.92 -22.42
CA LEU A 255 26.18 19.02 -23.84
C LEU A 255 26.78 17.80 -24.53
N MET A 256 28.05 17.49 -24.21
CA MET A 256 28.72 16.27 -24.71
C MET A 256 27.86 15.05 -24.49
N ILE A 257 27.44 14.86 -23.23
CA ILE A 257 26.65 13.71 -22.81
C ILE A 257 25.31 13.72 -23.55
N ALA A 258 24.70 14.89 -23.66
CA ALA A 258 23.46 15.02 -24.40
C ALA A 258 23.59 14.55 -25.85
N LEU A 259 24.56 15.10 -26.56
CA LEU A 259 24.78 14.73 -27.97
C LEU A 259 25.24 13.29 -28.11
N LEU A 260 26.02 12.81 -27.15
CA LEU A 260 26.45 11.43 -27.18
C LEU A 260 25.21 10.55 -27.16
N PHE A 261 24.34 10.84 -26.20
CA PHE A 261 23.06 10.15 -26.06
C PHE A 261 22.21 10.12 -27.34
N ALA A 262 22.17 11.27 -28.04
CA ALA A 262 21.40 11.43 -29.25
C ALA A 262 21.83 10.39 -30.27
N GLY A 263 23.15 10.35 -30.54
CA GLY A 263 23.75 9.40 -31.48
C GLY A 263 23.22 8.00 -31.23
N GLN A 264 23.30 7.59 -29.96
CA GLN A 264 23.06 6.21 -29.56
C GLN A 264 21.56 5.85 -29.45
N HIS A 265 20.73 6.78 -28.98
CA HIS A 265 19.29 6.50 -28.85
C HIS A 265 18.52 6.53 -30.17
N THR A 266 19.10 7.16 -31.21
CA THR A 266 18.39 7.39 -32.49
C THR A 266 19.16 7.03 -33.81
N SER A 267 20.34 7.64 -34.05
CA SER A 267 21.15 7.36 -35.27
C SER A 267 21.40 5.87 -35.36
N SER A 268 21.78 5.29 -34.23
CA SER A 268 22.12 3.88 -34.16
C SER A 268 21.01 2.92 -34.51
N VAL A 269 19.77 3.34 -34.32
CA VAL A 269 18.64 2.44 -34.52
C VAL A 269 18.02 2.61 -35.90
N THR A 270 17.91 3.84 -36.41
CA THR A 270 17.42 4.04 -37.79
C THR A 270 18.50 3.59 -38.74
N GLY A 271 19.76 3.90 -38.35
CA GLY A 271 20.94 3.30 -38.95
C GLY A 271 20.71 1.84 -39.27
N SER A 272 20.52 1.04 -38.24
CA SER A 272 20.17 -0.38 -38.40
C SER A 272 18.93 -0.63 -39.28
N TRP A 273 17.86 0.12 -39.06
CA TRP A 273 16.57 -0.10 -39.78
C TRP A 273 16.72 0.01 -41.29
N THR A 274 17.51 1.00 -41.72
CA THR A 274 17.74 1.27 -43.13
C THR A 274 18.19 0.03 -43.88
N GLY A 275 19.28 -0.57 -43.37
CA GLY A 275 19.85 -1.82 -43.88
C GLY A 275 18.91 -3.00 -43.78
N LEU A 276 18.43 -3.26 -42.57
CA LEU A 276 17.50 -4.35 -42.35
C LEU A 276 16.36 -4.32 -43.34
N LEU A 277 15.77 -3.15 -43.56
CA LEU A 277 14.67 -3.01 -44.51
C LEU A 277 15.10 -3.16 -45.98
N LEU A 278 16.21 -2.52 -46.34
CA LEU A 278 16.72 -2.54 -47.73
C LEU A 278 17.03 -3.95 -48.22
N PHE A 279 17.68 -4.74 -47.34
CA PHE A 279 18.15 -6.10 -47.63
C PHE A 279 17.16 -7.21 -47.28
N GLU A 280 15.98 -6.87 -46.78
CA GLU A 280 14.81 -7.78 -46.79
C GLU A 280 14.48 -8.10 -48.25
N ALA A 281 14.18 -9.37 -48.51
CA ALA A 281 14.20 -9.92 -49.88
C ALA A 281 13.22 -9.28 -50.90
N ASN A 282 12.03 -8.88 -50.47
CA ASN A 282 11.17 -8.12 -51.37
C ASN A 282 11.59 -6.66 -51.53
N ASN A 283 12.03 -6.07 -50.44
CA ASN A 283 12.58 -4.73 -50.51
C ASN A 283 13.95 -4.66 -51.20
N LYS A 284 14.67 -5.77 -51.28
CA LYS A 284 15.91 -5.85 -52.05
C LYS A 284 15.60 -5.95 -53.55
N LYS A 285 14.71 -6.88 -53.93
CA LYS A 285 14.33 -7.13 -55.34
C LYS A 285 13.85 -5.90 -56.09
N LYS A 286 13.41 -4.85 -55.37
CA LYS A 286 12.80 -3.66 -55.97
C LYS A 286 13.64 -2.37 -55.85
N PHE A 287 14.20 -2.11 -54.66
CA PHE A 287 14.86 -0.82 -54.34
C PHE A 287 16.38 -0.84 -54.24
N LEU A 288 17.01 -2.02 -54.20
CA LEU A 288 18.49 -2.11 -54.12
C LEU A 288 19.20 -1.76 -55.44
N PRO A 289 18.80 -2.41 -56.57
CA PRO A 289 19.47 -2.08 -57.83
C PRO A 289 19.57 -0.58 -58.07
N GLY A 290 18.45 0.13 -57.96
CA GLY A 290 18.44 1.60 -58.02
C GLY A 290 19.49 2.29 -57.15
N VAL A 291 19.79 1.72 -55.98
CA VAL A 291 20.77 2.26 -55.03
C VAL A 291 22.20 1.96 -55.45
N LEU A 292 22.42 0.74 -55.96
CA LEU A 292 23.73 0.29 -56.45
C LEU A 292 24.17 1.03 -57.71
N GLU A 293 23.23 1.23 -58.64
CA GLU A 293 23.47 2.09 -59.80
C GLU A 293 23.71 3.54 -59.40
N GLU A 294 23.10 3.98 -58.30
CA GLU A 294 23.38 5.30 -57.74
C GLU A 294 24.82 5.40 -57.22
N GLN A 295 25.29 4.35 -56.53
CA GLN A 295 26.68 4.35 -56.04
C GLN A 295 27.63 4.36 -57.24
N GLU A 296 27.33 3.52 -58.23
CA GLU A 296 28.17 3.41 -59.44
C GLU A 296 28.29 4.77 -60.13
N GLU A 297 27.17 5.44 -60.35
CA GLU A 297 27.17 6.79 -60.97
C GLU A 297 27.86 7.87 -60.10
N ILE A 298 27.84 7.72 -58.78
CA ILE A 298 28.59 8.64 -57.91
C ILE A 298 30.09 8.35 -57.92
N ARG A 299 30.44 7.07 -58.03
CA ARG A 299 31.84 6.68 -58.11
C ARG A 299 32.52 7.19 -59.37
N LYS A 300 31.78 7.23 -60.50
CA LYS A 300 32.28 7.80 -61.76
C LYS A 300 32.67 9.28 -61.60
N GLU A 301 31.76 10.08 -61.06
CA GLU A 301 31.97 11.55 -60.91
C GLU A 301 33.06 11.94 -59.91
N PHE A 302 33.13 11.20 -58.79
CA PHE A 302 33.95 11.57 -57.61
C PHE A 302 35.07 10.59 -57.27
N GLY A 303 34.91 9.32 -57.61
CA GLY A 303 35.90 8.33 -57.26
C GLY A 303 35.56 7.59 -55.97
N ASP A 304 36.47 6.71 -55.60
CA ASP A 304 36.34 5.86 -54.43
C ASP A 304 36.06 6.68 -53.18
N GLU A 305 36.55 7.92 -53.12
CA GLU A 305 36.38 8.75 -51.92
C GLU A 305 34.91 9.09 -51.61
N LEU A 306 34.61 9.06 -50.30
CA LEU A 306 33.39 9.63 -49.74
C LEU A 306 33.69 10.97 -49.10
N THR A 307 33.14 12.00 -49.73
CA THR A 307 33.11 13.35 -49.19
C THR A 307 31.65 13.79 -49.11
N MET A 308 31.40 14.84 -48.34
CA MET A 308 30.03 15.36 -48.17
C MET A 308 29.36 15.61 -49.51
N GLU A 309 30.13 16.22 -50.41
CA GLU A 309 29.74 16.51 -51.80
C GLU A 309 29.19 15.25 -52.47
N ALA A 310 29.89 14.14 -52.26
CA ALA A 310 29.46 12.86 -52.81
C ALA A 310 28.24 12.31 -52.05
N LEU A 311 28.32 12.33 -50.71
CA LEU A 311 27.25 11.82 -49.87
C LEU A 311 25.92 12.52 -50.14
N ASN A 312 25.95 13.84 -50.27
CA ASN A 312 24.73 14.64 -50.52
C ASN A 312 24.06 14.36 -51.85
N LYS A 313 24.79 13.85 -52.84
CA LYS A 313 24.19 13.42 -54.08
C LYS A 313 23.53 12.02 -54.01
N MET A 314 23.62 11.33 -52.88
CA MET A 314 23.07 9.97 -52.75
C MET A 314 21.56 9.99 -52.42
N ASP A 315 20.77 10.51 -53.35
CA ASP A 315 19.35 10.78 -53.11
C ASP A 315 18.53 9.50 -52.86
N LYS A 316 18.73 8.48 -53.69
CA LYS A 316 18.00 7.20 -53.57
C LYS A 316 18.28 6.45 -52.25
N LEU A 317 19.51 6.55 -51.75
CA LEU A 317 19.88 5.95 -50.45
C LEU A 317 19.27 6.80 -49.32
N HIS A 318 19.56 8.10 -49.37
CA HIS A 318 18.95 9.09 -48.48
C HIS A 318 17.50 8.71 -48.20
N ARG A 319 16.75 8.46 -49.27
CA ARG A 319 15.35 8.03 -49.12
C ARG A 319 15.17 6.72 -48.37
N CYS A 320 15.99 5.72 -48.64
CA CYS A 320 15.93 4.49 -47.87
C CYS A 320 16.08 4.70 -46.35
N VAL A 321 16.87 5.72 -45.99
CA VAL A 321 17.05 6.12 -44.61
C VAL A 321 15.80 6.85 -44.13
N LYS A 322 15.35 7.80 -44.92
CA LYS A 322 14.14 8.55 -44.58
C LYS A 322 12.90 7.65 -44.43
N GLU A 323 12.83 6.54 -45.16
CA GLU A 323 11.69 5.63 -45.06
C GLU A 323 11.78 4.73 -43.84
N ALA A 324 12.99 4.29 -43.49
CA ALA A 324 13.21 3.59 -42.21
C ALA A 324 12.91 4.51 -41.02
N LEU A 325 13.07 5.81 -41.21
CA LEU A 325 12.68 6.77 -40.21
C LEU A 325 11.17 6.96 -40.22
N ARG A 326 10.54 6.96 -41.40
CA ARG A 326 9.08 7.08 -41.45
C ARG A 326 8.39 5.91 -40.74
N MET A 327 8.86 4.71 -41.02
CA MET A 327 8.21 3.50 -40.50
C MET A 327 8.45 3.29 -39.00
N TYR A 328 9.73 3.26 -38.59
CA TYR A 328 10.14 2.93 -37.23
C TYR A 328 10.95 4.07 -36.58
N PRO A 329 10.34 5.24 -36.41
CA PRO A 329 11.13 6.33 -35.81
C PRO A 329 11.55 6.00 -34.39
N PRO A 330 12.78 6.35 -34.04
CA PRO A 330 13.35 5.95 -32.74
C PRO A 330 12.69 6.57 -31.51
N LEU A 331 12.24 7.82 -31.59
CA LEU A 331 11.51 8.43 -30.48
C LEU A 331 10.04 8.37 -30.79
N LEU A 332 9.28 7.86 -29.84
CA LEU A 332 7.84 7.68 -29.99
C LEU A 332 7.01 8.94 -29.72
N PHE A 333 7.42 9.77 -28.77
CA PHE A 333 6.65 10.92 -28.40
C PHE A 333 7.54 12.09 -28.26
N VAL A 334 7.05 13.23 -28.73
CA VAL A 334 7.59 14.53 -28.35
C VAL A 334 6.49 15.27 -27.60
N MET A 335 6.89 16.17 -26.70
CA MET A 335 6.01 16.61 -25.63
C MET A 335 6.25 18.03 -25.22
N ARG A 336 5.15 18.73 -24.90
CA ARG A 336 5.19 20.07 -24.27
C ARG A 336 4.05 20.23 -23.26
N LYS A 337 4.34 20.85 -22.12
CA LYS A 337 3.32 21.37 -21.19
C LYS A 337 2.82 22.70 -21.76
N VAL A 338 1.51 22.92 -21.71
CA VAL A 338 0.88 24.09 -22.34
C VAL A 338 0.89 25.27 -21.36
N ILE A 339 1.45 26.42 -21.78
CA ILE A 339 1.40 27.66 -20.98
C ILE A 339 0.14 28.50 -21.31
N LYS A 340 0.13 29.14 -22.47
CA LYS A 340 -1.04 29.86 -22.95
C LYS A 340 -1.98 28.81 -23.55
N PRO A 341 -3.29 28.87 -23.24
CA PRO A 341 -4.23 27.96 -23.92
C PRO A 341 -4.28 28.20 -25.40
N PHE A 342 -4.89 27.28 -26.14
CA PHE A 342 -4.96 27.44 -27.58
C PHE A 342 -6.10 26.64 -28.15
N SER A 343 -6.38 26.86 -29.44
CA SER A 343 -7.50 26.25 -30.12
C SER A 343 -7.05 25.56 -31.38
N TYR A 344 -7.72 24.46 -31.68
CA TYR A 344 -7.48 23.71 -32.89
C TYR A 344 -8.87 23.23 -33.20
N LYS A 345 -9.35 23.46 -34.43
CA LYS A 345 -10.75 23.15 -34.82
C LYS A 345 -11.70 23.77 -33.77
N ASP A 346 -12.91 23.23 -33.65
CA ASP A 346 -13.80 23.56 -32.54
C ASP A 346 -13.20 23.45 -31.09
N TYR A 347 -12.09 22.74 -30.92
CA TYR A 347 -11.59 22.40 -29.57
C TYR A 347 -10.68 23.44 -28.90
N TYR A 348 -10.45 23.21 -27.61
CA TYR A 348 -9.77 24.14 -26.74
C TYR A 348 -8.87 23.34 -25.80
N VAL A 349 -7.56 23.56 -25.91
CA VAL A 349 -6.58 22.92 -25.04
C VAL A 349 -6.20 23.96 -23.96
N PRO A 350 -6.41 23.63 -22.67
CA PRO A 350 -6.17 24.58 -21.57
C PRO A 350 -4.79 24.53 -20.95
N GLU A 351 -4.37 25.63 -20.31
CA GLU A 351 -3.12 25.70 -19.54
C GLU A 351 -3.02 24.52 -18.57
N GLY A 352 -1.88 23.81 -18.59
CA GLY A 352 -1.65 22.69 -17.70
C GLY A 352 -1.47 21.37 -18.39
N ASP A 353 -2.20 21.15 -19.49
CA ASP A 353 -2.11 19.88 -20.23
C ASP A 353 -0.72 19.68 -20.82
N THR A 354 -0.29 18.43 -20.86
CA THR A 354 0.88 18.02 -21.58
C THR A 354 0.39 17.50 -22.93
N VAL A 355 0.96 18.05 -23.99
CA VAL A 355 0.54 17.71 -25.34
C VAL A 355 1.55 16.78 -25.95
N PHE A 356 1.06 15.88 -26.79
CA PHE A 356 1.83 14.76 -27.28
C PHE A 356 1.74 14.78 -28.80
N VAL A 357 2.86 14.52 -29.47
CA VAL A 357 2.86 14.13 -30.88
C VAL A 357 3.67 12.85 -30.99
N SER A 358 3.16 11.91 -31.79
CA SER A 358 3.80 10.61 -31.96
C SER A 358 4.28 10.45 -33.38
N PRO A 359 5.57 10.78 -33.63
CA PRO A 359 6.15 10.59 -34.94
C PRO A 359 5.78 9.27 -35.55
N ALA A 360 5.93 8.21 -34.78
CA ALA A 360 5.52 6.86 -35.22
C ALA A 360 4.15 6.92 -35.87
N LEU A 361 3.17 7.31 -35.07
CA LEU A 361 1.75 7.20 -35.38
C LEU A 361 1.31 8.17 -36.47
N SER A 362 1.73 9.43 -36.35
CA SER A 362 1.38 10.43 -37.34
C SER A 362 1.92 10.09 -38.74
N MET A 363 3.01 9.33 -38.79
CA MET A 363 3.57 8.86 -40.06
C MET A 363 3.01 7.52 -40.53
N ARG A 364 2.01 7.00 -39.84
CA ARG A 364 1.29 5.79 -40.29
C ARG A 364 -0.14 6.09 -40.74
N VAL A 365 -0.44 7.37 -40.95
CA VAL A 365 -1.78 7.84 -41.28
C VAL A 365 -2.03 7.80 -42.78
N GLU A 366 -3.00 6.98 -43.21
CA GLU A 366 -3.24 6.68 -44.63
C GLU A 366 -3.42 7.89 -45.50
N GLU A 367 -4.31 8.77 -45.06
CA GLU A 367 -4.55 10.02 -45.79
C GLU A 367 -3.31 10.94 -45.88
N VAL A 368 -2.30 10.76 -45.04
CA VAL A 368 -1.00 11.41 -45.25
C VAL A 368 -0.14 10.54 -46.18
N PHE A 369 0.33 9.39 -45.68
CA PHE A 369 1.20 8.48 -46.45
C PHE A 369 0.38 7.28 -46.95
N PRO A 370 -0.07 7.33 -48.24
CA PRO A 370 -0.73 6.15 -48.79
C PRO A 370 0.14 4.91 -48.65
N ASN A 371 -0.46 3.78 -48.29
CA ASN A 371 0.25 2.51 -48.09
C ASN A 371 1.34 2.57 -47.01
N ALA A 372 1.03 3.21 -45.88
CA ALA A 372 2.02 3.55 -44.83
C ALA A 372 2.70 2.36 -44.16
N ASP A 373 2.06 1.20 -44.16
CA ASP A 373 2.71 -0.03 -43.68
C ASP A 373 3.69 -0.65 -44.68
N GLN A 374 3.79 -0.10 -45.90
CA GLN A 374 4.70 -0.56 -46.96
C GLN A 374 6.02 0.24 -46.99
N TYR A 375 7.13 -0.46 -47.21
CA TYR A 375 8.41 0.15 -47.50
C TYR A 375 8.33 0.59 -48.95
N ASN A 376 8.27 1.91 -49.16
CA ASN A 376 8.54 2.49 -50.49
C ASN A 376 9.33 3.81 -50.37
N PRO A 377 10.67 3.72 -50.25
CA PRO A 377 11.49 4.94 -50.14
C PRO A 377 11.15 6.01 -51.19
N GLU A 378 10.86 5.57 -52.41
CA GLU A 378 10.59 6.50 -53.50
C GLU A 378 9.25 7.23 -53.39
N ARG A 379 8.47 6.94 -52.34
CA ARG A 379 7.31 7.78 -51.97
C ARG A 379 7.70 9.23 -51.72
N PHE A 380 8.95 9.45 -51.30
CA PHE A 380 9.44 10.80 -51.01
C PHE A 380 9.78 11.66 -52.24
N VAL A 381 9.81 11.07 -53.44
CA VAL A 381 10.03 11.85 -54.65
C VAL A 381 8.91 12.90 -54.83
N GLU A 382 7.65 12.44 -54.77
CA GLU A 382 6.47 13.33 -54.84
C GLU A 382 6.16 14.06 -53.51
N GLU A 383 6.42 13.39 -52.39
CA GLU A 383 6.22 13.94 -51.05
C GLU A 383 7.06 15.17 -50.81
N ASP A 384 8.30 15.16 -51.30
CA ASP A 384 9.22 16.29 -51.14
C ASP A 384 8.70 17.55 -51.84
N LYS A 385 7.84 17.36 -52.83
CA LYS A 385 7.20 18.46 -53.55
C LYS A 385 5.93 19.02 -52.87
N GLN A 386 5.27 18.23 -52.01
CA GLN A 386 4.03 18.67 -51.31
C GLN A 386 4.19 19.98 -50.55
N ALA A 387 3.13 20.78 -50.54
CA ALA A 387 3.18 22.13 -49.98
C ALA A 387 3.01 22.10 -48.47
N GLN A 388 2.18 21.21 -47.97
CA GLN A 388 1.72 21.28 -46.56
C GLN A 388 2.80 21.01 -45.47
N LYS A 389 2.95 21.94 -44.52
CA LYS A 389 3.86 21.73 -43.39
C LYS A 389 3.39 20.55 -42.48
N TYR A 390 4.36 19.78 -41.99
CA TYR A 390 4.26 18.86 -40.84
C TYR A 390 3.70 17.50 -41.16
N ARG A 391 3.89 17.01 -42.37
CA ARG A 391 3.37 15.68 -42.74
C ARG A 391 4.25 14.53 -42.22
N PHE A 392 5.54 14.63 -42.55
CA PHE A 392 6.65 13.81 -42.00
C PHE A 392 7.22 14.58 -40.80
N VAL A 393 7.41 13.90 -39.67
CA VAL A 393 7.84 14.55 -38.41
C VAL A 393 8.99 13.84 -37.70
N GLY A 394 9.63 12.86 -38.33
CA GLY A 394 10.71 12.10 -37.69
C GLY A 394 11.76 12.92 -36.92
N PHE A 395 12.11 14.10 -37.45
CA PHE A 395 13.06 15.01 -36.82
C PHE A 395 12.38 16.22 -36.19
N GLY A 396 11.06 16.14 -36.00
CA GLY A 396 10.29 17.19 -35.36
C GLY A 396 10.10 18.36 -36.29
N ALA A 397 9.97 19.55 -35.70
CA ALA A 397 9.85 20.77 -36.49
C ALA A 397 9.81 22.00 -35.62
N GLY A 398 9.91 23.15 -36.28
CA GLY A 398 9.76 24.44 -35.63
C GLY A 398 10.96 24.88 -34.82
N ARG A 399 10.73 25.81 -33.90
CA ARG A 399 11.77 26.40 -33.06
C ARG A 399 12.71 25.31 -32.56
N HIS A 400 12.19 24.10 -32.28
CA HIS A 400 12.99 22.99 -31.72
C HIS A 400 12.93 21.71 -32.54
N GLY A 401 13.06 21.81 -33.85
CA GLY A 401 13.28 20.63 -34.70
C GLY A 401 14.72 20.16 -34.54
N CYS A 402 15.02 18.96 -35.01
CA CYS A 402 16.34 18.37 -34.75
C CYS A 402 17.50 19.20 -35.32
N MET A 403 18.61 19.26 -34.59
CA MET A 403 19.81 19.94 -35.05
C MET A 403 20.85 18.98 -35.57
N GLY A 404 20.61 17.68 -35.44
CA GLY A 404 21.57 16.67 -35.91
C GLY A 404 21.15 15.96 -37.17
N GLU A 405 20.02 16.37 -37.77
CA GLU A 405 19.44 15.68 -38.93
C GLU A 405 20.44 15.50 -40.05
N ASN A 406 21.24 16.55 -40.31
CA ASN A 406 22.30 16.42 -41.29
C ASN A 406 23.32 15.40 -40.84
N PHE A 407 23.89 15.62 -39.65
CA PHE A 407 24.87 14.71 -39.05
C PHE A 407 24.42 13.25 -39.16
N ALA A 408 23.14 13.00 -38.85
CA ALA A 408 22.56 11.64 -38.86
C ALA A 408 22.46 11.04 -40.25
N TYR A 409 21.86 11.78 -41.16
CA TYR A 409 21.80 11.37 -42.54
C TYR A 409 23.24 11.12 -43.08
N LEU A 410 24.17 12.02 -42.79
CA LEU A 410 25.58 11.81 -43.12
C LEU A 410 26.09 10.48 -42.59
N GLN A 411 26.02 10.31 -41.27
CA GLN A 411 26.61 9.13 -40.64
C GLN A 411 25.94 7.84 -41.14
N ILE A 412 24.63 7.86 -41.29
CA ILE A 412 23.95 6.65 -41.71
C ILE A 412 24.30 6.37 -43.17
N LYS A 413 24.37 7.42 -44.00
CA LYS A 413 24.75 7.22 -45.41
C LYS A 413 26.18 6.69 -45.55
N THR A 414 27.12 7.28 -44.81
CA THR A 414 28.53 6.83 -44.79
C THR A 414 28.63 5.31 -44.56
N ILE A 415 28.15 4.89 -43.41
CA ILE A 415 27.97 3.49 -43.04
C ILE A 415 27.48 2.64 -44.20
N TRP A 416 26.35 3.02 -44.78
CA TRP A 416 25.72 2.18 -45.79
C TRP A 416 26.35 2.28 -47.17
N SER A 417 27.01 3.39 -47.49
CA SER A 417 27.84 3.48 -48.70
C SER A 417 29.04 2.55 -48.57
N VAL A 418 29.81 2.74 -47.51
CA VAL A 418 30.92 1.86 -47.21
C VAL A 418 30.45 0.38 -47.18
N LEU A 419 29.27 0.09 -46.66
CA LEU A 419 28.80 -1.31 -46.68
C LEU A 419 28.32 -1.77 -48.05
N LEU A 420 27.48 -0.98 -48.69
CA LEU A 420 26.97 -1.31 -50.03
C LEU A 420 28.09 -1.66 -51.01
N ARG A 421 29.18 -0.90 -50.93
CA ARG A 421 30.29 -1.02 -51.86
C ARG A 421 31.12 -2.27 -51.64
N ASN A 422 31.47 -2.56 -50.39
CA ASN A 422 32.49 -3.60 -50.11
C ASN A 422 31.96 -4.98 -49.80
N PHE A 423 30.64 -5.11 -49.61
CA PHE A 423 30.02 -6.39 -49.26
C PHE A 423 28.72 -6.63 -50.02
N ASP A 424 28.43 -7.91 -50.29
CA ASP A 424 27.05 -8.37 -50.57
C ASP A 424 26.41 -8.61 -49.21
N ILE A 425 25.17 -8.16 -49.02
CA ILE A 425 24.48 -8.30 -47.72
C ILE A 425 23.14 -8.98 -47.92
N GLU A 426 22.76 -9.79 -46.93
CA GLU A 426 21.49 -10.51 -46.93
C GLU A 426 20.94 -10.58 -45.50
N LEU A 427 19.64 -10.41 -45.40
CA LEU A 427 18.91 -10.48 -44.13
C LEU A 427 18.78 -11.94 -43.65
N VAL A 428 19.27 -12.19 -42.44
CA VAL A 428 19.15 -13.51 -41.82
C VAL A 428 17.77 -13.62 -41.18
N GLY A 429 17.06 -14.71 -41.48
CA GLY A 429 15.71 -14.89 -40.99
C GLY A 429 14.79 -13.85 -41.58
N GLU A 430 13.65 -13.62 -40.92
CA GLU A 430 12.61 -12.68 -41.38
C GLU A 430 12.83 -11.33 -40.68
N LEU A 431 12.10 -10.30 -41.08
CA LEU A 431 12.32 -8.93 -40.56
C LEU A 431 12.12 -8.82 -39.03
N PRO A 432 13.04 -8.13 -38.31
CA PRO A 432 12.80 -7.92 -36.86
C PRO A 432 11.54 -7.11 -36.57
N LYS A 433 10.89 -7.41 -35.45
CA LYS A 433 9.80 -6.56 -34.94
C LYS A 433 10.46 -5.38 -34.26
N PRO A 434 9.69 -4.28 -34.09
CA PRO A 434 10.19 -3.14 -33.32
C PRO A 434 9.95 -3.32 -31.82
N ASP A 435 10.80 -2.72 -31.00
CA ASP A 435 10.66 -2.84 -29.56
C ASP A 435 10.14 -1.51 -28.99
N TYR A 436 8.82 -1.33 -29.14
CA TYR A 436 8.07 -0.12 -28.69
C TYR A 436 8.02 0.08 -27.20
N THR A 437 8.17 -1.01 -26.47
CA THR A 437 8.02 -1.05 -25.02
C THR A 437 9.39 -1.04 -24.31
N ALA A 438 10.42 -0.51 -24.99
CA ALA A 438 11.79 -0.47 -24.48
C ALA A 438 12.29 0.96 -24.42
N MET A 439 13.39 1.17 -23.72
CA MET A 439 13.89 2.52 -23.46
C MET A 439 14.48 3.21 -24.67
N VAL A 440 14.99 2.40 -25.61
CA VAL A 440 15.54 2.84 -26.86
C VAL A 440 14.79 2.02 -27.88
N VAL A 441 13.95 2.69 -28.67
CA VAL A 441 12.92 2.01 -29.42
C VAL A 441 13.48 1.54 -30.74
N GLY A 442 14.06 0.35 -30.72
CA GLY A 442 14.79 -0.14 -31.87
C GLY A 442 14.14 -1.35 -32.49
N PRO A 443 14.85 -1.99 -33.41
CA PRO A 443 14.53 -3.35 -33.80
C PRO A 443 14.96 -4.31 -32.71
N ALA A 444 14.18 -5.38 -32.59
CA ALA A 444 14.38 -6.39 -31.57
C ALA A 444 15.44 -7.35 -32.03
N HIS A 445 16.38 -7.63 -31.12
CA HIS A 445 17.43 -8.61 -31.39
C HIS A 445 16.75 -9.98 -31.49
N PRO A 446 17.24 -10.90 -32.31
CA PRO A 446 18.50 -10.78 -33.03
C PRO A 446 18.34 -10.05 -34.38
N CYS A 447 19.04 -8.91 -34.52
CA CYS A 447 19.03 -8.11 -35.75
C CYS A 447 20.18 -8.57 -36.63
N LEU A 448 19.93 -9.58 -37.46
CA LEU A 448 21.02 -10.28 -38.14
C LEU A 448 21.15 -10.05 -39.63
N LEU A 449 22.41 -9.91 -40.07
CA LEU A 449 22.79 -9.79 -41.48
C LEU A 449 23.95 -10.71 -41.78
N ARG A 450 23.82 -11.56 -42.82
CA ARG A 450 24.96 -12.31 -43.34
C ARG A 450 25.77 -11.41 -44.29
N TYR A 451 27.09 -11.41 -44.11
CA TYR A 451 27.98 -10.67 -45.00
C TYR A 451 28.84 -11.60 -45.82
N THR A 452 28.66 -11.51 -47.14
CA THR A 452 29.49 -12.16 -48.16
C THR A 452 30.31 -11.00 -48.78
N ARG A 453 31.62 -10.93 -48.53
CA ARG A 453 32.45 -9.79 -49.03
C ARG A 453 32.61 -9.90 -50.55
N LYS A 454 33.01 -8.81 -51.21
CA LYS A 454 33.35 -8.84 -52.65
C LYS A 454 34.55 -7.95 -52.99
N HIS A 455 35.73 -8.54 -53.16
CA HIS A 455 36.83 -7.91 -53.90
C HIS A 455 37.37 -6.52 -53.36
N HIS A 456 37.07 -6.18 -52.09
CA HIS A 456 37.50 -4.93 -51.42
C HIS A 456 37.85 -3.74 -52.32
N GLY B 9 -27.74 -29.37 -8.80
CA GLY B 9 -26.64 -30.00 -9.60
C GLY B 9 -25.23 -29.46 -9.30
N LYS B 10 -24.48 -29.12 -10.36
CA LYS B 10 -23.10 -28.61 -10.27
C LYS B 10 -23.01 -27.08 -10.34
N LEU B 11 -21.83 -26.53 -10.02
CA LEU B 11 -21.62 -25.10 -10.14
C LEU B 11 -21.18 -24.72 -11.54
N PRO B 12 -21.59 -23.53 -11.99
CA PRO B 12 -21.08 -23.07 -13.25
C PRO B 12 -19.57 -22.96 -13.23
N PRO B 13 -18.92 -23.25 -14.36
CA PRO B 13 -17.48 -23.10 -14.49
C PRO B 13 -16.98 -21.74 -14.07
N VAL B 14 -15.78 -21.66 -13.52
CA VAL B 14 -15.25 -20.37 -13.09
C VAL B 14 -14.19 -19.86 -14.05
N VAL B 15 -14.44 -18.66 -14.56
CA VAL B 15 -13.44 -17.92 -15.31
C VAL B 15 -12.17 -17.91 -14.48
N SER B 16 -11.13 -18.53 -15.03
CA SER B 16 -9.84 -18.65 -14.40
C SER B 16 -9.08 -17.33 -14.41
N SER B 17 -8.10 -17.22 -13.54
CA SER B 17 -7.24 -16.02 -13.46
C SER B 17 -6.04 -16.26 -12.55
N LEU B 18 -4.87 -15.85 -13.02
CA LEU B 18 -3.65 -15.95 -12.23
C LEU B 18 -3.43 -14.77 -11.30
N ILE B 19 -4.26 -13.75 -11.31
CA ILE B 19 -3.92 -12.60 -10.50
C ILE B 19 -4.54 -12.82 -9.11
N PRO B 20 -3.70 -12.90 -8.06
CA PRO B 20 -4.25 -13.22 -6.71
C PRO B 20 -5.19 -12.14 -6.16
N PHE B 21 -6.07 -12.52 -5.23
CA PHE B 21 -7.11 -11.61 -4.68
C PHE B 21 -8.04 -11.02 -5.77
N VAL B 22 -7.59 -9.97 -6.45
CA VAL B 22 -8.38 -9.25 -7.50
C VAL B 22 -8.98 -10.16 -8.57
N GLY B 23 -8.28 -11.22 -8.96
CA GLY B 23 -8.84 -12.22 -9.87
C GLY B 23 -9.18 -11.67 -11.24
N SER B 24 -10.40 -11.93 -11.69
CA SER B 24 -10.86 -11.40 -12.98
C SER B 24 -11.04 -9.88 -13.01
N GLY B 25 -11.04 -9.25 -11.83
CA GLY B 25 -11.14 -7.79 -11.69
C GLY B 25 -10.30 -6.91 -12.59
N LEU B 26 -8.98 -7.08 -12.60
CA LEU B 26 -8.12 -6.14 -13.32
C LEU B 26 -8.41 -6.13 -14.86
N SER B 27 -8.86 -7.26 -15.43
CA SER B 27 -9.12 -7.35 -16.89
C SER B 27 -10.58 -7.22 -17.32
N PHE B 28 -11.53 -7.35 -16.38
CA PHE B 28 -12.96 -7.01 -16.57
C PHE B 28 -13.10 -5.48 -16.59
N ALA B 29 -12.54 -4.85 -15.55
CA ALA B 29 -12.28 -3.40 -15.55
C ALA B 29 -11.33 -3.12 -16.71
N GLY B 30 -11.56 -2.04 -17.44
CA GLY B 30 -10.73 -1.77 -18.60
C GLY B 30 -10.86 -2.79 -19.73
N GLY B 31 -11.99 -3.50 -19.78
CA GLY B 31 -12.40 -4.29 -20.96
C GLY B 31 -13.57 -5.23 -20.69
N PRO B 32 -14.71 -4.69 -20.20
CA PRO B 32 -15.75 -5.54 -19.65
C PRO B 32 -16.49 -6.33 -20.71
N LEU B 33 -16.88 -5.69 -21.80
CA LEU B 33 -17.48 -6.44 -22.88
C LEU B 33 -16.47 -7.35 -23.54
N GLN B 34 -15.23 -6.88 -23.68
CA GLN B 34 -14.12 -7.68 -24.23
C GLN B 34 -14.01 -9.04 -23.52
N TYR B 35 -13.75 -8.96 -22.22
CA TYR B 35 -13.42 -10.09 -21.37
C TYR B 35 -14.60 -11.07 -21.21
N THR B 36 -15.82 -10.53 -21.10
CA THR B 36 -17.07 -11.31 -21.00
C THR B 36 -17.32 -12.15 -22.24
N THR B 37 -17.01 -11.56 -23.40
CA THR B 37 -17.16 -12.22 -24.70
C THR B 37 -16.16 -13.37 -24.85
N ASP B 38 -14.90 -13.09 -24.51
CA ASP B 38 -13.81 -14.07 -24.45
C ASP B 38 -14.22 -15.31 -23.62
N ALA B 39 -14.79 -15.03 -22.45
CA ALA B 39 -15.26 -16.07 -21.55
C ALA B 39 -16.50 -16.81 -22.07
N TYR B 40 -17.34 -16.16 -22.87
CA TYR B 40 -18.47 -16.85 -23.51
C TYR B 40 -17.97 -17.95 -24.45
N LYS B 41 -16.94 -17.63 -25.24
CA LYS B 41 -16.31 -18.56 -26.18
C LYS B 41 -15.54 -19.69 -25.47
N LYS B 42 -14.93 -19.39 -24.33
CA LYS B 42 -14.19 -20.36 -23.51
C LYS B 42 -15.09 -21.31 -22.72
N TYR B 43 -16.00 -20.76 -21.90
CA TYR B 43 -16.81 -21.54 -20.93
C TYR B 43 -18.30 -21.73 -21.24
N GLY B 44 -18.84 -20.98 -22.20
CA GLY B 44 -20.21 -21.21 -22.71
C GLY B 44 -21.30 -20.32 -22.12
N ASP B 45 -22.53 -20.84 -22.21
CA ASP B 45 -23.73 -20.16 -21.72
C ASP B 45 -23.60 -19.47 -20.40
N ILE B 46 -23.04 -20.17 -19.43
CA ILE B 46 -23.14 -19.77 -18.03
C ILE B 46 -21.80 -20.01 -17.35
N PHE B 47 -21.38 -19.04 -16.56
CA PHE B 47 -20.03 -19.00 -15.98
C PHE B 47 -19.82 -17.88 -14.98
N THR B 48 -19.10 -18.16 -13.92
CA THR B 48 -18.87 -17.22 -12.84
C THR B 48 -17.50 -16.59 -13.02
N MET B 49 -17.41 -15.26 -12.88
CA MET B 49 -16.13 -14.60 -12.58
C MET B 49 -16.09 -14.44 -11.08
N LYS B 50 -14.90 -14.54 -10.50
CA LYS B 50 -14.67 -14.08 -9.14
C LYS B 50 -13.88 -12.80 -9.19
N VAL B 51 -14.39 -11.79 -8.49
CA VAL B 51 -13.68 -10.52 -8.28
C VAL B 51 -13.66 -10.21 -6.80
N PHE B 52 -12.47 -10.28 -6.19
CA PHE B 52 -12.31 -10.25 -4.74
C PHE B 52 -13.30 -11.21 -4.07
N GLY B 53 -13.12 -12.50 -4.37
CA GLY B 53 -13.94 -13.58 -3.81
C GLY B 53 -15.43 -13.28 -3.75
N GLN B 54 -15.96 -12.74 -4.85
CA GLN B 54 -17.39 -12.43 -4.94
C GLN B 54 -17.88 -12.98 -6.27
N ARG B 55 -18.81 -13.95 -6.22
CA ARG B 55 -19.23 -14.71 -7.40
C ARG B 55 -20.14 -13.92 -8.36
N LEU B 56 -19.66 -13.65 -9.58
CA LEU B 56 -20.43 -12.95 -10.62
C LEU B 56 -20.77 -13.88 -11.79
N THR B 57 -21.93 -14.53 -11.69
CA THR B 57 -22.35 -15.52 -12.67
C THR B 57 -23.06 -14.84 -13.84
N PHE B 58 -22.56 -15.05 -15.05
CA PHE B 58 -23.17 -14.52 -16.28
C PHE B 58 -24.11 -15.50 -16.99
N LEU B 59 -25.00 -14.93 -17.82
CA LEU B 59 -25.97 -15.68 -18.63
C LEU B 59 -26.00 -15.07 -20.05
N VAL B 60 -25.85 -15.93 -21.05
CA VAL B 60 -25.76 -15.47 -22.43
C VAL B 60 -26.74 -16.26 -23.31
N GLY B 61 -27.52 -15.52 -24.10
CA GLY B 61 -28.48 -16.09 -25.02
C GLY B 61 -29.75 -16.55 -24.33
N PRO B 62 -30.78 -16.87 -25.15
CA PRO B 62 -32.17 -17.02 -24.71
C PRO B 62 -32.40 -18.04 -23.60
N ASP B 63 -31.92 -19.27 -23.78
CA ASP B 63 -32.18 -20.30 -22.79
C ASP B 63 -31.58 -19.86 -21.46
N ALA B 64 -30.39 -19.25 -21.50
CA ALA B 64 -29.69 -18.76 -20.28
C ALA B 64 -30.33 -17.55 -19.65
N HIS B 65 -30.98 -16.70 -20.46
CA HIS B 65 -31.74 -15.57 -19.93
C HIS B 65 -32.95 -15.98 -19.09
N VAL B 66 -33.53 -17.14 -19.38
CA VAL B 66 -34.82 -17.52 -18.80
C VAL B 66 -34.91 -17.22 -17.30
N PRO B 67 -34.02 -17.79 -16.48
CA PRO B 67 -34.12 -17.53 -15.03
C PRO B 67 -33.91 -16.07 -14.59
N PHE B 68 -33.20 -15.25 -15.37
CA PHE B 68 -32.99 -13.83 -15.05
C PHE B 68 -34.26 -13.01 -15.22
N PHE B 69 -34.98 -13.24 -16.32
CA PHE B 69 -36.23 -12.52 -16.59
C PHE B 69 -37.52 -13.23 -16.10
N SER B 70 -37.58 -14.56 -16.15
CA SER B 70 -38.75 -15.33 -15.68
C SER B 70 -39.14 -15.08 -14.26
N GLN B 71 -38.14 -15.01 -13.39
CA GLN B 71 -38.35 -14.85 -11.95
C GLN B 71 -38.72 -13.41 -11.57
N GLY B 72 -39.07 -13.20 -10.30
CA GLY B 72 -39.56 -11.92 -9.80
C GLY B 72 -38.86 -11.55 -8.51
N ASP B 73 -39.45 -10.63 -7.74
CA ASP B 73 -38.76 -9.96 -6.62
C ASP B 73 -38.47 -10.86 -5.42
N ALA B 74 -39.09 -12.04 -5.35
CA ALA B 74 -38.85 -13.01 -4.26
C ALA B 74 -37.54 -13.78 -4.44
N GLU B 75 -37.12 -13.91 -5.70
CA GLU B 75 -36.00 -14.75 -6.10
C GLU B 75 -34.72 -13.97 -6.49
N LEU B 76 -34.88 -12.78 -7.08
CA LEU B 76 -33.78 -11.94 -7.56
C LEU B 76 -34.01 -10.49 -7.18
N SER B 77 -33.02 -9.85 -6.58
CA SER B 77 -33.16 -8.48 -6.09
C SER B 77 -32.44 -7.51 -6.98
N GLN B 78 -33.09 -6.38 -7.27
CA GLN B 78 -32.43 -5.25 -7.94
C GLN B 78 -31.66 -4.37 -6.93
N ASP B 79 -32.11 -4.31 -5.67
CA ASP B 79 -31.53 -3.47 -4.60
C ASP B 79 -30.02 -3.32 -4.67
N GLU B 80 -29.32 -4.43 -4.47
CA GLU B 80 -27.87 -4.40 -4.20
C GLU B 80 -26.99 -4.00 -5.41
N PRO B 81 -27.17 -4.64 -6.58
CA PRO B 81 -26.43 -4.18 -7.76
C PRO B 81 -26.62 -2.70 -8.12
N TYR B 82 -27.84 -2.17 -7.91
CA TYR B 82 -28.19 -0.77 -8.26
C TYR B 82 -28.04 0.29 -7.14
N GLN B 83 -27.29 -0.01 -6.08
CA GLN B 83 -27.10 0.96 -5.00
C GLN B 83 -26.29 2.18 -5.39
N PHE B 84 -25.65 2.17 -6.55
CA PHE B 84 -25.11 3.42 -7.09
C PHE B 84 -26.21 4.47 -7.31
N SER B 85 -27.38 4.00 -7.75
CA SER B 85 -28.58 4.84 -8.01
C SER B 85 -29.00 5.70 -6.81
N VAL B 86 -29.04 5.10 -5.64
CA VAL B 86 -29.70 5.71 -4.50
C VAL B 86 -29.24 7.15 -4.18
N PRO B 87 -27.94 7.41 -4.10
CA PRO B 87 -27.50 8.78 -3.84
C PRO B 87 -27.60 9.76 -5.02
N ILE B 88 -28.03 9.27 -6.19
CA ILE B 88 -28.41 10.13 -7.31
C ILE B 88 -29.91 10.47 -7.31
N PHE B 89 -30.78 9.47 -7.18
CA PHE B 89 -32.25 9.70 -7.19
C PHE B 89 -32.73 10.22 -5.86
N GLY B 90 -32.32 9.54 -4.80
CA GLY B 90 -32.54 9.99 -3.44
C GLY B 90 -33.08 8.87 -2.61
N PRO B 91 -33.14 9.07 -1.27
CA PRO B 91 -33.64 8.01 -0.41
C PRO B 91 -35.14 7.81 -0.64
N ASN B 92 -35.59 6.56 -0.54
CA ASN B 92 -37.01 6.17 -0.81
C ASN B 92 -37.47 6.33 -2.25
N VAL B 93 -36.52 6.28 -3.19
CA VAL B 93 -36.82 6.43 -4.59
C VAL B 93 -36.24 5.25 -5.32
N VAL B 94 -37.06 4.69 -6.20
CA VAL B 94 -36.77 3.46 -6.96
C VAL B 94 -36.01 2.40 -6.13
N TYR B 95 -34.68 2.39 -6.15
CA TYR B 95 -33.92 1.30 -5.51
C TYR B 95 -33.51 1.62 -4.08
N GLY B 96 -33.84 2.82 -3.60
CA GLY B 96 -33.73 3.18 -2.19
C GLY B 96 -35.03 2.97 -1.43
N ALA B 97 -36.10 2.81 -2.19
CA ALA B 97 -37.40 2.46 -1.64
C ALA B 97 -37.41 1.02 -1.21
N ASP B 98 -38.30 0.70 -0.28
CA ASP B 98 -38.64 -0.69 0.03
C ASP B 98 -39.62 -1.14 -1.06
N LEU B 99 -39.71 -2.46 -1.31
CA LEU B 99 -40.58 -3.02 -2.37
C LEU B 99 -41.99 -2.48 -2.44
N ALA B 100 -42.64 -2.36 -1.29
CA ALA B 100 -44.04 -1.92 -1.23
C ALA B 100 -44.25 -0.57 -1.93
N HIS B 101 -43.40 0.38 -1.59
CA HIS B 101 -43.43 1.71 -2.21
C HIS B 101 -42.79 1.69 -3.62
N ARG B 102 -41.68 0.97 -3.79
CA ARG B 102 -41.03 0.86 -5.11
C ARG B 102 -42.04 0.41 -6.18
N ASN B 103 -42.66 -0.75 -5.98
CA ASN B 103 -43.61 -1.24 -6.98
C ASN B 103 -44.81 -0.33 -7.28
N GLN B 104 -45.15 0.55 -6.33
CA GLN B 104 -46.17 1.58 -6.56
C GLN B 104 -45.63 2.79 -7.36
N GLN B 105 -44.43 3.24 -7.02
CA GLN B 105 -43.72 4.27 -7.81
C GLN B 105 -43.53 3.85 -9.28
N LEU B 106 -43.08 2.61 -9.49
CA LEU B 106 -42.89 2.09 -10.83
C LEU B 106 -44.20 2.14 -11.62
N LYS B 107 -45.32 1.84 -10.97
CA LYS B 107 -46.62 1.93 -11.64
C LYS B 107 -46.97 3.39 -11.91
N PHE B 108 -46.56 4.30 -11.02
CA PHE B 108 -46.72 5.76 -11.28
C PHE B 108 -45.95 6.17 -12.54
N ILE B 109 -44.69 5.77 -12.62
CA ILE B 109 -43.85 6.02 -13.80
C ILE B 109 -44.53 5.47 -15.05
N ALA B 110 -45.05 4.26 -14.96
CA ALA B 110 -45.73 3.62 -16.09
C ALA B 110 -46.97 4.39 -16.51
N ALA B 111 -47.68 4.98 -15.53
CA ALA B 111 -48.77 5.92 -15.84
C ALA B 111 -48.28 7.08 -16.70
N SER B 112 -47.23 7.75 -16.24
CA SER B 112 -46.72 8.94 -16.93
C SER B 112 -46.13 8.65 -18.29
N LEU B 113 -45.70 7.40 -18.54
CA LEU B 113 -45.14 6.99 -19.83
C LEU B 113 -46.05 6.05 -20.65
N SER B 114 -47.32 5.90 -20.24
CA SER B 114 -48.31 5.09 -20.96
C SER B 114 -48.61 5.66 -22.35
N THR B 115 -49.23 4.85 -23.21
CA THR B 115 -49.48 5.29 -24.58
C THR B 115 -50.54 6.40 -24.69
N LYS B 116 -51.45 6.51 -23.69
CA LYS B 116 -52.39 7.64 -23.61
C LYS B 116 -51.63 8.92 -23.26
N ALA B 117 -50.64 8.83 -22.37
CA ALA B 117 -49.81 10.00 -21.95
C ALA B 117 -48.92 10.54 -23.08
N LEU B 118 -48.33 9.61 -23.82
CA LEU B 118 -47.44 9.91 -24.92
C LEU B 118 -48.20 10.66 -25.99
N GLN B 119 -49.38 10.14 -26.35
CA GLN B 119 -50.29 10.84 -27.26
C GLN B 119 -50.24 12.36 -27.09
N SER B 120 -50.43 12.86 -25.87
CA SER B 120 -50.43 14.32 -25.65
C SER B 120 -49.05 14.92 -25.37
N TYR B 121 -48.00 14.10 -25.15
CA TYR B 121 -46.60 14.60 -25.22
C TYR B 121 -46.04 14.76 -26.64
N VAL B 122 -46.48 13.89 -27.55
CA VAL B 122 -45.97 13.88 -28.94
C VAL B 122 -45.88 15.29 -29.54
N PRO B 123 -46.98 16.08 -29.50
CA PRO B 123 -46.88 17.46 -30.04
C PRO B 123 -45.79 18.31 -29.42
N LEU B 124 -45.44 18.02 -28.17
CA LEU B 124 -44.38 18.73 -27.47
C LEU B 124 -43.02 18.26 -27.95
N ILE B 125 -42.88 16.95 -28.11
CA ILE B 125 -41.67 16.32 -28.62
C ILE B 125 -41.34 16.87 -30.03
N VAL B 126 -42.35 16.82 -30.89
CA VAL B 126 -42.24 17.21 -32.29
C VAL B 126 -41.87 18.66 -32.36
N LYS B 127 -42.57 19.51 -31.61
CA LYS B 127 -42.28 20.94 -31.63
C LYS B 127 -40.85 21.26 -31.19
N GLU B 128 -40.36 20.58 -30.16
CA GLU B 128 -38.97 20.80 -29.74
C GLU B 128 -38.07 20.49 -30.90
N ALA B 129 -38.26 19.30 -31.46
CA ALA B 129 -37.49 18.82 -32.61
C ALA B 129 -37.44 19.83 -33.74
N GLU B 130 -38.61 20.22 -34.21
CA GLU B 130 -38.70 21.09 -35.37
C GLU B 130 -38.07 22.46 -35.09
N ASP B 131 -38.34 23.04 -33.92
CA ASP B 131 -37.75 24.33 -33.51
C ASP B 131 -36.25 24.22 -33.21
N PHE B 132 -35.82 23.09 -32.70
CA PHE B 132 -34.41 22.83 -32.48
C PHE B 132 -33.66 22.77 -33.81
N PHE B 133 -34.13 21.91 -34.72
CA PHE B 133 -33.46 21.70 -36.01
C PHE B 133 -33.65 22.85 -36.96
N ALA B 134 -34.72 23.61 -36.79
CA ALA B 134 -34.84 24.89 -37.47
C ALA B 134 -33.57 25.75 -37.28
N LYS B 135 -33.02 25.82 -36.08
CA LYS B 135 -31.89 26.74 -35.79
C LYS B 135 -30.53 26.44 -36.48
N TRP B 136 -30.43 25.39 -37.30
CA TRP B 136 -29.17 25.08 -38.05
C TRP B 136 -29.01 26.01 -39.27
N ASP B 137 -28.06 25.69 -40.16
CA ASP B 137 -27.75 26.54 -41.33
C ASP B 137 -28.12 25.88 -42.65
N LYS B 138 -27.77 26.52 -43.77
CA LYS B 138 -27.98 25.95 -45.10
C LYS B 138 -27.13 24.66 -45.23
N SER B 139 -25.85 24.81 -44.92
CA SER B 139 -24.88 23.72 -44.93
C SER B 139 -24.21 23.63 -43.55
N GLY B 140 -23.49 22.55 -43.29
CA GLY B 140 -22.70 22.46 -42.06
C GLY B 140 -22.25 21.07 -41.63
N THR B 141 -21.59 21.06 -40.48
CA THR B 141 -21.15 19.83 -39.83
C THR B 141 -21.61 19.87 -38.38
N VAL B 142 -22.08 18.73 -37.87
CA VAL B 142 -22.50 18.64 -36.45
C VAL B 142 -22.04 17.35 -35.82
N ASP B 143 -21.83 17.40 -34.51
CA ASP B 143 -21.61 16.21 -33.72
C ASP B 143 -22.99 15.72 -33.29
N ILE B 144 -23.46 14.65 -33.93
CA ILE B 144 -24.83 14.17 -33.72
C ILE B 144 -25.10 13.70 -32.27
N ARG B 145 -24.08 13.23 -31.56
CA ARG B 145 -24.25 12.85 -30.16
C ARG B 145 -24.37 14.06 -29.25
N ASP B 146 -23.54 15.07 -29.44
CA ASP B 146 -23.72 16.33 -28.70
C ASP B 146 -25.11 16.98 -28.98
N ALA B 147 -25.57 16.95 -30.23
CA ALA B 147 -26.85 17.56 -30.58
C ALA B 147 -28.08 16.81 -30.05
N LEU B 148 -28.14 15.50 -30.28
CA LEU B 148 -29.25 14.71 -29.75
C LEU B 148 -29.30 14.74 -28.23
N ALA B 149 -28.13 14.86 -27.59
CA ALA B 149 -28.08 15.14 -26.16
C ALA B 149 -28.83 16.43 -25.79
N GLU B 150 -28.50 17.53 -26.46
CA GLU B 150 -29.13 18.81 -26.17
C GLU B 150 -30.65 18.74 -26.34
N LEU B 151 -31.13 18.16 -27.44
CA LEU B 151 -32.57 18.17 -27.75
C LEU B 151 -33.36 17.23 -26.84
N ILE B 152 -32.77 16.10 -26.49
CA ILE B 152 -33.42 15.14 -25.62
C ILE B 152 -33.64 15.70 -24.21
N ILE B 153 -32.64 16.35 -23.62
CA ILE B 153 -32.83 17.01 -22.29
C ILE B 153 -33.87 18.14 -22.35
N LEU B 154 -33.76 18.99 -23.38
CA LEU B 154 -34.72 20.06 -23.66
C LEU B 154 -36.12 19.50 -23.61
N THR B 155 -36.37 18.49 -24.43
CA THR B 155 -37.68 17.87 -24.57
C THR B 155 -38.16 17.24 -23.27
N ALA B 156 -37.22 16.64 -22.52
CA ALA B 156 -37.54 16.01 -21.25
C ALA B 156 -38.02 17.05 -20.25
N SER B 157 -37.24 18.13 -20.11
CA SER B 157 -37.59 19.22 -19.22
C SER B 157 -39.03 19.69 -19.43
N ARG B 158 -39.54 19.62 -20.65
CA ARG B 158 -40.97 19.89 -20.90
C ARG B 158 -41.87 18.66 -20.66
N CYS B 159 -41.64 17.55 -21.36
CA CYS B 159 -42.50 16.36 -21.24
C CYS B 159 -42.57 15.76 -19.84
N LEU B 160 -41.50 15.93 -19.09
CA LEU B 160 -41.43 15.43 -17.72
C LEU B 160 -41.78 16.53 -16.73
N MET B 161 -41.04 17.63 -16.78
CA MET B 161 -40.99 18.60 -15.69
C MET B 161 -41.96 19.78 -15.86
N GLY B 162 -42.63 19.83 -17.00
CA GLY B 162 -43.66 20.82 -17.23
C GLY B 162 -43.15 22.08 -17.86
N LYS B 163 -44.12 22.86 -18.37
CA LYS B 163 -43.87 24.13 -19.06
C LYS B 163 -43.03 25.10 -18.23
N GLU B 164 -43.35 25.21 -16.95
CA GLU B 164 -42.75 26.25 -16.11
C GLU B 164 -41.22 26.13 -16.12
N ILE B 165 -40.72 24.92 -15.95
CA ILE B 165 -39.27 24.68 -15.86
C ILE B 165 -38.61 24.84 -17.23
N ARG B 166 -39.24 24.23 -18.24
CA ARG B 166 -38.81 24.33 -19.63
C ARG B 166 -38.62 25.78 -20.10
N GLU B 167 -39.54 26.67 -19.74
CA GLU B 167 -39.50 28.06 -20.20
C GLU B 167 -38.70 29.03 -19.33
N ASN B 168 -38.68 28.82 -18.01
CA ASN B 168 -37.93 29.72 -17.11
C ASN B 168 -36.62 29.19 -16.58
N LEU B 169 -36.48 27.88 -16.49
CA LEU B 169 -35.41 27.27 -15.71
C LEU B 169 -34.59 26.23 -16.45
N PHE B 170 -34.57 26.26 -17.78
CA PHE B 170 -33.92 25.14 -18.47
C PHE B 170 -32.41 25.12 -18.27
N THR B 171 -31.75 26.28 -18.34
CA THR B 171 -30.30 26.34 -18.11
C THR B 171 -29.97 25.81 -16.70
N GLU B 172 -30.81 26.13 -15.73
CA GLU B 172 -30.58 25.75 -14.34
C GLU B 172 -30.86 24.27 -14.11
N VAL B 173 -31.73 23.63 -14.90
CA VAL B 173 -31.83 22.14 -14.92
C VAL B 173 -30.62 21.48 -15.61
N ALA B 174 -30.15 22.09 -16.69
CA ALA B 174 -29.05 21.52 -17.44
C ALA B 174 -27.75 21.46 -16.63
N LYS B 175 -27.46 22.52 -15.87
CA LYS B 175 -26.23 22.52 -15.11
C LYS B 175 -26.36 21.58 -13.89
N LEU B 176 -27.60 21.35 -13.41
CA LEU B 176 -27.78 20.40 -12.32
C LEU B 176 -27.68 18.96 -12.78
N TYR B 177 -28.43 18.54 -13.80
CA TYR B 177 -28.29 17.15 -14.28
C TYR B 177 -26.83 16.82 -14.66
N GLN B 178 -26.08 17.82 -15.15
CA GLN B 178 -24.66 17.64 -15.42
C GLN B 178 -23.89 17.29 -14.15
N THR B 179 -24.09 18.11 -13.11
CA THR B 179 -23.40 17.90 -11.85
C THR B 179 -23.73 16.53 -11.32
N LEU B 180 -25.02 16.22 -11.30
CA LEU B 180 -25.54 14.89 -10.99
C LEU B 180 -24.83 13.77 -11.82
N ASP B 181 -24.56 14.00 -13.10
CA ASP B 181 -23.83 13.03 -13.93
C ASP B 181 -22.33 13.03 -13.63
N GLU B 182 -21.76 14.20 -13.36
CA GLU B 182 -20.35 14.32 -12.98
C GLU B 182 -19.96 13.62 -11.66
N GLY B 183 -20.95 13.28 -10.84
CA GLY B 183 -20.75 12.41 -9.66
C GLY B 183 -21.21 10.96 -9.83
N LEU B 184 -21.31 10.50 -11.09
CA LEU B 184 -21.54 9.08 -11.40
C LEU B 184 -20.32 8.51 -12.15
N LEU B 185 -19.29 8.21 -11.37
CA LEU B 185 -17.99 7.78 -11.88
C LEU B 185 -17.94 6.27 -11.76
N PRO B 186 -16.90 5.63 -12.35
CA PRO B 186 -16.66 4.22 -12.07
C PRO B 186 -16.45 3.94 -10.56
N ILE B 187 -15.75 4.84 -9.88
CA ILE B 187 -15.54 4.71 -8.44
C ILE B 187 -16.89 4.63 -7.69
N SER B 188 -17.88 5.40 -8.14
CA SER B 188 -19.19 5.46 -7.48
C SER B 188 -19.96 4.16 -7.58
N VAL B 189 -19.79 3.40 -8.66
CA VAL B 189 -20.55 2.14 -8.80
C VAL B 189 -20.17 1.11 -7.73
N PHE B 190 -18.99 1.26 -7.13
CA PHE B 190 -18.61 0.44 -5.97
C PHE B 190 -18.76 1.21 -4.67
N PHE B 191 -18.29 2.45 -4.60
CA PHE B 191 -18.35 3.23 -3.36
C PHE B 191 -19.18 4.48 -3.55
N PRO B 192 -20.54 4.34 -3.51
CA PRO B 192 -21.36 5.45 -3.96
C PRO B 192 -21.47 6.60 -2.96
N TYR B 193 -20.90 6.44 -1.75
CA TYR B 193 -20.81 7.54 -0.78
C TYR B 193 -19.37 7.88 -0.41
N LEU B 194 -18.42 7.35 -1.15
CA LEU B 194 -17.05 7.75 -1.00
C LEU B 194 -16.93 9.28 -1.05
N PRO B 195 -16.47 9.89 0.05
CA PRO B 195 -16.43 11.35 0.12
C PRO B 195 -15.33 11.95 -0.77
N ILE B 196 -15.70 12.39 -1.98
CA ILE B 196 -14.78 13.00 -2.96
C ILE B 196 -15.43 14.26 -3.55
N PRO B 197 -14.61 15.27 -3.94
CA PRO B 197 -15.17 16.48 -4.56
C PRO B 197 -16.41 16.21 -5.39
N ALA B 198 -16.32 15.25 -6.31
CA ALA B 198 -17.42 14.96 -7.24
C ALA B 198 -18.72 14.45 -6.62
N HIS B 199 -18.65 13.87 -5.42
CA HIS B 199 -19.83 13.32 -4.74
C HIS B 199 -20.52 14.38 -3.87
N LYS B 200 -19.72 15.19 -3.18
CA LYS B 200 -20.26 16.30 -2.39
C LYS B 200 -21.05 17.24 -3.32
N ARG B 201 -20.52 17.46 -4.55
CA ARG B 201 -21.25 18.20 -5.58
C ARG B 201 -22.53 17.50 -6.04
N ARG B 202 -22.49 16.18 -6.22
CA ARG B 202 -23.67 15.40 -6.60
C ARG B 202 -24.82 15.54 -5.60
N ASP B 203 -24.49 15.50 -4.31
CA ASP B 203 -25.51 15.59 -3.25
C ASP B 203 -26.07 17.00 -3.13
N GLU B 204 -25.22 18.01 -3.34
CA GLU B 204 -25.63 19.41 -3.25
C GLU B 204 -26.64 19.70 -4.35
N ALA B 205 -26.33 19.25 -5.56
CA ALA B 205 -27.23 19.40 -6.70
C ALA B 205 -28.56 18.67 -6.58
N ARG B 206 -28.59 17.51 -5.93
CA ARG B 206 -29.87 16.82 -5.72
C ARG B 206 -30.78 17.64 -4.81
N LEU B 207 -30.21 18.25 -3.77
CA LEU B 207 -31.01 19.10 -2.88
C LEU B 207 -31.51 20.32 -3.63
N ALA B 208 -30.62 20.94 -4.41
CA ALA B 208 -30.97 22.13 -5.20
C ALA B 208 -32.05 21.83 -6.24
N MET B 209 -32.04 20.64 -6.82
CA MET B 209 -33.12 20.24 -7.69
C MET B 209 -34.41 19.99 -6.87
N VAL B 210 -34.32 19.36 -5.71
CA VAL B 210 -35.51 19.17 -4.84
C VAL B 210 -36.12 20.53 -4.43
N ARG B 211 -35.29 21.46 -3.97
CA ARG B 211 -35.72 22.84 -3.64
C ARG B 211 -36.40 23.53 -4.81
N MET B 212 -35.87 23.34 -6.02
CA MET B 212 -36.45 23.88 -7.23
C MET B 212 -37.81 23.24 -7.55
N PHE B 213 -37.95 21.92 -7.45
CA PHE B 213 -39.25 21.27 -7.69
C PHE B 213 -40.33 21.56 -6.63
N LYS B 214 -39.92 21.81 -5.39
CA LYS B 214 -40.80 22.36 -4.37
C LYS B 214 -41.48 23.63 -4.93
N LYS B 215 -40.68 24.66 -5.22
CA LYS B 215 -41.19 25.97 -5.72
C LYS B 215 -42.26 25.78 -6.81
N ILE B 216 -42.04 24.85 -7.72
CA ILE B 216 -43.02 24.58 -8.77
C ILE B 216 -44.25 23.86 -8.21
N ILE B 217 -44.04 22.83 -7.40
CA ILE B 217 -45.19 22.08 -6.82
C ILE B 217 -46.04 22.99 -5.88
N ASP B 218 -45.38 23.93 -5.19
CA ASP B 218 -46.05 24.97 -4.42
C ASP B 218 -46.93 25.84 -5.29
N GLU B 219 -46.39 26.34 -6.39
CA GLU B 219 -47.16 27.13 -7.33
C GLU B 219 -48.33 26.30 -7.87
N ARG B 220 -48.05 25.16 -8.47
CA ARG B 220 -49.13 24.31 -8.99
C ARG B 220 -50.22 24.00 -7.96
N ARG B 221 -49.80 23.72 -6.72
CA ARG B 221 -50.72 23.44 -5.60
C ARG B 221 -51.72 24.60 -5.51
N ALA B 222 -51.16 25.81 -5.46
CA ALA B 222 -51.93 27.05 -5.34
C ALA B 222 -52.90 27.37 -6.47
N ASN B 223 -52.76 26.72 -7.63
CA ASN B 223 -53.61 26.99 -8.80
C ASN B 223 -54.29 25.75 -9.32
N PRO B 224 -55.14 25.10 -8.51
CA PRO B 224 -55.72 23.81 -8.98
C PRO B 224 -56.59 23.91 -10.22
N GLU B 225 -56.77 25.13 -10.72
CA GLU B 225 -57.47 25.41 -11.97
C GLU B 225 -56.65 24.88 -13.16
N VAL B 226 -55.39 25.30 -13.25
CA VAL B 226 -54.56 25.11 -14.46
C VAL B 226 -54.14 23.66 -14.71
N LYS B 227 -54.62 23.08 -15.81
CA LYS B 227 -54.29 21.68 -16.20
C LYS B 227 -52.86 21.67 -16.73
N HIS B 228 -52.07 20.67 -16.32
CA HIS B 228 -50.70 20.49 -16.82
C HIS B 228 -50.49 19.15 -17.54
N ASN B 229 -49.96 19.19 -18.77
CA ASN B 229 -49.71 18.01 -19.61
C ASN B 229 -48.24 17.63 -19.54
N ASP B 230 -47.89 16.88 -18.49
CA ASP B 230 -46.51 16.46 -18.25
C ASP B 230 -46.52 15.32 -17.23
N CYS B 231 -45.34 14.84 -16.82
CA CYS B 231 -45.22 13.68 -15.91
C CYS B 231 -45.34 14.06 -14.46
N LEU B 232 -44.71 15.18 -14.07
CA LEU B 232 -44.84 15.77 -12.72
C LEU B 232 -46.28 15.83 -12.23
N GLN B 233 -47.20 16.21 -13.11
CA GLN B 233 -48.62 16.25 -12.78
C GLN B 233 -49.18 14.85 -12.45
N VAL B 234 -48.73 13.82 -13.17
CA VAL B 234 -49.13 12.43 -12.87
C VAL B 234 -48.59 11.96 -11.52
N PHE B 235 -47.42 12.46 -11.11
CA PHE B 235 -46.82 12.13 -9.80
C PHE B 235 -47.42 12.88 -8.63
N MET B 236 -47.84 14.12 -8.89
CA MET B 236 -48.54 14.90 -7.87
C MET B 236 -49.90 14.30 -7.56
N ASP B 237 -50.64 13.95 -8.61
CA ASP B 237 -51.95 13.30 -8.47
C ASP B 237 -51.81 11.90 -7.87
N ALA B 238 -50.74 11.19 -8.20
CA ALA B 238 -50.53 9.83 -7.67
C ALA B 238 -50.45 9.83 -6.14
N ARG B 239 -50.91 8.72 -5.57
CA ARG B 239 -50.82 8.49 -4.12
C ARG B 239 -50.77 7.00 -3.83
N TYR B 240 -50.32 6.63 -2.64
CA TYR B 240 -50.05 5.22 -2.34
C TYR B 240 -51.26 4.48 -1.82
N ARG B 241 -51.45 3.23 -2.26
CA ARG B 241 -52.49 2.32 -1.74
C ARG B 241 -52.51 2.39 -0.22
N GLY B 242 -53.72 2.39 0.35
CA GLY B 242 -53.92 2.54 1.78
C GLY B 242 -53.68 3.95 2.29
N GLU B 243 -52.42 4.35 2.31
CA GLU B 243 -51.94 5.52 3.07
C GLU B 243 -52.63 6.85 2.78
N GLU B 244 -52.85 7.16 1.50
CA GLU B 244 -53.17 8.52 1.04
C GLU B 244 -52.04 9.50 1.36
N GLN B 245 -50.81 8.99 1.43
CA GLN B 245 -49.61 9.80 1.55
C GLN B 245 -49.28 10.17 0.12
N ALA B 246 -49.60 11.41 -0.26
CA ALA B 246 -49.22 11.96 -1.56
C ALA B 246 -47.71 12.11 -1.57
N LEU B 247 -47.08 11.78 -2.70
CA LEU B 247 -45.63 11.78 -2.80
C LEU B 247 -45.07 13.12 -2.35
N ASN B 248 -44.03 13.07 -1.53
CA ASN B 248 -43.42 14.31 -1.07
C ASN B 248 -42.44 14.82 -2.11
N ASP B 249 -41.89 16.00 -1.88
CA ASP B 249 -41.03 16.66 -2.86
C ASP B 249 -39.75 15.87 -3.13
N GLU B 250 -39.04 15.50 -2.06
CA GLU B 250 -37.86 14.64 -2.14
C GLU B 250 -38.09 13.45 -3.11
N GLU B 251 -39.20 12.73 -2.92
CA GLU B 251 -39.57 11.54 -3.73
C GLU B 251 -39.85 11.88 -5.20
N ILE B 252 -40.55 12.99 -5.44
CA ILE B 252 -40.95 13.34 -6.80
C ILE B 252 -39.69 13.75 -7.57
N THR B 253 -38.98 14.74 -7.06
CA THR B 253 -37.70 15.15 -7.62
C THR B 253 -36.89 13.95 -8.04
N GLY B 254 -36.80 12.97 -7.14
CA GLY B 254 -36.11 11.71 -7.40
C GLY B 254 -36.59 10.98 -8.64
N LEU B 255 -37.88 10.67 -8.70
CA LEU B 255 -38.45 10.00 -9.88
C LEU B 255 -38.15 10.73 -11.22
N MET B 256 -38.05 12.06 -11.17
CA MET B 256 -37.75 12.86 -12.36
C MET B 256 -36.27 12.71 -12.67
N ILE B 257 -35.42 12.86 -11.64
CA ILE B 257 -33.97 12.67 -11.82
C ILE B 257 -33.68 11.34 -12.49
N ALA B 258 -34.33 10.27 -12.03
CA ALA B 258 -34.25 8.96 -12.67
C ALA B 258 -34.65 9.00 -14.12
N LEU B 259 -35.86 9.52 -14.37
CA LEU B 259 -36.39 9.56 -15.73
C LEU B 259 -35.56 10.45 -16.65
N LEU B 260 -34.97 11.50 -16.08
CA LEU B 260 -34.10 12.40 -16.81
C LEU B 260 -32.88 11.60 -17.28
N PHE B 261 -32.22 10.95 -16.32
CA PHE B 261 -31.06 10.12 -16.59
C PHE B 261 -31.31 9.10 -17.70
N ALA B 262 -32.44 8.40 -17.65
CA ALA B 262 -32.74 7.36 -18.64
C ALA B 262 -32.58 7.89 -20.08
N GLY B 263 -33.20 9.01 -20.36
CA GLY B 263 -33.10 9.66 -21.66
C GLY B 263 -31.69 10.03 -22.08
N GLN B 264 -30.91 10.58 -21.14
CA GLN B 264 -29.53 10.99 -21.46
C GLN B 264 -28.60 9.82 -21.59
N HIS B 265 -28.80 8.79 -20.77
CA HIS B 265 -27.90 7.64 -20.74
C HIS B 265 -28.27 6.54 -21.71
N THR B 266 -29.47 6.59 -22.27
CA THR B 266 -29.85 5.60 -23.25
C THR B 266 -30.42 6.25 -24.51
N SER B 267 -31.50 7.03 -24.41
CA SER B 267 -32.15 7.56 -25.62
C SER B 267 -31.24 8.44 -26.52
N SER B 268 -30.32 9.19 -25.90
CA SER B 268 -29.32 9.98 -26.64
C SER B 268 -28.40 9.14 -27.48
N VAL B 269 -27.85 8.06 -26.90
CA VAL B 269 -26.86 7.25 -27.63
C VAL B 269 -27.62 6.41 -28.64
N THR B 270 -28.59 5.59 -28.25
CA THR B 270 -29.25 4.76 -29.27
C THR B 270 -29.94 5.64 -30.30
N GLY B 271 -30.29 6.87 -29.91
CA GLY B 271 -30.72 7.89 -30.87
C GLY B 271 -29.66 8.26 -31.88
N SER B 272 -28.44 8.49 -31.41
CA SER B 272 -27.30 8.86 -32.27
C SER B 272 -26.86 7.71 -33.20
N TRP B 273 -26.73 6.51 -32.65
CA TRP B 273 -26.38 5.35 -33.45
C TRP B 273 -27.35 5.24 -34.64
N THR B 274 -28.65 5.26 -34.35
CA THR B 274 -29.68 5.08 -35.39
C THR B 274 -29.21 5.67 -36.72
N GLY B 275 -28.79 6.92 -36.66
CA GLY B 275 -28.39 7.67 -37.83
C GLY B 275 -26.98 7.40 -38.31
N LEU B 276 -26.01 7.43 -37.38
CA LEU B 276 -24.62 7.11 -37.72
C LEU B 276 -24.53 5.79 -38.48
N LEU B 277 -25.32 4.80 -38.10
CA LEU B 277 -25.42 3.54 -38.87
C LEU B 277 -26.12 3.71 -40.22
N LEU B 278 -27.30 4.31 -40.22
CA LEU B 278 -28.08 4.51 -41.44
C LEU B 278 -27.39 5.33 -42.53
N PHE B 279 -26.56 6.30 -42.15
CA PHE B 279 -25.89 7.15 -43.13
C PHE B 279 -24.49 6.71 -43.57
N GLU B 280 -23.93 5.69 -42.91
CA GLU B 280 -22.72 5.02 -43.40
C GLU B 280 -23.00 4.45 -44.78
N ALA B 281 -22.05 4.67 -45.70
CA ALA B 281 -22.27 4.62 -47.16
C ALA B 281 -22.89 3.34 -47.72
N ASN B 282 -22.46 2.19 -47.23
CA ASN B 282 -22.98 0.89 -47.65
C ASN B 282 -24.33 0.55 -47.07
N ASN B 283 -24.58 1.00 -45.83
CA ASN B 283 -25.89 0.85 -45.17
C ASN B 283 -26.90 1.76 -45.80
N LYS B 284 -26.49 3.02 -45.93
CA LYS B 284 -27.23 4.07 -46.61
C LYS B 284 -27.77 3.66 -47.99
N LYS B 285 -26.96 2.96 -48.78
CA LYS B 285 -27.33 2.50 -50.14
C LYS B 285 -28.49 1.49 -50.06
N LYS B 286 -28.44 0.63 -49.05
CA LYS B 286 -29.30 -0.53 -48.98
C LYS B 286 -30.64 -0.18 -48.34
N PHE B 287 -30.63 0.74 -47.35
CA PHE B 287 -31.79 0.97 -46.46
C PHE B 287 -32.46 2.34 -46.47
N LEU B 288 -31.73 3.40 -46.79
CA LEU B 288 -32.30 4.74 -46.81
C LEU B 288 -33.46 4.88 -47.82
N PRO B 289 -33.37 4.26 -49.00
CA PRO B 289 -34.47 4.43 -49.97
C PRO B 289 -35.78 3.79 -49.54
N GLY B 290 -35.71 2.67 -48.82
CA GLY B 290 -36.87 2.12 -48.13
C GLY B 290 -37.45 3.07 -47.09
N VAL B 291 -36.57 3.79 -46.39
CA VAL B 291 -36.92 4.71 -45.27
C VAL B 291 -37.56 5.96 -45.81
N LEU B 292 -36.92 6.56 -46.80
CA LEU B 292 -37.46 7.74 -47.45
C LEU B 292 -38.79 7.43 -48.14
N GLU B 293 -38.93 6.32 -48.88
CA GLU B 293 -40.24 5.99 -49.48
C GLU B 293 -41.36 5.99 -48.44
N GLU B 294 -41.03 5.53 -47.24
CA GLU B 294 -41.99 5.40 -46.14
C GLU B 294 -42.22 6.75 -45.45
N GLN B 295 -41.16 7.56 -45.35
CA GLN B 295 -41.30 8.93 -44.82
C GLN B 295 -42.18 9.82 -45.70
N GLU B 296 -42.20 9.55 -47.00
CA GLU B 296 -43.03 10.29 -47.96
C GLU B 296 -44.50 9.95 -47.75
N GLU B 297 -44.81 8.66 -47.82
CA GLU B 297 -46.18 8.20 -47.74
C GLU B 297 -46.87 8.73 -46.49
N ILE B 298 -46.13 8.80 -45.40
CA ILE B 298 -46.67 9.31 -44.15
C ILE B 298 -46.78 10.82 -44.20
N ARG B 299 -45.67 11.49 -44.45
CA ARG B 299 -45.67 12.95 -44.61
C ARG B 299 -46.82 13.46 -45.51
N LYS B 300 -47.17 12.68 -46.55
CA LYS B 300 -48.30 12.98 -47.43
C LYS B 300 -49.65 12.81 -46.74
N GLU B 301 -49.84 11.69 -46.04
CA GLU B 301 -51.12 11.40 -45.39
C GLU B 301 -51.49 12.41 -44.28
N PHE B 302 -50.47 12.85 -43.53
CA PHE B 302 -50.68 13.80 -42.44
C PHE B 302 -50.04 15.14 -42.76
N GLY B 303 -49.98 15.48 -44.04
CA GLY B 303 -49.46 16.77 -44.50
C GLY B 303 -48.38 17.45 -43.68
N ASP B 304 -47.23 16.80 -43.56
CA ASP B 304 -46.05 17.36 -42.84
C ASP B 304 -46.27 17.67 -41.34
N GLU B 305 -47.23 16.99 -40.71
CA GLU B 305 -47.48 17.10 -39.28
C GLU B 305 -47.24 15.72 -38.69
N LEU B 306 -46.60 15.70 -37.52
CA LEU B 306 -46.19 14.46 -36.89
C LEU B 306 -47.09 14.12 -35.74
N THR B 307 -48.32 13.70 -36.05
CA THR B 307 -49.17 13.01 -35.05
C THR B 307 -48.54 11.69 -34.64
N MET B 308 -48.97 11.13 -33.51
CA MET B 308 -48.50 9.82 -33.06
C MET B 308 -48.88 8.68 -34.03
N GLU B 309 -50.03 8.82 -34.68
CA GLU B 309 -50.43 7.84 -35.67
C GLU B 309 -49.34 7.82 -36.73
N ALA B 310 -48.90 9.02 -37.14
CA ALA B 310 -47.83 9.17 -38.12
C ALA B 310 -46.55 8.47 -37.64
N LEU B 311 -46.12 8.75 -36.41
CA LEU B 311 -44.91 8.13 -35.86
C LEU B 311 -45.03 6.64 -35.71
N ASN B 312 -46.21 6.13 -35.36
CA ASN B 312 -46.39 4.69 -35.21
C ASN B 312 -46.34 3.93 -36.53
N LYS B 313 -46.72 4.58 -37.62
CA LYS B 313 -46.68 3.93 -38.94
C LYS B 313 -45.29 3.80 -39.57
N MET B 314 -44.28 4.45 -38.99
CA MET B 314 -42.91 4.38 -39.49
C MET B 314 -42.22 3.08 -39.04
N ASP B 315 -42.57 1.96 -39.68
CA ASP B 315 -42.00 0.65 -39.31
C ASP B 315 -40.51 0.52 -39.67
N LYS B 316 -40.11 1.03 -40.83
CA LYS B 316 -38.71 0.97 -41.25
C LYS B 316 -37.81 1.84 -40.38
N LEU B 317 -38.17 3.10 -40.16
CA LEU B 317 -37.37 3.95 -39.29
C LEU B 317 -37.33 3.37 -37.88
N HIS B 318 -38.42 2.72 -37.45
CA HIS B 318 -38.47 1.96 -36.18
C HIS B 318 -37.46 0.82 -36.17
N ARG B 319 -37.50 0.00 -37.21
CA ARG B 319 -36.56 -1.12 -37.35
C ARG B 319 -35.11 -0.70 -37.48
N CYS B 320 -34.84 0.53 -37.89
CA CYS B 320 -33.49 1.09 -37.89
C CYS B 320 -33.00 1.54 -36.54
N VAL B 321 -33.94 1.89 -35.64
CA VAL B 321 -33.62 2.18 -34.25
C VAL B 321 -33.37 0.86 -33.53
N LYS B 322 -34.20 -0.14 -33.82
CA LYS B 322 -34.11 -1.42 -33.13
C LYS B 322 -32.80 -2.16 -33.44
N GLU B 323 -32.32 -2.02 -34.66
CA GLU B 323 -31.03 -2.57 -35.10
C GLU B 323 -29.85 -1.79 -34.52
N ALA B 324 -29.98 -0.48 -34.43
CA ALA B 324 -28.95 0.33 -33.80
C ALA B 324 -28.89 0.09 -32.29
N LEU B 325 -29.96 -0.46 -31.72
CA LEU B 325 -29.96 -0.91 -30.32
C LEU B 325 -29.37 -2.32 -30.17
N ARG B 326 -29.71 -3.22 -31.09
CA ARG B 326 -29.18 -4.59 -31.06
C ARG B 326 -27.66 -4.60 -31.17
N MET B 327 -27.13 -3.77 -32.04
CA MET B 327 -25.69 -3.70 -32.22
C MET B 327 -24.99 -2.98 -31.07
N TYR B 328 -25.51 -1.82 -30.67
CA TYR B 328 -24.83 -0.97 -29.67
C TYR B 328 -25.72 -0.50 -28.51
N PRO B 329 -26.25 -1.45 -27.73
CA PRO B 329 -27.06 -1.03 -26.61
C PRO B 329 -26.23 -0.18 -25.64
N PRO B 330 -26.90 0.76 -24.95
CA PRO B 330 -26.21 1.70 -24.10
C PRO B 330 -25.90 1.20 -22.72
N LEU B 331 -26.48 0.06 -22.31
CA LEU B 331 -26.17 -0.54 -21.02
C LEU B 331 -25.63 -1.93 -21.23
N LEU B 332 -24.40 -2.15 -20.77
CA LEU B 332 -23.70 -3.39 -21.07
C LEU B 332 -24.30 -4.54 -20.31
N PHE B 333 -24.64 -4.32 -19.04
CA PHE B 333 -25.23 -5.37 -18.21
C PHE B 333 -26.50 -4.93 -17.48
N VAL B 334 -27.28 -5.91 -17.05
CA VAL B 334 -28.38 -5.74 -16.10
C VAL B 334 -28.17 -6.77 -14.99
N MET B 335 -28.35 -6.38 -13.74
CA MET B 335 -27.84 -7.19 -12.64
C MET B 335 -28.91 -7.59 -11.62
N ARG B 336 -28.76 -8.76 -11.01
CA ARG B 336 -29.57 -9.15 -9.86
C ARG B 336 -28.71 -9.88 -8.84
N LYS B 337 -29.01 -9.71 -7.55
CA LYS B 337 -28.42 -10.53 -6.46
C LYS B 337 -29.43 -11.64 -6.18
N VAL B 338 -28.94 -12.87 -6.18
CA VAL B 338 -29.78 -14.04 -6.07
C VAL B 338 -30.14 -14.23 -4.60
N ILE B 339 -31.43 -14.45 -4.37
CA ILE B 339 -32.00 -14.59 -3.04
C ILE B 339 -32.39 -16.05 -2.85
N LYS B 340 -33.32 -16.54 -3.68
CA LYS B 340 -33.61 -17.97 -3.75
C LYS B 340 -32.69 -18.59 -4.83
N PRO B 341 -31.93 -19.64 -4.47
CA PRO B 341 -31.18 -20.44 -5.47
C PRO B 341 -32.06 -20.99 -6.59
N PHE B 342 -31.48 -21.14 -7.78
CA PHE B 342 -32.23 -21.59 -8.96
C PHE B 342 -31.39 -22.47 -9.86
N SER B 343 -32.06 -23.35 -10.58
CA SER B 343 -31.40 -24.34 -11.45
C SER B 343 -31.26 -23.83 -12.87
N TYR B 344 -30.25 -24.31 -13.59
CA TYR B 344 -30.16 -24.10 -15.05
C TYR B 344 -29.48 -25.28 -15.77
N LYS B 345 -30.24 -25.96 -16.63
CA LYS B 345 -29.79 -27.15 -17.36
C LYS B 345 -29.40 -28.28 -16.39
N ASP B 346 -28.19 -28.18 -15.85
CA ASP B 346 -27.66 -29.15 -14.91
C ASP B 346 -26.73 -28.42 -13.92
N TYR B 347 -27.06 -27.16 -13.62
CA TYR B 347 -26.22 -26.26 -12.83
C TYR B 347 -27.03 -25.66 -11.67
N TYR B 348 -26.30 -25.06 -10.75
CA TYR B 348 -26.89 -24.54 -9.54
C TYR B 348 -26.24 -23.19 -9.34
N VAL B 349 -27.05 -22.15 -9.32
CA VAL B 349 -26.58 -20.83 -8.95
C VAL B 349 -27.12 -20.59 -7.55
N PRO B 350 -26.22 -20.36 -6.59
CA PRO B 350 -26.63 -20.22 -5.20
C PRO B 350 -27.04 -18.81 -4.82
N GLU B 351 -27.63 -18.70 -3.63
CA GLU B 351 -27.89 -17.42 -2.99
C GLU B 351 -26.58 -16.64 -2.85
N GLY B 352 -26.67 -15.31 -2.88
CA GLY B 352 -25.50 -14.45 -2.67
C GLY B 352 -24.75 -14.11 -3.95
N ASP B 353 -24.72 -15.05 -4.91
CA ASP B 353 -24.26 -14.77 -6.29
C ASP B 353 -25.02 -13.58 -6.90
N THR B 354 -24.36 -12.87 -7.80
CA THR B 354 -24.95 -11.75 -8.51
C THR B 354 -24.98 -12.11 -9.98
N VAL B 355 -26.19 -12.27 -10.53
CA VAL B 355 -26.34 -12.63 -11.94
C VAL B 355 -26.38 -11.43 -12.93
N PHE B 356 -25.79 -11.64 -14.10
CA PHE B 356 -25.57 -10.64 -15.16
C PHE B 356 -26.14 -11.16 -16.45
N VAL B 357 -26.74 -10.26 -17.22
CA VAL B 357 -27.16 -10.54 -18.58
C VAL B 357 -26.60 -9.36 -19.35
N SER B 358 -25.91 -9.63 -20.47
CA SER B 358 -25.32 -8.55 -21.26
C SER B 358 -26.07 -8.33 -22.55
N PRO B 359 -26.99 -7.34 -22.62
CA PRO B 359 -27.70 -7.17 -23.86
C PRO B 359 -26.78 -7.00 -25.05
N ALA B 360 -25.61 -6.39 -24.80
CA ALA B 360 -24.57 -6.27 -25.82
C ALA B 360 -24.22 -7.64 -26.44
N LEU B 361 -23.65 -8.51 -25.60
CA LEU B 361 -23.20 -9.86 -25.98
C LEU B 361 -24.34 -10.78 -26.46
N SER B 362 -25.37 -10.90 -25.65
CA SER B 362 -26.47 -11.80 -25.91
C SER B 362 -27.20 -11.59 -27.23
N MET B 363 -27.00 -10.41 -27.83
CA MET B 363 -27.51 -10.08 -29.16
C MET B 363 -26.41 -10.01 -30.26
N ARG B 364 -25.22 -10.57 -29.98
CA ARG B 364 -24.19 -10.88 -31.01
C ARG B 364 -24.04 -12.39 -31.23
N VAL B 365 -24.85 -13.17 -30.53
CA VAL B 365 -24.82 -14.60 -30.59
C VAL B 365 -25.33 -15.03 -31.96
N GLU B 366 -24.41 -15.53 -32.80
CA GLU B 366 -24.69 -15.90 -34.20
C GLU B 366 -25.80 -16.94 -34.37
N GLU B 367 -25.97 -17.81 -33.38
CA GLU B 367 -27.09 -18.76 -33.33
C GLU B 367 -28.46 -18.06 -33.29
N VAL B 368 -28.49 -16.85 -32.76
CA VAL B 368 -29.73 -16.06 -32.63
C VAL B 368 -29.90 -15.06 -33.76
N PHE B 369 -28.83 -14.31 -34.04
CA PHE B 369 -28.86 -13.22 -35.03
C PHE B 369 -27.84 -13.48 -36.16
N PRO B 370 -28.23 -14.28 -37.17
CA PRO B 370 -27.41 -14.43 -38.37
C PRO B 370 -26.81 -13.13 -38.89
N ASN B 371 -25.50 -13.11 -39.10
CA ASN B 371 -24.75 -11.93 -39.53
C ASN B 371 -24.82 -10.79 -38.52
N ALA B 372 -24.41 -11.15 -37.31
CA ALA B 372 -24.62 -10.35 -36.12
C ALA B 372 -23.77 -9.09 -36.05
N ASP B 373 -22.71 -8.99 -36.86
CA ASP B 373 -21.96 -7.72 -36.93
C ASP B 373 -22.39 -6.83 -38.11
N GLN B 374 -23.50 -7.22 -38.78
CA GLN B 374 -24.04 -6.49 -39.93
C GLN B 374 -25.38 -5.80 -39.67
N TYR B 375 -25.43 -4.50 -39.97
CA TYR B 375 -26.63 -3.66 -39.91
C TYR B 375 -27.60 -4.08 -41.01
N ASN B 376 -28.57 -4.92 -40.64
CA ASN B 376 -29.69 -5.28 -41.50
C ASN B 376 -31.00 -5.12 -40.72
N PRO B 377 -31.54 -3.87 -40.67
CA PRO B 377 -32.79 -3.55 -39.97
C PRO B 377 -33.97 -4.43 -40.31
N GLU B 378 -34.03 -4.93 -41.54
CA GLU B 378 -35.18 -5.72 -41.97
C GLU B 378 -35.12 -7.17 -41.47
N ARG B 379 -34.01 -7.55 -40.82
CA ARG B 379 -33.95 -8.81 -40.04
C ARG B 379 -35.17 -8.99 -39.11
N PHE B 380 -35.72 -7.88 -38.63
CA PHE B 380 -36.87 -7.86 -37.71
C PHE B 380 -38.23 -8.12 -38.34
N VAL B 381 -38.31 -8.24 -39.66
CA VAL B 381 -39.58 -8.63 -40.29
C VAL B 381 -39.90 -10.06 -39.86
N GLU B 382 -38.87 -10.90 -39.85
CA GLU B 382 -38.93 -12.29 -39.38
C GLU B 382 -38.78 -12.40 -37.86
N GLU B 383 -37.71 -11.81 -37.33
CA GLU B 383 -37.39 -11.87 -35.90
C GLU B 383 -38.56 -11.50 -34.97
N ASP B 384 -39.35 -10.50 -35.32
CA ASP B 384 -40.46 -10.08 -34.46
C ASP B 384 -41.54 -11.12 -34.34
N LYS B 385 -41.81 -11.84 -35.43
CA LYS B 385 -42.81 -12.91 -35.40
C LYS B 385 -42.29 -14.27 -34.89
N GLN B 386 -41.00 -14.37 -34.56
CA GLN B 386 -40.46 -15.54 -33.82
C GLN B 386 -41.10 -15.61 -32.44
N ALA B 387 -41.26 -16.82 -31.91
CA ALA B 387 -41.99 -17.04 -30.64
C ALA B 387 -41.08 -17.02 -29.40
N GLN B 388 -40.08 -17.92 -29.35
CA GLN B 388 -39.14 -18.01 -28.23
C GLN B 388 -38.79 -16.66 -27.60
N LYS B 389 -39.02 -16.53 -26.30
CA LYS B 389 -38.80 -15.27 -25.59
C LYS B 389 -37.31 -14.98 -25.32
N TYR B 390 -37.06 -13.71 -24.99
CA TYR B 390 -35.77 -13.19 -24.51
C TYR B 390 -34.63 -13.27 -25.52
N ARG B 391 -34.95 -13.15 -26.81
CA ARG B 391 -33.92 -13.16 -27.86
C ARG B 391 -33.31 -11.78 -27.98
N PHE B 392 -34.19 -10.78 -28.12
CA PHE B 392 -33.84 -9.36 -28.18
C PHE B 392 -34.09 -8.79 -26.81
N VAL B 393 -33.05 -8.28 -26.15
CA VAL B 393 -33.16 -7.89 -24.72
C VAL B 393 -32.64 -6.48 -24.45
N GLY B 394 -32.77 -5.61 -25.44
CA GLY B 394 -32.20 -4.27 -25.34
C GLY B 394 -32.90 -3.41 -24.32
N PHE B 395 -34.21 -3.63 -24.20
CA PHE B 395 -35.05 -3.04 -23.18
C PHE B 395 -35.37 -4.07 -22.10
N GLY B 396 -34.52 -5.07 -21.93
CA GLY B 396 -34.82 -6.18 -21.01
C GLY B 396 -36.16 -6.84 -21.30
N ALA B 397 -36.70 -7.50 -20.29
CA ALA B 397 -37.94 -8.25 -20.41
C ALA B 397 -38.59 -8.45 -19.04
N GLY B 398 -39.73 -9.14 -19.01
CA GLY B 398 -40.37 -9.61 -17.77
C GLY B 398 -40.79 -8.52 -16.81
N ARG B 399 -41.00 -8.92 -15.55
CA ARG B 399 -41.38 -8.01 -14.43
C ARG B 399 -40.83 -6.58 -14.52
N HIS B 400 -39.54 -6.40 -14.81
CA HIS B 400 -38.89 -5.10 -14.75
C HIS B 400 -38.43 -4.61 -16.10
N GLY B 401 -39.22 -4.86 -17.14
CA GLY B 401 -38.91 -4.38 -18.47
C GLY B 401 -38.99 -2.87 -18.58
N CYS B 402 -38.15 -2.30 -19.43
CA CYS B 402 -38.12 -0.85 -19.64
C CYS B 402 -39.49 -0.33 -19.92
N MET B 403 -39.88 0.66 -19.11
CA MET B 403 -41.16 1.32 -19.27
C MET B 403 -41.09 2.52 -20.18
N GLY B 404 -39.89 3.06 -20.39
CA GLY B 404 -39.70 4.12 -21.36
C GLY B 404 -39.54 3.68 -22.82
N GLU B 405 -39.73 2.38 -23.11
CA GLU B 405 -39.54 1.83 -24.47
C GLU B 405 -40.28 2.65 -25.51
N ASN B 406 -41.62 2.63 -25.44
CA ASN B 406 -42.45 3.39 -26.39
C ASN B 406 -42.07 4.88 -26.46
N PHE B 407 -41.66 5.45 -25.34
CA PHE B 407 -41.24 6.84 -25.30
C PHE B 407 -39.97 7.04 -26.10
N ALA B 408 -39.02 6.14 -25.91
CA ALA B 408 -37.71 6.25 -26.58
C ALA B 408 -37.82 6.14 -28.10
N TYR B 409 -38.66 5.22 -28.60
CA TYR B 409 -38.92 5.13 -30.06
C TYR B 409 -39.53 6.43 -30.61
N LEU B 410 -40.54 6.97 -29.91
CA LEU B 410 -41.24 8.17 -30.39
C LEU B 410 -40.31 9.36 -30.39
N GLN B 411 -39.45 9.47 -29.37
CA GLN B 411 -38.45 10.55 -29.33
C GLN B 411 -37.46 10.43 -30.50
N ILE B 412 -36.96 9.22 -30.72
CA ILE B 412 -35.94 8.97 -31.75
C ILE B 412 -36.53 8.97 -33.18
N LYS B 413 -37.66 8.30 -33.40
CA LYS B 413 -38.40 8.41 -34.69
C LYS B 413 -38.71 9.87 -35.08
N THR B 414 -39.19 10.64 -34.12
CA THR B 414 -39.44 12.06 -34.30
C THR B 414 -38.17 12.82 -34.70
N ILE B 415 -37.10 12.62 -33.95
CA ILE B 415 -35.83 13.28 -34.26
C ILE B 415 -35.42 13.00 -35.70
N TRP B 416 -35.39 11.72 -36.09
CA TRP B 416 -34.91 11.35 -37.43
C TRP B 416 -35.89 11.71 -38.54
N SER B 417 -37.18 11.56 -38.32
CA SER B 417 -38.13 12.05 -39.33
C SER B 417 -37.90 13.56 -39.67
N VAL B 418 -37.73 14.40 -38.65
CA VAL B 418 -37.51 15.83 -38.86
C VAL B 418 -36.24 16.08 -39.63
N LEU B 419 -35.15 15.42 -39.25
CA LEU B 419 -33.88 15.60 -39.97
C LEU B 419 -33.92 15.16 -41.44
N LEU B 420 -34.46 13.96 -41.72
CA LEU B 420 -34.58 13.46 -43.10
C LEU B 420 -35.36 14.41 -43.99
N ARG B 421 -36.54 14.85 -43.53
CA ARG B 421 -37.40 15.71 -44.33
C ARG B 421 -36.79 17.11 -44.56
N ASN B 422 -35.80 17.50 -43.76
CA ASN B 422 -35.20 18.82 -43.88
C ASN B 422 -33.71 18.84 -44.26
N PHE B 423 -33.07 17.68 -44.42
CA PHE B 423 -31.65 17.66 -44.72
C PHE B 423 -31.22 16.52 -45.61
N ASP B 424 -30.05 16.71 -46.21
CA ASP B 424 -29.29 15.64 -46.83
C ASP B 424 -28.10 15.46 -45.91
N ILE B 425 -27.98 14.24 -45.41
CA ILE B 425 -27.05 13.94 -44.34
C ILE B 425 -26.11 12.92 -44.89
N GLU B 426 -24.82 13.16 -44.66
CA GLU B 426 -23.80 12.24 -45.07
C GLU B 426 -22.84 12.07 -43.90
N LEU B 427 -22.54 10.82 -43.57
CA LEU B 427 -21.59 10.52 -42.50
C LEU B 427 -20.16 10.94 -42.85
N VAL B 428 -19.61 11.97 -42.19
CA VAL B 428 -18.17 12.28 -42.24
C VAL B 428 -17.40 11.14 -41.58
N GLY B 429 -16.25 10.79 -42.15
CA GLY B 429 -15.32 9.87 -41.51
C GLY B 429 -15.79 8.43 -41.57
N GLU B 430 -15.10 7.59 -40.80
CA GLU B 430 -15.44 6.16 -40.66
C GLU B 430 -16.57 6.07 -39.63
N LEU B 431 -17.38 5.01 -39.67
CA LEU B 431 -18.43 4.82 -38.64
C LEU B 431 -17.76 4.75 -37.27
N PRO B 432 -18.16 5.59 -36.30
CA PRO B 432 -17.30 5.68 -35.13
C PRO B 432 -17.46 4.46 -34.21
N LYS B 433 -16.48 4.34 -33.33
CA LYS B 433 -16.28 3.13 -32.55
C LYS B 433 -17.07 3.26 -31.26
N PRO B 434 -17.77 2.19 -30.83
CA PRO B 434 -18.40 2.28 -29.50
C PRO B 434 -17.35 2.41 -28.38
N ASP B 435 -17.74 3.06 -27.29
CA ASP B 435 -16.87 3.37 -26.18
C ASP B 435 -17.45 2.61 -24.99
N TYR B 436 -17.08 1.33 -24.91
CA TYR B 436 -17.58 0.43 -23.86
C TYR B 436 -16.94 0.63 -22.45
N THR B 437 -15.86 1.40 -22.37
CA THR B 437 -15.21 1.74 -21.10
C THR B 437 -15.56 3.14 -20.59
N ALA B 438 -16.35 3.88 -21.38
CA ALA B 438 -16.97 5.13 -20.90
C ALA B 438 -18.10 4.77 -19.96
N MET B 439 -18.44 5.74 -19.14
CA MET B 439 -19.52 5.57 -18.18
C MET B 439 -20.89 5.62 -18.89
N VAL B 440 -20.96 6.31 -20.04
CA VAL B 440 -22.12 6.29 -20.90
C VAL B 440 -21.70 5.60 -22.21
N VAL B 441 -22.20 4.39 -22.44
CA VAL B 441 -21.75 3.59 -23.57
C VAL B 441 -22.46 3.96 -24.87
N GLY B 442 -21.78 4.80 -25.65
CA GLY B 442 -22.27 5.18 -26.95
C GLY B 442 -21.15 5.35 -27.97
N PRO B 443 -21.47 5.91 -29.14
CA PRO B 443 -20.46 6.16 -30.15
C PRO B 443 -19.53 7.25 -29.68
N ALA B 444 -18.24 7.06 -29.91
CA ALA B 444 -17.22 7.94 -29.36
C ALA B 444 -17.17 9.23 -30.16
N HIS B 445 -16.96 10.33 -29.43
CA HIS B 445 -16.82 11.65 -30.03
C HIS B 445 -15.41 11.76 -30.66
N PRO B 446 -15.26 12.39 -31.83
CA PRO B 446 -16.35 13.00 -32.57
C PRO B 446 -17.13 11.98 -33.41
N CYS B 447 -18.43 12.24 -33.53
CA CYS B 447 -19.32 11.51 -34.43
C CYS B 447 -20.00 12.57 -35.29
N LEU B 448 -19.27 13.00 -36.31
CA LEU B 448 -19.66 14.11 -37.16
C LEU B 448 -20.59 13.65 -38.27
N LEU B 449 -21.52 14.54 -38.63
CA LEU B 449 -22.33 14.38 -39.82
C LEU B 449 -22.18 15.64 -40.66
N ARG B 450 -22.26 15.47 -41.98
CA ARG B 450 -22.32 16.58 -42.93
C ARG B 450 -23.81 16.76 -43.27
N TYR B 451 -24.31 17.99 -43.17
CA TYR B 451 -25.71 18.26 -43.47
C TYR B 451 -25.84 19.41 -44.47
N THR B 452 -26.78 19.26 -45.41
CA THR B 452 -27.16 20.37 -46.29
C THR B 452 -28.68 20.32 -46.56
N ARG B 453 -29.32 21.49 -46.56
CA ARG B 453 -30.79 21.58 -46.68
C ARG B 453 -31.30 21.25 -48.07
N LYS B 454 -32.61 21.12 -48.22
CA LYS B 454 -33.16 20.62 -49.49
C LYS B 454 -33.56 21.75 -50.47
N HIS B 455 -33.23 21.57 -51.75
CA HIS B 455 -33.51 22.55 -52.81
C HIS B 455 -34.69 22.10 -53.66
N GLY C 9 31.26 -13.09 -24.74
CA GLY C 9 29.77 -13.18 -24.87
C GLY C 9 29.01 -12.21 -23.97
N LYS C 10 27.83 -11.76 -24.43
CA LYS C 10 26.90 -10.92 -23.64
C LYS C 10 25.56 -11.67 -23.43
N LEU C 11 24.68 -11.11 -22.58
CA LEU C 11 23.48 -11.81 -22.08
C LEU C 11 22.48 -12.13 -23.21
N PRO C 12 21.43 -12.92 -22.93
CA PRO C 12 20.34 -13.06 -23.91
C PRO C 12 19.45 -11.80 -24.07
N PRO C 13 18.57 -11.79 -25.10
CA PRO C 13 17.73 -10.62 -25.36
C PRO C 13 16.63 -10.51 -24.34
N VAL C 14 16.51 -9.33 -23.73
CA VAL C 14 15.67 -9.10 -22.56
C VAL C 14 14.27 -8.64 -23.04
N VAL C 15 13.19 -9.19 -22.46
CA VAL C 15 11.82 -8.91 -22.94
C VAL C 15 11.34 -7.60 -22.33
N SER C 16 10.75 -6.78 -23.21
CA SER C 16 10.61 -5.31 -23.08
C SER C 16 10.23 -4.65 -21.73
N SER C 17 8.98 -4.86 -21.32
CA SER C 17 8.24 -4.07 -20.30
C SER C 17 8.59 -2.58 -19.93
N LEU C 18 7.52 -1.80 -19.84
CA LEU C 18 7.57 -0.44 -19.38
C LEU C 18 7.05 -0.26 -17.95
N ILE C 19 6.40 -1.29 -17.36
CA ILE C 19 5.83 -1.16 -16.01
C ILE C 19 6.97 -1.31 -14.98
N PRO C 20 7.29 -0.25 -14.22
CA PRO C 20 8.35 -0.32 -13.22
C PRO C 20 8.24 -1.53 -12.29
N PHE C 21 9.38 -2.15 -11.99
CA PHE C 21 9.46 -3.28 -11.05
C PHE C 21 8.68 -4.51 -11.48
N VAL C 22 7.35 -4.46 -11.48
CA VAL C 22 6.58 -5.63 -11.89
C VAL C 22 7.06 -6.19 -13.24
N GLY C 23 7.54 -5.32 -14.13
CA GLY C 23 8.08 -5.74 -15.41
C GLY C 23 7.10 -6.65 -16.13
N SER C 24 7.60 -7.70 -16.76
CA SER C 24 6.73 -8.62 -17.51
C SER C 24 5.68 -9.33 -16.64
N GLY C 25 5.84 -9.24 -15.30
CA GLY C 25 4.88 -9.73 -14.30
C GLY C 25 3.41 -9.72 -14.63
N LEU C 26 2.79 -8.54 -14.53
CA LEU C 26 1.35 -8.41 -14.72
C LEU C 26 0.92 -8.96 -16.11
N SER C 27 1.68 -8.69 -17.17
CA SER C 27 1.34 -9.20 -18.53
C SER C 27 1.53 -10.72 -18.70
N PHE C 28 2.56 -11.24 -18.02
CA PHE C 28 2.85 -12.67 -18.06
C PHE C 28 1.64 -13.37 -17.47
N ALA C 29 1.33 -13.08 -16.20
CA ALA C 29 0.11 -13.58 -15.57
C ALA C 29 -1.11 -13.15 -16.41
N GLY C 30 -2.13 -14.00 -16.46
CA GLY C 30 -3.32 -13.66 -17.26
C GLY C 30 -3.19 -13.82 -18.77
N GLY C 31 -2.01 -14.18 -19.24
CA GLY C 31 -1.84 -14.80 -20.55
C GLY C 31 -0.43 -15.40 -20.68
N PRO C 32 -0.05 -16.32 -19.78
CA PRO C 32 1.35 -16.70 -19.63
C PRO C 32 1.86 -17.62 -20.74
N LEU C 33 1.00 -18.43 -21.34
CA LEU C 33 1.35 -19.10 -22.60
C LEU C 33 1.38 -18.09 -23.75
N GLN C 34 0.26 -17.38 -23.90
CA GLN C 34 0.07 -16.41 -24.98
C GLN C 34 1.09 -15.27 -25.01
N TYR C 35 1.66 -14.91 -23.86
CA TYR C 35 2.62 -13.80 -23.75
C TYR C 35 4.05 -14.20 -23.99
N THR C 36 4.34 -15.47 -23.74
CA THR C 36 5.64 -16.07 -24.00
C THR C 36 5.77 -16.41 -25.50
N THR C 37 4.68 -16.88 -26.11
CA THR C 37 4.63 -17.11 -27.56
C THR C 37 4.95 -15.82 -28.28
N ASP C 38 4.32 -14.74 -27.83
CA ASP C 38 4.59 -13.44 -28.40
C ASP C 38 6.05 -13.06 -28.20
N ALA C 39 6.58 -13.25 -27.00
CA ALA C 39 8.01 -12.96 -26.72
C ALA C 39 8.98 -13.71 -27.64
N TYR C 40 8.59 -14.91 -28.07
CA TYR C 40 9.39 -15.76 -28.98
C TYR C 40 9.28 -15.35 -30.47
N LYS C 41 8.07 -14.97 -30.91
CA LYS C 41 7.85 -14.36 -32.24
C LYS C 41 8.48 -12.96 -32.37
N LYS C 42 8.99 -12.39 -31.28
CA LYS C 42 9.67 -11.09 -31.25
C LYS C 42 11.14 -11.15 -30.75
N TYR C 43 11.57 -12.25 -30.11
CA TYR C 43 13.01 -12.41 -29.74
C TYR C 43 13.68 -13.80 -30.06
N GLY C 44 12.90 -14.83 -30.43
CA GLY C 44 13.41 -16.19 -30.74
C GLY C 44 14.02 -17.03 -29.62
N ASP C 45 13.98 -18.36 -29.77
CA ASP C 45 14.79 -19.32 -28.98
C ASP C 45 15.14 -19.01 -27.53
N ILE C 46 16.00 -18.01 -27.30
CA ILE C 46 16.39 -17.60 -25.94
C ILE C 46 16.05 -16.13 -25.65
N PHE C 47 15.51 -15.84 -24.45
CA PHE C 47 15.19 -14.47 -23.98
C PHE C 47 14.82 -14.37 -22.51
N THR C 48 15.15 -13.25 -21.87
CA THR C 48 14.94 -13.10 -20.42
C THR C 48 13.81 -12.11 -20.06
N MET C 49 12.76 -12.57 -19.38
CA MET C 49 11.77 -11.66 -18.75
C MET C 49 12.29 -11.27 -17.40
N LYS C 50 12.23 -9.99 -17.07
CA LYS C 50 12.42 -9.57 -15.68
C LYS C 50 11.06 -9.46 -14.99
N VAL C 51 11.05 -9.88 -13.74
CA VAL C 51 9.88 -9.84 -12.87
C VAL C 51 10.41 -9.49 -11.48
N PHE C 52 10.02 -8.34 -10.95
CA PHE C 52 10.59 -7.79 -9.70
C PHE C 52 12.09 -8.00 -9.66
N GLY C 53 12.77 -7.53 -10.71
CA GLY C 53 14.23 -7.67 -10.85
C GLY C 53 14.72 -9.08 -10.58
N GLN C 54 14.28 -10.02 -11.42
CA GLN C 54 14.60 -11.44 -11.24
C GLN C 54 14.54 -12.13 -12.60
N ARG C 55 15.74 -12.38 -13.15
CA ARG C 55 15.89 -12.82 -14.54
C ARG C 55 15.24 -14.17 -14.79
N LEU C 56 14.20 -14.21 -15.62
CA LEU C 56 13.58 -15.47 -16.07
C LEU C 56 13.89 -15.75 -17.53
N THR C 57 14.99 -16.44 -17.77
CA THR C 57 15.43 -16.81 -19.13
C THR C 57 14.60 -17.97 -19.71
N PHE C 58 14.42 -17.98 -21.02
CA PHE C 58 13.53 -18.96 -21.67
C PHE C 58 14.22 -19.72 -22.77
N LEU C 59 13.62 -20.85 -23.15
CA LEU C 59 14.23 -21.78 -24.09
C LEU C 59 13.10 -22.44 -24.82
N VAL C 60 13.16 -22.41 -26.14
CA VAL C 60 12.11 -22.97 -26.96
C VAL C 60 12.74 -23.76 -28.09
N GLY C 61 12.25 -24.98 -28.25
CA GLY C 61 12.67 -25.88 -29.32
C GLY C 61 14.05 -26.55 -29.16
N PRO C 62 14.21 -27.74 -29.80
CA PRO C 62 15.30 -28.70 -29.65
C PRO C 62 16.69 -28.18 -29.29
N ASP C 63 17.10 -27.09 -29.93
CA ASP C 63 18.46 -26.63 -29.78
C ASP C 63 18.60 -25.96 -28.42
N ALA C 64 17.71 -25.01 -28.11
CA ALA C 64 17.75 -24.32 -26.80
C ALA C 64 17.30 -25.21 -25.62
N HIS C 65 16.56 -26.27 -25.93
CA HIS C 65 16.32 -27.36 -24.97
C HIS C 65 17.59 -28.00 -24.38
N VAL C 66 18.68 -28.03 -25.15
CA VAL C 66 19.89 -28.76 -24.77
C VAL C 66 20.38 -28.46 -23.36
N PRO C 67 20.82 -27.23 -23.07
CA PRO C 67 21.42 -27.03 -21.72
C PRO C 67 20.52 -27.40 -20.50
N PHE C 68 19.20 -27.38 -20.70
CA PHE C 68 18.19 -27.64 -19.67
C PHE C 68 18.14 -29.12 -19.25
N PHE C 69 17.83 -29.98 -20.23
CA PHE C 69 17.67 -31.43 -20.00
C PHE C 69 19.01 -32.23 -19.93
N SER C 70 20.04 -31.75 -20.64
CA SER C 70 21.38 -32.38 -20.63
C SER C 70 22.09 -32.28 -19.29
N GLN C 71 22.46 -31.07 -18.87
CA GLN C 71 23.13 -30.83 -17.55
C GLN C 71 22.43 -31.52 -16.33
N GLY C 72 23.02 -31.39 -15.15
CA GLY C 72 22.53 -32.08 -13.95
C GLY C 72 22.67 -31.25 -12.70
N ASP C 73 22.56 -31.90 -11.54
CA ASP C 73 22.11 -31.21 -10.30
C ASP C 73 23.09 -30.27 -9.55
N ALA C 74 24.32 -30.11 -10.05
CA ALA C 74 25.23 -29.05 -9.59
C ALA C 74 25.01 -27.77 -10.39
N GLU C 75 24.57 -27.91 -11.63
CA GLU C 75 24.40 -26.80 -12.54
C GLU C 75 22.98 -26.21 -12.51
N LEU C 76 21.99 -27.10 -12.62
CA LEU C 76 20.57 -26.75 -12.68
C LEU C 76 19.74 -27.34 -11.51
N SER C 77 19.69 -26.61 -10.39
CA SER C 77 18.85 -26.95 -9.20
C SER C 77 17.34 -26.98 -9.52
N GLN C 78 16.59 -27.92 -8.92
CA GLN C 78 15.11 -27.88 -8.92
C GLN C 78 14.54 -27.27 -7.64
N ASP C 79 15.41 -27.01 -6.65
CA ASP C 79 15.02 -26.48 -5.34
C ASP C 79 14.24 -25.19 -5.40
N GLU C 80 14.90 -24.09 -5.81
CA GLU C 80 14.27 -22.75 -5.75
C GLU C 80 12.90 -22.67 -6.44
N PRO C 81 12.80 -23.15 -7.69
CA PRO C 81 11.54 -23.07 -8.43
C PRO C 81 10.40 -23.88 -7.85
N TYR C 82 10.63 -25.14 -7.52
CA TYR C 82 9.54 -26.01 -7.06
C TYR C 82 9.28 -25.95 -5.54
N GLN C 83 9.85 -24.97 -4.84
CA GLN C 83 9.60 -24.80 -3.41
C GLN C 83 8.15 -24.52 -3.06
N PHE C 84 7.29 -24.29 -4.06
CA PHE C 84 5.85 -24.21 -3.81
C PHE C 84 5.26 -25.54 -3.35
N SER C 85 5.91 -26.65 -3.70
CA SER C 85 5.38 -28.01 -3.45
C SER C 85 5.67 -28.54 -2.04
N VAL C 86 6.59 -27.89 -1.33
CA VAL C 86 7.10 -28.43 -0.08
C VAL C 86 6.08 -28.47 1.09
N PRO C 87 5.14 -27.50 1.17
CA PRO C 87 4.07 -27.59 2.19
C PRO C 87 2.84 -28.43 1.80
N ILE C 88 2.79 -28.85 0.54
CA ILE C 88 1.74 -29.71 -0.01
C ILE C 88 2.12 -31.17 0.24
N PHE C 89 3.33 -31.53 -0.16
CA PHE C 89 3.95 -32.78 0.28
C PHE C 89 4.42 -32.46 1.69
N GLY C 90 5.01 -33.40 2.40
CA GLY C 90 5.63 -33.03 3.69
C GLY C 90 6.96 -32.27 3.58
N PRO C 91 7.55 -31.88 4.75
CA PRO C 91 8.97 -31.51 4.75
C PRO C 91 9.81 -32.75 4.53
N ASN C 92 10.99 -32.55 3.94
CA ASN C 92 11.90 -33.61 3.49
C ASN C 92 11.30 -34.63 2.52
N VAL C 93 10.36 -34.20 1.68
CA VAL C 93 9.81 -35.08 0.65
C VAL C 93 9.94 -34.45 -0.72
N VAL C 94 10.41 -35.25 -1.67
CA VAL C 94 10.87 -34.79 -2.97
C VAL C 94 11.67 -33.50 -2.77
N TYR C 95 11.19 -32.34 -3.24
CA TYR C 95 12.03 -31.14 -3.35
C TYR C 95 12.27 -30.49 -1.99
N GLY C 96 11.61 -30.99 -0.94
CA GLY C 96 11.90 -30.62 0.44
C GLY C 96 13.16 -31.28 0.99
N ALA C 97 13.43 -32.50 0.52
CA ALA C 97 14.62 -33.27 0.91
C ALA C 97 15.87 -32.72 0.27
N ASP C 98 17.00 -32.87 0.96
CA ASP C 98 18.30 -32.55 0.35
C ASP C 98 18.64 -33.58 -0.74
N LEU C 99 19.71 -33.30 -1.46
CA LEU C 99 19.92 -33.83 -2.80
C LEU C 99 20.13 -35.32 -2.73
N ALA C 100 21.05 -35.72 -1.85
CA ALA C 100 21.28 -37.10 -1.48
C ALA C 100 19.96 -37.88 -1.32
N HIS C 101 19.19 -37.55 -0.26
CA HIS C 101 17.93 -38.24 0.04
C HIS C 101 16.96 -38.25 -1.14
N ARG C 102 16.86 -37.13 -1.86
CA ARG C 102 15.88 -36.99 -2.96
C ARG C 102 16.00 -38.03 -4.09
N ASN C 103 17.23 -38.32 -4.50
CA ASN C 103 17.48 -39.27 -5.60
C ASN C 103 17.11 -40.69 -5.19
N GLN C 104 17.24 -40.94 -3.89
CA GLN C 104 16.82 -42.21 -3.31
C GLN C 104 15.31 -42.27 -3.39
N GLN C 105 14.66 -41.23 -2.88
CA GLN C 105 13.21 -41.16 -2.92
C GLN C 105 12.70 -41.42 -4.35
N LEU C 106 13.36 -40.77 -5.30
CA LEU C 106 13.03 -40.95 -6.70
C LEU C 106 13.27 -42.40 -7.17
N LYS C 107 14.36 -43.01 -6.72
CA LYS C 107 14.57 -44.45 -6.94
C LYS C 107 13.39 -45.25 -6.39
N PHE C 108 12.97 -44.95 -5.15
CA PHE C 108 11.82 -45.64 -4.52
C PHE C 108 10.52 -45.46 -5.31
N ILE C 109 10.30 -44.22 -5.73
CA ILE C 109 9.15 -43.90 -6.57
C ILE C 109 9.28 -44.68 -7.87
N ALA C 110 10.50 -44.64 -8.41
CA ALA C 110 10.82 -45.29 -9.68
C ALA C 110 10.54 -46.77 -9.60
N ALA C 111 10.93 -47.35 -8.46
CA ALA C 111 10.67 -48.75 -8.18
C ALA C 111 9.19 -49.03 -8.11
N SER C 112 8.48 -48.22 -7.32
CA SER C 112 7.03 -48.38 -7.13
C SER C 112 6.24 -48.31 -8.44
N LEU C 113 6.86 -47.69 -9.46
CA LEU C 113 6.30 -47.63 -10.79
C LEU C 113 7.19 -48.31 -11.88
N SER C 114 8.00 -49.31 -11.50
CA SER C 114 8.77 -50.09 -12.47
C SER C 114 7.81 -50.88 -13.36
N THR C 115 8.23 -51.18 -14.58
CA THR C 115 7.38 -51.96 -15.50
C THR C 115 6.94 -53.29 -14.85
N LYS C 116 7.80 -53.84 -13.99
CA LYS C 116 7.43 -54.93 -13.06
C LYS C 116 6.15 -54.56 -12.29
N ALA C 117 6.26 -53.58 -11.38
CA ALA C 117 5.12 -53.09 -10.57
C ALA C 117 3.87 -52.87 -11.43
N LEU C 118 4.07 -52.13 -12.52
CA LEU C 118 3.00 -51.71 -13.43
C LEU C 118 2.14 -52.89 -13.85
N GLN C 119 2.78 -53.97 -14.29
CA GLN C 119 2.10 -55.22 -14.68
C GLN C 119 1.01 -55.64 -13.70
N SER C 120 1.37 -55.64 -12.42
CA SER C 120 0.49 -56.16 -11.37
C SER C 120 -0.57 -55.16 -10.88
N TYR C 121 -0.43 -53.86 -11.21
CA TYR C 121 -1.51 -52.86 -10.96
C TYR C 121 -2.63 -52.95 -12.00
N VAL C 122 -2.26 -53.36 -13.22
CA VAL C 122 -3.12 -53.38 -14.42
C VAL C 122 -4.57 -53.92 -14.24
N PRO C 123 -4.74 -55.11 -13.64
CA PRO C 123 -6.13 -55.61 -13.49
C PRO C 123 -6.97 -54.93 -12.39
N LEU C 124 -6.37 -54.06 -11.58
CA LEU C 124 -7.10 -53.17 -10.67
C LEU C 124 -7.49 -51.91 -11.40
N ILE C 125 -6.56 -51.40 -12.21
CA ILE C 125 -6.84 -50.30 -13.14
C ILE C 125 -8.04 -50.63 -14.05
N VAL C 126 -8.07 -51.85 -14.57
CA VAL C 126 -9.14 -52.34 -15.43
C VAL C 126 -10.45 -52.60 -14.68
N LYS C 127 -10.38 -53.23 -13.50
CA LYS C 127 -11.60 -53.54 -12.70
C LYS C 127 -12.24 -52.23 -12.26
N GLU C 128 -11.40 -51.24 -11.92
CA GLU C 128 -11.87 -49.89 -11.66
C GLU C 128 -12.58 -49.32 -12.88
N ALA C 129 -11.82 -49.08 -13.96
CA ALA C 129 -12.39 -48.62 -15.24
C ALA C 129 -13.78 -49.18 -15.51
N GLU C 130 -13.89 -50.51 -15.46
CA GLU C 130 -15.13 -51.19 -15.82
C GLU C 130 -16.26 -51.00 -14.81
N ASP C 131 -15.94 -51.12 -13.51
CA ASP C 131 -16.94 -50.90 -12.43
C ASP C 131 -17.57 -49.51 -12.50
N PHE C 132 -16.74 -48.54 -12.84
CA PHE C 132 -17.18 -47.15 -13.04
C PHE C 132 -18.16 -47.05 -14.19
N PHE C 133 -17.72 -47.47 -15.38
CA PHE C 133 -18.50 -47.31 -16.61
C PHE C 133 -19.68 -48.29 -16.73
N ALA C 134 -19.63 -49.38 -15.97
CA ALA C 134 -20.79 -50.27 -15.80
C ALA C 134 -22.03 -49.52 -15.37
N LYS C 135 -21.85 -48.49 -14.52
CA LYS C 135 -22.99 -47.75 -13.93
C LYS C 135 -23.73 -46.82 -14.90
N TRP C 136 -23.12 -46.47 -16.03
CA TRP C 136 -23.71 -45.54 -17.01
C TRP C 136 -24.98 -46.09 -17.68
N ASP C 137 -26.02 -45.25 -17.75
CA ASP C 137 -27.42 -45.66 -18.06
C ASP C 137 -27.64 -46.04 -19.52
N LYS C 138 -28.86 -46.50 -19.84
CA LYS C 138 -29.24 -46.85 -21.22
C LYS C 138 -28.56 -45.92 -22.23
N SER C 139 -28.99 -44.66 -22.24
CA SER C 139 -28.31 -43.57 -22.94
C SER C 139 -27.83 -42.57 -21.87
N GLY C 140 -27.23 -41.45 -22.30
CA GLY C 140 -26.87 -40.37 -21.37
C GLY C 140 -25.84 -39.36 -21.87
N THR C 141 -25.53 -38.39 -21.01
CA THR C 141 -24.51 -37.38 -21.31
C THR C 141 -23.65 -37.17 -20.09
N VAL C 142 -22.34 -36.92 -20.30
CA VAL C 142 -21.37 -36.74 -19.21
C VAL C 142 -20.33 -35.67 -19.52
N ASP C 143 -19.83 -35.04 -18.45
CA ASP C 143 -18.61 -34.23 -18.54
C ASP C 143 -17.45 -35.21 -18.43
N ILE C 144 -16.42 -35.06 -19.26
CA ILE C 144 -15.31 -36.03 -19.28
C ILE C 144 -14.04 -35.59 -18.54
N ARG C 145 -13.95 -34.34 -18.08
CA ARG C 145 -12.92 -33.97 -17.12
C ARG C 145 -13.39 -34.52 -15.76
N ASP C 146 -14.65 -34.24 -15.40
CA ASP C 146 -15.26 -34.64 -14.11
C ASP C 146 -15.20 -36.14 -13.86
N ALA C 147 -15.60 -36.91 -14.87
CA ALA C 147 -15.69 -38.37 -14.75
C ALA C 147 -14.30 -38.97 -14.62
N LEU C 148 -13.40 -38.64 -15.53
CA LEU C 148 -12.05 -39.18 -15.52
C LEU C 148 -11.25 -38.78 -14.28
N ALA C 149 -11.55 -37.64 -13.66
CA ALA C 149 -10.90 -37.25 -12.40
C ALA C 149 -11.40 -38.05 -11.20
N GLU C 150 -12.68 -38.42 -11.19
CA GLU C 150 -13.22 -39.37 -10.18
C GLU C 150 -12.63 -40.76 -10.39
N LEU C 151 -12.41 -41.16 -11.66
CA LEU C 151 -11.90 -42.50 -12.02
C LEU C 151 -10.38 -42.65 -11.90
N ILE C 152 -9.63 -41.61 -12.28
CA ILE C 152 -8.16 -41.62 -12.12
C ILE C 152 -7.74 -41.59 -10.66
N ILE C 153 -8.56 -40.99 -9.79
CA ILE C 153 -8.30 -40.98 -8.34
C ILE C 153 -8.80 -42.26 -7.66
N LEU C 154 -9.91 -42.83 -8.17
CA LEU C 154 -10.38 -44.17 -7.77
C LEU C 154 -9.31 -45.24 -7.99
N THR C 155 -8.72 -45.28 -9.20
CA THR C 155 -7.63 -46.22 -9.51
C THR C 155 -6.39 -45.88 -8.66
N ALA C 156 -5.96 -44.62 -8.72
CA ALA C 156 -4.82 -44.17 -7.92
C ALA C 156 -4.94 -44.51 -6.43
N SER C 157 -6.15 -44.61 -5.91
CA SER C 157 -6.34 -45.01 -4.51
C SER C 157 -5.84 -46.42 -4.24
N ARG C 158 -6.26 -47.40 -5.07
CA ARG C 158 -5.80 -48.78 -4.88
C ARG C 158 -4.36 -49.03 -5.34
N CYS C 159 -3.96 -48.42 -6.45
CA CYS C 159 -2.62 -48.62 -7.01
C CYS C 159 -1.51 -47.88 -6.26
N LEU C 160 -1.85 -46.85 -5.50
CA LEU C 160 -0.89 -46.22 -4.60
C LEU C 160 -1.12 -46.64 -3.15
N MET C 161 -2.35 -46.50 -2.66
CA MET C 161 -2.63 -46.54 -1.20
C MET C 161 -3.12 -47.90 -0.68
N GLY C 162 -3.51 -48.80 -1.58
CA GLY C 162 -3.83 -50.19 -1.21
C GLY C 162 -5.31 -50.46 -1.23
N LYS C 163 -5.69 -51.73 -1.02
CA LYS C 163 -7.11 -52.14 -0.96
C LYS C 163 -7.83 -51.51 0.24
N GLU C 164 -7.11 -51.32 1.36
CA GLU C 164 -7.73 -50.83 2.62
C GLU C 164 -8.24 -49.42 2.44
N ILE C 165 -7.31 -48.50 2.17
CA ILE C 165 -7.65 -47.09 1.95
C ILE C 165 -8.80 -47.03 0.95
N ARG C 166 -8.61 -47.72 -0.17
CA ARG C 166 -9.55 -47.71 -1.29
C ARG C 166 -10.97 -48.10 -0.91
N GLU C 167 -11.11 -49.12 -0.07
CA GLU C 167 -12.42 -49.66 0.22
C GLU C 167 -13.11 -48.98 1.39
N ASN C 168 -12.35 -48.52 2.37
CA ASN C 168 -12.95 -47.88 3.54
C ASN C 168 -12.80 -46.38 3.55
N LEU C 169 -11.56 -45.91 3.48
CA LEU C 169 -11.23 -44.50 3.71
C LEU C 169 -11.11 -43.66 2.43
N PHE C 170 -11.78 -44.04 1.34
CA PHE C 170 -11.70 -43.26 0.10
C PHE C 170 -12.22 -41.82 0.29
N THR C 171 -13.48 -41.72 0.71
CA THR C 171 -14.13 -40.42 0.89
C THR C 171 -13.32 -39.47 1.81
N GLU C 172 -12.69 -39.95 2.89
CA GLU C 172 -11.79 -39.08 3.70
C GLU C 172 -10.55 -38.69 2.86
N VAL C 173 -9.96 -39.65 2.15
CA VAL C 173 -8.76 -39.35 1.34
C VAL C 173 -9.04 -38.34 0.23
N ALA C 174 -10.21 -38.45 -0.40
CA ALA C 174 -10.57 -37.54 -1.49
C ALA C 174 -10.97 -36.14 -1.01
N LYS C 175 -11.68 -36.03 0.12
CA LYS C 175 -11.91 -34.72 0.73
C LYS C 175 -10.53 -34.11 1.02
N LEU C 176 -9.65 -34.86 1.67
CA LEU C 176 -8.35 -34.32 2.08
C LEU C 176 -7.56 -33.81 0.91
N TYR C 177 -7.59 -34.54 -0.22
CA TYR C 177 -6.82 -34.13 -1.43
C TYR C 177 -7.31 -32.76 -1.89
N GLN C 178 -8.56 -32.74 -2.34
CA GLN C 178 -9.32 -31.54 -2.63
C GLN C 178 -8.91 -30.33 -1.74
N THR C 179 -8.84 -30.51 -0.43
CA THR C 179 -8.44 -29.42 0.52
C THR C 179 -6.99 -28.93 0.33
N LEU C 180 -6.08 -29.88 0.04
CA LEU C 180 -4.70 -29.57 -0.33
C LEU C 180 -4.66 -28.89 -1.70
N ASP C 181 -5.50 -29.36 -2.63
CA ASP C 181 -5.58 -28.81 -3.99
C ASP C 181 -6.03 -27.35 -3.91
N GLU C 182 -7.04 -27.09 -3.08
CA GLU C 182 -7.54 -25.73 -2.88
C GLU C 182 -6.59 -24.76 -2.17
N GLY C 183 -5.54 -25.29 -1.53
CA GLY C 183 -4.37 -24.49 -1.10
C GLY C 183 -3.18 -24.52 -2.05
N LEU C 184 -3.44 -24.81 -3.33
CA LEU C 184 -2.50 -24.61 -4.41
C LEU C 184 -3.10 -23.56 -5.32
N LEU C 185 -3.15 -22.34 -4.82
CA LEU C 185 -3.68 -21.18 -5.53
C LEU C 185 -2.53 -20.51 -6.28
N PRO C 186 -2.80 -19.44 -7.06
CA PRO C 186 -1.71 -18.73 -7.72
C PRO C 186 -0.73 -18.07 -6.77
N ILE C 187 -1.23 -17.45 -5.70
CA ILE C 187 -0.34 -16.83 -4.71
C ILE C 187 0.52 -17.90 -4.04
N SER C 188 -0.01 -19.11 -3.94
CA SER C 188 0.74 -20.21 -3.36
C SER C 188 2.12 -20.41 -3.99
N VAL C 189 2.24 -20.25 -5.31
CA VAL C 189 3.56 -20.46 -5.96
C VAL C 189 4.61 -19.45 -5.44
N PHE C 190 4.23 -18.20 -5.29
CA PHE C 190 5.19 -17.18 -4.93
C PHE C 190 5.40 -17.03 -3.40
N PHE C 191 4.37 -17.32 -2.60
CA PHE C 191 4.47 -17.22 -1.13
C PHE C 191 3.85 -18.42 -0.44
N PRO C 192 4.54 -19.56 -0.48
CA PRO C 192 3.82 -20.79 -0.14
C PRO C 192 3.57 -20.97 1.35
N TYR C 193 4.20 -20.15 2.20
CA TYR C 193 3.92 -20.15 3.63
C TYR C 193 3.14 -18.90 4.05
N LEU C 194 2.57 -18.18 3.07
CA LEU C 194 1.68 -17.08 3.38
C LEU C 194 0.54 -17.61 4.23
N PRO C 195 0.25 -16.96 5.38
CA PRO C 195 -0.73 -17.53 6.29
C PRO C 195 -2.15 -17.07 5.98
N ILE C 196 -2.76 -17.67 4.96
CA ILE C 196 -4.16 -17.40 4.60
C ILE C 196 -5.01 -18.61 5.04
N PRO C 197 -6.34 -18.54 4.84
CA PRO C 197 -7.19 -19.68 5.19
C PRO C 197 -7.02 -20.92 4.32
N ALA C 198 -6.90 -20.73 3.02
CA ALA C 198 -6.68 -21.87 2.12
C ALA C 198 -5.44 -22.66 2.45
N HIS C 199 -4.43 -21.99 3.00
CA HIS C 199 -3.16 -22.61 3.34
C HIS C 199 -3.14 -23.29 4.70
N LYS C 200 -3.93 -22.83 5.66
CA LYS C 200 -4.04 -23.52 6.95
C LYS C 200 -4.86 -24.78 6.80
N ARG C 201 -5.92 -24.71 5.99
CA ARG C 201 -6.73 -25.89 5.70
C ARG C 201 -5.90 -26.95 4.94
N ARG C 202 -5.02 -26.50 4.05
CA ARG C 202 -4.03 -27.37 3.39
C ARG C 202 -3.15 -28.06 4.41
N ASP C 203 -2.52 -27.26 5.26
CA ASP C 203 -1.62 -27.75 6.31
C ASP C 203 -2.35 -28.69 7.25
N GLU C 204 -3.62 -28.42 7.57
CA GLU C 204 -4.35 -29.34 8.44
C GLU C 204 -4.74 -30.62 7.72
N ALA C 205 -5.15 -30.52 6.45
CA ALA C 205 -5.53 -31.70 5.67
C ALA C 205 -4.34 -32.63 5.35
N ARG C 206 -3.16 -32.02 5.26
CA ARG C 206 -1.94 -32.79 5.07
C ARG C 206 -1.64 -33.63 6.29
N LEU C 207 -1.81 -33.05 7.48
CA LEU C 207 -1.59 -33.74 8.77
C LEU C 207 -2.57 -34.87 9.01
N ALA C 208 -3.81 -34.66 8.58
CA ALA C 208 -4.83 -35.72 8.53
C ALA C 208 -4.33 -36.97 7.80
N MET C 209 -3.67 -36.79 6.67
CA MET C 209 -3.06 -37.92 5.98
C MET C 209 -1.89 -38.56 6.74
N VAL C 210 -0.89 -37.76 7.12
CA VAL C 210 0.21 -38.22 7.98
C VAL C 210 -0.38 -39.16 9.05
N ARG C 211 -1.47 -38.75 9.69
CA ARG C 211 -2.21 -39.61 10.61
C ARG C 211 -2.85 -40.85 9.95
N MET C 212 -3.66 -40.65 8.91
CA MET C 212 -4.33 -41.76 8.21
C MET C 212 -3.38 -42.89 7.81
N PHE C 213 -2.18 -42.52 7.35
CA PHE C 213 -1.17 -43.49 6.90
C PHE C 213 -0.42 -44.12 8.08
N LYS C 214 -0.18 -43.37 9.16
CA LYS C 214 0.37 -43.97 10.40
C LYS C 214 -0.54 -45.14 10.80
N LYS C 215 -1.85 -44.90 10.77
CA LYS C 215 -2.86 -45.90 11.12
C LYS C 215 -2.82 -47.17 10.29
N ILE C 216 -2.63 -47.03 8.98
CA ILE C 216 -2.61 -48.17 8.06
C ILE C 216 -1.25 -48.86 8.02
N ILE C 217 -0.18 -48.08 8.05
CA ILE C 217 1.16 -48.62 8.28
C ILE C 217 1.16 -49.56 9.50
N ASP C 218 0.61 -49.08 10.62
CA ASP C 218 0.63 -49.85 11.87
C ASP C 218 -0.26 -51.11 11.83
N GLU C 219 -1.43 -51.03 11.19
CA GLU C 219 -2.26 -52.25 10.95
C GLU C 219 -1.55 -53.26 10.03
N ARG C 220 -0.73 -52.77 9.10
CA ARG C 220 0.05 -53.66 8.29
C ARG C 220 1.20 -54.31 9.09
N ARG C 221 1.99 -53.55 9.85
CA ARG C 221 3.14 -54.15 10.58
C ARG C 221 2.71 -55.21 11.58
N ALA C 222 1.48 -55.13 12.08
CA ALA C 222 0.89 -56.11 13.00
C ALA C 222 0.26 -57.34 12.32
N ASN C 223 0.06 -57.26 11.00
CA ASN C 223 -0.08 -58.43 10.15
C ASN C 223 1.16 -58.57 9.29
N PRO C 224 2.28 -59.07 9.86
CA PRO C 224 3.39 -59.41 8.98
C PRO C 224 3.08 -60.68 8.18
N GLU C 225 1.84 -61.17 8.29
CA GLU C 225 1.42 -62.41 7.69
C GLU C 225 1.20 -62.18 6.20
N VAL C 226 1.07 -60.94 5.76
CA VAL C 226 0.78 -60.69 4.36
C VAL C 226 1.48 -59.41 3.86
N LYS C 227 2.07 -59.53 2.67
CA LYS C 227 2.71 -58.42 1.99
C LYS C 227 1.65 -57.89 1.04
N HIS C 228 1.66 -56.57 0.82
CA HIS C 228 0.66 -55.89 0.01
C HIS C 228 1.23 -55.47 -1.33
N ASN C 229 0.36 -55.37 -2.33
CA ASN C 229 0.76 -54.89 -3.66
C ASN C 229 0.26 -53.48 -3.95
N ASP C 230 1.16 -52.51 -3.75
CA ASP C 230 0.86 -51.08 -3.90
C ASP C 230 2.11 -50.27 -3.60
N CYS C 231 2.06 -48.98 -3.94
CA CYS C 231 3.19 -48.08 -3.73
C CYS C 231 3.54 -47.91 -2.26
N LEU C 232 2.52 -48.08 -1.41
CA LEU C 232 2.67 -47.95 0.02
C LEU C 232 3.63 -48.97 0.56
N GLN C 233 3.42 -50.24 0.17
CA GLN C 233 4.29 -51.36 0.62
C GLN C 233 5.76 -51.11 0.27
N VAL C 234 5.96 -50.75 -1.00
CA VAL C 234 7.26 -50.37 -1.51
C VAL C 234 7.91 -49.29 -0.64
N PHE C 235 7.15 -48.24 -0.30
CA PHE C 235 7.68 -47.14 0.53
C PHE C 235 7.95 -47.58 1.98
N MET C 236 7.11 -48.46 2.51
CA MET C 236 7.37 -49.04 3.83
C MET C 236 8.67 -49.86 3.78
N ASP C 237 8.80 -50.68 2.73
CA ASP C 237 10.01 -51.49 2.50
C ASP C 237 11.28 -50.69 2.16
N ALA C 238 11.14 -49.55 1.50
CA ALA C 238 12.28 -48.71 1.07
C ALA C 238 13.19 -48.22 2.22
N ARG C 239 14.50 -48.33 2.01
CA ARG C 239 15.51 -47.97 3.00
C ARG C 239 16.59 -47.13 2.39
N TYR C 240 17.03 -46.11 3.11
CA TYR C 240 18.18 -45.32 2.68
C TYR C 240 19.42 -46.18 2.75
N ARG C 241 20.33 -46.01 1.78
CA ARG C 241 21.66 -46.63 1.84
C ARG C 241 22.45 -46.06 3.02
N GLY C 242 23.36 -46.87 3.56
CA GLY C 242 24.21 -46.47 4.69
C GLY C 242 23.49 -46.19 6.01
N GLU C 243 22.45 -46.97 6.28
CA GLU C 243 21.71 -46.89 7.55
C GLU C 243 20.47 -47.76 7.42
N GLU C 244 20.00 -48.31 8.54
CA GLU C 244 18.64 -48.87 8.61
C GLU C 244 17.65 -47.70 8.80
N GLN C 245 17.92 -46.56 8.14
CA GLN C 245 17.11 -45.36 8.22
C GLN C 245 15.88 -45.65 7.37
N ALA C 246 14.76 -45.92 8.04
CA ALA C 246 13.49 -46.28 7.41
C ALA C 246 12.69 -45.01 7.16
N LEU C 247 11.91 -45.01 6.08
CA LEU C 247 11.09 -43.84 5.72
C LEU C 247 10.01 -43.61 6.75
N ASN C 248 9.99 -42.42 7.36
CA ASN C 248 9.02 -42.14 8.42
C ASN C 248 7.61 -41.91 7.86
N ASP C 249 6.62 -41.94 8.76
CA ASP C 249 5.18 -41.91 8.45
C ASP C 249 4.81 -40.77 7.48
N GLU C 250 5.38 -39.60 7.74
CA GLU C 250 5.11 -38.36 6.99
C GLU C 250 5.87 -38.26 5.67
N GLU C 251 7.12 -38.76 5.63
CA GLU C 251 7.90 -38.89 4.40
C GLU C 251 7.23 -39.83 3.41
N ILE C 252 6.69 -40.94 3.91
CA ILE C 252 5.87 -41.88 3.13
C ILE C 252 4.63 -41.16 2.62
N THR C 253 3.89 -40.55 3.53
CA THR C 253 2.65 -39.85 3.20
C THR C 253 2.87 -38.77 2.14
N GLY C 254 3.91 -37.95 2.32
CA GLY C 254 4.34 -36.97 1.33
C GLY C 254 4.45 -37.60 -0.06
N LEU C 255 5.18 -38.70 -0.17
CA LEU C 255 5.38 -39.38 -1.46
C LEU C 255 4.07 -39.87 -2.06
N MET C 256 3.19 -40.35 -1.19
CA MET C 256 1.84 -40.79 -1.56
C MET C 256 0.99 -39.64 -2.07
N ILE C 257 1.02 -38.53 -1.34
CA ILE C 257 0.37 -37.29 -1.76
C ILE C 257 0.88 -36.84 -3.13
N ALA C 258 2.20 -36.89 -3.32
CA ALA C 258 2.83 -36.35 -4.53
C ALA C 258 2.42 -37.09 -5.78
N LEU C 259 2.38 -38.41 -5.71
CA LEU C 259 1.94 -39.23 -6.85
C LEU C 259 0.42 -39.11 -7.08
N LEU C 260 -0.30 -38.86 -6.01
CA LEU C 260 -1.74 -38.60 -6.09
C LEU C 260 -2.01 -37.37 -6.97
N PHE C 261 -1.34 -36.26 -6.62
CA PHE C 261 -1.38 -35.00 -7.38
C PHE C 261 -1.06 -35.17 -8.84
N ALA C 262 0.14 -35.67 -9.13
CA ALA C 262 0.60 -35.94 -10.50
C ALA C 262 -0.49 -36.54 -11.37
N GLY C 263 -1.15 -37.58 -10.87
CA GLY C 263 -2.30 -38.20 -11.54
C GLY C 263 -3.41 -37.24 -11.92
N GLN C 264 -3.87 -36.43 -10.96
CA GLN C 264 -5.03 -35.54 -11.20
C GLN C 264 -4.68 -34.27 -11.99
N HIS C 265 -3.53 -33.67 -11.71
CA HIS C 265 -3.08 -32.50 -12.47
C HIS C 265 -2.72 -32.78 -13.92
N THR C 266 -2.34 -34.02 -14.25
CA THR C 266 -1.77 -34.32 -15.58
C THR C 266 -2.48 -35.48 -16.31
N SER C 267 -2.46 -36.67 -15.73
CA SER C 267 -3.09 -37.80 -16.39
C SER C 267 -4.55 -37.50 -16.70
N SER C 268 -5.25 -36.80 -15.80
CA SER C 268 -6.69 -36.52 -15.97
C SER C 268 -7.04 -35.70 -17.20
N VAL C 269 -6.22 -34.69 -17.47
CA VAL C 269 -6.55 -33.74 -18.52
C VAL C 269 -6.24 -34.37 -19.87
N THR C 270 -5.02 -34.91 -20.02
CA THR C 270 -4.66 -35.61 -21.22
C THR C 270 -5.62 -36.78 -21.44
N GLY C 271 -6.13 -37.33 -20.34
CA GLY C 271 -7.22 -38.29 -20.41
C GLY C 271 -8.47 -37.75 -21.07
N SER C 272 -8.81 -36.50 -20.77
CA SER C 272 -9.95 -35.81 -21.38
C SER C 272 -9.64 -35.42 -22.84
N TRP C 273 -8.47 -34.84 -23.07
CA TRP C 273 -8.07 -34.34 -24.41
C TRP C 273 -8.17 -35.43 -25.47
N THR C 274 -7.43 -36.51 -25.24
CA THR C 274 -7.54 -37.80 -25.98
C THR C 274 -8.86 -38.01 -26.72
N GLY C 275 -9.94 -38.15 -25.96
CA GLY C 275 -11.29 -38.43 -26.50
C GLY C 275 -12.25 -37.26 -26.51
N LEU C 276 -11.73 -36.05 -26.28
CA LEU C 276 -12.36 -34.85 -26.79
C LEU C 276 -11.87 -34.75 -28.24
N LEU C 277 -10.56 -34.65 -28.43
CA LEU C 277 -9.94 -34.57 -29.76
C LEU C 277 -10.35 -35.67 -30.74
N LEU C 278 -10.59 -36.88 -30.24
CA LEU C 278 -10.97 -38.01 -31.09
C LEU C 278 -12.35 -37.86 -31.68
N PHE C 279 -13.29 -37.38 -30.86
CA PHE C 279 -14.68 -37.24 -31.30
C PHE C 279 -15.04 -35.87 -31.91
N GLU C 280 -14.07 -34.99 -32.18
CA GLU C 280 -14.32 -33.76 -32.96
C GLU C 280 -14.52 -34.10 -34.45
N ALA C 281 -15.79 -34.28 -34.85
CA ALA C 281 -16.20 -35.01 -36.08
C ALA C 281 -15.22 -35.09 -37.30
N ASN C 282 -14.51 -34.01 -37.63
CA ASN C 282 -13.48 -34.06 -38.69
C ASN C 282 -12.37 -35.07 -38.35
N ASN C 283 -12.04 -35.13 -37.06
CA ASN C 283 -11.06 -36.06 -36.51
C ASN C 283 -11.64 -37.48 -36.34
N LYS C 284 -12.92 -37.55 -35.95
CA LYS C 284 -13.67 -38.82 -35.87
C LYS C 284 -14.00 -39.40 -37.26
N LYS C 285 -13.86 -38.58 -38.31
CA LYS C 285 -13.75 -39.09 -39.68
C LYS C 285 -12.31 -39.57 -39.85
N LYS C 286 -11.37 -38.63 -39.72
CA LYS C 286 -9.95 -38.83 -40.07
C LYS C 286 -9.14 -39.85 -39.24
N PHE C 287 -9.62 -40.30 -38.07
CA PHE C 287 -8.81 -41.16 -37.16
C PHE C 287 -9.51 -42.26 -36.33
N LEU C 288 -10.79 -42.08 -35.96
CA LEU C 288 -11.50 -43.08 -35.13
C LEU C 288 -11.58 -44.50 -35.72
N PRO C 289 -12.02 -44.66 -37.00
CA PRO C 289 -12.05 -46.04 -37.53
C PRO C 289 -10.71 -46.82 -37.48
N GLY C 290 -9.56 -46.17 -37.74
CA GLY C 290 -8.23 -46.83 -37.63
C GLY C 290 -7.90 -47.44 -36.26
N VAL C 291 -8.39 -46.77 -35.22
CA VAL C 291 -8.30 -47.24 -33.84
C VAL C 291 -9.39 -48.30 -33.53
N LEU C 292 -10.59 -48.12 -34.07
CA LEU C 292 -11.76 -48.94 -33.68
C LEU C 292 -11.75 -50.40 -34.22
N GLU C 293 -11.04 -50.66 -35.33
CA GLU C 293 -10.82 -52.07 -35.78
C GLU C 293 -9.50 -52.60 -35.20
N GLU C 294 -8.63 -51.71 -34.71
CA GLU C 294 -7.56 -52.14 -33.79
C GLU C 294 -8.18 -52.68 -32.47
N GLN C 295 -9.37 -52.19 -32.09
CA GLN C 295 -10.19 -52.73 -30.97
C GLN C 295 -11.20 -53.81 -31.44
N GLU C 296 -10.67 -54.77 -32.20
CA GLU C 296 -11.47 -55.82 -32.87
C GLU C 296 -10.47 -56.87 -33.46
N GLU C 297 -9.41 -56.37 -34.11
CA GLU C 297 -8.18 -57.14 -34.34
C GLU C 297 -7.55 -57.60 -33.00
N ILE C 298 -7.44 -56.68 -32.04
CA ILE C 298 -6.93 -56.97 -30.69
C ILE C 298 -8.03 -57.50 -29.73
N ARG C 299 -9.30 -57.54 -30.17
CA ARG C 299 -10.39 -58.23 -29.41
C ARG C 299 -10.52 -59.76 -29.62
N LYS C 300 -10.57 -60.21 -30.88
CA LYS C 300 -10.66 -61.65 -31.22
C LYS C 300 -9.46 -62.44 -30.68
N GLU C 301 -8.31 -61.77 -30.74
CA GLU C 301 -7.03 -62.26 -30.19
C GLU C 301 -6.99 -62.46 -28.66
N PHE C 302 -7.64 -61.57 -27.89
CA PHE C 302 -7.69 -61.64 -26.38
C PHE C 302 -9.11 -61.69 -25.77
N GLY C 303 -9.91 -60.64 -25.91
CA GLY C 303 -11.33 -60.70 -25.52
C GLY C 303 -11.70 -60.51 -24.06
N ASP C 304 -10.82 -60.93 -23.13
CA ASP C 304 -11.00 -60.71 -21.69
C ASP C 304 -10.70 -59.24 -21.40
N GLU C 305 -9.46 -58.95 -20.97
CA GLU C 305 -8.98 -57.57 -20.78
C GLU C 305 -7.48 -57.60 -20.53
N LEU C 306 -6.77 -58.21 -21.47
CA LEU C 306 -5.35 -58.60 -21.31
C LEU C 306 -4.45 -57.51 -20.76
N THR C 307 -3.47 -57.91 -19.95
CA THR C 307 -2.74 -56.99 -19.11
C THR C 307 -1.76 -56.12 -19.94
N MET C 308 -0.79 -55.48 -19.28
CA MET C 308 0.25 -54.66 -19.94
C MET C 308 0.70 -55.18 -21.31
N GLU C 309 0.54 -56.49 -21.53
CA GLU C 309 0.54 -57.15 -22.86
C GLU C 309 -0.36 -56.43 -23.88
N ALA C 310 -1.67 -56.66 -23.81
CA ALA C 310 -2.62 -56.02 -24.76
C ALA C 310 -2.60 -54.48 -24.70
N LEU C 311 -2.32 -53.90 -23.53
CA LEU C 311 -2.23 -52.44 -23.36
C LEU C 311 -1.04 -51.83 -24.09
N ASN C 312 0.15 -52.42 -23.96
CA ASN C 312 1.30 -51.99 -24.77
C ASN C 312 1.07 -52.21 -26.30
N LYS C 313 0.18 -53.15 -26.64
CA LYS C 313 -0.22 -53.47 -28.04
C LYS C 313 -1.47 -52.74 -28.56
N MET C 314 -1.74 -51.54 -28.05
CA MET C 314 -2.78 -50.63 -28.60
C MET C 314 -2.06 -49.39 -29.13
N ASP C 315 -1.23 -49.59 -30.14
CA ASP C 315 -0.34 -48.53 -30.62
C ASP C 315 -1.07 -47.44 -31.42
N LYS C 316 -2.26 -47.75 -31.96
CA LYS C 316 -3.12 -46.71 -32.57
C LYS C 316 -3.51 -45.70 -31.49
N LEU C 317 -4.22 -46.22 -30.47
CA LEU C 317 -4.64 -45.44 -29.31
C LEU C 317 -3.47 -44.76 -28.56
N HIS C 318 -2.28 -45.37 -28.61
CA HIS C 318 -1.10 -44.77 -27.99
C HIS C 318 -0.69 -43.46 -28.65
N ARG C 319 -0.94 -43.31 -29.94
CA ARG C 319 -0.66 -42.05 -30.62
C ARG C 319 -1.75 -41.00 -30.32
N CYS C 320 -3.03 -41.39 -30.42
CA CYS C 320 -4.20 -40.56 -30.03
C CYS C 320 -4.02 -39.78 -28.72
N VAL C 321 -3.45 -40.47 -27.73
CA VAL C 321 -3.06 -39.87 -26.46
C VAL C 321 -1.89 -38.92 -26.67
N LYS C 322 -0.83 -39.41 -27.32
CA LYS C 322 0.42 -38.63 -27.49
C LYS C 322 0.25 -37.33 -28.31
N GLU C 323 -0.79 -37.25 -29.14
CA GLU C 323 -1.12 -36.00 -29.86
C GLU C 323 -1.85 -35.04 -28.94
N ALA C 324 -2.90 -35.55 -28.29
CA ALA C 324 -3.53 -34.86 -27.19
C ALA C 324 -2.49 -34.27 -26.22
N LEU C 325 -1.41 -34.99 -25.96
CA LEU C 325 -0.35 -34.48 -25.10
C LEU C 325 0.50 -33.38 -25.75
N ARG C 326 0.78 -33.52 -27.03
CA ARG C 326 1.60 -32.56 -27.74
C ARG C 326 0.96 -31.20 -27.88
N MET C 327 -0.33 -31.18 -28.21
CA MET C 327 -1.05 -29.93 -28.43
C MET C 327 -1.28 -29.20 -27.11
N TYR C 328 -1.93 -29.91 -26.17
CA TYR C 328 -2.36 -29.37 -24.87
C TYR C 328 -1.70 -30.10 -23.69
N PRO C 329 -0.36 -29.98 -23.57
CA PRO C 329 0.26 -30.60 -22.44
C PRO C 329 -0.23 -29.93 -21.16
N PRO C 330 -0.33 -30.69 -20.06
CA PRO C 330 -0.87 -30.18 -18.81
C PRO C 330 0.10 -29.31 -18.07
N LEU C 331 1.39 -29.46 -18.34
CA LEU C 331 2.37 -28.62 -17.68
C LEU C 331 2.92 -27.65 -18.69
N LEU C 332 2.70 -26.37 -18.41
CA LEU C 332 3.07 -25.30 -19.30
C LEU C 332 4.50 -24.88 -19.13
N PHE C 333 5.05 -25.06 -17.94
CA PHE C 333 6.47 -24.77 -17.68
C PHE C 333 7.13 -25.77 -16.75
N VAL C 334 8.42 -25.93 -16.95
CA VAL C 334 9.28 -26.67 -16.05
C VAL C 334 10.52 -25.83 -15.96
N MET C 335 11.10 -25.80 -14.78
CA MET C 335 12.04 -24.76 -14.45
C MET C 335 13.14 -25.32 -13.55
N ARG C 336 14.35 -24.85 -13.79
CA ARG C 336 15.46 -25.11 -12.91
C ARG C 336 16.03 -23.75 -12.57
N LYS C 337 16.61 -23.59 -11.39
CA LYS C 337 17.50 -22.46 -11.13
C LYS C 337 18.82 -22.70 -11.87
N VAL C 338 19.70 -21.70 -11.86
CA VAL C 338 20.95 -21.77 -12.59
C VAL C 338 22.05 -21.45 -11.61
N ILE C 339 22.92 -22.42 -11.41
CA ILE C 339 24.07 -22.33 -10.52
C ILE C 339 25.33 -22.20 -11.39
N LYS C 340 25.57 -23.18 -12.27
CA LYS C 340 26.74 -23.18 -13.17
C LYS C 340 26.40 -22.49 -14.50
N PRO C 341 27.00 -21.28 -14.76
CA PRO C 341 26.67 -20.52 -15.97
C PRO C 341 26.94 -21.30 -17.25
N PHE C 342 25.90 -21.57 -18.02
CA PHE C 342 26.03 -22.29 -19.29
C PHE C 342 26.10 -21.32 -20.46
N SER C 343 26.45 -21.84 -21.64
CA SER C 343 26.57 -21.05 -22.87
C SER C 343 25.60 -21.59 -23.90
N TYR C 344 25.22 -20.73 -24.83
CA TYR C 344 24.46 -21.12 -26.00
C TYR C 344 24.62 -20.02 -27.02
N LYS C 345 25.38 -20.29 -28.08
CA LYS C 345 25.77 -19.28 -29.07
C LYS C 345 26.55 -18.11 -28.40
N ASP C 346 26.38 -16.88 -28.87
CA ASP C 346 27.11 -15.70 -28.34
C ASP C 346 26.74 -15.35 -26.88
N TYR C 347 25.63 -15.92 -26.36
CA TYR C 347 25.09 -15.59 -25.03
C TYR C 347 25.37 -16.64 -23.94
N TYR C 348 25.63 -16.11 -22.74
CA TYR C 348 25.75 -16.89 -21.52
C TYR C 348 24.63 -16.50 -20.54
N VAL C 349 24.10 -17.51 -19.85
CA VAL C 349 22.99 -17.39 -18.90
C VAL C 349 23.56 -17.58 -17.49
N PRO C 350 23.76 -16.50 -16.71
CA PRO C 350 24.54 -16.59 -15.44
C PRO C 350 23.87 -17.26 -14.21
N GLU C 351 24.60 -17.26 -13.09
CA GLU C 351 24.09 -17.74 -11.79
C GLU C 351 22.98 -16.81 -11.28
N GLY C 352 21.98 -17.37 -10.59
CA GLY C 352 20.87 -16.56 -10.06
C GLY C 352 19.64 -16.58 -10.96
N ASP C 353 19.87 -16.70 -12.26
CA ASP C 353 18.79 -16.87 -13.23
C ASP C 353 17.97 -18.12 -12.98
N THR C 354 16.81 -18.15 -13.61
CA THR C 354 15.92 -19.29 -13.61
C THR C 354 15.57 -19.56 -15.07
N VAL C 355 15.48 -20.83 -15.44
CA VAL C 355 15.31 -21.18 -16.85
C VAL C 355 14.04 -21.96 -17.05
N PHE C 356 13.26 -21.53 -18.03
CA PHE C 356 11.98 -22.14 -18.31
C PHE C 356 12.11 -22.81 -19.63
N VAL C 357 11.20 -23.74 -19.86
CA VAL C 357 11.02 -24.38 -21.15
C VAL C 357 9.55 -24.54 -21.16
N SER C 358 8.90 -24.24 -22.29
CA SER C 358 7.47 -24.45 -22.36
C SER C 358 7.06 -25.59 -23.27
N PRO C 359 6.95 -26.81 -22.71
CA PRO C 359 6.35 -27.93 -23.44
C PRO C 359 5.14 -27.58 -24.31
N ALA C 360 4.27 -26.71 -23.82
CA ALA C 360 3.10 -26.28 -24.60
C ALA C 360 3.55 -25.53 -25.83
N LEU C 361 4.45 -24.57 -25.62
CA LEU C 361 4.95 -23.74 -26.69
C LEU C 361 5.78 -24.56 -27.65
N SER C 362 6.79 -25.25 -27.10
CA SER C 362 7.87 -25.84 -27.89
C SER C 362 7.42 -26.98 -28.75
N MET C 363 6.36 -27.66 -28.35
CA MET C 363 5.72 -28.67 -29.20
C MET C 363 4.75 -28.09 -30.26
N ARG C 364 4.72 -26.75 -30.37
CA ARG C 364 3.93 -26.02 -31.39
C ARG C 364 4.79 -25.25 -32.41
N VAL C 365 6.12 -25.37 -32.31
CA VAL C 365 7.04 -24.68 -33.22
C VAL C 365 7.00 -25.37 -34.57
N GLU C 366 6.82 -24.58 -35.63
CA GLU C 366 6.55 -25.12 -36.97
C GLU C 366 7.79 -25.74 -37.63
N GLU C 367 8.93 -25.02 -37.54
CA GLU C 367 10.23 -25.52 -38.01
C GLU C 367 10.60 -26.90 -37.45
N VAL C 368 10.09 -27.23 -36.26
CA VAL C 368 10.34 -28.53 -35.59
C VAL C 368 9.18 -29.53 -35.75
N PHE C 369 7.95 -29.04 -35.69
CA PHE C 369 6.78 -29.89 -35.82
C PHE C 369 5.94 -29.40 -37.01
N PRO C 370 5.83 -30.23 -38.07
CA PRO C 370 5.06 -29.83 -39.26
C PRO C 370 3.54 -29.82 -39.01
N ASN C 371 2.87 -28.74 -39.42
CA ASN C 371 1.41 -28.61 -39.29
C ASN C 371 0.96 -28.56 -37.80
N ALA C 372 1.82 -27.95 -36.96
CA ALA C 372 1.70 -27.89 -35.47
C ALA C 372 0.29 -27.76 -34.91
N ASP C 373 -0.51 -26.90 -35.53
CA ASP C 373 -1.88 -26.63 -35.11
C ASP C 373 -2.86 -27.82 -35.10
N GLN C 374 -2.61 -28.88 -35.88
CA GLN C 374 -3.67 -29.90 -36.12
C GLN C 374 -3.47 -31.32 -35.54
N TYR C 375 -4.61 -31.97 -35.25
CA TYR C 375 -4.66 -33.30 -34.67
C TYR C 375 -4.25 -34.25 -35.76
N ASN C 376 -2.98 -34.62 -35.73
CA ASN C 376 -2.48 -35.77 -36.48
C ASN C 376 -1.79 -36.76 -35.56
N PRO C 377 -2.51 -37.82 -35.13
CA PRO C 377 -1.90 -38.98 -34.49
C PRO C 377 -0.70 -39.63 -35.22
N GLU C 378 -0.87 -39.95 -36.51
CA GLU C 378 0.19 -40.58 -37.32
C GLU C 378 1.41 -39.72 -37.55
N ARG C 379 1.46 -38.55 -36.93
CA ARG C 379 2.73 -37.87 -36.67
C ARG C 379 3.84 -38.79 -36.19
N PHE C 380 3.50 -39.78 -35.36
CA PHE C 380 4.51 -40.62 -34.70
C PHE C 380 4.92 -41.89 -35.47
N VAL C 381 4.36 -42.07 -36.67
CA VAL C 381 5.01 -42.87 -37.72
C VAL C 381 6.32 -42.13 -38.05
N GLU C 382 6.22 -40.92 -38.59
CA GLU C 382 7.40 -40.07 -38.90
C GLU C 382 8.07 -39.50 -37.63
N GLU C 383 7.40 -38.54 -36.98
CA GLU C 383 7.97 -37.71 -35.89
C GLU C 383 8.39 -38.44 -34.61
N ASP C 384 8.08 -39.74 -34.48
CA ASP C 384 8.64 -40.62 -33.42
C ASP C 384 9.75 -41.53 -33.96
N LYS C 385 9.63 -41.99 -35.23
CA LYS C 385 10.75 -42.67 -35.94
C LYS C 385 11.72 -41.61 -36.52
N GLN C 386 12.34 -40.85 -35.61
CA GLN C 386 13.15 -39.67 -35.92
C GLN C 386 14.26 -39.74 -34.86
N ALA C 387 15.38 -39.02 -35.00
CA ALA C 387 16.42 -39.08 -33.96
C ALA C 387 17.18 -37.77 -33.62
N GLN C 388 16.44 -36.75 -33.18
CA GLN C 388 17.03 -35.53 -32.59
C GLN C 388 16.53 -35.44 -31.14
N LYS C 389 17.46 -35.35 -30.18
CA LYS C 389 17.11 -35.41 -28.74
C LYS C 389 16.39 -34.14 -28.31
N TYR C 390 15.37 -34.28 -27.48
CA TYR C 390 14.64 -33.15 -26.90
C TYR C 390 13.66 -32.47 -27.89
N ARG C 391 13.02 -33.25 -28.74
CA ARG C 391 12.05 -32.71 -29.70
C ARG C 391 10.73 -32.56 -28.96
N PHE C 392 10.08 -33.71 -28.73
CA PHE C 392 8.89 -33.84 -27.89
C PHE C 392 9.32 -33.68 -26.43
N VAL C 393 8.59 -32.86 -25.68
CA VAL C 393 8.91 -32.62 -24.25
C VAL C 393 7.66 -32.64 -23.32
N GLY C 394 6.56 -33.28 -23.74
CA GLY C 394 5.41 -33.55 -22.85
C GLY C 394 5.76 -34.20 -21.52
N PHE C 395 6.73 -35.13 -21.55
CA PHE C 395 7.24 -35.82 -20.37
C PHE C 395 8.69 -35.43 -20.02
N GLY C 396 9.14 -34.26 -20.45
CA GLY C 396 10.52 -33.86 -20.23
C GLY C 396 11.52 -34.85 -20.83
N ALA C 397 12.74 -34.79 -20.30
CA ALA C 397 13.84 -35.58 -20.83
C ALA C 397 15.02 -35.61 -19.86
N GLY C 398 15.89 -36.59 -20.08
CA GLY C 398 17.13 -36.69 -19.31
C GLY C 398 16.90 -37.08 -17.87
N ARG C 399 17.83 -36.64 -17.03
CA ARG C 399 17.86 -36.99 -15.61
C ARG C 399 16.46 -37.06 -14.96
N HIS C 400 15.75 -35.93 -14.95
CA HIS C 400 14.46 -35.83 -14.28
C HIS C 400 13.26 -35.92 -15.25
N GLY C 401 13.35 -36.78 -16.27
CA GLY C 401 12.17 -37.13 -17.10
C GLY C 401 11.07 -37.82 -16.29
N CYS C 402 9.88 -37.92 -16.86
CA CYS C 402 8.73 -38.36 -16.10
C CYS C 402 8.70 -39.88 -15.91
N MET C 403 8.60 -40.31 -14.65
CA MET C 403 8.60 -41.75 -14.27
C MET C 403 7.24 -42.40 -14.48
N GLY C 404 6.17 -41.63 -14.28
CA GLY C 404 4.82 -42.14 -14.49
C GLY C 404 4.37 -42.19 -15.92
N GLU C 405 5.21 -41.69 -16.84
CA GLU C 405 4.95 -41.81 -18.27
C GLU C 405 4.21 -43.10 -18.64
N ASN C 406 4.83 -44.25 -18.34
CA ASN C 406 4.24 -45.56 -18.66
C ASN C 406 2.92 -45.80 -17.95
N PHE C 407 2.83 -45.29 -16.72
CA PHE C 407 1.64 -45.42 -15.88
C PHE C 407 0.49 -44.60 -16.46
N ALA C 408 0.80 -43.34 -16.77
CA ALA C 408 -0.14 -42.42 -17.40
C ALA C 408 -0.73 -43.08 -18.64
N TYR C 409 0.17 -43.47 -19.55
CA TYR C 409 -0.18 -44.10 -20.82
C TYR C 409 -1.09 -45.30 -20.62
N LEU C 410 -0.63 -46.26 -19.82
CA LEU C 410 -1.43 -47.45 -19.50
C LEU C 410 -2.84 -47.07 -19.02
N GLN C 411 -2.92 -46.16 -18.05
CA GLN C 411 -4.19 -45.74 -17.40
C GLN C 411 -5.21 -45.20 -18.37
N ILE C 412 -4.76 -44.33 -19.27
CA ILE C 412 -5.65 -43.64 -20.19
C ILE C 412 -6.14 -44.63 -21.23
N LYS C 413 -5.17 -45.29 -21.87
CA LYS C 413 -5.39 -46.36 -22.82
C LYS C 413 -6.43 -47.37 -22.33
N THR C 414 -6.39 -47.66 -21.04
CA THR C 414 -7.35 -48.57 -20.39
C THR C 414 -8.77 -48.02 -20.42
N ILE C 415 -8.91 -46.82 -19.84
CA ILE C 415 -10.17 -46.12 -19.64
C ILE C 415 -10.93 -46.08 -20.95
N TRP C 416 -10.24 -45.62 -22.00
CA TRP C 416 -10.84 -45.42 -23.31
C TRP C 416 -11.22 -46.71 -23.98
N SER C 417 -10.31 -47.68 -23.89
CA SER C 417 -10.55 -48.98 -24.44
C SER C 417 -11.82 -49.61 -23.87
N VAL C 418 -12.09 -49.39 -22.59
CA VAL C 418 -13.39 -49.80 -22.01
C VAL C 418 -14.53 -49.05 -22.71
N LEU C 419 -14.46 -47.71 -22.66
CA LEU C 419 -15.50 -46.81 -23.18
C LEU C 419 -15.84 -47.06 -24.64
N LEU C 420 -14.78 -47.11 -25.46
CA LEU C 420 -14.86 -47.43 -26.86
C LEU C 420 -15.69 -48.70 -27.04
N ARG C 421 -15.35 -49.73 -26.27
CA ARG C 421 -16.02 -51.02 -26.37
C ARG C 421 -17.48 -51.03 -25.99
N ASN C 422 -17.82 -50.35 -24.90
CA ASN C 422 -19.20 -50.38 -24.39
C ASN C 422 -20.15 -49.29 -24.91
N PHE C 423 -19.59 -48.20 -25.47
CA PHE C 423 -20.36 -47.00 -25.84
C PHE C 423 -20.11 -46.45 -27.24
N ASP C 424 -21.17 -45.83 -27.80
CA ASP C 424 -21.10 -45.03 -29.02
C ASP C 424 -21.15 -43.55 -28.65
N ILE C 425 -20.00 -42.90 -28.74
CA ILE C 425 -19.75 -41.60 -28.12
C ILE C 425 -19.74 -40.49 -29.18
N GLU C 426 -20.24 -39.32 -28.79
CA GLU C 426 -20.33 -38.13 -29.67
C GLU C 426 -19.97 -36.89 -28.85
N LEU C 427 -19.11 -36.02 -29.38
CA LEU C 427 -18.82 -34.73 -28.76
C LEU C 427 -19.78 -33.71 -29.34
N VAL C 428 -21.06 -33.76 -28.93
CA VAL C 428 -22.02 -32.74 -29.38
C VAL C 428 -21.63 -31.44 -28.66
N GLY C 429 -21.71 -30.34 -29.40
CA GLY C 429 -21.07 -29.08 -29.03
C GLY C 429 -19.60 -29.05 -29.43
N GLU C 430 -19.06 -27.85 -29.54
CA GLU C 430 -17.70 -27.63 -30.03
C GLU C 430 -16.61 -28.30 -29.18
N LEU C 431 -15.45 -28.55 -29.78
CA LEU C 431 -14.18 -28.70 -29.05
C LEU C 431 -13.93 -27.60 -28.00
N PRO C 432 -13.72 -27.98 -26.73
CA PRO C 432 -13.22 -27.04 -25.75
C PRO C 432 -11.96 -26.28 -26.13
N LYS C 433 -11.84 -25.09 -25.56
CA LYS C 433 -10.62 -24.33 -25.68
C LYS C 433 -9.77 -24.76 -24.50
N PRO C 434 -8.46 -24.58 -24.62
CA PRO C 434 -7.58 -24.78 -23.47
C PRO C 434 -7.74 -23.71 -22.43
N ASP C 435 -7.70 -24.10 -21.15
CA ASP C 435 -7.70 -23.13 -20.08
C ASP C 435 -6.27 -22.87 -19.61
N TYR C 436 -5.53 -22.04 -20.32
CA TYR C 436 -4.12 -21.75 -19.96
C TYR C 436 -3.90 -20.80 -18.75
N THR C 437 -4.95 -20.36 -18.07
CA THR C 437 -4.81 -19.62 -16.81
C THR C 437 -5.44 -20.33 -15.60
N ALA C 438 -5.98 -21.52 -15.80
CA ALA C 438 -6.39 -22.34 -14.66
C ALA C 438 -5.14 -22.92 -14.00
N MET C 439 -5.25 -23.26 -12.73
CA MET C 439 -4.13 -23.83 -12.00
C MET C 439 -3.87 -25.24 -12.47
N VAL C 440 -4.93 -25.95 -12.83
CA VAL C 440 -4.86 -27.18 -13.60
C VAL C 440 -5.25 -26.88 -15.06
N VAL C 441 -4.28 -27.02 -15.97
CA VAL C 441 -4.43 -26.62 -17.37
C VAL C 441 -5.07 -27.70 -18.25
N GLY C 442 -6.40 -27.78 -18.17
CA GLY C 442 -7.18 -28.73 -18.95
C GLY C 442 -8.17 -28.03 -19.88
N PRO C 443 -9.05 -28.81 -20.53
CA PRO C 443 -10.11 -28.23 -21.36
C PRO C 443 -11.13 -27.56 -20.47
N ALA C 444 -11.51 -26.34 -20.79
CA ALA C 444 -12.45 -25.61 -19.94
C ALA C 444 -13.82 -26.27 -20.03
N HIS C 445 -14.52 -26.27 -18.90
CA HIS C 445 -15.84 -26.87 -18.80
C HIS C 445 -16.85 -26.01 -19.57
N PRO C 446 -17.93 -26.59 -20.07
CA PRO C 446 -18.26 -28.01 -19.93
C PRO C 446 -17.54 -28.84 -20.99
N CYS C 447 -16.93 -29.94 -20.55
CA CYS C 447 -16.27 -30.89 -21.45
C CYS C 447 -17.21 -32.07 -21.65
N LEU C 448 -18.18 -31.93 -22.54
CA LEU C 448 -19.31 -32.87 -22.60
C LEU C 448 -19.19 -33.88 -23.72
N LEU C 449 -19.73 -35.09 -23.48
CA LEU C 449 -19.85 -36.17 -24.46
C LEU C 449 -21.18 -36.90 -24.26
N ARG C 450 -21.86 -37.20 -25.37
CA ARG C 450 -23.11 -38.00 -25.33
C ARG C 450 -22.75 -39.46 -25.63
N TYR C 451 -23.46 -40.39 -24.99
CA TYR C 451 -23.17 -41.84 -25.12
C TYR C 451 -24.43 -42.72 -25.15
N THR C 452 -24.36 -43.83 -25.89
CA THR C 452 -25.38 -44.89 -25.89
C THR C 452 -24.71 -46.26 -25.85
N ARG C 453 -25.33 -47.21 -25.14
CA ARG C 453 -24.77 -48.54 -24.90
C ARG C 453 -24.95 -49.54 -26.07
N LYS C 454 -23.90 -50.31 -26.36
CA LYS C 454 -23.95 -51.34 -27.40
C LYS C 454 -24.56 -52.64 -26.88
N GLY D 9 -20.03 -18.34 30.40
CA GLY D 9 -19.94 -16.97 31.02
C GLY D 9 -20.01 -15.79 30.06
N LYS D 10 -19.37 -14.66 30.42
CA LYS D 10 -19.26 -13.45 29.58
C LYS D 10 -17.82 -13.17 29.14
N LEU D 11 -17.64 -12.43 28.05
CA LEU D 11 -16.31 -12.12 27.51
C LEU D 11 -15.49 -11.22 28.43
N PRO D 12 -14.14 -11.35 28.41
CA PRO D 12 -13.35 -10.39 29.21
C PRO D 12 -13.28 -9.02 28.53
N PRO D 13 -12.89 -7.99 29.32
CA PRO D 13 -12.79 -6.67 28.73
C PRO D 13 -11.73 -6.62 27.62
N VAL D 14 -11.91 -5.70 26.69
CA VAL D 14 -11.06 -5.57 25.51
C VAL D 14 -10.26 -4.27 25.63
N VAL D 15 -8.95 -4.33 25.46
CA VAL D 15 -8.11 -3.11 25.48
C VAL D 15 -8.56 -2.18 24.35
N SER D 16 -8.54 -0.87 24.60
CA SER D 16 -9.25 0.09 23.73
C SER D 16 -8.68 0.27 22.33
N SER D 17 -7.65 1.09 22.16
CA SER D 17 -7.18 1.53 20.81
C SER D 17 -8.26 1.86 19.74
N LEU D 18 -8.22 3.08 19.20
CA LEU D 18 -9.11 3.47 18.12
C LEU D 18 -8.31 3.79 16.85
N ILE D 19 -7.35 2.92 16.56
CA ILE D 19 -6.65 2.86 15.27
C ILE D 19 -7.33 1.71 14.56
N PRO D 20 -8.09 2.00 13.49
CA PRO D 20 -8.77 0.89 12.82
C PRO D 20 -7.84 -0.22 12.32
N PHE D 21 -8.38 -1.45 12.23
CA PHE D 21 -7.75 -2.61 11.54
C PHE D 21 -6.33 -3.03 11.92
N VAL D 22 -5.63 -2.24 12.75
CA VAL D 22 -4.36 -2.62 13.41
C VAL D 22 -4.51 -2.75 14.93
N GLY D 23 -5.48 -2.03 15.51
CA GLY D 23 -5.72 -2.05 16.95
C GLY D 23 -4.45 -1.71 17.74
N SER D 24 -4.22 -2.48 18.81
CA SER D 24 -3.13 -2.22 19.75
C SER D 24 -1.71 -2.52 19.19
N GLY D 25 -1.63 -3.21 18.04
CA GLY D 25 -0.35 -3.57 17.41
C GLY D 25 0.79 -2.57 17.38
N LEU D 26 0.50 -1.34 16.97
CA LEU D 26 1.55 -0.32 16.85
C LEU D 26 2.12 0.01 18.25
N SER D 27 1.25 0.09 19.26
CA SER D 27 1.67 0.40 20.64
C SER D 27 2.29 -0.79 21.33
N PHE D 28 1.76 -1.97 21.01
CA PHE D 28 2.28 -3.25 21.54
C PHE D 28 3.71 -3.55 21.05
N ALA D 29 3.94 -3.38 19.75
CA ALA D 29 5.28 -3.37 19.22
C ALA D 29 6.01 -2.17 19.82
N GLY D 30 7.25 -2.37 20.23
CA GLY D 30 8.02 -1.29 20.82
C GLY D 30 7.47 -0.76 22.14
N GLY D 31 6.68 -1.55 22.85
CA GLY D 31 6.40 -1.23 24.25
C GLY D 31 5.71 -2.33 25.04
N PRO D 32 6.04 -3.61 24.79
CA PRO D 32 5.11 -4.72 25.07
C PRO D 32 4.90 -5.04 26.55
N LEU D 33 5.96 -4.98 27.36
CA LEU D 33 5.78 -5.05 28.81
C LEU D 33 5.02 -3.81 29.27
N GLN D 34 5.51 -2.61 28.90
CA GLN D 34 4.90 -1.35 29.38
C GLN D 34 3.43 -1.17 28.94
N TYR D 35 3.04 -1.69 27.75
CA TYR D 35 1.63 -1.66 27.28
C TYR D 35 0.76 -2.60 28.11
N THR D 36 1.16 -3.88 28.15
CA THR D 36 0.43 -4.92 28.90
C THR D 36 0.22 -4.53 30.38
N THR D 37 1.27 -3.97 31.00
CA THR D 37 1.21 -3.40 32.36
C THR D 37 0.08 -2.39 32.55
N ASP D 38 -0.03 -1.46 31.60
CA ASP D 38 -1.03 -0.41 31.67
C ASP D 38 -2.43 -0.98 31.52
N ALA D 39 -2.58 -1.99 30.65
CA ALA D 39 -3.84 -2.72 30.51
C ALA D 39 -4.25 -3.44 31.80
N TYR D 40 -3.31 -4.13 32.44
CA TYR D 40 -3.53 -4.73 33.77
C TYR D 40 -3.96 -3.70 34.81
N LYS D 41 -3.27 -2.56 34.81
CA LYS D 41 -3.60 -1.41 35.67
C LYS D 41 -4.92 -0.71 35.30
N LYS D 42 -5.52 -1.06 34.16
CA LYS D 42 -6.79 -0.47 33.67
C LYS D 42 -7.96 -1.44 33.71
N TYR D 43 -7.74 -2.68 33.26
CA TYR D 43 -8.82 -3.68 33.07
C TYR D 43 -8.81 -4.89 34.01
N GLY D 44 -7.64 -5.19 34.59
CA GLY D 44 -7.52 -6.23 35.61
C GLY D 44 -6.82 -7.52 35.19
N ASP D 45 -6.90 -8.51 36.07
CA ASP D 45 -6.52 -9.92 35.86
C ASP D 45 -6.50 -10.45 34.44
N ILE D 46 -7.65 -10.29 33.78
CA ILE D 46 -7.88 -10.84 32.47
C ILE D 46 -8.38 -9.74 31.52
N PHE D 47 -7.77 -9.68 30.32
CA PHE D 47 -8.13 -8.71 29.27
C PHE D 47 -7.62 -9.12 27.91
N THR D 48 -8.21 -8.55 26.86
CA THR D 48 -7.92 -8.95 25.49
C THR D 48 -7.48 -7.76 24.62
N MET D 49 -6.34 -7.87 23.96
CA MET D 49 -5.94 -6.90 22.96
C MET D 49 -6.35 -7.44 21.60
N LYS D 50 -6.99 -6.61 20.78
CA LYS D 50 -7.24 -6.98 19.38
C LYS D 50 -6.13 -6.39 18.51
N VAL D 51 -5.64 -7.18 17.55
CA VAL D 51 -4.58 -6.74 16.61
C VAL D 51 -4.77 -7.43 15.26
N PHE D 52 -5.01 -6.65 14.20
CA PHE D 52 -5.34 -7.19 12.86
C PHE D 52 -6.41 -8.31 12.90
N GLY D 53 -7.62 -7.96 13.27
CA GLY D 53 -8.70 -8.93 13.43
C GLY D 53 -8.46 -10.14 14.35
N GLN D 54 -7.46 -10.08 15.25
CA GLN D 54 -7.10 -11.23 16.07
C GLN D 54 -7.14 -10.86 17.53
N ARG D 55 -7.56 -11.83 18.35
CA ARG D 55 -7.74 -11.64 19.80
C ARG D 55 -6.57 -12.23 20.61
N LEU D 56 -5.86 -11.37 21.34
CA LEU D 56 -4.81 -11.80 22.28
C LEU D 56 -5.28 -11.59 23.71
N THR D 57 -5.63 -12.67 24.39
CA THR D 57 -6.22 -12.61 25.75
C THR D 57 -5.08 -12.84 26.73
N PHE D 58 -5.02 -12.05 27.80
CA PHE D 58 -3.88 -12.10 28.75
C PHE D 58 -4.36 -12.56 30.11
N LEU D 59 -3.41 -13.01 30.94
CA LEU D 59 -3.71 -13.50 32.29
C LEU D 59 -2.58 -13.05 33.21
N VAL D 60 -2.95 -12.44 34.34
CA VAL D 60 -1.96 -11.87 35.26
C VAL D 60 -2.21 -12.30 36.70
N GLY D 61 -1.13 -12.69 37.37
CA GLY D 61 -1.19 -13.17 38.74
C GLY D 61 -1.63 -14.63 38.84
N PRO D 62 -1.43 -15.26 40.03
CA PRO D 62 -1.71 -16.68 40.31
C PRO D 62 -3.08 -17.23 39.92
N ASP D 63 -4.14 -16.56 40.33
CA ASP D 63 -5.48 -17.06 40.04
C ASP D 63 -5.70 -17.25 38.56
N ALA D 64 -5.28 -16.23 37.82
CA ALA D 64 -5.40 -16.21 36.37
C ALA D 64 -4.46 -17.17 35.68
N HIS D 65 -3.31 -17.45 36.30
CA HIS D 65 -2.36 -18.40 35.72
C HIS D 65 -2.99 -19.79 35.61
N VAL D 66 -3.79 -20.17 36.62
CA VAL D 66 -4.37 -21.52 36.75
C VAL D 66 -4.76 -22.12 35.41
N PRO D 67 -5.68 -21.49 34.68
CA PRO D 67 -6.08 -22.07 33.40
C PRO D 67 -4.99 -22.09 32.32
N PHE D 68 -3.98 -21.22 32.42
CA PHE D 68 -2.87 -21.29 31.47
C PHE D 68 -2.11 -22.61 31.57
N PHE D 69 -1.59 -22.91 32.76
CA PHE D 69 -0.73 -24.09 32.96
C PHE D 69 -1.46 -25.40 33.42
N SER D 70 -2.66 -25.30 33.99
CA SER D 70 -3.41 -26.49 34.44
C SER D 70 -4.11 -27.28 33.34
N GLN D 71 -4.11 -26.79 32.11
CA GLN D 71 -4.87 -27.44 31.07
C GLN D 71 -3.93 -28.17 30.12
N GLY D 72 -4.50 -29.13 29.41
CA GLY D 72 -3.73 -30.10 28.67
C GLY D 72 -3.68 -29.76 27.21
N ASP D 73 -2.86 -30.50 26.47
CA ASP D 73 -2.57 -30.19 25.08
C ASP D 73 -3.84 -30.23 24.23
N ALA D 74 -4.88 -30.92 24.73
CA ALA D 74 -6.22 -30.91 24.13
C ALA D 74 -6.97 -29.57 24.20
N GLU D 75 -6.79 -28.84 25.30
CA GLU D 75 -7.44 -27.53 25.47
C GLU D 75 -6.55 -26.32 25.10
N LEU D 76 -5.22 -26.49 25.10
CA LEU D 76 -4.24 -25.39 24.82
C LEU D 76 -2.98 -25.90 24.10
N SER D 77 -2.84 -25.62 22.80
CA SER D 77 -1.62 -25.98 22.07
C SER D 77 -0.59 -24.85 22.14
N GLN D 78 0.69 -25.22 21.97
CA GLN D 78 1.81 -24.28 21.82
C GLN D 78 2.38 -24.34 20.41
N ASP D 79 1.83 -25.21 19.56
CA ASP D 79 2.22 -25.34 18.15
C ASP D 79 2.26 -24.01 17.41
N GLU D 80 1.17 -23.30 17.56
CA GLU D 80 0.81 -22.23 16.68
C GLU D 80 1.57 -20.97 17.11
N PRO D 81 1.65 -20.68 18.42
CA PRO D 81 2.50 -19.55 18.83
C PRO D 81 3.99 -19.80 18.74
N TYR D 82 4.45 -21.02 18.99
CA TYR D 82 5.89 -21.33 18.89
C TYR D 82 6.32 -21.90 17.51
N GLN D 83 5.57 -21.53 16.47
CA GLN D 83 5.92 -21.88 15.10
C GLN D 83 7.22 -21.22 14.64
N PHE D 84 7.55 -20.06 15.19
CA PHE D 84 8.79 -19.35 14.83
C PHE D 84 10.07 -20.18 14.92
N SER D 85 10.06 -21.16 15.82
CA SER D 85 11.20 -22.02 16.10
C SER D 85 11.41 -23.20 15.13
N VAL D 86 10.36 -23.63 14.43
CA VAL D 86 10.42 -24.84 13.58
C VAL D 86 11.57 -24.82 12.55
N PRO D 87 11.77 -23.67 11.87
CA PRO D 87 12.95 -23.59 11.01
C PRO D 87 14.29 -23.46 11.72
N ILE D 88 14.31 -23.07 12.99
CA ILE D 88 15.57 -23.08 13.75
C ILE D 88 15.96 -24.53 14.09
N PHE D 89 15.00 -25.34 14.54
CA PHE D 89 15.28 -26.71 15.03
C PHE D 89 15.16 -27.75 13.93
N GLY D 90 14.24 -27.52 12.99
CA GLY D 90 14.06 -28.38 11.85
C GLY D 90 12.74 -29.12 11.91
N PRO D 91 12.42 -29.88 10.85
CA PRO D 91 11.18 -30.64 10.81
C PRO D 91 11.22 -31.84 11.76
N ASN D 92 10.05 -32.15 12.30
CA ASN D 92 9.88 -33.24 13.26
C ASN D 92 10.72 -33.10 14.52
N VAL D 93 10.96 -31.86 14.94
CA VAL D 93 11.62 -31.63 16.19
C VAL D 93 10.83 -30.60 16.96
N VAL D 94 10.68 -30.91 18.26
CA VAL D 94 9.91 -30.14 19.24
C VAL D 94 8.65 -29.66 18.54
N TYR D 95 8.43 -28.35 18.41
CA TYR D 95 7.11 -27.86 17.98
C TYR D 95 6.75 -28.14 16.51
N GLY D 96 7.73 -28.63 15.75
CA GLY D 96 7.48 -29.22 14.45
C GLY D 96 6.95 -30.64 14.50
N ALA D 97 7.26 -31.38 15.56
CA ALA D 97 6.86 -32.79 15.66
C ALA D 97 5.44 -32.94 16.18
N ASP D 98 4.71 -33.94 15.70
CA ASP D 98 3.38 -34.27 16.28
C ASP D 98 3.53 -34.69 17.73
N LEU D 99 2.43 -34.68 18.46
CA LEU D 99 2.46 -34.88 19.93
C LEU D 99 3.05 -36.21 20.38
N ALA D 100 2.67 -37.31 19.71
CA ALA D 100 3.21 -38.63 20.02
C ALA D 100 4.72 -38.57 20.15
N HIS D 101 5.36 -38.10 19.09
CA HIS D 101 6.82 -38.01 19.06
C HIS D 101 7.32 -36.84 19.93
N ARG D 102 6.58 -35.73 19.96
CA ARG D 102 6.98 -34.55 20.76
C ARG D 102 7.16 -34.79 22.26
N ASN D 103 6.19 -35.47 22.86
CA ASN D 103 6.22 -35.76 24.30
C ASN D 103 7.34 -36.73 24.69
N GLN D 104 7.70 -37.61 23.76
CA GLN D 104 8.85 -38.52 23.92
C GLN D 104 10.19 -37.79 23.82
N GLN D 105 10.26 -36.81 22.90
CA GLN D 105 11.45 -35.99 22.75
C GLN D 105 11.72 -35.15 24.00
N LEU D 106 10.67 -34.60 24.56
CA LEU D 106 10.78 -33.90 25.82
C LEU D 106 11.21 -34.84 26.95
N LYS D 107 10.73 -36.10 26.91
CA LYS D 107 11.21 -37.15 27.83
C LYS D 107 12.72 -37.38 27.62
N PHE D 108 13.14 -37.50 26.36
CA PHE D 108 14.57 -37.69 26.05
C PHE D 108 15.42 -36.48 26.42
N ILE D 109 14.83 -35.28 26.32
CA ILE D 109 15.50 -34.07 26.81
C ILE D 109 15.64 -34.19 28.33
N ALA D 110 14.54 -34.53 29.01
CA ALA D 110 14.52 -34.60 30.47
C ALA D 110 15.54 -35.60 31.02
N ALA D 111 15.70 -36.69 30.28
CA ALA D 111 16.61 -37.77 30.66
C ALA D 111 18.07 -37.32 30.54
N SER D 112 18.37 -36.62 29.45
CA SER D 112 19.70 -36.06 29.25
C SER D 112 20.06 -34.97 30.27
N LEU D 113 19.06 -34.32 30.87
CA LEU D 113 19.30 -33.35 31.96
C LEU D 113 18.72 -33.81 33.30
N SER D 114 18.68 -35.11 33.57
CA SER D 114 18.26 -35.66 34.89
C SER D 114 19.33 -35.40 35.98
N THR D 115 18.91 -35.32 37.25
CA THR D 115 19.85 -34.97 38.35
C THR D 115 21.02 -35.93 38.36
N LYS D 116 20.75 -37.20 37.99
CA LYS D 116 21.81 -38.20 37.79
C LYS D 116 22.73 -37.83 36.60
N ALA D 117 22.13 -37.48 35.45
CA ALA D 117 22.90 -37.00 34.27
C ALA D 117 23.72 -35.74 34.59
N LEU D 118 23.10 -34.80 35.29
CA LEU D 118 23.78 -33.57 35.70
C LEU D 118 24.89 -33.82 36.73
N GLN D 119 24.74 -34.88 37.52
CA GLN D 119 25.81 -35.33 38.44
C GLN D 119 27.11 -35.54 37.68
N SER D 120 27.06 -36.23 36.55
CA SER D 120 28.26 -36.49 35.72
C SER D 120 28.80 -35.29 34.93
N TYR D 121 27.93 -34.32 34.60
CA TYR D 121 28.36 -33.09 33.89
C TYR D 121 29.06 -32.07 34.81
N VAL D 122 28.58 -31.91 36.06
CA VAL D 122 29.07 -30.87 36.99
C VAL D 122 30.59 -30.68 36.99
N PRO D 123 31.37 -31.77 37.05
CA PRO D 123 32.81 -31.62 36.83
C PRO D 123 33.16 -30.81 35.55
N LEU D 124 32.52 -31.14 34.43
CA LEU D 124 32.85 -30.61 33.10
C LEU D 124 32.55 -29.10 33.03
N ILE D 125 31.39 -28.73 33.57
CA ILE D 125 30.99 -27.34 33.77
C ILE D 125 32.00 -26.59 34.64
N VAL D 126 32.38 -27.18 35.77
CA VAL D 126 33.29 -26.56 36.72
C VAL D 126 34.71 -26.34 36.15
N LYS D 127 35.25 -27.35 35.48
CA LYS D 127 36.52 -27.20 34.80
C LYS D 127 36.40 -26.04 33.81
N GLU D 128 35.42 -26.11 32.92
CA GLU D 128 35.22 -25.08 31.88
C GLU D 128 35.17 -23.71 32.50
N ALA D 129 34.36 -23.58 33.56
CA ALA D 129 34.21 -22.34 34.31
C ALA D 129 35.55 -21.83 34.78
N GLU D 130 36.26 -22.67 35.53
CA GLU D 130 37.56 -22.30 36.09
C GLU D 130 38.65 -22.02 35.03
N ASP D 131 38.70 -22.83 33.99
CA ASP D 131 39.64 -22.62 32.86
C ASP D 131 39.31 -21.37 32.03
N PHE D 132 38.05 -20.94 32.06
CA PHE D 132 37.66 -19.69 31.41
C PHE D 132 38.18 -18.49 32.20
N PHE D 133 37.85 -18.45 33.49
CA PHE D 133 38.23 -17.32 34.37
C PHE D 133 39.70 -17.36 34.78
N ALA D 134 40.38 -18.49 34.54
CA ALA D 134 41.83 -18.56 34.58
C ALA D 134 42.50 -17.65 33.56
N LYS D 135 41.89 -17.54 32.37
CA LYS D 135 42.44 -16.71 31.28
C LYS D 135 42.42 -15.18 31.54
N TRP D 136 41.60 -14.69 32.48
CA TRP D 136 41.52 -13.24 32.76
C TRP D 136 42.79 -12.64 33.38
N ASP D 137 42.86 -11.31 33.33
CA ASP D 137 43.99 -10.52 33.89
C ASP D 137 44.01 -10.53 35.43
N LYS D 138 45.06 -9.93 36.00
CA LYS D 138 45.14 -9.68 37.44
C LYS D 138 44.04 -8.71 37.85
N SER D 139 43.89 -7.65 37.04
CA SER D 139 42.88 -6.62 37.23
C SER D 139 42.32 -6.16 35.87
N GLY D 140 41.12 -5.57 35.89
CA GLY D 140 40.47 -5.08 34.66
C GLY D 140 38.96 -5.00 34.71
N THR D 141 38.34 -5.03 33.53
CA THR D 141 36.88 -4.90 33.40
C THR D 141 36.40 -5.76 32.23
N VAL D 142 35.16 -6.26 32.32
CA VAL D 142 34.56 -7.09 31.26
C VAL D 142 33.08 -6.85 31.11
N ASP D 143 32.60 -7.03 29.87
CA ASP D 143 31.17 -7.12 29.64
C ASP D 143 30.74 -8.48 30.17
N ILE D 144 30.17 -8.46 31.38
CA ILE D 144 29.83 -9.70 32.03
C ILE D 144 28.91 -10.57 31.19
N ARG D 145 27.99 -9.94 30.46
CA ARG D 145 27.06 -10.69 29.65
C ARG D 145 27.72 -11.36 28.46
N ASP D 146 28.70 -10.70 27.85
CA ASP D 146 29.42 -11.30 26.73
C ASP D 146 30.40 -12.34 27.25
N ALA D 147 30.90 -12.13 28.46
CA ALA D 147 31.68 -13.17 29.13
C ALA D 147 30.80 -14.41 29.37
N LEU D 148 29.68 -14.24 30.09
CA LEU D 148 28.75 -15.34 30.37
C LEU D 148 28.13 -15.97 29.11
N ALA D 149 27.93 -15.18 28.05
CA ALA D 149 27.58 -15.71 26.75
C ALA D 149 28.70 -16.62 26.22
N GLU D 150 29.94 -16.15 26.27
CA GLU D 150 31.12 -16.93 25.86
C GLU D 150 31.25 -18.25 26.64
N LEU D 151 31.00 -18.18 27.94
CA LEU D 151 31.17 -19.33 28.79
C LEU D 151 30.13 -20.41 28.52
N ILE D 152 28.85 -20.05 28.54
CA ILE D 152 27.77 -21.05 28.49
C ILE D 152 27.74 -21.85 27.19
N ILE D 153 27.86 -21.18 26.05
CA ILE D 153 27.95 -21.86 24.76
C ILE D 153 29.17 -22.81 24.70
N LEU D 154 30.23 -22.45 25.43
CA LEU D 154 31.44 -23.27 25.52
C LEU D 154 31.16 -24.57 26.30
N THR D 155 30.63 -24.43 27.52
CA THR D 155 30.38 -25.61 28.36
C THR D 155 29.16 -26.39 27.80
N ALA D 156 28.25 -25.70 27.11
CA ALA D 156 27.13 -26.39 26.45
C ALA D 156 27.70 -27.33 25.40
N SER D 157 28.52 -26.84 24.48
CA SER D 157 29.12 -27.70 23.45
C SER D 157 29.90 -28.86 24.07
N ARG D 158 30.50 -28.64 25.24
CA ARG D 158 31.11 -29.71 26.05
C ARG D 158 30.02 -30.74 26.33
N CYS D 159 29.04 -30.33 27.14
CA CYS D 159 28.07 -31.22 27.76
C CYS D 159 27.11 -31.86 26.80
N LEU D 160 26.59 -31.06 25.89
CA LEU D 160 25.58 -31.53 24.95
C LEU D 160 26.24 -32.42 23.90
N MET D 161 27.37 -31.97 23.34
CA MET D 161 27.87 -32.50 22.07
C MET D 161 29.12 -33.40 22.20
N GLY D 162 29.65 -33.57 23.42
CA GLY D 162 30.84 -34.40 23.66
C GLY D 162 32.13 -33.62 23.51
N LYS D 163 33.26 -34.28 23.79
CA LYS D 163 34.58 -33.65 23.65
C LYS D 163 34.93 -33.41 22.17
N GLU D 164 34.52 -34.34 21.30
CA GLU D 164 34.89 -34.32 19.85
C GLU D 164 34.45 -33.02 19.20
N ILE D 165 33.18 -32.67 19.42
CA ILE D 165 32.60 -31.40 18.97
C ILE D 165 33.28 -30.24 19.69
N ARG D 166 33.42 -30.39 21.00
CA ARG D 166 34.04 -29.36 21.84
C ARG D 166 35.51 -29.13 21.49
N GLU D 167 36.36 -30.10 21.82
CA GLU D 167 37.83 -30.01 21.68
C GLU D 167 38.34 -29.67 20.26
N ASN D 168 37.66 -30.14 19.21
CA ASN D 168 38.05 -29.81 17.83
C ASN D 168 37.32 -28.61 17.23
N LEU D 169 36.00 -28.74 17.07
CA LEU D 169 35.18 -27.91 16.16
C LEU D 169 34.35 -26.83 16.86
N PHE D 170 34.83 -26.32 17.98
CA PHE D 170 34.08 -25.32 18.75
C PHE D 170 33.82 -24.03 17.96
N THR D 171 34.88 -23.41 17.44
CA THR D 171 34.73 -22.14 16.68
C THR D 171 33.74 -22.33 15.52
N GLU D 172 33.75 -23.51 14.90
CA GLU D 172 32.86 -23.83 13.79
C GLU D 172 31.37 -24.00 14.16
N VAL D 173 31.09 -24.34 15.43
CA VAL D 173 29.72 -24.49 15.94
C VAL D 173 29.19 -23.14 16.48
N ALA D 174 30.07 -22.35 17.11
CA ALA D 174 29.74 -21.01 17.60
C ALA D 174 29.46 -20.01 16.47
N LYS D 175 30.07 -20.25 15.31
CA LYS D 175 29.70 -19.54 14.09
C LYS D 175 28.27 -19.92 13.72
N LEU D 176 28.05 -21.22 13.48
CA LEU D 176 26.76 -21.70 13.01
C LEU D 176 25.62 -21.32 13.94
N TYR D 177 25.87 -21.24 15.25
CA TYR D 177 24.88 -20.66 16.17
C TYR D 177 24.64 -19.18 15.85
N GLN D 178 25.69 -18.38 15.72
CA GLN D 178 25.53 -16.94 15.45
C GLN D 178 24.67 -16.68 14.20
N THR D 179 24.69 -17.57 13.21
CA THR D 179 23.85 -17.43 12.02
C THR D 179 22.38 -17.75 12.31
N LEU D 180 22.12 -18.86 12.99
CA LEU D 180 20.75 -19.27 13.37
C LEU D 180 20.08 -18.18 14.20
N ASP D 181 20.78 -17.68 15.23
CA ASP D 181 20.30 -16.60 16.10
C ASP D 181 20.03 -15.30 15.34
N GLU D 182 20.80 -15.04 14.27
CA GLU D 182 20.59 -13.86 13.41
C GLU D 182 19.46 -14.05 12.39
N GLY D 183 19.00 -15.29 12.20
CA GLY D 183 17.74 -15.59 11.48
C GLY D 183 16.50 -15.71 12.37
N LEU D 184 16.51 -14.96 13.47
CA LEU D 184 15.44 -14.95 14.45
C LEU D 184 15.17 -13.50 14.76
N LEU D 185 14.48 -12.85 13.85
CA LEU D 185 14.15 -11.43 13.93
C LEU D 185 12.68 -11.24 14.31
N PRO D 186 12.27 -10.01 14.69
CA PRO D 186 10.86 -9.85 15.06
C PRO D 186 9.90 -10.30 13.97
N ILE D 187 10.25 -9.98 12.73
CA ILE D 187 9.53 -10.49 11.58
C ILE D 187 9.43 -12.03 11.61
N SER D 188 10.52 -12.70 11.97
CA SER D 188 10.56 -14.17 11.97
C SER D 188 9.48 -14.85 12.81
N VAL D 189 8.97 -14.19 13.86
CA VAL D 189 7.88 -14.78 14.67
C VAL D 189 6.53 -14.72 13.93
N PHE D 190 6.29 -13.66 13.17
CA PHE D 190 5.04 -13.50 12.44
C PHE D 190 5.08 -14.33 11.13
N PHE D 191 6.20 -14.30 10.40
CA PHE D 191 6.39 -15.06 9.16
C PHE D 191 7.73 -15.76 9.24
N PRO D 192 7.73 -17.02 9.69
CA PRO D 192 9.03 -17.64 9.87
C PRO D 192 9.61 -18.28 8.61
N TYR D 193 8.86 -18.28 7.50
CA TYR D 193 9.34 -18.82 6.22
C TYR D 193 9.43 -17.71 5.15
N LEU D 194 9.43 -16.44 5.59
CA LEU D 194 9.57 -15.33 4.65
C LEU D 194 10.95 -15.50 4.06
N PRO D 195 11.06 -15.50 2.72
CA PRO D 195 12.33 -15.89 2.11
C PRO D 195 13.34 -14.73 2.02
N ILE D 196 13.68 -14.14 3.17
CA ILE D 196 14.63 -13.01 3.27
C ILE D 196 16.07 -13.57 3.31
N PRO D 197 17.11 -12.71 3.37
CA PRO D 197 18.47 -13.28 3.37
C PRO D 197 18.81 -14.09 4.65
N ALA D 198 18.64 -13.46 5.82
CA ALA D 198 18.92 -14.10 7.14
C ALA D 198 18.31 -15.49 7.27
N HIS D 199 17.05 -15.60 6.82
CA HIS D 199 16.31 -16.86 6.80
C HIS D 199 16.96 -17.88 5.86
N LYS D 200 17.46 -17.45 4.70
CA LYS D 200 18.21 -18.37 3.85
C LYS D 200 19.50 -18.80 4.54
N ARG D 201 20.28 -17.84 5.05
CA ARG D 201 21.53 -18.17 5.76
C ARG D 201 21.30 -19.20 6.84
N ARG D 202 20.33 -18.92 7.72
CA ARG D 202 19.89 -19.87 8.75
C ARG D 202 19.64 -21.31 8.22
N ASP D 203 18.84 -21.46 7.16
CA ASP D 203 18.47 -22.80 6.63
C ASP D 203 19.68 -23.59 6.09
N GLU D 204 20.76 -22.89 5.70
CA GLU D 204 22.05 -23.52 5.32
C GLU D 204 22.88 -23.88 6.55
N ALA D 205 22.82 -23.02 7.57
CA ALA D 205 23.59 -23.19 8.80
C ALA D 205 23.03 -24.30 9.68
N ARG D 206 21.72 -24.51 9.64
CA ARG D 206 21.15 -25.66 10.32
C ARG D 206 21.67 -26.89 9.61
N LEU D 207 21.44 -26.93 8.30
CA LEU D 207 21.89 -28.04 7.45
C LEU D 207 23.42 -28.27 7.48
N ALA D 208 24.17 -27.23 7.83
CA ALA D 208 25.61 -27.34 8.09
C ALA D 208 25.88 -28.15 9.36
N MET D 209 25.05 -27.93 10.38
CA MET D 209 25.18 -28.67 11.63
C MET D 209 24.69 -30.14 11.53
N VAL D 210 23.65 -30.42 10.73
CA VAL D 210 23.25 -31.81 10.42
C VAL D 210 24.45 -32.57 9.87
N ARG D 211 25.10 -31.97 8.86
CA ARG D 211 26.37 -32.45 8.28
C ARG D 211 27.49 -32.66 9.34
N MET D 212 27.63 -31.72 10.27
CA MET D 212 28.61 -31.84 11.37
C MET D 212 28.32 -32.98 12.34
N PHE D 213 27.08 -33.07 12.82
CA PHE D 213 26.72 -34.12 13.78
C PHE D 213 26.76 -35.49 13.14
N LYS D 214 26.28 -35.58 11.89
CA LYS D 214 26.32 -36.83 11.12
C LYS D 214 27.74 -37.47 11.09
N LYS D 215 28.78 -36.62 11.05
CA LYS D 215 30.17 -37.09 11.11
C LYS D 215 30.45 -37.71 12.46
N ILE D 216 30.09 -36.98 13.52
CA ILE D 216 30.36 -37.39 14.89
C ILE D 216 29.46 -38.55 15.35
N ILE D 217 28.30 -38.72 14.73
CA ILE D 217 27.42 -39.86 15.04
C ILE D 217 27.99 -41.14 14.41
N ASP D 218 28.25 -41.09 13.11
CA ASP D 218 28.82 -42.24 12.40
C ASP D 218 30.18 -42.64 12.97
N GLU D 219 30.91 -41.67 13.54
CA GLU D 219 32.14 -41.92 14.31
C GLU D 219 31.88 -42.81 15.52
N ARG D 220 30.99 -42.38 16.41
CA ARG D 220 30.61 -43.15 17.61
C ARG D 220 29.82 -44.43 17.29
N ARG D 221 29.22 -44.49 16.10
CA ARG D 221 28.52 -45.69 15.62
C ARG D 221 29.47 -46.81 15.15
N ALA D 222 30.69 -46.46 14.75
CA ALA D 222 31.73 -47.45 14.42
C ALA D 222 32.36 -48.11 15.65
N ASN D 223 32.24 -47.45 16.81
CA ASN D 223 32.80 -47.93 18.09
C ASN D 223 31.71 -48.18 19.15
N PRO D 224 30.79 -49.15 18.93
CA PRO D 224 29.93 -49.55 20.05
C PRO D 224 30.69 -49.72 21.37
N GLU D 225 31.96 -50.16 21.30
CA GLU D 225 32.92 -50.13 22.42
C GLU D 225 32.85 -48.90 23.37
N VAL D 226 33.13 -47.69 22.88
CA VAL D 226 33.38 -46.53 23.77
C VAL D 226 32.10 -45.84 24.37
N LYS D 227 32.06 -45.67 25.70
CA LYS D 227 30.97 -44.94 26.43
C LYS D 227 31.18 -43.43 26.33
N HIS D 228 30.14 -42.65 26.65
CA HIS D 228 30.21 -41.17 26.48
C HIS D 228 29.29 -40.38 27.40
N ASN D 229 29.81 -39.24 27.87
CA ASN D 229 29.23 -38.44 28.97
C ASN D 229 28.56 -37.17 28.43
N ASP D 230 27.43 -37.35 27.76
CA ASP D 230 26.73 -36.25 27.10
C ASP D 230 25.27 -36.54 26.69
N CYS D 231 24.58 -35.46 26.34
CA CYS D 231 23.24 -35.53 25.77
C CYS D 231 23.21 -36.28 24.44
N LEU D 232 24.30 -36.14 23.68
CA LEU D 232 24.48 -36.84 22.41
C LEU D 232 24.45 -38.37 22.55
N GLN D 233 24.96 -38.88 23.67
CA GLN D 233 24.84 -40.30 23.98
C GLN D 233 23.37 -40.63 24.20
N VAL D 234 22.74 -39.84 25.08
CA VAL D 234 21.36 -40.06 25.52
C VAL D 234 20.39 -40.07 24.36
N PHE D 235 20.53 -39.11 23.44
CA PHE D 235 19.65 -39.01 22.26
C PHE D 235 19.91 -40.12 21.26
N MET D 236 21.19 -40.43 21.03
CA MET D 236 21.57 -41.56 20.17
C MET D 236 20.96 -42.85 20.70
N ASP D 237 21.16 -43.11 21.99
CA ASP D 237 20.61 -44.29 22.65
C ASP D 237 19.07 -44.30 22.73
N ALA D 238 18.47 -43.13 22.98
CA ALA D 238 17.00 -43.07 23.11
C ALA D 238 16.34 -43.52 21.82
N ARG D 239 15.35 -44.39 21.98
CA ARG D 239 14.52 -44.85 20.88
C ARG D 239 13.09 -44.48 21.24
N TYR D 240 12.28 -44.35 20.20
CA TYR D 240 10.85 -44.12 20.36
C TYR D 240 10.19 -45.44 20.75
N ARG D 241 9.10 -45.36 21.51
CA ARG D 241 8.32 -46.55 21.87
C ARG D 241 7.42 -46.95 20.68
N GLY D 242 7.10 -48.24 20.53
CA GLY D 242 6.15 -48.72 19.50
C GLY D 242 6.68 -48.75 18.06
N GLU D 243 7.10 -49.93 17.61
CA GLU D 243 7.97 -50.11 16.41
C GLU D 243 9.19 -49.19 16.56
N GLU D 244 10.01 -49.46 17.59
CA GLU D 244 11.07 -48.56 18.09
C GLU D 244 12.15 -48.28 17.05
N GLN D 245 11.99 -47.18 16.29
CA GLN D 245 12.81 -46.91 15.09
C GLN D 245 13.94 -45.88 15.24
N ALA D 246 14.07 -45.25 16.42
CA ALA D 246 15.21 -44.35 16.74
C ALA D 246 15.18 -43.01 16.00
N LEU D 247 16.03 -42.09 16.45
CA LEU D 247 16.08 -40.71 15.95
C LEU D 247 17.14 -40.57 14.86
N ASN D 248 16.80 -39.98 13.72
CA ASN D 248 17.78 -39.78 12.63
C ASN D 248 18.78 -38.65 12.96
N ASP D 249 19.80 -38.51 12.12
CA ASP D 249 20.88 -37.52 12.33
C ASP D 249 20.37 -36.08 12.49
N GLU D 250 19.36 -35.69 11.70
CA GLU D 250 18.78 -34.35 11.75
C GLU D 250 17.97 -34.10 13.01
N GLU D 251 17.14 -35.07 13.40
CA GLU D 251 16.30 -34.93 14.61
C GLU D 251 17.17 -34.67 15.82
N ILE D 252 18.32 -35.34 15.90
CA ILE D 252 19.27 -35.15 17.02
C ILE D 252 19.90 -33.75 16.94
N THR D 253 20.43 -33.41 15.77
CA THR D 253 20.90 -32.05 15.49
C THR D 253 19.91 -30.96 15.97
N GLY D 254 18.62 -31.15 15.67
CA GLY D 254 17.57 -30.19 16.07
C GLY D 254 17.35 -30.03 17.56
N LEU D 255 17.43 -31.13 18.29
CA LEU D 255 17.35 -31.09 19.74
C LEU D 255 18.58 -30.40 20.34
N MET D 256 19.75 -30.68 19.75
CA MET D 256 21.04 -30.07 20.16
C MET D 256 21.04 -28.56 19.97
N ILE D 257 20.50 -28.13 18.83
CA ILE D 257 20.33 -26.71 18.59
C ILE D 257 19.37 -26.19 19.63
N ALA D 258 18.23 -26.85 19.78
CA ALA D 258 17.20 -26.41 20.71
C ALA D 258 17.81 -26.09 22.08
N LEU D 259 18.57 -27.03 22.61
CA LEU D 259 19.15 -26.85 23.92
C LEU D 259 20.27 -25.80 23.95
N LEU D 260 21.00 -25.67 22.85
CA LEU D 260 21.98 -24.59 22.72
C LEU D 260 21.30 -23.25 22.94
N PHE D 261 20.27 -23.03 22.12
CA PHE D 261 19.44 -21.83 22.15
C PHE D 261 18.97 -21.50 23.54
N ALA D 262 18.38 -22.49 24.18
CA ALA D 262 17.92 -22.35 25.57
C ALA D 262 18.98 -21.67 26.45
N GLY D 263 20.17 -22.27 26.48
CA GLY D 263 21.31 -21.77 27.25
C GLY D 263 21.56 -20.30 27.00
N GLN D 264 21.61 -19.92 25.72
CA GLN D 264 22.02 -18.58 25.30
C GLN D 264 20.96 -17.53 25.57
N HIS D 265 19.71 -17.85 25.24
CA HIS D 265 18.59 -16.90 25.38
C HIS D 265 18.09 -16.65 26.80
N THR D 266 18.47 -17.48 27.77
CA THR D 266 17.88 -17.41 29.11
C THR D 266 18.90 -17.57 30.24
N SER D 267 19.60 -18.71 30.25
CA SER D 267 20.62 -18.95 31.27
C SER D 267 21.67 -17.83 31.28
N SER D 268 22.23 -17.50 30.11
CA SER D 268 23.24 -16.43 29.97
C SER D 268 22.79 -15.10 30.50
N VAL D 269 21.50 -14.81 30.37
CA VAL D 269 21.04 -13.50 30.73
C VAL D 269 20.72 -13.49 32.20
N THR D 270 20.10 -14.56 32.69
CA THR D 270 19.81 -14.67 34.12
C THR D 270 21.08 -14.82 34.93
N GLY D 271 22.13 -15.37 34.32
CA GLY D 271 23.47 -15.34 34.90
C GLY D 271 23.95 -13.90 35.12
N SER D 272 23.93 -13.11 34.06
CA SER D 272 24.45 -11.75 34.11
C SER D 272 23.69 -10.93 35.14
N TRP D 273 22.37 -11.01 35.07
CA TRP D 273 21.50 -10.34 36.05
C TRP D 273 21.85 -10.64 37.51
N THR D 274 22.10 -11.91 37.82
CA THR D 274 22.38 -12.34 39.20
C THR D 274 23.50 -11.55 39.81
N GLY D 275 24.58 -11.41 39.05
CA GLY D 275 25.72 -10.62 39.47
C GLY D 275 25.40 -9.14 39.48
N LEU D 276 25.08 -8.63 38.30
CA LEU D 276 24.79 -7.21 38.14
C LEU D 276 23.91 -6.70 39.30
N LEU D 277 22.85 -7.43 39.61
CA LEU D 277 21.99 -7.10 40.73
C LEU D 277 22.69 -7.14 42.06
N LEU D 278 23.39 -8.25 42.31
CA LEU D 278 24.09 -8.47 43.58
C LEU D 278 25.17 -7.44 43.83
N PHE D 279 25.88 -7.04 42.77
CA PHE D 279 26.95 -6.05 42.88
C PHE D 279 26.52 -4.58 42.65
N GLU D 280 25.23 -4.29 42.76
CA GLU D 280 24.73 -2.93 42.91
C GLU D 280 25.13 -2.46 44.32
N ALA D 281 25.39 -1.17 44.50
CA ALA D 281 25.81 -0.57 45.79
C ALA D 281 24.96 -1.01 46.99
N ASN D 282 23.67 -0.69 46.98
CA ASN D 282 22.75 -1.05 48.08
C ASN D 282 22.53 -2.55 48.25
N ASN D 283 22.62 -3.29 47.15
CA ASN D 283 22.44 -4.74 47.17
C ASN D 283 23.66 -5.45 47.76
N LYS D 284 24.84 -5.15 47.20
CA LYS D 284 26.14 -5.63 47.70
C LYS D 284 26.25 -5.49 49.22
N LYS D 285 25.90 -4.32 49.73
CA LYS D 285 25.92 -4.07 51.18
C LYS D 285 25.00 -5.06 51.91
N LYS D 286 23.70 -5.02 51.60
CA LYS D 286 22.71 -5.73 52.39
C LYS D 286 22.59 -7.24 52.10
N PHE D 287 23.35 -7.80 51.14
CA PHE D 287 23.22 -9.25 50.80
C PHE D 287 24.50 -10.08 50.53
N LEU D 288 25.60 -9.42 50.17
CA LEU D 288 26.86 -10.13 49.90
C LEU D 288 27.54 -10.74 51.14
N PRO D 289 27.47 -10.07 52.30
CA PRO D 289 27.95 -10.68 53.55
C PRO D 289 27.48 -12.12 53.81
N GLY D 290 26.21 -12.40 53.55
CA GLY D 290 25.66 -13.74 53.68
C GLY D 290 26.18 -14.76 52.67
N VAL D 291 26.44 -14.33 51.43
CA VAL D 291 26.91 -15.26 50.36
C VAL D 291 28.40 -15.54 50.51
N LEU D 292 29.18 -14.55 50.94
CA LEU D 292 30.60 -14.75 51.26
C LEU D 292 30.76 -15.77 52.40
N GLU D 293 29.94 -15.65 53.45
CA GLU D 293 29.90 -16.65 54.53
C GLU D 293 29.47 -18.03 54.00
N GLU D 294 28.25 -18.10 53.47
CA GLU D 294 27.72 -19.32 52.85
C GLU D 294 28.73 -20.02 51.91
N GLN D 295 29.50 -19.24 51.14
CA GLN D 295 30.51 -19.80 50.20
C GLN D 295 31.76 -20.39 50.88
N GLU D 296 32.36 -19.61 51.77
CA GLU D 296 33.58 -20.01 52.46
C GLU D 296 33.31 -21.15 53.46
N GLU D 297 32.09 -21.19 54.03
CA GLU D 297 31.64 -22.30 54.89
C GLU D 297 31.50 -23.63 54.14
N ILE D 298 31.16 -23.57 52.87
CA ILE D 298 31.11 -24.78 52.04
C ILE D 298 32.54 -25.28 51.72
N ARG D 299 33.54 -24.37 51.71
CA ARG D 299 34.98 -24.76 51.69
C ARG D 299 35.39 -25.51 52.98
N LYS D 300 34.90 -25.05 54.15
CA LYS D 300 35.18 -25.69 55.46
C LYS D 300 34.62 -27.13 55.57
N GLU D 301 33.76 -27.53 54.63
CA GLU D 301 33.32 -28.92 54.47
C GLU D 301 34.04 -29.64 53.30
N PHE D 302 34.02 -29.03 52.11
CA PHE D 302 34.50 -29.69 50.86
C PHE D 302 35.89 -29.25 50.34
N GLY D 303 36.55 -28.34 51.04
CA GLY D 303 37.78 -27.72 50.55
C GLY D 303 37.58 -26.94 49.26
N ASP D 304 38.67 -26.69 48.56
CA ASP D 304 38.62 -26.06 47.24
C ASP D 304 38.05 -27.07 46.29
N GLU D 305 36.74 -27.28 46.34
CA GLU D 305 36.10 -28.21 45.43
C GLU D 305 34.63 -27.93 45.27
N LEU D 306 34.24 -27.85 44.01
CA LEU D 306 32.87 -27.71 43.62
C LEU D 306 32.44 -29.07 43.12
N THR D 307 31.43 -29.63 43.77
CA THR D 307 30.74 -30.79 43.25
C THR D 307 29.25 -30.63 43.53
N MET D 308 28.43 -31.36 42.79
CA MET D 308 26.96 -31.25 42.89
C MET D 308 26.43 -31.26 44.32
N GLU D 309 27.09 -32.00 45.21
CA GLU D 309 26.73 -32.05 46.62
C GLU D 309 26.90 -30.67 47.24
N ALA D 310 28.00 -30.00 46.90
CA ALA D 310 28.38 -28.68 47.45
C ALA D 310 27.67 -27.47 46.82
N LEU D 311 27.31 -27.59 45.53
CA LEU D 311 26.51 -26.57 44.86
C LEU D 311 25.11 -26.56 45.47
N ASN D 312 24.44 -27.72 45.46
CA ASN D 312 23.10 -27.84 46.05
C ASN D 312 23.00 -27.38 47.49
N LYS D 313 24.12 -27.40 48.22
CA LYS D 313 24.21 -26.78 49.54
C LYS D 313 24.08 -25.24 49.49
N MET D 314 24.61 -24.61 48.44
CA MET D 314 24.54 -23.15 48.30
C MET D 314 23.12 -22.66 48.14
N ASP D 315 22.43 -22.48 49.26
CA ASP D 315 21.02 -22.07 49.26
C ASP D 315 20.90 -20.54 49.24
N LYS D 316 21.77 -19.83 49.98
CA LYS D 316 21.79 -18.34 50.01
C LYS D 316 22.18 -17.70 48.66
N LEU D 317 22.94 -18.42 47.82
CA LEU D 317 23.30 -17.95 46.48
C LEU D 317 22.17 -18.22 45.50
N HIS D 318 21.69 -19.47 45.50
CA HIS D 318 20.55 -19.91 44.65
C HIS D 318 19.38 -18.93 44.71
N ARG D 319 19.10 -18.36 45.88
CA ARG D 319 18.08 -17.32 46.04
C ARG D 319 18.38 -16.03 45.27
N CYS D 320 19.65 -15.61 45.26
CA CYS D 320 20.09 -14.46 44.47
C CYS D 320 19.88 -14.71 42.98
N VAL D 321 20.09 -15.96 42.55
CA VAL D 321 19.78 -16.41 41.18
C VAL D 321 18.26 -16.36 40.93
N LYS D 322 17.46 -16.87 41.85
CA LYS D 322 16.00 -16.86 41.72
C LYS D 322 15.38 -15.43 41.70
N GLU D 323 15.98 -14.49 42.44
CA GLU D 323 15.49 -13.08 42.49
C GLU D 323 15.85 -12.29 41.24
N ALA D 324 16.98 -12.61 40.67
CA ALA D 324 17.34 -12.08 39.37
C ALA D 324 16.31 -12.52 38.32
N LEU D 325 15.92 -13.79 38.34
CA LEU D 325 14.94 -14.32 37.41
C LEU D 325 13.51 -13.77 37.63
N ARG D 326 13.21 -13.28 38.81
CA ARG D 326 11.90 -12.70 39.11
C ARG D 326 11.78 -11.27 38.54
N MET D 327 12.82 -10.48 38.77
CA MET D 327 12.79 -9.05 38.46
C MET D 327 12.98 -8.83 36.96
N TYR D 328 13.94 -9.54 36.39
CA TYR D 328 14.24 -9.45 34.96
C TYR D 328 14.31 -10.86 34.35
N PRO D 329 13.12 -11.47 34.11
CA PRO D 329 13.11 -12.74 33.41
C PRO D 329 13.52 -12.60 31.96
N PRO D 330 14.11 -13.66 31.40
CA PRO D 330 14.50 -13.60 30.01
C PRO D 330 13.37 -13.78 29.07
N LEU D 331 12.23 -14.28 29.51
CA LEU D 331 11.14 -14.44 28.58
C LEU D 331 10.07 -13.45 28.94
N LEU D 332 9.68 -12.65 27.95
CA LEU D 332 8.54 -11.78 28.08
C LEU D 332 7.25 -12.54 28.24
N PHE D 333 7.07 -13.53 27.37
CA PHE D 333 5.82 -14.26 27.32
C PHE D 333 5.98 -15.75 27.15
N VAL D 334 4.95 -16.44 27.57
CA VAL D 334 4.71 -17.81 27.17
C VAL D 334 3.28 -17.76 26.66
N MET D 335 2.97 -18.64 25.70
CA MET D 335 1.74 -18.49 24.92
C MET D 335 1.12 -19.81 24.54
N ARG D 336 -0.19 -19.79 24.45
CA ARG D 336 -0.94 -20.95 23.95
C ARG D 336 -2.05 -20.45 23.06
N LYS D 337 -2.24 -21.10 21.91
CA LYS D 337 -3.48 -20.99 21.14
C LYS D 337 -4.51 -21.78 21.91
N VAL D 338 -5.68 -21.20 22.13
CA VAL D 338 -6.79 -21.84 22.85
C VAL D 338 -7.61 -22.68 21.88
N ILE D 339 -7.81 -23.96 22.19
CA ILE D 339 -8.50 -24.89 21.28
C ILE D 339 -9.90 -25.18 21.78
N LYS D 340 -10.01 -25.61 23.03
CA LYS D 340 -11.31 -25.74 23.69
C LYS D 340 -11.48 -24.50 24.54
N PRO D 341 -12.68 -23.89 24.50
CA PRO D 341 -12.91 -22.70 25.34
C PRO D 341 -12.78 -22.97 26.85
N PHE D 342 -12.76 -21.92 27.63
CA PHE D 342 -12.66 -22.05 29.08
C PHE D 342 -13.17 -20.82 29.81
N SER D 343 -13.34 -20.99 31.13
CA SER D 343 -13.98 -20.00 31.98
C SER D 343 -13.01 -19.58 33.06
N TYR D 344 -13.23 -18.40 33.63
CA TYR D 344 -12.37 -17.87 34.68
C TYR D 344 -13.16 -16.83 35.42
N LYS D 345 -13.58 -17.18 36.63
CA LYS D 345 -14.56 -16.37 37.36
C LYS D 345 -15.79 -16.19 36.44
N ASP D 346 -16.51 -15.08 36.57
CA ASP D 346 -17.60 -14.77 35.62
C ASP D 346 -17.15 -14.69 34.12
N TYR D 347 -15.84 -14.57 33.86
CA TYR D 347 -15.35 -14.44 32.48
C TYR D 347 -15.35 -15.78 31.65
N TYR D 348 -15.19 -15.66 30.33
CA TYR D 348 -15.25 -16.79 29.38
C TYR D 348 -14.36 -16.49 28.18
N VAL D 349 -13.20 -17.16 28.11
CA VAL D 349 -12.21 -16.98 27.03
C VAL D 349 -12.49 -17.98 25.90
N PRO D 350 -12.68 -17.50 24.66
CA PRO D 350 -13.22 -18.34 23.58
C PRO D 350 -12.21 -19.11 22.75
N GLU D 351 -12.70 -20.15 22.08
CA GLU D 351 -11.92 -20.89 21.09
C GLU D 351 -11.49 -19.91 19.99
N GLY D 352 -10.20 -19.97 19.65
CA GLY D 352 -9.59 -19.09 18.67
C GLY D 352 -8.55 -18.19 19.31
N ASP D 353 -8.86 -17.70 20.51
CA ASP D 353 -7.98 -16.76 21.21
C ASP D 353 -6.58 -17.30 21.43
N THR D 354 -5.66 -16.37 21.63
CA THR D 354 -4.28 -16.67 21.95
C THR D 354 -4.05 -16.10 23.36
N VAL D 355 -3.74 -16.99 24.30
CA VAL D 355 -3.53 -16.61 25.70
C VAL D 355 -2.04 -16.41 25.97
N PHE D 356 -1.74 -15.45 26.85
CA PHE D 356 -0.38 -14.98 27.17
C PHE D 356 -0.23 -14.86 28.69
N VAL D 357 0.92 -15.30 29.21
CA VAL D 357 1.32 -14.88 30.55
C VAL D 357 2.67 -14.19 30.46
N SER D 358 2.78 -12.99 31.03
CA SER D 358 4.09 -12.38 31.15
C SER D 358 4.68 -12.78 32.47
N PRO D 359 5.78 -13.53 32.46
CA PRO D 359 6.47 -13.78 33.71
C PRO D 359 6.96 -12.50 34.38
N ALA D 360 7.54 -11.60 33.57
CA ALA D 360 8.01 -10.29 34.03
C ALA D 360 6.93 -9.55 34.83
N LEU D 361 5.75 -9.37 34.22
CA LEU D 361 4.64 -8.63 34.81
C LEU D 361 4.07 -9.30 36.03
N SER D 362 3.64 -10.55 35.87
CA SER D 362 2.96 -11.30 36.93
C SER D 362 3.78 -11.43 38.20
N MET D 363 5.11 -11.41 38.05
CA MET D 363 6.05 -11.42 39.18
C MET D 363 6.48 -10.01 39.59
N ARG D 364 5.68 -9.00 39.29
CA ARG D 364 5.79 -7.68 39.92
C ARG D 364 4.47 -7.28 40.58
N VAL D 365 3.56 -8.22 40.81
CA VAL D 365 2.29 -7.88 41.41
C VAL D 365 2.49 -7.80 42.93
N GLU D 366 2.31 -6.62 43.52
CA GLU D 366 2.54 -6.38 44.97
C GLU D 366 1.83 -7.32 45.94
N GLU D 367 0.60 -7.70 45.59
CA GLU D 367 -0.25 -8.53 46.47
C GLU D 367 0.37 -9.94 46.56
N VAL D 368 1.10 -10.32 45.51
CA VAL D 368 1.77 -11.61 45.36
C VAL D 368 3.24 -11.53 45.80
N PHE D 369 3.88 -10.36 45.70
CA PHE D 369 5.28 -10.14 46.12
C PHE D 369 5.45 -8.77 46.80
N PRO D 370 5.41 -8.71 48.14
CA PRO D 370 5.89 -7.54 48.89
C PRO D 370 7.06 -6.78 48.25
N ASN D 371 6.91 -5.47 48.09
CA ASN D 371 7.98 -4.59 47.60
C ASN D 371 8.66 -5.13 46.34
N ALA D 372 7.83 -5.41 45.34
CA ALA D 372 8.21 -6.20 44.15
C ALA D 372 9.22 -5.56 43.23
N ASP D 373 9.44 -4.25 43.33
CA ASP D 373 10.52 -3.59 42.60
C ASP D 373 11.88 -3.72 43.29
N GLN D 374 11.89 -4.05 44.59
CA GLN D 374 13.13 -4.13 45.39
C GLN D 374 13.77 -5.48 45.33
N TYR D 375 15.11 -5.48 45.33
CA TYR D 375 15.89 -6.72 45.27
C TYR D 375 15.98 -7.30 46.67
N ASN D 376 15.35 -8.46 46.88
CA ASN D 376 15.34 -9.16 48.17
C ASN D 376 15.34 -10.69 48.00
N PRO D 377 16.52 -11.28 47.72
CA PRO D 377 16.64 -12.74 47.58
C PRO D 377 16.05 -13.54 48.75
N GLU D 378 16.11 -12.99 49.96
CA GLU D 378 15.64 -13.70 51.14
C GLU D 378 14.12 -13.69 51.26
N ARG D 379 13.40 -13.13 50.27
CA ARG D 379 11.96 -13.28 50.19
C ARG D 379 11.56 -14.74 49.88
N PHE D 380 12.47 -15.47 49.24
CA PHE D 380 12.26 -16.88 48.89
C PHE D 380 12.64 -17.87 50.00
N VAL D 381 12.82 -17.37 51.22
CA VAL D 381 13.13 -18.21 52.38
C VAL D 381 11.85 -18.84 52.95
N GLU D 382 10.82 -18.03 53.09
CA GLU D 382 9.59 -18.43 53.72
C GLU D 382 8.59 -18.77 52.64
N GLU D 383 8.43 -17.85 51.68
CA GLU D 383 7.58 -18.04 50.51
C GLU D 383 7.90 -19.34 49.78
N ASP D 384 9.19 -19.66 49.59
CA ASP D 384 9.54 -20.92 48.93
C ASP D 384 9.00 -22.05 49.79
N LYS D 385 8.11 -22.85 49.21
CA LYS D 385 7.29 -23.82 49.93
C LYS D 385 6.67 -24.92 49.05
N GLN D 386 6.35 -24.60 47.78
CA GLN D 386 5.73 -25.53 46.79
C GLN D 386 4.26 -25.82 47.07
N ALA D 387 3.79 -25.42 48.25
CA ALA D 387 2.38 -25.33 48.56
C ALA D 387 1.74 -24.10 47.85
N GLN D 388 2.57 -23.26 47.20
CA GLN D 388 2.09 -22.42 46.08
C GLN D 388 3.20 -22.13 45.01
N LYS D 389 3.12 -22.90 43.92
CA LYS D 389 3.58 -22.50 42.56
C LYS D 389 2.46 -21.66 41.92
N TYR D 390 2.66 -21.21 40.68
CA TYR D 390 1.79 -20.19 40.04
C TYR D 390 2.08 -18.77 40.51
N ARG D 391 2.57 -18.60 41.73
CA ARG D 391 3.18 -17.33 42.15
C ARG D 391 4.50 -17.04 41.38
N PHE D 392 5.42 -18.01 41.34
CA PHE D 392 6.68 -17.87 40.60
C PHE D 392 6.59 -18.61 39.26
N VAL D 393 6.58 -17.87 38.15
CA VAL D 393 6.45 -18.48 36.81
C VAL D 393 7.72 -18.37 35.97
N GLY D 394 8.79 -17.82 36.52
CA GLY D 394 10.07 -17.75 35.81
C GLY D 394 10.44 -18.97 34.99
N PHE D 395 10.08 -20.16 35.47
CA PHE D 395 10.35 -21.42 34.78
C PHE D 395 9.09 -22.08 34.27
N GLY D 396 8.10 -21.25 34.00
CA GLY D 396 6.79 -21.72 33.69
C GLY D 396 6.19 -22.42 34.88
N ALA D 397 5.43 -23.47 34.59
CA ALA D 397 4.61 -24.17 35.56
C ALA D 397 3.87 -25.27 34.80
N GLY D 398 3.32 -26.24 35.51
CA GLY D 398 2.51 -27.30 34.89
C GLY D 398 3.34 -28.31 34.10
N ARG D 399 2.65 -29.02 33.18
CA ARG D 399 3.29 -30.08 32.40
C ARG D 399 4.36 -29.56 31.45
N HIS D 400 4.15 -28.38 30.86
CA HIS D 400 5.15 -27.75 29.99
C HIS D 400 6.11 -26.82 30.72
N GLY D 401 6.33 -27.07 32.01
CA GLY D 401 7.36 -26.38 32.76
C GLY D 401 8.72 -26.69 32.20
N CYS D 402 9.67 -25.81 32.48
CA CYS D 402 11.03 -25.90 31.95
C CYS D 402 11.76 -27.17 32.34
N MET D 403 12.14 -28.00 31.36
CA MET D 403 12.89 -29.23 31.61
C MET D 403 14.32 -29.00 32.05
N GLY D 404 14.88 -27.83 31.75
CA GLY D 404 16.26 -27.50 32.13
C GLY D 404 16.42 -26.53 33.29
N GLU D 405 15.45 -26.46 34.21
CA GLU D 405 15.58 -25.61 35.40
C GLU D 405 16.91 -25.87 36.11
N ASN D 406 17.14 -27.14 36.44
CA ASN D 406 18.29 -27.55 37.26
C ASN D 406 19.64 -27.36 36.59
N PHE D 407 19.75 -27.69 35.30
CA PHE D 407 20.98 -27.42 34.52
C PHE D 407 21.40 -25.97 34.61
N ALA D 408 20.41 -25.07 34.52
CA ALA D 408 20.65 -23.62 34.48
C ALA D 408 21.12 -23.11 35.83
N TYR D 409 20.48 -23.62 36.87
CA TYR D 409 20.86 -23.29 38.24
C TYR D 409 22.30 -23.77 38.56
N LEU D 410 22.63 -25.01 38.21
CA LEU D 410 24.00 -25.53 38.33
C LEU D 410 24.99 -24.70 37.56
N GLN D 411 24.63 -24.39 36.32
CA GLN D 411 25.48 -23.61 35.44
C GLN D 411 25.76 -22.22 36.03
N ILE D 412 24.72 -21.50 36.48
CA ILE D 412 24.87 -20.15 37.02
C ILE D 412 25.56 -20.16 38.38
N LYS D 413 25.13 -21.04 39.29
CA LYS D 413 25.74 -21.18 40.63
C LYS D 413 27.25 -21.45 40.53
N THR D 414 27.63 -22.43 39.72
CA THR D 414 29.04 -22.70 39.38
C THR D 414 29.81 -21.46 38.92
N ILE D 415 29.24 -20.75 37.96
CA ILE D 415 29.88 -19.59 37.35
C ILE D 415 30.12 -18.49 38.36
N TRP D 416 29.09 -18.16 39.13
CA TRP D 416 29.26 -17.17 40.21
C TRP D 416 30.02 -17.69 41.41
N SER D 417 29.97 -18.99 41.67
CA SER D 417 30.80 -19.57 42.72
C SER D 417 32.28 -19.34 42.37
N VAL D 418 32.70 -19.84 41.21
CA VAL D 418 34.12 -19.71 40.78
C VAL D 418 34.56 -18.27 40.92
N LEU D 419 33.78 -17.36 40.35
CA LEU D 419 34.10 -15.95 40.37
C LEU D 419 34.21 -15.44 41.80
N LEU D 420 33.16 -15.63 42.59
CA LEU D 420 33.08 -15.09 43.95
C LEU D 420 34.33 -15.28 44.80
N ARG D 421 34.91 -16.48 44.73
CA ARG D 421 36.08 -16.85 45.53
C ARG D 421 37.29 -16.10 45.01
N ASN D 422 37.55 -16.26 43.72
CA ASN D 422 38.80 -15.82 43.09
C ASN D 422 38.94 -14.32 42.88
N PHE D 423 37.83 -13.62 42.65
CA PHE D 423 37.87 -12.20 42.33
C PHE D 423 37.17 -11.36 43.37
N ASP D 424 37.36 -10.05 43.23
CA ASP D 424 36.61 -9.05 43.96
C ASP D 424 36.03 -8.07 42.94
N ILE D 425 34.71 -8.06 42.86
CA ILE D 425 33.95 -7.54 41.72
C ILE D 425 33.08 -6.32 42.13
N GLU D 426 33.26 -5.21 41.41
CA GLU D 426 32.43 -4.00 41.53
C GLU D 426 31.76 -3.67 40.19
N LEU D 427 30.47 -3.34 40.27
CA LEU D 427 29.73 -2.88 39.10
C LEU D 427 30.24 -1.50 38.69
N VAL D 428 30.60 -1.33 37.42
CA VAL D 428 31.05 -0.03 36.88
C VAL D 428 29.83 0.85 36.67
N GLY D 429 29.51 1.69 37.64
CA GLY D 429 28.31 2.56 37.62
C GLY D 429 27.00 2.02 37.02
N GLU D 430 25.87 2.61 37.41
CA GLU D 430 24.61 2.49 36.65
C GLU D 430 24.15 1.03 36.44
N LEU D 431 23.17 0.58 37.23
CA LEU D 431 22.58 -0.75 37.02
C LEU D 431 21.99 -0.81 35.62
N PRO D 432 22.50 -1.71 34.75
CA PRO D 432 21.91 -1.76 33.41
C PRO D 432 20.38 -1.91 33.44
N LYS D 433 19.70 -1.21 32.54
CA LYS D 433 18.24 -1.30 32.42
C LYS D 433 17.88 -2.48 31.53
N PRO D 434 16.67 -3.03 31.71
CA PRO D 434 16.22 -4.16 30.86
C PRO D 434 15.92 -3.75 29.40
N ASP D 435 15.79 -4.73 28.53
CA ASP D 435 15.67 -4.52 27.08
C ASP D 435 14.47 -5.31 26.53
N TYR D 436 13.28 -4.91 26.99
CA TYR D 436 12.03 -5.60 26.64
C TYR D 436 11.63 -5.54 25.16
N THR D 437 12.23 -4.62 24.41
CA THR D 437 12.02 -4.47 22.99
C THR D 437 13.03 -5.28 22.12
N ALA D 438 13.75 -6.24 22.70
CA ALA D 438 14.74 -7.07 21.95
C ALA D 438 14.34 -8.56 21.80
N MET D 439 15.06 -9.26 20.92
CA MET D 439 14.84 -10.69 20.65
C MET D 439 15.52 -11.67 21.63
N VAL D 440 16.33 -11.12 22.53
CA VAL D 440 16.83 -11.81 23.72
C VAL D 440 16.64 -10.78 24.82
N VAL D 441 15.77 -11.06 25.80
CA VAL D 441 15.32 -10.04 26.76
C VAL D 441 16.34 -9.96 27.91
N GLY D 442 17.42 -9.25 27.63
CA GLY D 442 18.56 -9.17 28.53
C GLY D 442 18.79 -7.78 29.10
N PRO D 443 19.88 -7.64 29.88
CA PRO D 443 20.29 -6.33 30.38
C PRO D 443 20.89 -5.56 29.23
N ALA D 444 20.61 -4.27 29.17
CA ALA D 444 21.07 -3.47 28.04
C ALA D 444 22.56 -3.23 28.18
N HIS D 445 23.28 -3.35 27.07
CA HIS D 445 24.71 -3.09 27.07
C HIS D 445 25.02 -1.60 27.36
N PRO D 446 26.16 -1.28 27.95
CA PRO D 446 27.17 -2.24 28.39
C PRO D 446 26.95 -2.73 29.83
N CYS D 447 27.45 -3.93 30.09
CA CYS D 447 27.30 -4.61 31.37
C CYS D 447 28.69 -4.80 31.96
N LEU D 448 29.23 -3.69 32.45
CA LEU D 448 30.63 -3.63 32.86
C LEU D 448 30.79 -3.97 34.35
N LEU D 449 31.62 -5.00 34.62
CA LEU D 449 32.00 -5.40 35.97
C LEU D 449 33.52 -5.31 36.09
N ARG D 450 33.97 -4.57 37.10
CA ARG D 450 35.39 -4.30 37.37
C ARG D 450 35.90 -5.38 38.34
N TYR D 451 36.99 -6.07 37.99
CA TYR D 451 37.52 -7.16 38.87
C TYR D 451 38.94 -6.93 39.37
N THR D 452 39.18 -7.43 40.58
CA THR D 452 40.52 -7.54 41.14
C THR D 452 40.71 -8.98 41.61
N ARG D 453 41.72 -9.67 41.05
CA ARG D 453 42.09 -11.05 41.43
C ARG D 453 42.57 -11.05 42.90
N LYS D 454 42.27 -12.12 43.66
CA LYS D 454 42.65 -12.22 45.09
C LYS D 454 43.70 -13.31 45.48
N HIS D 455 44.16 -14.12 44.51
CA HIS D 455 45.35 -15.03 44.60
C HIS D 455 45.95 -15.29 45.99
N GLY E 9 -4.96 40.30 11.35
CA GLY E 9 -5.05 39.12 12.28
C GLY E 9 -4.52 37.83 11.68
N LYS E 10 -4.02 36.95 12.54
CA LYS E 10 -3.23 35.75 12.12
C LYS E 10 -3.86 34.37 12.43
N LEU E 11 -3.35 33.32 11.79
CA LEU E 11 -3.83 31.94 12.02
C LEU E 11 -3.28 31.35 13.31
N PRO E 12 -4.03 30.39 13.93
CA PRO E 12 -3.56 29.79 15.18
C PRO E 12 -2.35 28.90 14.95
N PRO E 13 -1.55 28.65 16.01
CA PRO E 13 -0.34 27.84 15.83
C PRO E 13 -0.71 26.40 15.55
N VAL E 14 0.17 25.73 14.82
CA VAL E 14 -0.07 24.36 14.40
C VAL E 14 0.72 23.40 15.28
N VAL E 15 0.05 22.30 15.61
CA VAL E 15 0.65 21.25 16.40
C VAL E 15 1.59 20.56 15.45
N SER E 16 2.87 20.56 15.84
CA SER E 16 3.99 20.31 14.94
C SER E 16 3.95 19.01 14.10
N SER E 17 4.37 17.89 14.67
CA SER E 17 4.53 16.61 13.93
C SER E 17 5.56 16.59 12.77
N LEU E 18 6.45 15.61 12.84
CA LEU E 18 7.42 15.31 11.79
C LEU E 18 6.97 14.16 10.88
N ILE E 19 5.86 13.49 11.19
CA ILE E 19 5.38 12.41 10.32
C ILE E 19 4.71 13.05 9.09
N PRO E 20 5.24 12.81 7.87
CA PRO E 20 4.61 13.43 6.70
C PRO E 20 3.26 12.79 6.39
N PHE E 21 2.52 13.35 5.44
CA PHE E 21 1.11 13.00 5.13
C PHE E 21 0.24 12.91 6.40
N VAL E 22 0.43 11.88 7.21
CA VAL E 22 -0.43 11.62 8.35
C VAL E 22 -0.46 12.81 9.32
N GLY E 23 0.64 13.53 9.48
CA GLY E 23 0.69 14.69 10.39
C GLY E 23 0.52 14.24 11.84
N SER E 24 -0.39 14.89 12.58
CA SER E 24 -0.65 14.54 13.99
C SER E 24 -1.61 13.36 14.18
N GLY E 25 -1.94 12.65 13.10
CA GLY E 25 -3.00 11.65 13.10
C GLY E 25 -2.82 10.44 14.00
N LEU E 26 -1.70 9.71 13.83
CA LEU E 26 -1.44 8.52 14.66
C LEU E 26 -1.32 8.84 16.15
N SER E 27 -0.75 10.00 16.48
CA SER E 27 -0.60 10.43 17.88
C SER E 27 -1.95 10.77 18.52
N PHE E 28 -2.82 11.42 17.74
CA PHE E 28 -4.14 11.86 18.22
C PHE E 28 -5.04 10.66 18.42
N ALA E 29 -5.31 9.92 17.34
CA ALA E 29 -5.94 8.61 17.47
C ALA E 29 -5.02 7.74 18.34
N GLY E 30 -5.59 7.05 19.34
CA GLY E 30 -4.79 6.26 20.26
C GLY E 30 -4.06 7.12 21.28
N GLY E 31 -4.50 8.36 21.45
CA GLY E 31 -4.14 9.18 22.63
C GLY E 31 -4.92 10.49 22.69
N PRO E 32 -6.24 10.44 22.39
CA PRO E 32 -6.95 11.63 21.94
C PRO E 32 -6.92 12.73 22.96
N LEU E 33 -7.37 12.43 24.17
CA LEU E 33 -7.38 13.44 25.21
C LEU E 33 -5.96 13.83 25.61
N GLN E 34 -5.06 12.85 25.79
CA GLN E 34 -3.74 13.15 26.36
C GLN E 34 -2.87 13.87 25.32
N TYR E 35 -3.09 13.62 24.02
CA TYR E 35 -2.42 14.37 22.95
C TYR E 35 -2.96 15.80 22.78
N THR E 36 -4.27 15.95 22.93
CA THR E 36 -4.93 17.26 22.94
C THR E 36 -4.49 18.10 24.14
N THR E 37 -4.39 17.48 25.32
CA THR E 37 -3.97 18.18 26.55
C THR E 37 -2.56 18.79 26.49
N ASP E 38 -1.63 18.09 25.84
CA ASP E 38 -0.26 18.60 25.68
C ASP E 38 -0.17 19.72 24.65
N ALA E 39 -0.98 19.63 23.59
CA ALA E 39 -1.13 20.70 22.61
C ALA E 39 -1.70 21.98 23.24
N TYR E 40 -2.51 21.86 24.28
CA TYR E 40 -2.95 23.03 25.06
C TYR E 40 -1.82 23.59 25.96
N LYS E 41 -1.01 22.74 26.58
CA LYS E 41 0.12 23.18 27.40
C LYS E 41 1.11 23.93 26.52
N LYS E 42 1.35 23.38 25.32
CA LYS E 42 2.37 23.87 24.40
C LYS E 42 1.93 25.09 23.60
N TYR E 43 0.64 25.23 23.33
CA TYR E 43 0.17 26.25 22.35
C TYR E 43 -1.01 27.19 22.78
N GLY E 44 -1.76 26.87 23.83
CA GLY E 44 -2.75 27.80 24.43
C GLY E 44 -4.20 27.62 24.01
N ASP E 45 -5.07 28.53 24.47
CA ASP E 45 -6.47 28.65 24.05
C ASP E 45 -6.85 27.88 22.79
N ILE E 46 -6.16 28.21 21.72
CA ILE E 46 -6.55 27.85 20.37
C ILE E 46 -5.30 27.35 19.61
N PHE E 47 -5.50 26.29 18.81
CA PHE E 47 -4.42 25.66 18.03
C PHE E 47 -5.00 24.72 16.96
N THR E 48 -4.25 24.50 15.88
CA THR E 48 -4.68 23.59 14.81
C THR E 48 -3.78 22.36 14.73
N MET E 49 -4.39 21.21 14.52
CA MET E 49 -3.68 19.99 14.18
C MET E 49 -3.87 19.81 12.69
N LYS E 50 -2.78 19.57 11.97
CA LYS E 50 -2.91 19.15 10.58
C LYS E 50 -2.89 17.64 10.58
N VAL E 51 -3.91 17.03 9.95
CA VAL E 51 -4.05 15.57 9.86
C VAL E 51 -4.46 15.13 8.45
N PHE E 52 -3.55 14.53 7.68
CA PHE E 52 -3.78 14.29 6.24
C PHE E 52 -4.16 15.60 5.53
N GLY E 53 -3.47 16.68 5.90
CA GLY E 53 -3.80 18.02 5.42
C GLY E 53 -5.26 18.34 5.64
N GLN E 54 -5.75 18.08 6.85
CA GLN E 54 -7.10 18.47 7.28
C GLN E 54 -6.91 19.31 8.53
N ARG E 55 -7.32 20.57 8.45
CA ARG E 55 -7.17 21.49 9.56
C ARG E 55 -8.29 21.22 10.58
N LEU E 56 -7.87 20.65 11.71
CA LEU E 56 -8.71 20.46 12.86
C LEU E 56 -8.24 21.48 13.89
N THR E 57 -9.14 22.37 14.32
CA THR E 57 -8.78 23.46 15.20
C THR E 57 -9.52 23.32 16.55
N PHE E 58 -8.82 23.64 17.63
CA PHE E 58 -9.28 23.32 18.97
C PHE E 58 -9.49 24.57 19.78
N LEU E 59 -10.48 24.54 20.65
CA LEU E 59 -10.87 25.70 21.42
C LEU E 59 -11.00 25.23 22.85
N VAL E 60 -10.02 25.62 23.67
CA VAL E 60 -9.98 25.22 25.08
C VAL E 60 -10.34 26.41 25.96
N GLY E 61 -11.23 26.18 26.93
CA GLY E 61 -11.60 27.20 27.91
C GLY E 61 -12.64 28.20 27.42
N PRO E 62 -13.29 28.93 28.34
CA PRO E 62 -14.56 29.65 28.10
C PRO E 62 -14.51 30.93 27.23
N ASP E 63 -13.33 31.52 27.07
CA ASP E 63 -13.14 32.61 26.10
C ASP E 63 -13.22 32.02 24.70
N ALA E 64 -12.36 31.04 24.45
CA ALA E 64 -12.34 30.35 23.17
C ALA E 64 -13.62 29.57 22.87
N HIS E 65 -14.32 29.11 23.90
CA HIS E 65 -15.59 28.40 23.68
C HIS E 65 -16.58 29.29 22.95
N VAL E 66 -16.46 30.61 23.09
CA VAL E 66 -17.51 31.55 22.63
C VAL E 66 -17.83 31.43 21.15
N PRO E 67 -16.80 31.56 20.27
CA PRO E 67 -17.12 31.45 18.84
C PRO E 67 -17.77 30.11 18.43
N PHE E 68 -17.48 29.04 19.18
CA PHE E 68 -18.06 27.72 18.94
C PHE E 68 -19.57 27.64 19.22
N PHE E 69 -20.01 28.16 20.38
CA PHE E 69 -21.41 28.01 20.85
C PHE E 69 -22.36 29.19 20.53
N SER E 70 -21.80 30.34 20.14
CA SER E 70 -22.59 31.55 19.79
C SER E 70 -23.20 31.47 18.40
N GLN E 71 -22.35 31.21 17.40
CA GLN E 71 -22.70 31.39 15.98
C GLN E 71 -23.74 30.41 15.45
N GLY E 72 -24.57 30.88 14.52
CA GLY E 72 -25.67 30.09 13.99
C GLY E 72 -25.25 29.04 13.00
N ASP E 73 -26.25 28.37 12.43
CA ASP E 73 -26.04 27.25 11.50
C ASP E 73 -25.52 27.74 10.15
N ALA E 74 -25.67 29.04 9.89
CA ALA E 74 -25.08 29.65 8.70
C ALA E 74 -23.60 30.00 8.88
N GLU E 75 -23.05 29.82 10.08
CA GLU E 75 -21.61 29.99 10.34
C GLU E 75 -20.83 28.70 10.60
N LEU E 76 -21.41 27.80 11.40
CA LEU E 76 -20.78 26.54 11.80
C LEU E 76 -21.76 25.41 11.52
N SER E 77 -21.31 24.37 10.81
CA SER E 77 -22.20 23.27 10.40
C SER E 77 -21.98 22.01 11.24
N GLN E 78 -23.07 21.40 11.70
CA GLN E 78 -23.04 20.09 12.37
C GLN E 78 -22.86 18.98 11.33
N ASP E 79 -23.40 19.20 10.13
CA ASP E 79 -23.72 18.13 9.14
C ASP E 79 -22.53 17.23 8.79
N GLU E 80 -21.44 17.90 8.43
CA GLU E 80 -20.24 17.25 7.92
C GLU E 80 -19.53 16.36 8.96
N PRO E 81 -19.26 16.88 10.18
CA PRO E 81 -18.58 16.03 11.17
C PRO E 81 -19.39 14.97 11.91
N TYR E 82 -20.71 14.94 11.79
CA TYR E 82 -21.50 13.89 12.44
C TYR E 82 -22.15 12.94 11.43
N GLN E 83 -21.57 12.84 10.22
CA GLN E 83 -22.10 11.97 9.16
C GLN E 83 -22.10 10.46 9.56
N PHE E 84 -21.21 10.06 10.48
CA PHE E 84 -21.22 8.70 10.99
C PHE E 84 -22.58 8.31 11.53
N SER E 85 -23.32 9.28 12.06
CA SER E 85 -24.64 9.06 12.64
C SER E 85 -25.72 8.62 11.61
N VAL E 86 -25.54 8.98 10.34
CA VAL E 86 -26.58 8.84 9.32
C VAL E 86 -26.98 7.38 9.01
N PRO E 87 -26.00 6.47 8.83
CA PRO E 87 -26.39 5.06 8.57
C PRO E 87 -26.91 4.31 9.80
N ILE E 88 -26.63 4.85 10.98
CA ILE E 88 -27.13 4.33 12.24
C ILE E 88 -28.60 4.66 12.39
N PHE E 89 -28.92 5.96 12.31
CA PHE E 89 -30.30 6.47 12.50
C PHE E 89 -31.21 6.21 11.29
N GLY E 90 -30.60 6.17 10.12
CA GLY E 90 -31.34 6.07 8.88
C GLY E 90 -31.37 7.45 8.28
N PRO E 91 -31.69 7.52 6.98
CA PRO E 91 -31.63 8.81 6.27
C PRO E 91 -32.81 9.74 6.62
N ASN E 92 -32.65 11.01 6.23
CA ASN E 92 -33.60 12.09 6.58
C ASN E 92 -33.79 12.28 8.10
N VAL E 93 -32.83 11.82 8.90
CA VAL E 93 -32.98 11.85 10.35
C VAL E 93 -31.77 12.52 10.97
N VAL E 94 -32.08 13.53 11.78
CA VAL E 94 -31.13 14.38 12.45
C VAL E 94 -30.07 14.88 11.46
N TYR E 95 -28.86 14.34 11.50
CA TYR E 95 -27.79 14.90 10.68
C TYR E 95 -27.77 14.36 9.24
N GLY E 96 -28.70 13.47 8.91
CA GLY E 96 -29.00 13.10 7.52
C GLY E 96 -29.84 14.15 6.79
N ALA E 97 -30.81 14.72 7.50
CA ALA E 97 -31.78 15.68 6.92
C ALA E 97 -31.29 17.13 6.83
N ASP E 98 -31.89 17.87 5.89
CA ASP E 98 -31.68 19.31 5.67
C ASP E 98 -32.14 20.17 6.84
N LEU E 99 -31.56 21.36 6.97
CA LEU E 99 -31.80 22.20 8.14
C LEU E 99 -33.28 22.43 8.44
N ALA E 100 -34.08 22.65 7.40
CA ALA E 100 -35.53 22.91 7.56
C ALA E 100 -36.23 21.75 8.27
N HIS E 101 -36.05 20.55 7.74
CA HIS E 101 -36.64 19.34 8.31
C HIS E 101 -36.00 18.93 9.66
N ARG E 102 -34.71 19.20 9.85
CA ARG E 102 -34.00 18.79 11.08
C ARG E 102 -34.39 19.61 12.28
N ASN E 103 -34.55 20.92 12.09
CA ASN E 103 -34.91 21.84 13.18
C ASN E 103 -36.31 21.56 13.70
N GLN E 104 -37.20 21.09 12.83
CA GLN E 104 -38.50 20.59 13.25
C GLN E 104 -38.37 19.25 13.99
N GLN E 105 -37.51 18.37 13.48
CA GLN E 105 -37.19 17.11 14.16
C GLN E 105 -36.63 17.31 15.57
N LEU E 106 -35.74 18.28 15.74
CA LEU E 106 -35.26 18.67 17.07
C LEU E 106 -36.36 19.32 17.95
N LYS E 107 -37.30 20.07 17.33
CA LYS E 107 -38.48 20.60 18.05
C LYS E 107 -39.45 19.48 18.50
N PHE E 108 -39.53 18.36 17.76
CA PHE E 108 -40.36 17.21 18.16
C PHE E 108 -39.79 16.49 19.36
N ILE E 109 -38.47 16.28 19.34
CA ILE E 109 -37.70 15.77 20.50
C ILE E 109 -37.96 16.67 21.73
N ALA E 110 -37.67 17.97 21.57
CA ALA E 110 -37.90 18.98 22.61
C ALA E 110 -39.28 18.85 23.24
N ALA E 111 -40.27 18.45 22.45
CA ALA E 111 -41.65 18.20 22.94
C ALA E 111 -41.79 16.93 23.76
N SER E 112 -41.27 15.82 23.27
CA SER E 112 -41.33 14.56 24.01
C SER E 112 -40.36 14.52 25.20
N LEU E 113 -39.39 15.45 25.27
CA LEU E 113 -38.53 15.61 26.45
C LEU E 113 -38.80 16.89 27.26
N SER E 114 -39.89 17.59 26.96
CA SER E 114 -40.28 18.80 27.72
C SER E 114 -40.70 18.47 29.14
N THR E 115 -40.55 19.44 30.06
CA THR E 115 -40.90 19.22 31.47
C THR E 115 -42.33 18.69 31.66
N LYS E 116 -43.27 19.08 30.79
CA LYS E 116 -44.67 18.59 30.84
C LYS E 116 -44.85 17.11 30.37
N ALA E 117 -43.93 16.62 29.53
CA ALA E 117 -43.87 15.20 29.15
C ALA E 117 -43.13 14.35 30.20
N LEU E 118 -42.06 14.90 30.79
CA LEU E 118 -41.29 14.24 31.86
C LEU E 118 -42.08 13.99 33.15
N GLN E 119 -42.99 14.89 33.52
CA GLN E 119 -43.91 14.67 34.66
C GLN E 119 -44.64 13.36 34.45
N SER E 120 -45.20 13.17 33.26
CA SER E 120 -45.93 11.95 32.93
C SER E 120 -45.05 10.71 32.66
N TYR E 121 -43.73 10.87 32.51
CA TYR E 121 -42.79 9.73 32.51
C TYR E 121 -42.28 9.30 33.90
N VAL E 122 -42.12 10.24 34.84
CA VAL E 122 -41.46 9.97 36.14
C VAL E 122 -41.98 8.75 36.94
N PRO E 123 -43.31 8.54 36.99
CA PRO E 123 -43.86 7.29 37.53
C PRO E 123 -43.29 6.02 36.91
N LEU E 124 -43.09 6.01 35.59
CA LEU E 124 -42.50 4.85 34.88
C LEU E 124 -41.02 4.66 35.25
N ILE E 125 -40.28 5.76 35.32
CA ILE E 125 -38.84 5.75 35.59
C ILE E 125 -38.54 5.17 36.97
N VAL E 126 -39.36 5.57 37.94
CA VAL E 126 -39.21 5.14 39.33
C VAL E 126 -39.65 3.70 39.57
N LYS E 127 -40.72 3.26 38.92
CA LYS E 127 -41.11 1.83 39.03
C LYS E 127 -40.04 0.95 38.44
N GLU E 128 -39.48 1.38 37.31
CA GLU E 128 -38.42 0.65 36.64
C GLU E 128 -37.16 0.50 37.49
N ALA E 129 -36.76 1.59 38.17
CA ALA E 129 -35.62 1.51 39.08
C ALA E 129 -35.90 0.55 40.26
N GLU E 130 -37.08 0.67 40.87
CA GLU E 130 -37.46 -0.18 42.01
C GLU E 130 -37.69 -1.63 41.61
N ASP E 131 -38.51 -1.88 40.58
CA ASP E 131 -38.72 -3.25 40.05
C ASP E 131 -37.43 -3.92 39.55
N PHE E 132 -36.43 -3.12 39.13
CA PHE E 132 -35.11 -3.65 38.71
C PHE E 132 -34.27 -4.00 39.93
N PHE E 133 -34.07 -3.01 40.80
CA PHE E 133 -33.24 -3.21 41.99
C PHE E 133 -33.87 -4.09 43.09
N ALA E 134 -35.18 -4.34 43.02
CA ALA E 134 -35.83 -5.33 43.89
C ALA E 134 -35.22 -6.73 43.74
N LYS E 135 -35.02 -7.17 42.49
CA LYS E 135 -34.49 -8.51 42.18
C LYS E 135 -33.05 -8.84 42.65
N TRP E 136 -32.26 -7.84 43.08
CA TRP E 136 -30.91 -8.08 43.66
C TRP E 136 -30.93 -8.89 44.98
N ASP E 137 -29.75 -9.39 45.36
CA ASP E 137 -29.59 -10.14 46.63
C ASP E 137 -29.80 -9.23 47.87
N LYS E 138 -29.74 -9.83 49.06
CA LYS E 138 -29.60 -9.08 50.31
C LYS E 138 -28.17 -8.51 50.42
N SER E 139 -27.19 -9.26 49.91
CA SER E 139 -25.81 -8.78 49.75
C SER E 139 -25.08 -9.45 48.56
N GLY E 140 -24.08 -8.75 48.02
CA GLY E 140 -23.31 -9.23 46.88
C GLY E 140 -22.61 -8.13 46.09
N THR E 141 -22.26 -8.44 44.83
CA THR E 141 -21.46 -7.58 43.98
C THR E 141 -22.06 -7.46 42.59
N VAL E 142 -21.93 -6.27 42.00
CA VAL E 142 -22.28 -6.04 40.60
C VAL E 142 -21.32 -5.09 39.90
N ASP E 143 -21.19 -5.27 38.58
CA ASP E 143 -20.69 -4.23 37.70
C ASP E 143 -21.84 -3.24 37.52
N ILE E 144 -21.74 -2.12 38.24
CA ILE E 144 -22.72 -1.02 38.15
C ILE E 144 -22.87 -0.49 36.72
N ARG E 145 -21.79 -0.52 35.94
CA ARG E 145 -21.84 -0.07 34.56
C ARG E 145 -22.72 -0.98 33.72
N ASP E 146 -22.45 -2.27 33.77
CA ASP E 146 -23.33 -3.24 33.09
C ASP E 146 -24.76 -3.19 33.66
N ALA E 147 -24.87 -2.97 34.98
CA ALA E 147 -26.17 -2.94 35.67
C ALA E 147 -27.03 -1.80 35.18
N LEU E 148 -26.51 -0.57 35.29
CA LEU E 148 -27.26 0.64 34.89
C LEU E 148 -27.59 0.67 33.39
N ALA E 149 -26.72 0.06 32.57
CA ALA E 149 -26.97 -0.06 31.14
C ALA E 149 -28.30 -0.75 30.88
N GLU E 150 -28.50 -1.94 31.46
CA GLU E 150 -29.77 -2.67 31.32
C GLU E 150 -30.98 -1.85 31.82
N LEU E 151 -30.80 -1.14 32.91
CA LEU E 151 -31.87 -0.33 33.50
C LEU E 151 -32.24 0.86 32.65
N ILE E 152 -31.25 1.50 32.04
CA ILE E 152 -31.52 2.70 31.24
C ILE E 152 -32.22 2.32 29.93
N ILE E 153 -31.74 1.24 29.27
CA ILE E 153 -32.38 0.76 28.04
C ILE E 153 -33.79 0.20 28.32
N LEU E 154 -34.00 -0.33 29.53
CA LEU E 154 -35.34 -0.74 30.03
C LEU E 154 -36.29 0.45 30.18
N THR E 155 -35.88 1.44 30.97
CA THR E 155 -36.66 2.66 31.20
C THR E 155 -36.92 3.34 29.87
N ALA E 156 -35.85 3.55 29.10
CA ALA E 156 -35.95 4.18 27.79
C ALA E 156 -36.75 3.35 26.78
N SER E 157 -36.87 2.04 27.00
CA SER E 157 -37.80 1.22 26.20
C SER E 157 -39.27 1.55 26.49
N ARG E 158 -39.64 1.74 27.78
CA ARG E 158 -41.03 2.06 28.15
C ARG E 158 -41.35 3.50 27.82
N CYS E 159 -40.41 4.39 28.13
CA CYS E 159 -40.62 5.83 28.00
C CYS E 159 -40.70 6.31 26.56
N LEU E 160 -39.72 5.91 25.76
CA LEU E 160 -39.66 6.34 24.37
C LEU E 160 -40.66 5.55 23.49
N MET E 161 -40.81 4.25 23.74
CA MET E 161 -41.53 3.31 22.83
C MET E 161 -42.88 2.74 23.36
N GLY E 162 -43.23 3.05 24.61
CA GLY E 162 -44.53 2.66 25.16
C GLY E 162 -44.66 1.20 25.59
N LYS E 163 -45.85 0.88 26.10
CA LYS E 163 -46.11 -0.41 26.75
C LYS E 163 -45.88 -1.60 25.83
N GLU E 164 -46.41 -1.54 24.61
CA GLU E 164 -46.39 -2.71 23.71
C GLU E 164 -44.97 -3.20 23.47
N ILE E 165 -44.09 -2.28 23.03
CA ILE E 165 -42.68 -2.58 22.73
C ILE E 165 -41.99 -3.08 24.01
N ARG E 166 -42.23 -2.38 25.12
CA ARG E 166 -41.57 -2.69 26.37
C ARG E 166 -41.97 -4.09 26.86
N GLU E 167 -43.27 -4.32 27.02
CA GLU E 167 -43.79 -5.64 27.44
C GLU E 167 -43.31 -6.76 26.51
N ASN E 168 -43.74 -6.72 25.26
CA ASN E 168 -43.50 -7.83 24.33
C ASN E 168 -42.05 -7.88 23.84
N LEU E 169 -41.68 -6.84 23.11
CA LEU E 169 -40.56 -6.91 22.19
C LEU E 169 -39.29 -6.20 22.72
N PHE E 170 -39.09 -6.20 24.04
CA PHE E 170 -37.86 -5.60 24.60
C PHE E 170 -36.63 -6.38 24.16
N THR E 171 -36.66 -7.71 24.33
CA THR E 171 -35.49 -8.55 24.02
C THR E 171 -35.07 -8.51 22.55
N GLU E 172 -36.03 -8.28 21.65
CA GLU E 172 -35.69 -7.94 20.26
C GLU E 172 -34.98 -6.57 20.14
N VAL E 173 -35.60 -5.50 20.64
CA VAL E 173 -35.00 -4.16 20.52
C VAL E 173 -33.61 -4.04 21.19
N ALA E 174 -33.39 -4.72 22.32
CA ALA E 174 -32.10 -4.68 23.01
C ALA E 174 -31.04 -5.46 22.24
N LYS E 175 -31.42 -6.58 21.62
CA LYS E 175 -30.53 -7.31 20.70
C LYS E 175 -30.14 -6.41 19.51
N LEU E 176 -31.13 -5.70 18.97
CA LEU E 176 -30.96 -4.85 17.79
C LEU E 176 -30.12 -3.62 18.05
N TYR E 177 -30.36 -2.92 19.17
CA TYR E 177 -29.46 -1.80 19.56
C TYR E 177 -27.99 -2.25 19.57
N GLN E 178 -27.75 -3.45 20.04
CA GLN E 178 -26.39 -3.98 20.10
C GLN E 178 -25.80 -4.09 18.71
N THR E 179 -26.51 -4.79 17.83
CA THR E 179 -26.12 -4.95 16.43
C THR E 179 -25.72 -3.60 15.77
N LEU E 180 -26.47 -2.55 16.12
CA LEU E 180 -26.18 -1.16 15.71
C LEU E 180 -24.96 -0.56 16.41
N ASP E 181 -24.86 -0.75 17.73
CA ASP E 181 -23.72 -0.26 18.52
C ASP E 181 -22.43 -0.92 18.03
N GLU E 182 -22.53 -2.20 17.69
CA GLU E 182 -21.39 -2.93 17.15
C GLU E 182 -20.98 -2.52 15.75
N GLY E 183 -21.86 -1.80 15.04
CA GLY E 183 -21.52 -1.08 13.80
C GLY E 183 -21.14 0.39 13.97
N LEU E 184 -20.72 0.79 15.16
CA LEU E 184 -20.18 2.11 15.41
C LEU E 184 -18.73 1.93 15.89
N LEU E 185 -17.87 1.50 14.97
CA LEU E 185 -16.43 1.26 15.20
C LEU E 185 -15.57 2.52 14.92
N PRO E 186 -14.31 2.56 15.42
CA PRO E 186 -13.40 3.66 15.05
C PRO E 186 -13.40 3.98 13.55
N ILE E 187 -13.35 2.92 12.75
CA ILE E 187 -13.40 3.05 11.29
C ILE E 187 -14.69 3.77 10.86
N SER E 188 -15.81 3.45 11.52
CA SER E 188 -17.14 3.94 11.15
C SER E 188 -17.38 5.45 11.20
N VAL E 189 -16.44 6.23 11.76
CA VAL E 189 -16.54 7.71 11.73
C VAL E 189 -15.92 8.25 10.43
N PHE E 190 -14.76 7.73 10.03
CA PHE E 190 -14.06 8.19 8.82
C PHE E 190 -14.76 7.67 7.55
N PHE E 191 -15.17 6.40 7.54
CA PHE E 191 -15.80 5.77 6.36
C PHE E 191 -17.04 4.97 6.75
N PRO E 192 -18.16 5.65 7.02
CA PRO E 192 -19.37 5.03 7.61
C PRO E 192 -20.21 4.14 6.68
N TYR E 193 -20.00 4.23 5.38
CA TYR E 193 -20.64 3.33 4.43
C TYR E 193 -19.67 2.30 3.86
N LEU E 194 -18.42 2.31 4.33
CA LEU E 194 -17.52 1.22 4.02
C LEU E 194 -18.30 -0.09 4.17
N PRO E 195 -18.20 -0.99 3.18
CA PRO E 195 -18.95 -2.22 3.27
C PRO E 195 -18.11 -3.28 3.98
N ILE E 196 -18.29 -3.37 5.29
CA ILE E 196 -17.70 -4.42 6.08
C ILE E 196 -18.86 -5.17 6.70
N PRO E 197 -18.61 -6.39 7.19
CA PRO E 197 -19.66 -7.12 7.91
C PRO E 197 -20.39 -6.27 8.99
N ALA E 198 -19.62 -5.62 9.86
CA ALA E 198 -20.18 -4.82 10.97
C ALA E 198 -21.30 -3.91 10.50
N HIS E 199 -21.00 -3.16 9.43
CA HIS E 199 -21.90 -2.14 8.89
C HIS E 199 -23.09 -2.79 8.18
N LYS E 200 -22.84 -3.76 7.30
CA LYS E 200 -23.93 -4.50 6.65
C LYS E 200 -24.91 -5.11 7.68
N ARG E 201 -24.40 -5.58 8.82
CA ARG E 201 -25.25 -6.19 9.83
C ARG E 201 -25.95 -5.12 10.68
N ARG E 202 -25.31 -3.96 10.84
CA ARG E 202 -25.96 -2.76 11.39
C ARG E 202 -27.12 -2.29 10.53
N ASP E 203 -26.88 -2.23 9.23
CA ASP E 203 -27.88 -1.76 8.26
C ASP E 203 -29.04 -2.74 8.11
N GLU E 204 -28.77 -4.03 8.32
CA GLU E 204 -29.83 -5.04 8.38
C GLU E 204 -30.67 -4.86 9.66
N ALA E 205 -30.00 -4.53 10.78
CA ALA E 205 -30.65 -4.29 12.08
C ALA E 205 -31.46 -2.99 12.14
N ARG E 206 -31.08 -2.00 11.35
CA ARG E 206 -31.87 -0.76 11.22
C ARG E 206 -33.24 -1.09 10.63
N LEU E 207 -33.24 -1.74 9.47
CA LEU E 207 -34.47 -2.06 8.77
C LEU E 207 -35.36 -3.00 9.57
N ALA E 208 -34.75 -3.86 10.39
CA ALA E 208 -35.47 -4.68 11.36
C ALA E 208 -36.23 -3.83 12.40
N MET E 209 -35.61 -2.74 12.86
CA MET E 209 -36.26 -1.78 13.74
C MET E 209 -37.46 -1.13 13.04
N VAL E 210 -37.30 -0.76 11.77
CA VAL E 210 -38.36 -0.11 10.98
C VAL E 210 -39.59 -1.00 10.87
N ARG E 211 -39.39 -2.27 10.51
CA ARG E 211 -40.50 -3.22 10.33
C ARG E 211 -41.12 -3.69 11.65
N MET E 212 -40.41 -3.50 12.76
CA MET E 212 -41.00 -3.58 14.10
C MET E 212 -41.91 -2.38 14.32
N PHE E 213 -41.33 -1.19 14.23
CA PHE E 213 -42.07 0.06 14.46
C PHE E 213 -43.20 0.28 13.44
N LYS E 214 -43.09 -0.29 12.24
CA LYS E 214 -44.18 -0.30 11.26
C LYS E 214 -45.37 -0.98 11.90
N LYS E 215 -45.19 -2.23 12.33
CA LYS E 215 -46.28 -3.07 12.82
C LYS E 215 -46.95 -2.57 14.11
N ILE E 216 -46.24 -1.76 14.89
CA ILE E 216 -46.80 -1.14 16.09
C ILE E 216 -47.45 0.23 15.83
N ILE E 217 -46.93 0.98 14.86
CA ILE E 217 -47.63 2.17 14.36
C ILE E 217 -48.90 1.71 13.60
N ASP E 218 -48.77 0.68 12.75
CA ASP E 218 -49.94 -0.01 12.15
C ASP E 218 -51.00 -0.29 13.23
N GLU E 219 -50.58 -1.01 14.28
CA GLU E 219 -51.43 -1.37 15.42
C GLU E 219 -52.10 -0.16 16.08
N ARG E 220 -51.33 0.92 16.28
CA ARG E 220 -51.84 2.11 16.96
C ARG E 220 -52.90 2.86 16.16
N ARG E 221 -52.67 3.08 14.86
CA ARG E 221 -53.61 3.86 14.02
C ARG E 221 -54.88 3.08 13.63
N ALA E 222 -54.87 1.75 13.81
CA ALA E 222 -56.09 0.94 13.71
C ALA E 222 -57.02 1.13 14.91
N ASN E 223 -56.55 1.79 15.98
CA ASN E 223 -57.37 2.15 17.15
C ASN E 223 -57.05 3.56 17.67
N PRO E 224 -57.35 4.60 16.87
CA PRO E 224 -57.05 5.97 17.32
C PRO E 224 -57.64 6.33 18.70
N GLU E 225 -58.72 5.63 19.08
CA GLU E 225 -59.31 5.69 20.43
C GLU E 225 -58.26 5.86 21.54
N VAL E 226 -57.43 4.84 21.74
CA VAL E 226 -56.51 4.81 22.89
C VAL E 226 -55.25 5.69 22.69
N LYS E 227 -55.30 6.89 23.27
CA LYS E 227 -54.14 7.80 23.24
C LYS E 227 -53.11 7.31 24.26
N HIS E 228 -51.87 7.12 23.81
CA HIS E 228 -50.77 6.63 24.65
C HIS E 228 -49.84 7.80 25.05
N ASN E 229 -49.29 7.75 26.26
CA ASN E 229 -48.31 8.74 26.72
C ASN E 229 -46.87 8.20 26.59
N ASP E 230 -46.21 8.61 25.51
CA ASP E 230 -44.82 8.20 25.18
C ASP E 230 -44.29 9.04 24.02
N CYS E 231 -43.00 8.91 23.72
CA CYS E 231 -42.39 9.67 22.62
C CYS E 231 -42.88 9.21 21.25
N LEU E 232 -43.19 7.93 21.11
CA LEU E 232 -43.70 7.37 19.84
C LEU E 232 -44.95 8.11 19.39
N GLN E 233 -45.89 8.26 20.33
CA GLN E 233 -47.11 9.02 20.08
C GLN E 233 -46.78 10.47 19.78
N VAL E 234 -45.87 11.07 20.53
CA VAL E 234 -45.46 12.46 20.24
C VAL E 234 -44.90 12.59 18.82
N PHE E 235 -44.18 11.56 18.31
CA PHE E 235 -43.61 11.56 16.93
C PHE E 235 -44.59 11.18 15.84
N MET E 236 -45.40 10.16 16.10
CA MET E 236 -46.52 9.85 15.21
C MET E 236 -47.33 11.13 14.93
N ASP E 237 -47.72 11.83 15.99
CA ASP E 237 -48.57 13.04 15.92
C ASP E 237 -47.88 14.23 15.26
N ALA E 238 -46.62 14.47 15.62
CA ALA E 238 -45.82 15.53 14.98
C ALA E 238 -46.02 15.60 13.46
N ARG E 239 -46.17 16.83 12.94
CA ARG E 239 -46.25 17.08 11.50
C ARG E 239 -45.42 18.28 11.07
N TYR E 240 -44.95 18.24 9.83
CA TYR E 240 -44.12 19.32 9.28
C TYR E 240 -45.01 20.48 8.87
N ARG E 241 -44.54 21.71 9.10
CA ARG E 241 -45.23 22.91 8.63
C ARG E 241 -45.31 22.89 7.12
N GLY E 242 -46.53 22.79 6.56
CA GLY E 242 -46.71 22.80 5.11
C GLY E 242 -46.76 21.44 4.41
N GLU E 243 -46.26 20.39 5.06
CA GLU E 243 -46.68 19.03 4.72
C GLU E 243 -47.48 18.59 5.94
N GLU E 244 -48.79 18.86 5.97
CA GLU E 244 -49.66 18.31 7.03
C GLU E 244 -49.87 16.79 6.82
N GLN E 245 -48.79 16.08 6.43
CA GLN E 245 -48.78 14.65 6.06
C GLN E 245 -47.93 13.76 7.00
N ALA E 246 -46.85 14.31 7.57
CA ALA E 246 -46.14 13.73 8.75
C ALA E 246 -44.95 12.79 8.45
N LEU E 247 -44.29 12.36 9.53
CA LEU E 247 -43.11 11.52 9.47
C LEU E 247 -43.52 10.11 9.15
N ASN E 248 -42.88 9.53 8.14
CA ASN E 248 -43.12 8.13 7.80
C ASN E 248 -42.37 7.21 8.76
N ASP E 249 -42.71 5.92 8.70
CA ASP E 249 -42.22 4.88 9.62
C ASP E 249 -40.70 4.87 9.82
N GLU E 250 -39.98 5.04 8.72
CA GLU E 250 -38.51 5.05 8.73
C GLU E 250 -37.97 6.17 9.63
N GLU E 251 -38.52 7.38 9.49
CA GLU E 251 -38.02 8.56 10.22
C GLU E 251 -38.32 8.55 11.73
N ILE E 252 -39.53 8.10 12.07
CA ILE E 252 -39.92 7.91 13.46
C ILE E 252 -38.90 6.97 14.06
N THR E 253 -38.78 5.77 13.47
CA THR E 253 -37.82 4.73 13.90
C THR E 253 -36.40 5.25 14.06
N GLY E 254 -36.00 6.16 13.19
CA GLY E 254 -34.71 6.80 13.30
C GLY E 254 -34.53 7.65 14.54
N LEU E 255 -35.51 8.50 14.83
CA LEU E 255 -35.45 9.39 16.00
C LEU E 255 -35.43 8.60 17.30
N MET E 256 -36.19 7.50 17.33
CA MET E 256 -36.18 6.53 18.42
C MET E 256 -34.77 6.00 18.68
N ILE E 257 -34.14 5.50 17.60
CA ILE E 257 -32.79 4.93 17.62
C ILE E 257 -31.76 5.95 18.14
N ALA E 258 -31.93 7.22 17.79
CA ALA E 258 -31.02 8.28 18.24
C ALA E 258 -31.18 8.58 19.73
N LEU E 259 -32.42 8.61 20.20
CA LEU E 259 -32.70 8.81 21.63
C LEU E 259 -32.33 7.58 22.45
N LEU E 260 -32.40 6.42 21.80
CA LEU E 260 -31.95 5.16 22.40
C LEU E 260 -30.45 5.24 22.71
N PHE E 261 -29.67 5.54 21.66
CA PHE E 261 -28.21 5.79 21.73
C PHE E 261 -27.79 6.87 22.72
N ALA E 262 -28.60 7.92 22.85
CA ALA E 262 -28.30 9.00 23.77
C ALA E 262 -28.19 8.41 25.18
N GLY E 263 -29.22 7.66 25.59
CA GLY E 263 -29.24 6.96 26.89
C GLY E 263 -28.02 6.09 27.16
N GLN E 264 -27.67 5.21 26.22
CA GLN E 264 -26.60 4.21 26.45
C GLN E 264 -25.18 4.78 26.40
N HIS E 265 -24.96 5.86 25.64
CA HIS E 265 -23.61 6.41 25.41
C HIS E 265 -23.21 7.51 26.40
N THR E 266 -24.17 8.02 27.16
CA THR E 266 -23.94 9.19 28.02
C THR E 266 -24.58 9.12 29.42
N SER E 267 -25.90 8.90 29.47
CA SER E 267 -26.61 8.71 30.76
C SER E 267 -26.07 7.48 31.52
N SER E 268 -25.77 6.40 30.79
CA SER E 268 -25.18 5.18 31.39
C SER E 268 -23.85 5.39 32.05
N VAL E 269 -22.96 6.13 31.41
CA VAL E 269 -21.59 6.24 31.93
C VAL E 269 -21.51 7.35 32.97
N THR E 270 -22.27 8.44 32.79
CA THR E 270 -22.29 9.50 33.81
C THR E 270 -23.17 9.10 35.03
N GLY E 271 -24.17 8.26 34.80
CA GLY E 271 -24.89 7.59 35.88
C GLY E 271 -24.07 6.58 36.66
N SER E 272 -23.09 5.94 36.02
CA SER E 272 -22.20 5.02 36.69
C SER E 272 -21.12 5.76 37.45
N TRP E 273 -20.42 6.66 36.76
CA TRP E 273 -19.38 7.49 37.38
C TRP E 273 -19.91 8.19 38.65
N THR E 274 -21.17 8.64 38.60
CA THR E 274 -21.86 9.28 39.73
C THR E 274 -21.65 8.53 41.05
N GLY E 275 -22.01 7.24 41.05
CA GLY E 275 -21.89 6.36 42.20
C GLY E 275 -20.49 5.78 42.42
N LEU E 276 -19.77 5.48 41.35
CA LEU E 276 -18.37 5.05 41.47
C LEU E 276 -17.51 6.09 42.20
N LEU E 277 -17.76 7.37 41.94
CA LEU E 277 -17.06 8.45 42.64
C LEU E 277 -17.57 8.70 44.06
N LEU E 278 -18.89 8.58 44.27
CA LEU E 278 -19.48 8.83 45.59
C LEU E 278 -19.04 7.78 46.62
N PHE E 279 -19.17 6.51 46.25
CA PHE E 279 -18.81 5.38 47.12
C PHE E 279 -17.33 4.95 47.08
N GLU E 280 -16.46 5.77 46.48
CA GLU E 280 -15.00 5.64 46.60
C GLU E 280 -14.62 5.94 48.04
N ALA E 281 -13.58 5.29 48.52
CA ALA E 281 -13.08 5.47 49.91
C ALA E 281 -13.20 6.91 50.48
N ASN E 282 -12.25 7.81 50.18
CA ASN E 282 -12.25 9.15 50.78
C ASN E 282 -13.50 9.98 50.43
N ASN E 283 -13.89 9.94 49.16
CA ASN E 283 -15.07 10.67 48.66
C ASN E 283 -16.37 10.33 49.47
N LYS E 284 -16.54 9.05 49.83
CA LYS E 284 -17.72 8.58 50.62
C LYS E 284 -17.85 9.25 52.01
N LYS E 285 -16.81 9.16 52.84
CA LYS E 285 -16.75 9.82 54.17
C LYS E 285 -16.98 11.33 54.02
N LYS E 286 -16.24 11.91 53.08
CA LYS E 286 -16.25 13.35 52.83
C LYS E 286 -17.58 13.90 52.29
N PHE E 287 -18.43 13.06 51.67
CA PHE E 287 -19.64 13.55 50.99
C PHE E 287 -20.98 12.77 51.14
N LEU E 288 -20.94 11.44 51.26
CA LEU E 288 -22.17 10.65 51.45
C LEU E 288 -23.02 11.14 52.64
N PRO E 289 -22.37 11.52 53.78
CA PRO E 289 -23.08 12.28 54.80
C PRO E 289 -24.02 13.35 54.24
N GLY E 290 -23.50 14.28 53.45
CA GLY E 290 -24.31 15.35 52.85
C GLY E 290 -25.53 14.88 52.05
N VAL E 291 -25.39 13.74 51.37
CA VAL E 291 -26.45 13.25 50.47
C VAL E 291 -27.62 12.66 51.25
N LEU E 292 -27.34 11.80 52.24
CA LEU E 292 -28.40 11.15 53.02
C LEU E 292 -29.08 12.12 54.00
N GLU E 293 -28.30 13.01 54.60
CA GLU E 293 -28.78 14.20 55.32
C GLU E 293 -29.88 14.94 54.54
N GLU E 294 -29.75 14.95 53.21
CA GLU E 294 -30.77 15.42 52.27
C GLU E 294 -31.87 14.39 51.96
N GLN E 295 -31.50 13.12 51.76
CA GLN E 295 -32.48 12.07 51.43
C GLN E 295 -33.60 11.93 52.47
N GLU E 296 -33.25 11.89 53.76
CA GLU E 296 -34.25 11.82 54.84
C GLU E 296 -34.94 13.16 55.05
N GLU E 297 -34.25 14.26 54.73
CA GLU E 297 -34.89 15.59 54.66
C GLU E 297 -36.08 15.67 53.69
N ILE E 298 -36.08 14.86 52.62
CA ILE E 298 -37.18 14.79 51.64
C ILE E 298 -38.24 13.75 52.03
N ARG E 299 -37.79 12.61 52.58
CA ARG E 299 -38.71 11.60 53.15
C ARG E 299 -39.70 12.23 54.14
N LYS E 300 -39.23 13.24 54.89
CA LYS E 300 -40.11 14.10 55.71
C LYS E 300 -40.65 15.31 54.92
N GLU E 301 -41.24 15.05 53.74
CA GLU E 301 -42.06 16.06 53.01
C GLU E 301 -43.04 15.40 52.02
N PHE E 302 -42.51 14.67 51.03
CA PHE E 302 -43.32 13.89 50.06
C PHE E 302 -43.34 12.38 50.38
N GLY E 303 -42.78 11.98 51.53
CA GLY E 303 -42.79 10.60 51.98
C GLY E 303 -41.68 9.79 51.35
N ASP E 304 -41.75 8.48 51.57
CA ASP E 304 -40.87 7.52 50.90
C ASP E 304 -41.44 7.21 49.51
N GLU E 305 -41.65 8.28 48.72
CA GLU E 305 -42.24 8.19 47.37
C GLU E 305 -41.55 9.26 46.52
N LEU E 306 -41.26 8.87 45.28
CA LEU E 306 -40.49 9.69 44.34
C LEU E 306 -41.41 10.30 43.30
N THR E 307 -41.75 11.57 43.53
CA THR E 307 -42.36 12.42 42.52
C THR E 307 -41.23 13.27 41.92
N MET E 308 -41.49 13.81 40.74
CA MET E 308 -40.57 14.73 40.05
C MET E 308 -40.12 15.85 40.97
N GLU E 309 -41.07 16.43 41.68
CA GLU E 309 -40.84 17.61 42.52
C GLU E 309 -39.81 17.34 43.62
N ALA E 310 -39.93 16.15 44.24
CA ALA E 310 -38.98 15.66 45.22
C ALA E 310 -37.58 15.57 44.61
N LEU E 311 -37.49 14.90 43.47
CA LEU E 311 -36.24 14.74 42.72
C LEU E 311 -35.56 16.09 42.47
N ASN E 312 -36.29 17.04 41.90
CA ASN E 312 -35.76 18.38 41.54
C ASN E 312 -35.36 19.28 42.73
N LYS E 313 -35.62 18.85 43.96
CA LYS E 313 -35.01 19.47 45.14
C LYS E 313 -33.97 18.56 45.81
N MET E 314 -33.38 17.64 45.06
CA MET E 314 -32.22 16.89 45.53
C MET E 314 -30.95 17.58 45.03
N ASP E 315 -30.68 18.77 45.55
CA ASP E 315 -29.58 19.60 45.07
C ASP E 315 -28.16 19.01 45.30
N LYS E 316 -27.97 18.27 46.39
CA LYS E 316 -26.68 17.62 46.68
C LYS E 316 -26.40 16.33 45.85
N LEU E 317 -27.44 15.54 45.57
CA LEU E 317 -27.32 14.38 44.66
C LEU E 317 -27.11 14.82 43.22
N HIS E 318 -27.89 15.82 42.81
CA HIS E 318 -27.76 16.48 41.51
C HIS E 318 -26.33 16.98 41.26
N ARG E 319 -25.76 17.68 42.24
CA ARG E 319 -24.37 18.17 42.14
C ARG E 319 -23.31 17.08 42.09
N CYS E 320 -23.59 15.89 42.62
CA CYS E 320 -22.69 14.71 42.46
C CYS E 320 -22.72 14.19 41.04
N VAL E 321 -23.92 14.17 40.46
CA VAL E 321 -24.06 13.81 39.05
C VAL E 321 -23.35 14.86 38.24
N LYS E 322 -23.54 16.13 38.60
CA LYS E 322 -22.88 17.22 37.92
C LYS E 322 -21.37 17.14 38.02
N GLU E 323 -20.85 16.81 39.18
CA GLU E 323 -19.42 16.74 39.33
C GLU E 323 -18.82 15.47 38.69
N ALA E 324 -19.58 14.39 38.61
CA ALA E 324 -19.11 13.19 37.88
C ALA E 324 -19.13 13.41 36.38
N LEU E 325 -20.08 14.23 35.91
CA LEU E 325 -20.11 14.65 34.52
C LEU E 325 -19.02 15.69 34.17
N ARG E 326 -18.64 16.55 35.12
CA ARG E 326 -17.54 17.48 34.92
C ARG E 326 -16.25 16.74 34.73
N MET E 327 -16.03 15.71 35.54
CA MET E 327 -14.71 15.09 35.64
C MET E 327 -14.43 14.01 34.59
N TYR E 328 -15.47 13.24 34.23
CA TYR E 328 -15.34 12.15 33.24
C TYR E 328 -16.55 12.19 32.29
N PRO E 329 -16.59 13.20 31.41
CA PRO E 329 -17.74 13.33 30.53
C PRO E 329 -17.72 12.27 29.45
N PRO E 330 -18.90 11.74 29.09
CA PRO E 330 -19.00 10.67 28.12
C PRO E 330 -18.73 11.08 26.67
N LEU E 331 -18.74 12.38 26.37
CA LEU E 331 -18.38 12.89 25.03
C LEU E 331 -17.12 13.72 25.11
N LEU E 332 -16.05 13.22 24.53
CA LEU E 332 -14.77 13.94 24.55
C LEU E 332 -14.76 15.21 23.71
N PHE E 333 -15.35 15.15 22.53
CA PHE E 333 -15.32 16.24 21.58
C PHE E 333 -16.70 16.54 21.06
N VAL E 334 -17.01 17.81 20.90
CA VAL E 334 -18.14 18.25 20.07
C VAL E 334 -17.52 19.02 18.91
N MET E 335 -18.17 18.96 17.75
CA MET E 335 -17.55 19.42 16.50
C MET E 335 -18.42 20.33 15.66
N ARG E 336 -17.78 21.16 14.86
CA ARG E 336 -18.45 21.90 13.79
C ARG E 336 -17.50 22.08 12.62
N LYS E 337 -18.00 22.02 11.37
CA LYS E 337 -17.24 22.52 10.21
C LYS E 337 -17.47 24.03 10.07
N VAL E 338 -16.36 24.80 10.06
CA VAL E 338 -16.41 26.26 9.94
C VAL E 338 -16.83 26.62 8.51
N ILE E 339 -17.99 27.28 8.40
CA ILE E 339 -18.61 27.57 7.11
C ILE E 339 -18.48 29.07 6.81
N LYS E 340 -18.59 29.91 7.83
CA LYS E 340 -18.17 31.31 7.73
C LYS E 340 -17.07 31.49 8.74
N PRO E 341 -15.96 32.12 8.31
CA PRO E 341 -14.83 32.50 9.16
C PRO E 341 -15.22 33.18 10.42
N PHE E 342 -14.29 33.25 11.36
CA PHE E 342 -14.50 34.01 12.57
C PHE E 342 -13.17 34.35 13.20
N SER E 343 -13.21 35.27 14.14
CA SER E 343 -12.00 35.77 14.76
C SER E 343 -11.96 35.34 16.20
N TYR E 344 -10.83 35.57 16.84
CA TYR E 344 -10.71 35.38 18.28
C TYR E 344 -9.40 36.02 18.75
N LYS E 345 -9.51 37.04 19.62
CA LYS E 345 -8.34 37.75 20.18
C LYS E 345 -7.47 38.31 19.02
N ASP E 346 -6.28 37.74 18.77
CA ASP E 346 -5.47 38.09 17.57
C ASP E 346 -5.83 37.25 16.34
N TYR E 347 -6.45 36.08 16.55
CA TYR E 347 -6.42 34.99 15.56
C TYR E 347 -7.62 34.91 14.61
N TYR E 348 -7.39 34.24 13.49
CA TYR E 348 -8.30 34.14 12.36
C TYR E 348 -8.57 32.67 12.09
N VAL E 349 -9.84 32.28 11.92
CA VAL E 349 -10.17 30.88 11.62
C VAL E 349 -10.88 30.80 10.27
N PRO E 350 -10.24 30.16 9.28
CA PRO E 350 -10.76 30.11 7.92
C PRO E 350 -12.00 29.26 7.70
N GLU E 351 -12.72 29.58 6.62
CA GLU E 351 -13.75 28.71 6.07
C GLU E 351 -12.99 27.45 5.73
N GLY E 352 -13.43 26.31 6.28
CA GLY E 352 -12.79 25.03 5.97
C GLY E 352 -12.57 24.15 7.17
N ASP E 353 -11.91 24.70 8.19
CA ASP E 353 -11.54 23.95 9.41
C ASP E 353 -12.73 23.20 10.05
N THR E 354 -12.44 22.07 10.69
CA THR E 354 -13.40 21.43 11.58
C THR E 354 -12.97 21.85 12.98
N VAL E 355 -13.79 22.63 13.70
CA VAL E 355 -13.46 23.10 15.08
C VAL E 355 -13.90 22.14 16.20
N PHE E 356 -13.11 22.18 17.28
CA PHE E 356 -13.21 21.22 18.37
C PHE E 356 -13.30 21.94 19.69
N VAL E 357 -14.18 21.43 20.54
CA VAL E 357 -14.26 21.79 21.94
C VAL E 357 -14.29 20.48 22.70
N SER E 358 -13.52 20.41 23.78
CA SER E 358 -13.35 19.17 24.54
C SER E 358 -13.97 19.27 25.95
N PRO E 359 -15.26 18.92 26.09
CA PRO E 359 -15.87 18.88 27.41
C PRO E 359 -14.93 18.35 28.47
N ALA E 360 -14.25 17.23 28.17
CA ALA E 360 -13.23 16.68 29.08
C ALA E 360 -12.13 17.69 29.42
N LEU E 361 -11.32 18.05 28.45
CA LEU E 361 -10.17 18.92 28.69
C LEU E 361 -10.54 20.29 29.28
N SER E 362 -11.57 20.93 28.75
CA SER E 362 -11.90 22.32 29.12
C SER E 362 -12.47 22.49 30.53
N MET E 363 -13.02 21.41 31.07
CA MET E 363 -13.50 21.42 32.45
C MET E 363 -12.40 21.02 33.44
N ARG E 364 -11.20 20.70 32.96
CA ARG E 364 -10.06 20.42 33.84
C ARG E 364 -9.06 21.57 33.90
N VAL E 365 -9.42 22.76 33.41
CA VAL E 365 -8.45 23.86 33.39
C VAL E 365 -8.44 24.56 34.74
N GLU E 366 -7.31 24.54 35.43
CA GLU E 366 -7.23 25.07 36.81
C GLU E 366 -7.64 26.54 36.90
N GLU E 367 -7.19 27.36 35.95
CA GLU E 367 -7.62 28.77 35.87
C GLU E 367 -9.17 28.96 35.93
N VAL E 368 -9.95 28.00 35.41
CA VAL E 368 -11.45 28.01 35.48
C VAL E 368 -12.00 27.33 36.75
N PHE E 369 -11.75 26.01 36.88
CA PHE E 369 -12.21 25.21 38.03
C PHE E 369 -11.02 24.92 38.97
N PRO E 370 -10.95 25.59 40.14
CA PRO E 370 -9.77 25.36 40.99
C PRO E 370 -9.88 23.98 41.64
N ASN E 371 -8.75 23.27 41.71
CA ASN E 371 -8.72 21.84 42.10
C ASN E 371 -9.56 20.99 41.15
N ALA E 372 -9.26 21.16 39.86
CA ALA E 372 -9.99 20.51 38.78
C ALA E 372 -9.83 18.99 38.81
N ASP E 373 -8.59 18.55 39.06
CA ASP E 373 -8.26 17.13 39.13
C ASP E 373 -9.04 16.31 40.19
N GLN E 374 -9.57 16.96 41.22
CA GLN E 374 -10.24 16.25 42.32
C GLN E 374 -11.75 16.50 42.44
N TYR E 375 -12.41 15.56 43.13
CA TYR E 375 -13.85 15.53 43.30
C TYR E 375 -14.28 16.56 44.35
N ASN E 376 -15.17 17.48 43.96
CA ASN E 376 -15.91 18.30 44.94
C ASN E 376 -17.30 18.72 44.45
N PRO E 377 -18.33 17.88 44.69
CA PRO E 377 -19.68 18.24 44.25
C PRO E 377 -20.27 19.55 44.76
N GLU E 378 -19.68 20.13 45.83
CA GLU E 378 -20.16 21.42 46.35
C GLU E 378 -19.55 22.63 45.66
N ARG E 379 -18.57 22.39 44.78
CA ARG E 379 -18.04 23.44 43.91
C ARG E 379 -19.15 24.17 43.13
N PHE E 380 -20.26 23.46 42.86
CA PHE E 380 -21.42 24.02 42.15
C PHE E 380 -22.45 24.76 43.04
N VAL E 381 -22.00 25.35 44.15
CA VAL E 381 -22.77 26.40 44.87
C VAL E 381 -22.13 27.77 44.63
N GLU E 382 -20.83 27.92 44.89
CA GLU E 382 -20.09 29.14 44.51
C GLU E 382 -20.12 29.37 42.97
N GLU E 383 -20.18 28.30 42.17
CA GLU E 383 -20.10 28.35 40.68
C GLU E 383 -21.36 28.81 39.92
N ASP E 384 -22.54 28.29 40.27
CA ASP E 384 -23.77 28.55 39.49
C ASP E 384 -24.22 30.03 39.45
N LYS E 385 -23.68 30.86 40.36
CA LYS E 385 -23.77 32.33 40.29
C LYS E 385 -22.45 32.88 39.73
N GLN E 386 -22.28 32.71 38.42
CA GLN E 386 -21.14 33.25 37.70
C GLN E 386 -21.64 33.93 36.44
N ALA E 387 -21.04 35.08 36.14
CA ALA E 387 -21.38 35.84 34.94
C ALA E 387 -20.89 35.08 33.70
N GLN E 388 -19.60 34.75 33.67
CA GLN E 388 -18.96 34.14 32.50
C GLN E 388 -19.73 32.92 31.99
N LYS E 389 -20.05 32.91 30.70
CA LYS E 389 -20.79 31.78 30.10
C LYS E 389 -19.84 30.76 29.44
N TYR E 390 -20.39 29.57 29.17
CA TYR E 390 -19.66 28.48 28.55
C TYR E 390 -18.48 28.01 29.39
N ARG E 391 -18.65 27.96 30.71
CA ARG E 391 -17.59 27.51 31.63
C ARG E 391 -17.63 25.98 31.82
N PHE E 392 -18.82 25.52 32.21
CA PHE E 392 -19.17 24.11 32.32
C PHE E 392 -19.89 23.77 31.02
N VAL E 393 -19.42 22.76 30.30
CA VAL E 393 -19.89 22.46 28.94
C VAL E 393 -20.19 20.98 28.70
N GLY E 394 -20.52 20.24 29.76
CA GLY E 394 -20.85 18.83 29.68
C GLY E 394 -22.05 18.55 28.80
N PHE E 395 -23.05 19.43 28.85
CA PHE E 395 -24.20 19.40 27.92
C PHE E 395 -24.12 20.45 26.80
N GLY E 396 -22.91 20.92 26.50
CA GLY E 396 -22.70 21.99 25.53
C GLY E 396 -23.45 23.26 25.85
N ALA E 397 -23.75 24.06 24.84
CA ALA E 397 -24.44 25.33 25.03
C ALA E 397 -24.99 25.92 23.72
N GLY E 398 -25.73 27.01 23.85
CA GLY E 398 -26.26 27.73 22.70
C GLY E 398 -27.40 27.01 22.00
N ARG E 399 -27.54 27.26 20.70
CA ARG E 399 -28.62 26.68 19.85
C ARG E 399 -28.70 25.17 19.94
N HIS E 400 -27.54 24.50 20.03
CA HIS E 400 -27.46 23.03 20.07
C HIS E 400 -26.79 22.57 21.35
N GLY E 401 -27.36 22.98 22.48
CA GLY E 401 -27.08 22.35 23.76
C GLY E 401 -27.93 21.09 23.83
N CYS E 402 -27.73 20.28 24.87
CA CYS E 402 -28.47 19.04 25.04
C CYS E 402 -29.97 19.23 25.37
N MET E 403 -30.83 18.52 24.67
CA MET E 403 -32.27 18.50 24.95
C MET E 403 -32.63 17.41 25.93
N GLY E 404 -31.64 16.59 26.29
CA GLY E 404 -31.79 15.57 27.33
C GLY E 404 -31.26 15.94 28.71
N GLU E 405 -30.71 17.14 28.90
CA GLU E 405 -30.22 17.52 30.23
C GLU E 405 -31.22 17.16 31.33
N ASN E 406 -32.51 17.37 31.09
CA ASN E 406 -33.51 17.04 32.10
C ASN E 406 -33.77 15.54 32.27
N PHE E 407 -34.16 14.85 31.19
CA PHE E 407 -34.41 13.39 31.22
C PHE E 407 -33.23 12.62 31.83
N ALA E 408 -32.00 13.08 31.55
CA ALA E 408 -30.77 12.48 32.05
C ALA E 408 -30.67 12.60 33.56
N TYR E 409 -30.75 13.85 34.05
CA TYR E 409 -30.72 14.11 35.49
C TYR E 409 -31.87 13.43 36.26
N LEU E 410 -33.09 13.40 35.71
CA LEU E 410 -34.18 12.68 36.38
C LEU E 410 -33.97 11.15 36.38
N GLN E 411 -33.36 10.62 35.31
CA GLN E 411 -33.01 9.19 35.22
C GLN E 411 -31.94 8.80 36.25
N ILE E 412 -30.90 9.62 36.36
CA ILE E 412 -29.76 9.33 37.23
C ILE E 412 -30.13 9.57 38.70
N LYS E 413 -30.77 10.70 39.01
CA LYS E 413 -31.21 11.00 40.37
C LYS E 413 -32.13 9.89 40.92
N THR E 414 -33.12 9.49 40.14
CA THR E 414 -34.03 8.37 40.50
C THR E 414 -33.26 7.08 40.88
N ILE E 415 -32.47 6.57 39.95
CA ILE E 415 -31.58 5.42 40.17
C ILE E 415 -30.85 5.42 41.52
N TRP E 416 -30.17 6.52 41.86
CA TRP E 416 -29.38 6.53 43.08
C TRP E 416 -30.27 6.77 44.29
N SER E 417 -31.26 7.64 44.16
CA SER E 417 -32.25 7.79 45.23
C SER E 417 -33.04 6.50 45.58
N VAL E 418 -33.04 5.49 44.68
CA VAL E 418 -33.55 4.13 44.99
C VAL E 418 -32.47 3.27 45.65
N LEU E 419 -31.24 3.35 45.14
CA LEU E 419 -30.13 2.55 45.68
C LEU E 419 -29.66 3.08 47.04
N LEU E 420 -29.45 4.39 47.15
CA LEU E 420 -29.06 5.03 48.42
C LEU E 420 -30.05 4.70 49.56
N ARG E 421 -31.35 4.82 49.27
CA ARG E 421 -32.40 4.52 50.26
C ARG E 421 -32.46 3.04 50.68
N ASN E 422 -31.99 2.11 49.84
CA ASN E 422 -32.13 0.65 50.09
C ASN E 422 -30.86 -0.16 50.38
N PHE E 423 -29.66 0.39 50.09
CA PHE E 423 -28.41 -0.39 50.14
C PHE E 423 -27.22 0.39 50.76
N ASP E 424 -26.33 -0.34 51.39
CA ASP E 424 -25.06 0.17 51.86
C ASP E 424 -24.11 -0.29 50.79
N ILE E 425 -23.46 0.65 50.11
CA ILE E 425 -22.67 0.30 48.95
C ILE E 425 -21.22 0.65 49.21
N GLU E 426 -20.33 -0.15 48.60
CA GLU E 426 -18.88 0.07 48.66
C GLU E 426 -18.18 -0.19 47.33
N LEU E 427 -17.22 0.67 46.99
CA LEU E 427 -16.41 0.53 45.79
C LEU E 427 -15.39 -0.57 46.01
N VAL E 428 -15.44 -1.63 45.19
CA VAL E 428 -14.40 -2.69 45.20
C VAL E 428 -13.16 -2.12 44.52
N GLY E 429 -12.00 -2.31 45.14
CA GLY E 429 -10.72 -1.87 44.60
C GLY E 429 -10.55 -0.37 44.46
N GLU E 430 -9.50 0.01 43.74
CA GLU E 430 -9.19 1.39 43.39
C GLU E 430 -10.21 1.87 42.35
N LEU E 431 -10.51 3.18 42.35
CA LEU E 431 -11.51 3.76 41.45
C LEU E 431 -11.12 3.50 40.00
N PRO E 432 -12.05 2.98 39.15
CA PRO E 432 -11.65 2.53 37.79
C PRO E 432 -11.03 3.65 36.95
N LYS E 433 -10.22 3.28 35.96
CA LYS E 433 -9.64 4.29 35.08
C LYS E 433 -10.71 4.68 34.03
N PRO E 434 -10.56 5.86 33.40
CA PRO E 434 -11.48 6.21 32.31
C PRO E 434 -10.97 5.62 31.00
N ASP E 435 -11.85 5.41 30.02
CA ASP E 435 -11.46 4.81 28.73
C ASP E 435 -11.52 5.80 27.54
N TYR E 436 -10.53 6.68 27.47
CA TYR E 436 -10.50 7.76 26.45
C TYR E 436 -10.34 7.23 25.03
N THR E 437 -9.75 6.03 24.88
CA THR E 437 -9.58 5.35 23.59
C THR E 437 -10.77 4.42 23.21
N ALA E 438 -11.77 4.33 24.07
CA ALA E 438 -12.96 3.54 23.77
C ALA E 438 -13.82 4.28 22.74
N MET E 439 -14.96 3.68 22.41
CA MET E 439 -15.97 4.28 21.56
C MET E 439 -17.07 4.92 22.41
N VAL E 440 -17.51 4.25 23.47
CA VAL E 440 -18.29 4.86 24.56
C VAL E 440 -17.29 5.11 25.69
N VAL E 441 -17.17 6.37 26.14
CA VAL E 441 -16.08 6.77 27.05
C VAL E 441 -16.51 6.77 28.52
N GLY E 442 -16.64 5.55 29.04
CA GLY E 442 -16.98 5.30 30.42
C GLY E 442 -15.79 4.79 31.21
N PRO E 443 -16.03 4.32 32.44
CA PRO E 443 -14.98 3.76 33.27
C PRO E 443 -14.63 2.35 32.80
N ALA E 444 -13.35 2.00 32.86
CA ALA E 444 -12.84 0.73 32.29
C ALA E 444 -13.26 -0.51 33.09
N HIS E 445 -13.89 -1.47 32.40
CA HIS E 445 -14.38 -2.72 33.04
C HIS E 445 -13.26 -3.52 33.72
N PRO E 446 -13.54 -4.20 34.83
CA PRO E 446 -14.81 -4.16 35.54
C PRO E 446 -14.84 -2.97 36.49
N CYS E 447 -16.04 -2.40 36.67
CA CYS E 447 -16.27 -1.34 37.65
C CYS E 447 -17.19 -1.96 38.64
N LEU E 448 -16.64 -2.48 39.73
CA LEU E 448 -17.40 -3.31 40.68
C LEU E 448 -17.84 -2.54 41.93
N LEU E 449 -19.08 -2.80 42.36
CA LEU E 449 -19.59 -2.30 43.65
C LEU E 449 -20.14 -3.47 44.44
N ARG E 450 -19.83 -3.49 45.74
CA ARG E 450 -20.41 -4.45 46.71
C ARG E 450 -21.55 -3.77 47.48
N TYR E 451 -22.71 -4.42 47.50
CA TYR E 451 -23.92 -3.83 48.07
C TYR E 451 -24.43 -4.62 49.26
N THR E 452 -25.21 -3.96 50.14
CA THR E 452 -25.78 -4.61 51.34
C THR E 452 -27.15 -4.00 51.72
N ARG E 453 -28.19 -4.84 51.79
CA ARG E 453 -29.56 -4.41 52.18
C ARG E 453 -29.66 -4.24 53.72
N LYS E 454 -30.60 -3.43 54.24
CA LYS E 454 -30.61 -3.05 55.69
C LYS E 454 -31.82 -3.43 56.60
N HIS E 455 -33.00 -2.85 56.33
CA HIS E 455 -34.19 -2.78 57.24
C HIS E 455 -34.24 -1.44 58.04
N HIS E 456 -34.33 -0.31 57.32
CA HIS E 456 -34.38 1.05 57.89
C HIS E 456 -35.63 1.84 57.43
N LYS F 8 40.14 -5.56 14.76
CA LYS F 8 40.49 -4.64 15.90
C LYS F 8 39.26 -3.92 16.49
N GLY F 9 38.17 -4.66 16.71
CA GLY F 9 36.97 -4.09 17.35
C GLY F 9 35.67 -4.90 17.36
N LYS F 10 34.79 -4.52 18.29
CA LYS F 10 33.39 -4.99 18.38
C LYS F 10 32.42 -3.80 18.19
N LEU F 11 31.23 -4.05 17.63
CA LEU F 11 30.24 -2.97 17.31
C LEU F 11 29.71 -2.24 18.57
N PRO F 12 29.05 -1.07 18.39
CA PRO F 12 28.38 -0.49 19.54
C PRO F 12 27.02 -1.10 19.67
N PRO F 13 26.31 -0.83 20.77
CA PRO F 13 25.01 -1.46 20.97
C PRO F 13 23.99 -1.14 19.87
N VAL F 14 22.78 -1.62 20.03
CA VAL F 14 21.70 -1.37 19.10
C VAL F 14 20.42 -1.10 19.87
N VAL F 15 19.70 -0.06 19.46
CA VAL F 15 18.43 0.25 20.09
C VAL F 15 17.49 -0.87 19.66
N SER F 16 16.97 -1.61 20.63
CA SER F 16 16.11 -2.73 20.35
C SER F 16 14.78 -2.18 19.86
N SER F 17 14.30 -2.69 18.72
CA SER F 17 12.92 -2.44 18.26
C SER F 17 12.26 -3.71 17.70
N LEU F 18 10.95 -3.82 17.90
CA LEU F 18 10.19 -4.99 17.45
C LEU F 18 9.44 -4.80 16.16
N ILE F 19 9.43 -3.58 15.65
CA ILE F 19 8.73 -3.30 14.40
C ILE F 19 9.68 -3.68 13.27
N PRO F 20 9.30 -4.66 12.42
CA PRO F 20 10.18 -5.07 11.31
C PRO F 20 10.59 -3.93 10.36
N PHE F 21 11.72 -4.12 9.68
CA PHE F 21 12.23 -3.20 8.63
C PHE F 21 12.25 -1.71 8.99
N VAL F 22 11.09 -1.08 9.21
CA VAL F 22 11.05 0.32 9.71
C VAL F 22 11.89 0.54 10.99
N GLY F 23 12.05 -0.50 11.81
CA GLY F 23 13.01 -0.49 12.91
C GLY F 23 12.76 0.56 13.97
N SER F 24 13.60 1.61 14.01
CA SER F 24 13.46 2.69 15.00
C SER F 24 12.81 3.94 14.41
N GLY F 25 12.40 3.84 13.14
CA GLY F 25 11.83 4.97 12.40
C GLY F 25 10.64 5.64 13.05
N LEU F 26 9.50 4.94 13.03
CA LEU F 26 8.24 5.40 13.62
C LEU F 26 8.40 6.10 14.97
N SER F 27 9.10 5.45 15.88
CA SER F 27 9.35 6.02 17.23
C SER F 27 10.24 7.26 17.21
N PHE F 28 11.23 7.28 16.30
CA PHE F 28 12.18 8.39 16.22
C PHE F 28 11.41 9.66 15.88
N ALA F 29 10.68 9.60 14.76
CA ALA F 29 9.87 10.71 14.28
C ALA F 29 8.79 11.28 15.25
N GLY F 30 8.34 10.53 16.24
CA GLY F 30 7.38 11.04 17.24
C GLY F 30 7.93 11.98 18.32
N GLY F 31 9.26 12.01 18.48
CA GLY F 31 9.89 12.89 19.47
C GLY F 31 11.38 12.60 19.58
N PRO F 32 12.15 12.87 18.50
CA PRO F 32 13.56 12.52 18.36
C PRO F 32 14.45 12.88 19.52
N LEU F 33 14.18 13.97 20.22
CA LEU F 33 14.97 14.25 21.42
C LEU F 33 14.53 13.35 22.58
N GLN F 34 13.22 13.25 22.83
CA GLN F 34 12.69 12.35 23.87
C GLN F 34 13.11 10.90 23.67
N TYR F 35 13.23 10.44 22.42
CA TYR F 35 13.57 9.05 22.07
C TYR F 35 15.05 8.75 22.00
N THR F 36 15.85 9.70 21.54
CA THR F 36 17.28 9.53 21.55
C THR F 36 17.82 9.72 22.97
N THR F 37 17.22 10.62 23.76
CA THR F 37 17.55 10.75 25.19
C THR F 37 17.36 9.41 25.93
N ASP F 38 16.32 8.67 25.54
CA ASP F 38 16.01 7.35 26.13
C ASP F 38 17.05 6.30 25.77
N ALA F 39 17.48 6.25 24.52
CA ALA F 39 18.49 5.31 24.07
C ALA F 39 19.89 5.61 24.62
N TYR F 40 20.15 6.86 25.04
CA TYR F 40 21.37 7.18 25.83
C TYR F 40 21.17 6.68 27.25
N LYS F 41 20.08 7.13 27.88
CA LYS F 41 19.62 6.57 29.16
C LYS F 41 19.75 5.03 29.24
N LYS F 42 19.47 4.33 28.13
CA LYS F 42 19.37 2.87 28.09
C LYS F 42 20.62 2.14 27.58
N TYR F 43 21.45 2.77 26.74
CA TYR F 43 22.67 2.15 26.16
C TYR F 43 23.99 2.99 26.19
N GLY F 44 24.00 4.13 26.89
CA GLY F 44 25.25 4.91 27.12
C GLY F 44 25.85 5.81 26.04
N ASP F 45 27.17 6.02 26.13
CA ASP F 45 27.93 6.98 25.30
C ASP F 45 27.73 6.84 23.81
N ILE F 46 27.65 5.60 23.35
CA ILE F 46 27.55 5.34 21.91
C ILE F 46 26.50 4.25 21.71
N PHE F 47 25.80 4.31 20.57
CA PHE F 47 24.78 3.30 20.16
C PHE F 47 24.28 3.52 18.73
N THR F 48 23.78 2.45 18.12
CA THR F 48 23.35 2.46 16.72
C THR F 48 21.85 2.21 16.55
N MET F 49 21.17 3.16 15.92
CA MET F 49 19.76 3.03 15.51
C MET F 49 19.77 2.38 14.12
N LYS F 50 18.67 1.72 13.78
CA LYS F 50 18.53 0.99 12.51
C LYS F 50 17.17 1.29 11.88
N VAL F 51 17.18 1.96 10.72
CA VAL F 51 15.96 2.39 10.02
C VAL F 51 16.00 1.90 8.56
N PHE F 52 15.11 0.97 8.19
CA PHE F 52 15.09 0.34 6.86
C PHE F 52 16.46 -0.19 6.41
N GLY F 53 17.12 -0.92 7.32
CA GLY F 53 18.44 -1.49 7.04
C GLY F 53 19.54 -0.44 6.88
N GLN F 54 19.56 0.56 7.77
CA GLN F 54 20.49 1.71 7.71
C GLN F 54 21.03 2.06 9.08
N ARG F 55 22.34 1.90 9.26
CA ARG F 55 22.99 2.12 10.57
C ARG F 55 23.17 3.62 10.86
N LEU F 56 22.59 4.08 11.98
CA LEU F 56 22.62 5.49 12.36
C LEU F 56 23.34 5.58 13.71
N THR F 57 24.67 5.57 13.67
CA THR F 57 25.45 5.41 14.90
C THR F 57 25.53 6.73 15.67
N PHE F 58 24.83 6.83 16.80
CA PHE F 58 24.83 8.05 17.60
C PHE F 58 26.11 8.22 18.43
N LEU F 59 26.34 9.42 18.99
CA LEU F 59 27.54 9.73 19.83
C LEU F 59 27.21 10.86 20.81
N VAL F 60 27.19 10.55 22.11
CA VAL F 60 26.82 11.54 23.16
C VAL F 60 28.01 11.82 24.09
N GLY F 61 28.05 13.03 24.65
CA GLY F 61 29.03 13.43 25.66
C GLY F 61 30.44 13.69 25.12
N PRO F 62 31.24 14.51 25.85
CA PRO F 62 32.61 14.95 25.49
C PRO F 62 33.56 13.91 24.88
N ASP F 63 33.51 12.68 25.37
CA ASP F 63 34.41 11.61 24.91
C ASP F 63 34.06 11.12 23.51
N ALA F 64 32.78 10.80 23.31
CA ALA F 64 32.29 10.25 22.03
C ALA F 64 32.36 11.25 20.90
N HIS F 65 32.27 12.54 21.24
CA HIS F 65 32.43 13.63 20.28
C HIS F 65 33.76 13.58 19.50
N VAL F 66 34.83 13.13 20.14
CA VAL F 66 36.16 13.19 19.54
C VAL F 66 36.20 12.63 18.12
N PRO F 67 35.78 11.37 17.90
CA PRO F 67 35.79 10.88 16.50
C PRO F 67 34.98 11.72 15.50
N PHE F 68 33.91 12.37 15.97
CA PHE F 68 33.08 13.23 15.12
C PHE F 68 33.86 14.47 14.68
N PHE F 69 34.20 15.33 15.63
CA PHE F 69 34.75 16.65 15.36
C PHE F 69 36.26 16.65 15.00
N SER F 70 36.98 15.58 15.33
CA SER F 70 38.43 15.52 15.13
C SER F 70 38.81 15.28 13.69
N GLN F 71 38.20 14.28 13.08
CA GLN F 71 38.58 13.90 11.72
C GLN F 71 38.11 14.98 10.73
N GLY F 72 38.85 15.13 9.65
CA GLY F 72 38.52 16.08 8.59
C GLY F 72 37.61 15.45 7.55
N ASP F 73 37.71 15.96 6.32
CA ASP F 73 36.78 15.61 5.25
C ASP F 73 36.94 14.18 4.74
N ALA F 74 38.17 13.66 4.71
CA ALA F 74 38.48 12.39 4.04
C ALA F 74 37.95 11.14 4.75
N GLU F 75 37.70 11.25 6.06
CA GLU F 75 37.16 10.13 6.89
C GLU F 75 35.65 10.27 7.23
N LEU F 76 35.17 11.52 7.39
CA LEU F 76 33.75 11.83 7.65
C LEU F 76 33.20 12.92 6.69
N SER F 77 32.27 12.50 5.80
CA SER F 77 31.70 13.35 4.73
C SER F 77 30.34 13.98 5.12
N GLN F 78 30.06 15.17 4.57
CA GLN F 78 28.77 15.86 4.73
C GLN F 78 27.82 15.64 3.55
N ASP F 79 28.33 15.09 2.45
CA ASP F 79 27.57 14.92 1.20
C ASP F 79 26.26 14.18 1.35
N GLU F 80 26.30 12.96 1.87
CA GLU F 80 25.06 12.17 1.95
C GLU F 80 24.04 12.75 2.95
N PRO F 81 24.47 13.09 4.19
CA PRO F 81 23.51 13.60 5.16
C PRO F 81 22.78 14.84 4.68
N TYR F 82 23.51 15.88 4.29
CA TYR F 82 22.89 17.16 3.97
C TYR F 82 22.47 17.34 2.50
N GLN F 83 22.09 16.26 1.81
CA GLN F 83 21.43 16.36 0.50
C GLN F 83 20.13 17.19 0.55
N PHE F 84 19.45 17.28 1.70
CA PHE F 84 18.22 18.12 1.81
C PHE F 84 18.39 19.60 1.39
N SER F 85 19.60 20.13 1.54
CA SER F 85 19.94 21.54 1.24
C SER F 85 19.92 21.94 -0.23
N VAL F 86 20.20 20.99 -1.12
CA VAL F 86 20.68 21.33 -2.47
C VAL F 86 19.66 22.00 -3.39
N PRO F 87 18.40 21.50 -3.45
CA PRO F 87 17.40 22.26 -4.21
C PRO F 87 17.07 23.62 -3.60
N ILE F 88 17.31 23.77 -2.30
CA ILE F 88 17.20 25.06 -1.63
C ILE F 88 18.33 26.06 -2.03
N PHE F 89 19.60 25.70 -1.90
CA PHE F 89 20.70 26.63 -2.20
C PHE F 89 20.95 26.71 -3.69
N GLY F 90 20.99 25.54 -4.29
CA GLY F 90 21.20 25.45 -5.71
C GLY F 90 22.23 24.41 -6.02
N PRO F 91 22.34 24.08 -7.31
CA PRO F 91 23.39 23.18 -7.72
C PRO F 91 24.76 23.83 -7.55
N ASN F 92 25.77 23.02 -7.29
CA ASN F 92 27.16 23.46 -7.14
C ASN F 92 27.42 24.44 -5.98
N VAL F 93 26.56 24.50 -4.97
CA VAL F 93 26.76 25.43 -3.85
C VAL F 93 26.73 24.72 -2.50
N VAL F 94 27.68 25.14 -1.64
CA VAL F 94 27.96 24.51 -0.37
C VAL F 94 27.95 23.00 -0.55
N TYR F 95 26.94 22.30 -0.04
CA TYR F 95 26.95 20.84 -0.03
C TYR F 95 26.54 20.25 -1.40
N GLY F 96 26.30 21.11 -2.40
CA GLY F 96 26.11 20.69 -3.79
C GLY F 96 27.34 20.63 -4.69
N ALA F 97 28.52 21.00 -4.18
CA ALA F 97 29.77 21.01 -4.96
C ALA F 97 30.82 20.03 -4.43
N ASP F 98 31.75 19.64 -5.30
CA ASP F 98 32.88 18.78 -4.89
C ASP F 98 33.79 19.52 -3.90
N LEU F 99 34.45 18.74 -3.04
CA LEU F 99 35.34 19.29 -1.99
C LEU F 99 36.31 20.33 -2.50
N ALA F 100 36.80 20.12 -3.72
CA ALA F 100 37.59 21.12 -4.40
C ALA F 100 36.89 22.48 -4.31
N HIS F 101 35.70 22.58 -4.92
CA HIS F 101 35.01 23.89 -5.06
C HIS F 101 34.37 24.39 -3.77
N ARG F 102 33.83 23.47 -2.98
CA ARG F 102 33.17 23.78 -1.70
C ARG F 102 34.11 24.32 -0.66
N ASN F 103 35.27 23.70 -0.49
CA ASN F 103 36.16 24.11 0.59
C ASN F 103 36.61 25.55 0.44
N GLN F 104 36.69 26.04 -0.80
CA GLN F 104 36.87 27.48 -1.05
C GLN F 104 35.63 28.28 -0.70
N GLN F 105 34.48 27.86 -1.24
CA GLN F 105 33.20 28.50 -0.92
C GLN F 105 33.06 28.78 0.57
N LEU F 106 33.57 27.88 1.40
CA LEU F 106 33.64 28.08 2.84
C LEU F 106 34.63 29.19 3.19
N LYS F 107 35.85 29.08 2.66
CA LYS F 107 36.89 30.12 2.83
C LYS F 107 36.46 31.53 2.36
N PHE F 108 35.51 31.59 1.42
CA PHE F 108 34.89 32.86 1.05
C PHE F 108 33.86 33.30 2.08
N ILE F 109 33.11 32.35 2.64
CA ILE F 109 32.16 32.65 3.71
C ILE F 109 32.91 33.15 4.96
N ALA F 110 34.02 32.50 5.29
CA ALA F 110 34.87 32.93 6.40
C ALA F 110 35.50 34.31 6.14
N ALA F 111 35.86 34.59 4.90
CA ALA F 111 36.29 35.93 4.50
C ALA F 111 35.17 36.96 4.74
N SER F 112 33.95 36.60 4.32
CA SER F 112 32.78 37.49 4.44
C SER F 112 32.26 37.72 5.87
N LEU F 113 32.68 36.87 6.81
CA LEU F 113 32.27 36.95 8.22
C LEU F 113 33.45 36.97 9.21
N SER F 114 34.63 37.38 8.74
CA SER F 114 35.83 37.49 9.61
C SER F 114 35.67 38.58 10.67
N THR F 115 36.56 38.59 11.65
CA THR F 115 36.54 39.64 12.68
C THR F 115 36.68 41.05 12.04
N LYS F 116 37.41 41.15 10.93
CA LYS F 116 37.52 42.42 10.16
C LYS F 116 36.20 42.87 9.55
N ALA F 117 35.47 41.94 8.92
CA ALA F 117 34.20 42.27 8.22
C ALA F 117 33.06 42.63 9.16
N LEU F 118 33.06 42.00 10.34
CA LEU F 118 32.04 42.27 11.36
C LEU F 118 32.11 43.70 11.89
N GLN F 119 33.33 44.22 12.03
CA GLN F 119 33.56 45.62 12.42
C GLN F 119 32.73 46.55 11.54
N SER F 120 32.79 46.28 10.23
CA SER F 120 32.10 47.06 9.21
C SER F 120 30.57 46.90 9.14
N TYR F 121 30.04 45.75 9.55
CA TYR F 121 28.58 45.55 9.65
C TYR F 121 28.00 45.98 11.01
N VAL F 122 28.83 46.02 12.06
CA VAL F 122 28.39 46.33 13.44
C VAL F 122 27.49 47.58 13.48
N PRO F 123 27.98 48.72 12.97
CA PRO F 123 27.09 49.89 12.85
C PRO F 123 25.73 49.65 12.11
N LEU F 124 25.73 48.84 11.05
CA LEU F 124 24.49 48.53 10.29
C LEU F 124 23.54 47.73 11.17
N ILE F 125 24.09 46.71 11.82
CA ILE F 125 23.34 45.85 12.76
C ILE F 125 22.60 46.69 13.82
N VAL F 126 23.34 47.62 14.42
CA VAL F 126 22.87 48.49 15.50
C VAL F 126 21.77 49.42 15.02
N LYS F 127 22.04 50.13 13.92
CA LYS F 127 21.06 51.02 13.32
C LYS F 127 19.75 50.28 13.07
N GLU F 128 19.86 49.10 12.47
CA GLU F 128 18.70 48.28 12.11
C GLU F 128 17.81 47.98 13.30
N ALA F 129 18.44 47.56 14.40
CA ALA F 129 17.75 47.37 15.67
C ALA F 129 17.11 48.67 16.18
N GLU F 130 17.93 49.70 16.41
CA GLU F 130 17.46 51.03 16.83
C GLU F 130 16.19 51.48 16.07
N ASP F 131 16.26 51.47 14.74
CA ASP F 131 15.11 51.80 13.86
C ASP F 131 13.88 50.90 14.08
N PHE F 132 14.12 49.62 14.41
CA PHE F 132 13.05 48.63 14.60
C PHE F 132 12.27 48.85 15.88
N PHE F 133 13.01 48.96 16.98
CA PHE F 133 12.42 49.12 18.33
C PHE F 133 11.95 50.53 18.66
N ALA F 134 12.25 51.51 17.80
CA ALA F 134 11.63 52.81 17.90
C ALA F 134 10.14 52.75 17.52
N LYS F 135 9.72 51.79 16.71
CA LYS F 135 8.31 51.71 16.27
C LYS F 135 7.31 51.30 17.37
N TRP F 136 7.77 50.62 18.41
CA TRP F 136 6.88 50.17 19.50
C TRP F 136 6.36 51.32 20.36
N ASP F 137 5.27 51.07 21.08
CA ASP F 137 4.50 52.12 21.80
C ASP F 137 5.09 52.47 23.17
N LYS F 138 4.36 53.31 23.93
CA LYS F 138 4.64 53.56 25.35
C LYS F 138 4.82 52.21 26.10
N SER F 139 3.86 51.32 25.88
CA SER F 139 3.95 49.93 26.33
C SER F 139 2.99 49.04 25.53
N GLY F 140 3.13 47.73 25.69
CA GLY F 140 2.28 46.75 24.98
C GLY F 140 2.89 45.36 24.92
N THR F 141 2.40 44.54 23.99
CA THR F 141 2.78 43.12 23.89
C THR F 141 3.10 42.70 22.44
N VAL F 142 4.18 41.94 22.28
CA VAL F 142 4.54 41.32 21.00
C VAL F 142 5.04 39.86 21.18
N ASP F 143 4.79 39.04 20.16
CA ASP F 143 5.33 37.68 20.07
C ASP F 143 6.83 37.78 19.73
N ILE F 144 7.68 37.68 20.75
CA ILE F 144 9.14 37.94 20.61
C ILE F 144 9.83 37.06 19.56
N ARG F 145 9.22 35.94 19.18
CA ARG F 145 9.71 35.16 18.04
C ARG F 145 9.36 35.80 16.70
N ASP F 146 8.09 36.16 16.54
CA ASP F 146 7.65 36.82 15.31
C ASP F 146 8.45 38.08 15.02
N ALA F 147 8.83 38.81 16.08
CA ALA F 147 9.55 40.07 15.99
C ALA F 147 11.01 39.91 15.61
N LEU F 148 11.73 39.12 16.40
CA LEU F 148 13.16 38.92 16.17
C LEU F 148 13.47 38.14 14.89
N ALA F 149 12.52 37.31 14.43
CA ALA F 149 12.60 36.67 13.13
C ALA F 149 12.62 37.74 12.04
N GLU F 150 11.58 38.56 12.00
CA GLU F 150 11.45 39.57 10.95
C GLU F 150 12.23 40.86 11.26
N LEU F 151 13.22 40.80 12.17
CA LEU F 151 14.30 41.80 12.25
C LEU F 151 15.60 41.23 11.79
N ILE F 152 15.92 40.00 12.16
CA ILE F 152 17.21 39.43 11.76
C ILE F 152 17.33 39.31 10.23
N ILE F 153 16.20 39.06 9.56
CA ILE F 153 16.14 39.10 8.09
C ILE F 153 16.40 40.52 7.56
N LEU F 154 15.93 41.55 8.26
CA LEU F 154 16.26 42.94 7.90
C LEU F 154 17.76 43.19 8.01
N THR F 155 18.30 43.05 9.21
CA THR F 155 19.73 43.19 9.45
C THR F 155 20.57 42.39 8.44
N ALA F 156 20.15 41.15 8.17
CA ALA F 156 20.80 40.25 7.21
C ALA F 156 20.76 40.80 5.80
N SER F 157 19.60 41.28 5.37
CA SER F 157 19.46 41.90 4.06
C SER F 157 20.51 42.97 3.83
N ARG F 158 20.68 43.90 4.79
CA ARG F 158 21.70 44.97 4.64
C ARG F 158 23.10 44.40 4.73
N CYS F 159 23.36 43.62 5.76
CA CYS F 159 24.72 43.07 5.97
C CYS F 159 25.23 42.13 4.89
N LEU F 160 24.34 41.30 4.32
CA LEU F 160 24.73 40.24 3.37
C LEU F 160 24.52 40.64 1.90
N MET F 161 23.28 41.03 1.58
CA MET F 161 22.79 41.20 0.20
C MET F 161 22.83 42.65 -0.32
N GLY F 162 23.27 43.57 0.54
CA GLY F 162 23.61 44.92 0.16
C GLY F 162 22.52 45.97 0.28
N LYS F 163 22.99 47.22 0.42
CA LYS F 163 22.16 48.43 0.38
C LYS F 163 21.01 48.37 -0.64
N GLU F 164 21.30 47.89 -1.86
CA GLU F 164 20.29 47.74 -2.93
C GLU F 164 19.10 46.89 -2.48
N ILE F 165 19.39 45.62 -2.18
CA ILE F 165 18.36 44.63 -1.87
C ILE F 165 17.52 45.08 -0.68
N ARG F 166 18.24 45.56 0.32
CA ARG F 166 17.66 46.09 1.53
C ARG F 166 16.60 47.17 1.28
N GLU F 167 17.02 48.25 0.65
CA GLU F 167 16.20 49.47 0.52
C GLU F 167 15.02 49.36 -0.47
N ASN F 168 15.20 48.62 -1.55
CA ASN F 168 14.18 48.54 -2.60
C ASN F 168 13.71 47.12 -3.03
N LEU F 169 14.18 46.07 -2.37
CA LEU F 169 13.68 44.71 -2.66
C LEU F 169 13.36 43.84 -1.45
N PHE F 170 13.46 44.39 -0.24
CA PHE F 170 13.23 43.60 0.95
C PHE F 170 11.96 42.79 0.86
N THR F 171 10.82 43.43 0.60
CA THR F 171 9.56 42.65 0.60
C THR F 171 9.59 41.51 -0.46
N GLU F 172 10.40 41.61 -1.51
CA GLU F 172 10.61 40.45 -2.40
C GLU F 172 11.46 39.38 -1.70
N VAL F 173 12.66 39.76 -1.25
CA VAL F 173 13.56 38.86 -0.51
C VAL F 173 12.83 38.13 0.61
N ALA F 174 12.18 38.89 1.46
CA ALA F 174 11.39 38.34 2.57
C ALA F 174 10.21 37.49 2.12
N LYS F 175 9.68 37.71 0.92
CA LYS F 175 8.60 36.85 0.43
C LYS F 175 9.19 35.58 -0.19
N LEU F 176 10.25 35.73 -0.96
CA LEU F 176 10.86 34.58 -1.61
C LEU F 176 11.40 33.60 -0.58
N TYR F 177 12.11 34.12 0.43
CA TYR F 177 12.62 33.29 1.55
C TYR F 177 11.52 32.47 2.19
N GLN F 178 10.38 33.11 2.43
CA GLN F 178 9.22 32.42 3.01
C GLN F 178 8.80 31.23 2.17
N THR F 179 8.82 31.37 0.85
CA THR F 179 8.40 30.31 -0.06
C THR F 179 9.45 29.19 -0.11
N LEU F 180 10.74 29.56 -0.08
CA LEU F 180 11.84 28.58 0.06
C LEU F 180 11.68 27.77 1.35
N ASP F 181 11.38 28.47 2.45
CA ASP F 181 11.22 27.89 3.77
C ASP F 181 9.95 27.05 3.88
N GLU F 182 8.86 27.50 3.23
CA GLU F 182 7.62 26.70 3.14
C GLU F 182 7.82 25.39 2.33
N GLY F 183 8.90 25.30 1.54
CA GLY F 183 9.34 24.05 0.89
C GLY F 183 10.42 23.21 1.58
N LEU F 184 10.62 23.44 2.88
CA LEU F 184 11.55 22.65 3.68
C LEU F 184 10.69 21.95 4.71
N LEU F 185 9.99 20.92 4.24
CA LEU F 185 9.06 20.14 5.05
C LEU F 185 9.76 18.89 5.60
N PRO F 186 9.13 18.21 6.60
CA PRO F 186 9.60 16.91 7.03
C PRO F 186 9.99 16.01 5.87
N ILE F 187 9.06 15.80 4.92
CA ILE F 187 9.31 14.93 3.74
C ILE F 187 10.49 15.39 2.86
N SER F 188 10.79 16.70 2.83
CA SER F 188 11.86 17.29 2.00
C SER F 188 13.30 16.97 2.37
N VAL F 189 13.52 16.20 3.45
CA VAL F 189 14.85 15.68 3.80
C VAL F 189 15.04 14.23 3.35
N PHE F 190 13.95 13.47 3.32
CA PHE F 190 14.00 12.11 2.78
C PHE F 190 14.08 12.20 1.25
N PHE F 191 13.13 12.88 0.64
CA PHE F 191 13.02 12.93 -0.81
C PHE F 191 13.07 14.36 -1.22
N PRO F 192 14.28 14.92 -1.28
CA PRO F 192 14.35 16.36 -1.46
C PRO F 192 13.87 16.82 -2.81
N TYR F 193 13.72 15.91 -3.78
CA TYR F 193 13.18 16.24 -5.12
C TYR F 193 11.76 15.69 -5.42
N LEU F 194 11.00 15.38 -4.38
CA LEU F 194 9.66 14.85 -4.60
C LEU F 194 8.83 15.95 -5.28
N PRO F 195 8.00 15.58 -6.27
CA PRO F 195 7.28 16.61 -7.01
C PRO F 195 5.93 16.92 -6.35
N ILE F 196 5.99 17.74 -5.30
CA ILE F 196 4.79 18.28 -4.62
C ILE F 196 4.79 19.80 -4.78
N PRO F 197 3.61 20.43 -4.62
CA PRO F 197 3.52 21.88 -4.84
C PRO F 197 4.45 22.74 -3.95
N ALA F 198 4.62 22.34 -2.68
CA ALA F 198 5.55 23.02 -1.76
C ALA F 198 6.98 23.10 -2.31
N HIS F 199 7.35 22.09 -3.11
CA HIS F 199 8.65 22.01 -3.76
C HIS F 199 8.69 22.73 -5.09
N LYS F 200 7.58 22.72 -5.85
CA LYS F 200 7.54 23.42 -7.14
C LYS F 200 7.60 24.92 -6.93
N ARG F 201 6.94 25.37 -5.86
CA ARG F 201 7.02 26.77 -5.42
C ARG F 201 8.40 27.13 -4.79
N ARG F 202 9.08 26.16 -4.20
CA ARG F 202 10.45 26.37 -3.73
C ARG F 202 11.35 26.58 -4.92
N ASP F 203 11.31 25.63 -5.87
CA ASP F 203 12.14 25.69 -7.08
C ASP F 203 11.97 26.98 -7.88
N GLU F 204 10.71 27.43 -8.08
CA GLU F 204 10.43 28.71 -8.76
C GLU F 204 10.92 29.93 -7.97
N ALA F 205 10.96 29.83 -6.64
CA ALA F 205 11.43 30.95 -5.80
C ALA F 205 12.95 31.10 -5.81
N ARG F 206 13.66 29.99 -5.98
CA ARG F 206 15.12 30.05 -6.09
C ARG F 206 15.51 30.75 -7.38
N LEU F 207 14.85 30.36 -8.47
CA LEU F 207 15.04 31.00 -9.78
C LEU F 207 14.70 32.49 -9.73
N ALA F 208 13.60 32.82 -9.05
CA ALA F 208 13.24 34.21 -8.78
C ALA F 208 14.41 34.98 -8.17
N MET F 209 14.97 34.44 -7.10
CA MET F 209 16.03 35.13 -6.41
C MET F 209 17.27 35.26 -7.28
N VAL F 210 17.60 34.25 -8.08
CA VAL F 210 18.79 34.32 -8.94
C VAL F 210 18.63 35.46 -9.96
N ARG F 211 17.44 35.54 -10.57
CA ARG F 211 17.11 36.64 -11.48
C ARG F 211 17.28 38.02 -10.83
N MET F 212 16.87 38.14 -9.58
CA MET F 212 17.06 39.39 -8.81
C MET F 212 18.52 39.73 -8.55
N PHE F 213 19.29 38.75 -8.13
CA PHE F 213 20.70 38.97 -7.84
C PHE F 213 21.50 39.23 -9.11
N LYS F 214 21.06 38.69 -10.25
CA LYS F 214 21.66 39.03 -11.55
C LYS F 214 21.48 40.52 -11.88
N LYS F 215 20.26 41.05 -11.70
CA LYS F 215 19.98 42.47 -11.96
C LYS F 215 20.93 43.39 -11.24
N ILE F 216 21.26 43.04 -10.00
CA ILE F 216 22.14 43.84 -9.14
C ILE F 216 23.62 43.51 -9.33
N ILE F 217 23.94 42.23 -9.56
CA ILE F 217 25.30 41.82 -9.93
C ILE F 217 25.72 42.49 -11.24
N ASP F 218 24.80 42.53 -12.22
CA ASP F 218 25.05 43.23 -13.48
C ASP F 218 25.26 44.75 -13.27
N GLU F 219 24.30 45.40 -12.60
CA GLU F 219 24.37 46.85 -12.25
C GLU F 219 25.60 47.22 -11.41
N ARG F 220 26.04 46.32 -10.52
CA ARG F 220 27.29 46.52 -9.76
C ARG F 220 28.54 46.32 -10.59
N ARG F 221 28.57 45.29 -11.44
CA ARG F 221 29.72 45.07 -12.36
C ARG F 221 29.87 46.17 -13.40
N ALA F 222 28.73 46.74 -13.83
CA ALA F 222 28.72 47.93 -14.69
C ALA F 222 29.50 49.12 -14.09
N ASN F 223 29.49 49.25 -12.75
CA ASN F 223 30.17 50.34 -12.03
C ASN F 223 31.34 49.88 -11.11
N PRO F 224 32.47 49.40 -11.70
CA PRO F 224 33.61 48.99 -10.83
C PRO F 224 34.32 50.15 -10.13
N GLU F 225 34.11 51.37 -10.62
CA GLU F 225 34.42 52.59 -9.89
C GLU F 225 33.92 52.52 -8.45
N VAL F 226 32.63 52.18 -8.25
CA VAL F 226 31.99 52.19 -6.91
C VAL F 226 32.13 50.85 -6.14
N LYS F 227 32.72 50.91 -4.94
CA LYS F 227 32.98 49.75 -4.08
C LYS F 227 31.89 49.67 -3.01
N HIS F 228 31.62 48.46 -2.51
CA HIS F 228 30.58 48.20 -1.48
C HIS F 228 31.16 47.49 -0.24
N ASN F 229 30.33 47.34 0.79
CA ASN F 229 30.69 46.63 2.04
C ASN F 229 29.58 45.66 2.45
N ASP F 230 29.67 44.44 1.92
CA ASP F 230 28.71 43.38 2.20
C ASP F 230 29.18 42.07 1.59
N CYS F 231 28.51 40.98 1.95
CA CYS F 231 28.91 39.64 1.55
C CYS F 231 28.83 39.44 0.06
N LEU F 232 27.87 40.12 -0.59
CA LEU F 232 27.77 40.12 -2.05
C LEU F 232 29.03 40.70 -2.72
N GLN F 233 29.60 41.76 -2.15
CA GLN F 233 30.84 42.32 -2.68
C GLN F 233 31.95 41.29 -2.57
N VAL F 234 32.01 40.61 -1.43
CA VAL F 234 33.05 39.62 -1.20
C VAL F 234 32.89 38.41 -2.12
N PHE F 235 31.67 37.89 -2.28
CA PHE F 235 31.43 36.73 -3.17
C PHE F 235 31.61 37.02 -4.65
N MET F 236 31.52 38.30 -5.03
CA MET F 236 31.83 38.72 -6.40
C MET F 236 33.34 38.78 -6.62
N ASP F 237 34.06 39.46 -5.73
CA ASP F 237 35.52 39.55 -5.83
C ASP F 237 36.28 38.23 -5.56
N ALA F 238 35.58 37.17 -5.13
CA ALA F 238 36.22 35.88 -4.95
C ALA F 238 36.35 35.17 -6.28
N ARG F 239 37.46 34.43 -6.43
CA ARG F 239 37.76 33.62 -7.61
C ARG F 239 38.27 32.26 -7.13
N TYR F 240 37.88 31.17 -7.80
CA TYR F 240 38.45 29.85 -7.52
C TYR F 240 39.90 29.78 -7.98
N ARG F 241 40.70 28.89 -7.38
CA ARG F 241 42.15 28.78 -7.70
C ARG F 241 42.42 28.17 -9.09
N GLY F 242 43.53 28.57 -9.70
CA GLY F 242 43.91 28.06 -11.03
C GLY F 242 42.96 28.58 -12.09
N GLU F 243 41.76 28.02 -12.10
CA GLU F 243 40.62 28.45 -12.95
C GLU F 243 40.47 29.98 -13.07
N GLU F 244 40.04 30.46 -14.25
CA GLU F 244 39.68 31.87 -14.44
C GLU F 244 38.40 32.11 -13.65
N GLN F 245 37.42 31.22 -13.85
CA GLN F 245 36.25 31.09 -12.99
C GLN F 245 35.53 32.42 -12.72
N ALA F 246 35.57 32.89 -11.47
CA ALA F 246 34.58 33.85 -10.91
C ALA F 246 33.24 33.13 -10.74
N LEU F 247 32.64 33.26 -9.57
CA LEU F 247 31.39 32.55 -9.26
C LEU F 247 30.20 33.12 -10.03
N ASN F 248 29.43 32.26 -10.70
CA ASN F 248 28.28 32.73 -11.47
C ASN F 248 27.10 33.15 -10.58
N ASP F 249 26.14 33.83 -11.21
CA ASP F 249 25.01 34.48 -10.52
C ASP F 249 24.23 33.52 -9.61
N GLU F 250 24.08 32.28 -10.06
CA GLU F 250 23.31 31.25 -9.36
C GLU F 250 24.08 30.57 -8.21
N GLU F 251 25.39 30.38 -8.40
CA GLU F 251 26.31 29.91 -7.35
C GLU F 251 26.36 30.92 -6.20
N ILE F 252 26.36 32.22 -6.53
CA ILE F 252 26.43 33.30 -5.52
C ILE F 252 25.11 33.48 -4.76
N THR F 253 24.00 33.48 -5.48
CA THR F 253 22.66 33.49 -4.85
C THR F 253 22.50 32.34 -3.84
N GLY F 254 23.04 31.17 -4.18
CA GLY F 254 23.04 30.04 -3.25
C GLY F 254 23.74 30.30 -1.94
N LEU F 255 24.88 30.99 -2.00
CA LEU F 255 25.57 31.42 -0.79
C LEU F 255 24.78 32.45 0.05
N MET F 256 24.18 33.44 -0.62
CA MET F 256 23.29 34.39 0.06
C MET F 256 22.11 33.64 0.66
N ILE F 257 21.50 32.72 -0.10
CA ILE F 257 20.34 31.96 0.40
C ILE F 257 20.73 31.08 1.59
N ALA F 258 21.94 30.50 1.59
CA ALA F 258 22.38 29.70 2.73
C ALA F 258 22.52 30.59 3.97
N LEU F 259 23.30 31.66 3.87
CA LEU F 259 23.54 32.58 5.00
C LEU F 259 22.27 33.27 5.56
N LEU F 260 21.25 33.38 4.70
CA LEU F 260 19.98 33.94 5.12
C LEU F 260 19.23 32.95 6.02
N PHE F 261 19.11 31.70 5.53
CA PHE F 261 18.52 30.58 6.27
C PHE F 261 19.16 30.41 7.66
N ALA F 262 20.49 30.48 7.70
CA ALA F 262 21.26 30.47 8.97
C ALA F 262 20.77 31.56 9.93
N GLY F 263 20.63 32.79 9.44
CA GLY F 263 19.95 33.85 10.19
C GLY F 263 18.69 33.34 10.88
N GLN F 264 17.72 32.86 10.10
CA GLN F 264 16.35 32.65 10.61
C GLN F 264 16.16 31.31 11.34
N HIS F 265 16.78 30.24 10.84
CA HIS F 265 16.66 28.91 11.47
C HIS F 265 17.40 28.75 12.79
N THR F 266 18.40 29.60 13.06
CA THR F 266 19.22 29.49 14.26
C THR F 266 19.31 30.82 15.05
N SER F 267 20.22 31.71 14.64
CA SER F 267 20.39 33.03 15.29
C SER F 267 19.07 33.55 15.86
N SER F 268 18.02 33.47 15.05
CA SER F 268 16.70 33.97 15.37
C SER F 268 15.97 33.30 16.53
N VAL F 269 16.15 32.00 16.74
CA VAL F 269 15.44 31.38 17.86
C VAL F 269 16.25 31.46 19.12
N THR F 270 17.54 31.16 19.02
CA THR F 270 18.46 31.36 20.15
C THR F 270 18.32 32.79 20.71
N GLY F 271 18.28 33.77 19.81
CA GLY F 271 17.90 35.14 20.15
C GLY F 271 16.61 35.24 20.94
N SER F 272 15.55 34.59 20.45
CA SER F 272 14.25 34.59 21.12
C SER F 272 14.25 33.94 22.50
N TRP F 273 15.05 32.87 22.68
CA TRP F 273 15.13 32.19 23.96
C TRP F 273 15.78 33.13 24.95
N THR F 274 16.97 33.62 24.64
CA THR F 274 17.75 34.49 25.55
C THR F 274 16.86 35.35 26.47
N GLY F 275 15.95 36.09 25.84
CA GLY F 275 14.97 36.89 26.54
C GLY F 275 14.06 36.04 27.38
N LEU F 276 13.02 35.46 26.76
CA LEU F 276 12.13 34.48 27.38
C LEU F 276 12.71 33.84 28.66
N LEU F 277 13.88 33.19 28.53
CA LEU F 277 14.59 32.60 29.68
C LEU F 277 14.97 33.61 30.78
N LEU F 278 15.81 34.60 30.45
CA LEU F 278 16.19 35.66 31.39
C LEU F 278 15.02 36.47 31.99
N PHE F 279 13.79 36.32 31.48
CA PHE F 279 12.64 37.11 31.95
C PHE F 279 11.46 36.30 32.55
N GLU F 280 11.66 35.00 32.82
CA GLU F 280 10.78 34.28 33.75
C GLU F 280 11.12 34.75 35.16
N ALA F 281 10.11 34.97 36.00
CA ALA F 281 10.31 35.60 37.33
C ALA F 281 11.47 35.03 38.17
N ASN F 282 11.67 33.71 38.15
CA ASN F 282 12.80 33.04 38.86
C ASN F 282 14.14 33.49 38.32
N ASN F 283 14.25 33.45 37.00
CA ASN F 283 15.48 33.77 36.32
C ASN F 283 15.70 35.28 36.27
N LYS F 284 14.59 36.02 36.07
CA LYS F 284 14.56 37.48 36.08
C LYS F 284 15.07 38.00 37.40
N LYS F 285 14.32 37.80 38.49
CA LYS F 285 14.72 38.33 39.81
C LYS F 285 16.16 37.93 40.20
N LYS F 286 16.62 36.74 39.79
CA LYS F 286 18.02 36.32 40.00
C LYS F 286 19.05 37.00 39.06
N PHE F 287 19.11 36.61 37.78
CA PHE F 287 20.21 37.07 36.88
C PHE F 287 20.06 38.43 36.19
N LEU F 288 18.89 39.08 36.30
CA LEU F 288 18.64 40.36 35.62
C LEU F 288 19.47 41.53 36.16
N PRO F 289 19.41 41.82 37.48
CA PRO F 289 20.12 43.02 38.00
C PRO F 289 21.65 42.92 37.91
N GLY F 290 22.20 41.70 37.92
CA GLY F 290 23.59 41.44 37.59
C GLY F 290 23.96 41.84 36.17
N VAL F 291 23.04 41.62 35.22
CA VAL F 291 23.25 41.99 33.80
C VAL F 291 23.16 43.52 33.53
N LEU F 292 22.28 44.23 34.24
CA LEU F 292 22.22 45.72 34.15
C LEU F 292 23.33 46.42 34.93
N GLU F 293 24.03 45.68 35.79
CA GLU F 293 25.26 46.15 36.46
C GLU F 293 26.49 45.99 35.53
N GLU F 294 26.46 44.97 34.67
CA GLU F 294 27.43 44.82 33.56
C GLU F 294 27.09 45.81 32.44
N GLN F 295 25.80 46.08 32.23
CA GLN F 295 25.37 47.06 31.23
C GLN F 295 25.77 48.50 31.56
N GLU F 296 25.86 48.83 32.86
CA GLU F 296 26.26 50.18 33.31
C GLU F 296 27.77 50.40 33.42
N GLU F 297 28.56 49.33 33.60
CA GLU F 297 30.02 49.40 33.41
C GLU F 297 30.44 49.57 31.93
N ILE F 298 29.47 49.50 31.00
CA ILE F 298 29.67 49.80 29.56
C ILE F 298 29.30 51.25 29.19
N ARG F 299 28.31 51.84 29.86
CA ARG F 299 28.14 53.30 29.82
C ARG F 299 29.35 54.06 30.52
N LYS F 300 30.07 53.36 31.42
CA LYS F 300 31.34 53.85 32.04
C LYS F 300 32.50 53.69 31.07
N GLU F 301 32.94 52.44 30.84
CA GLU F 301 34.14 52.12 30.01
C GLU F 301 33.92 52.07 28.46
N PHE F 302 33.05 52.93 27.92
CA PHE F 302 32.78 52.99 26.45
C PHE F 302 31.76 54.05 26.03
N GLY F 303 30.72 54.32 26.84
CA GLY F 303 29.74 55.39 26.55
C GLY F 303 28.39 54.88 26.09
N ASP F 304 27.37 55.75 26.08
CA ASP F 304 25.98 55.34 25.78
C ASP F 304 25.78 55.07 24.28
N GLU F 305 26.49 54.07 23.74
CA GLU F 305 26.53 53.82 22.29
C GLU F 305 27.24 52.49 22.00
N LEU F 306 26.76 51.80 20.94
CA LEU F 306 26.99 50.35 20.76
C LEU F 306 28.09 50.00 19.75
N THR F 307 29.34 50.27 20.12
CA THR F 307 30.52 49.88 19.33
C THR F 307 30.73 48.38 19.44
N MET F 308 31.53 47.82 18.53
CA MET F 308 31.91 46.40 18.61
C MET F 308 32.77 46.11 19.85
N GLU F 309 33.72 46.99 20.16
CA GLU F 309 34.59 46.84 21.33
C GLU F 309 33.78 46.77 22.67
N ALA F 310 32.58 47.38 22.69
CA ALA F 310 31.69 47.37 23.86
C ALA F 310 30.65 46.22 23.90
N LEU F 311 30.44 45.53 22.78
CA LEU F 311 29.69 44.25 22.77
C LEU F 311 30.63 43.11 23.20
N ASN F 312 31.85 43.09 22.65
CA ASN F 312 32.89 42.13 23.05
C ASN F 312 33.42 42.33 24.48
N LYS F 313 32.86 43.29 25.21
CA LYS F 313 32.91 43.34 26.67
C LYS F 313 31.50 43.43 27.26
N MET F 314 30.63 42.47 26.92
CA MET F 314 29.39 42.23 27.66
C MET F 314 29.37 40.75 28.01
N ASP F 315 30.15 40.42 29.05
CA ASP F 315 30.39 39.02 29.41
C ASP F 315 29.17 38.27 29.94
N LYS F 316 28.39 38.90 30.82
CA LYS F 316 27.16 38.29 31.34
C LYS F 316 26.15 38.02 30.22
N LEU F 317 25.77 39.07 29.49
CA LEU F 317 24.77 38.95 28.42
C LEU F 317 25.21 37.92 27.37
N HIS F 318 26.50 37.96 26.99
CA HIS F 318 27.08 36.93 26.13
C HIS F 318 26.66 35.57 26.67
N ARG F 319 26.82 35.37 27.98
CA ARG F 319 26.49 34.09 28.61
C ARG F 319 25.00 33.73 28.68
N CYS F 320 24.12 34.71 28.90
CA CYS F 320 22.66 34.45 28.89
C CYS F 320 22.16 34.03 27.50
N VAL F 321 22.92 34.43 26.47
CA VAL F 321 22.78 33.91 25.11
C VAL F 321 23.31 32.50 25.10
N LYS F 322 24.57 32.34 25.52
CA LYS F 322 25.24 31.03 25.55
C LYS F 322 24.49 29.95 26.39
N GLU F 323 23.69 30.38 27.37
CA GLU F 323 22.84 29.45 28.13
C GLU F 323 21.59 29.04 27.36
N ALA F 324 20.91 30.01 26.73
CA ALA F 324 19.78 29.71 25.84
C ALA F 324 20.15 28.70 24.74
N LEU F 325 21.41 28.74 24.30
CA LEU F 325 21.96 27.77 23.33
C LEU F 325 22.33 26.40 23.94
N ARG F 326 22.80 26.36 25.18
CA ARG F 326 23.03 25.09 25.88
C ARG F 326 21.74 24.30 26.08
N MET F 327 20.71 24.98 26.58
CA MET F 327 19.48 24.34 27.03
C MET F 327 18.52 24.01 25.90
N TYR F 328 18.34 24.97 25.01
CA TYR F 328 17.35 24.85 23.94
C TYR F 328 17.99 25.15 22.58
N PRO F 329 19.03 24.38 22.19
CA PRO F 329 19.69 24.64 20.91
C PRO F 329 18.76 24.49 19.72
N PRO F 330 19.04 25.25 18.63
CA PRO F 330 18.16 25.21 17.46
C PRO F 330 18.39 23.99 16.61
N LEU F 331 19.65 23.70 16.33
CA LEU F 331 20.00 22.53 15.57
C LEU F 331 20.17 21.36 16.51
N LEU F 332 19.29 20.36 16.35
CA LEU F 332 19.33 19.17 17.19
C LEU F 332 20.49 18.25 16.82
N PHE F 333 20.47 17.70 15.60
CA PHE F 333 21.44 16.66 15.18
C PHE F 333 22.28 17.07 13.99
N VAL F 334 23.55 17.39 14.22
CA VAL F 334 24.52 17.45 13.11
C VAL F 334 24.89 16.01 12.80
N MET F 335 25.45 15.76 11.62
CA MET F 335 25.59 14.40 11.08
C MET F 335 26.76 14.28 10.09
N ARG F 336 27.29 13.07 9.95
CA ARG F 336 28.29 12.74 8.91
C ARG F 336 28.13 11.31 8.43
N LYS F 337 28.39 11.08 7.14
CA LYS F 337 28.56 9.73 6.59
C LYS F 337 30.00 9.27 6.92
N VAL F 338 30.17 7.98 7.16
CA VAL F 338 31.47 7.42 7.53
C VAL F 338 32.07 6.80 6.27
N ILE F 339 33.22 7.31 5.83
CA ILE F 339 33.95 6.69 4.74
C ILE F 339 35.03 5.78 5.37
N LYS F 340 35.97 6.37 6.10
CA LYS F 340 37.08 5.63 6.73
C LYS F 340 36.66 5.29 8.17
N PRO F 341 36.69 3.97 8.54
CA PRO F 341 36.07 3.53 9.79
C PRO F 341 36.89 4.05 10.95
N PHE F 342 36.25 4.31 12.08
CA PHE F 342 36.98 4.82 13.24
C PHE F 342 36.87 3.88 14.46
N SER F 343 37.44 4.30 15.58
CA SER F 343 37.44 3.51 16.81
C SER F 343 37.28 4.41 18.01
N TYR F 344 36.27 4.12 18.85
CA TYR F 344 36.04 4.83 20.10
C TYR F 344 36.03 3.80 21.19
N LYS F 345 37.08 3.82 22.02
CA LYS F 345 37.24 2.82 23.07
C LYS F 345 37.25 1.42 22.42
N ASP F 346 36.53 0.44 23.00
CA ASP F 346 36.49 -0.91 22.45
C ASP F 346 35.57 -0.98 21.23
N TYR F 347 34.60 -0.07 21.16
CA TYR F 347 33.63 -0.09 20.08
C TYR F 347 34.28 0.37 18.78
N TYR F 348 33.75 -0.15 17.67
CA TYR F 348 34.28 0.07 16.33
C TYR F 348 33.11 0.46 15.40
N VAL F 349 33.21 1.61 14.73
CA VAL F 349 32.14 2.15 13.85
C VAL F 349 32.53 2.01 12.37
N PRO F 350 31.83 1.16 11.62
CA PRO F 350 32.27 0.83 10.26
C PRO F 350 31.93 1.87 9.18
N GLU F 351 32.65 1.76 8.05
CA GLU F 351 32.33 2.48 6.81
C GLU F 351 30.86 2.34 6.48
N GLY F 352 30.23 3.42 6.01
CA GLY F 352 28.82 3.40 5.55
C GLY F 352 27.78 3.83 6.56
N ASP F 353 28.10 3.69 7.87
CA ASP F 353 27.25 4.20 8.95
C ASP F 353 27.14 5.70 8.86
N THR F 354 26.10 6.25 9.46
CA THR F 354 25.92 7.68 9.56
C THR F 354 26.00 8.04 11.03
N VAL F 355 27.01 8.85 11.39
CA VAL F 355 27.18 9.28 12.79
C VAL F 355 26.38 10.55 13.07
N PHE F 356 25.88 10.65 14.30
CA PHE F 356 25.03 11.74 14.74
C PHE F 356 25.61 12.24 16.06
N VAL F 357 25.56 13.55 16.26
CA VAL F 357 25.82 14.19 17.57
C VAL F 357 24.63 15.10 17.78
N SER F 358 24.08 15.10 18.99
CA SER F 358 22.93 15.95 19.31
C SER F 358 23.39 17.00 20.28
N PRO F 359 23.67 18.23 19.80
CA PRO F 359 23.83 19.34 20.73
C PRO F 359 22.74 19.48 21.81
N ALA F 360 21.51 19.06 21.52
CA ALA F 360 20.43 19.08 22.51
C ALA F 360 20.77 18.20 23.70
N LEU F 361 21.02 16.93 23.39
CA LEU F 361 21.26 15.90 24.38
C LEU F 361 22.64 16.02 25.04
N SER F 362 23.69 16.23 24.24
CA SER F 362 25.07 16.21 24.77
C SER F 362 25.41 17.33 25.73
N MET F 363 24.50 18.30 25.87
CA MET F 363 24.67 19.40 26.78
C MET F 363 23.60 19.37 27.88
N ARG F 364 22.98 18.22 28.08
CA ARG F 364 22.19 17.92 29.30
C ARG F 364 22.79 16.78 30.15
N VAL F 365 23.92 16.22 29.69
CA VAL F 365 24.72 15.26 30.45
C VAL F 365 25.18 15.93 31.75
N GLU F 366 25.20 15.17 32.85
CA GLU F 366 25.39 15.74 34.18
C GLU F 366 26.86 15.93 34.61
N GLU F 367 27.72 14.93 34.39
CA GLU F 367 29.17 15.11 34.68
C GLU F 367 29.85 16.16 33.78
N VAL F 368 29.13 16.65 32.79
CA VAL F 368 29.57 17.71 31.90
C VAL F 368 29.01 19.05 32.40
N PHE F 369 27.68 19.15 32.53
CA PHE F 369 27.03 20.38 32.99
C PHE F 369 26.21 20.08 34.26
N PRO F 370 26.87 20.17 35.45
CA PRO F 370 26.20 20.07 36.74
C PRO F 370 24.88 20.84 36.87
N ASN F 371 23.80 20.12 37.20
CA ASN F 371 22.45 20.66 37.32
C ASN F 371 21.91 21.08 35.93
N ALA F 372 22.17 20.21 34.94
CA ALA F 372 21.82 20.39 33.52
C ALA F 372 20.46 21.03 33.18
N ASP F 373 19.39 20.68 33.90
CA ASP F 373 18.04 21.15 33.54
C ASP F 373 17.68 22.57 34.01
N GLN F 374 18.57 23.25 34.72
CA GLN F 374 18.26 24.58 35.28
C GLN F 374 18.97 25.70 34.48
N TYR F 375 18.36 26.89 34.43
CA TYR F 375 18.97 28.08 33.83
C TYR F 375 20.00 28.71 34.80
N ASN F 376 21.28 28.64 34.42
CA ASN F 376 22.39 29.26 35.19
C ASN F 376 23.49 29.85 34.28
N PRO F 377 23.24 31.04 33.68
CA PRO F 377 24.20 31.70 32.79
C PRO F 377 25.61 31.84 33.34
N GLU F 378 25.75 32.17 34.63
CA GLU F 378 27.09 32.36 35.21
C GLU F 378 27.90 31.05 35.34
N ARG F 379 27.30 29.91 34.95
CA ARG F 379 28.03 28.65 34.97
C ARG F 379 29.26 28.64 34.10
N PHE F 380 29.23 29.37 32.98
CA PHE F 380 30.32 29.30 31.99
C PHE F 380 31.64 29.97 32.43
N VAL F 381 31.63 30.66 33.57
CA VAL F 381 32.82 31.32 34.12
C VAL F 381 33.92 30.28 34.47
N GLU F 382 33.48 29.12 34.98
CA GLU F 382 34.37 27.96 35.23
C GLU F 382 34.16 26.81 34.21
N GLU F 383 33.02 26.81 33.52
CA GLU F 383 32.67 25.80 32.48
C GLU F 383 33.39 26.08 31.14
N ASP F 384 33.76 27.34 30.89
CA ASP F 384 34.63 27.74 29.77
C ASP F 384 36.10 27.97 30.21
N LYS F 385 36.35 28.24 31.49
CA LYS F 385 37.73 28.23 32.06
C LYS F 385 38.34 26.84 31.89
N GLN F 386 37.55 25.84 32.30
CA GLN F 386 37.67 24.43 31.87
C GLN F 386 38.21 24.29 30.44
N ALA F 387 39.05 23.28 30.21
CA ALA F 387 39.56 23.01 28.86
C ALA F 387 39.63 21.53 28.49
N GLN F 388 38.52 20.80 28.69
CA GLN F 388 38.29 19.52 28.00
C GLN F 388 37.62 19.82 26.64
N LYS F 389 38.02 19.09 25.62
CA LYS F 389 37.53 19.37 24.26
C LYS F 389 36.11 18.81 24.05
N TYR F 390 35.26 19.67 23.48
CA TYR F 390 33.92 19.32 22.97
C TYR F 390 32.81 19.21 24.03
N ARG F 391 32.88 20.05 25.05
CA ARG F 391 31.85 20.06 26.09
C ARG F 391 30.60 20.73 25.56
N PHE F 392 30.77 22.00 25.15
CA PHE F 392 29.72 22.83 24.54
C PHE F 392 29.75 22.63 23.03
N VAL F 393 28.61 22.39 22.40
CA VAL F 393 28.59 22.10 20.96
C VAL F 393 27.45 22.78 20.20
N GLY F 394 26.85 23.81 20.80
CA GLY F 394 25.83 24.62 20.11
C GLY F 394 26.22 25.09 18.73
N PHE F 395 27.52 25.37 18.56
CA PHE F 395 28.12 25.81 17.30
C PHE F 395 29.00 24.75 16.61
N GLY F 396 28.81 23.48 16.96
CA GLY F 396 29.67 22.41 16.47
C GLY F 396 31.08 22.63 16.96
N ALA F 397 32.04 22.03 16.29
CA ALA F 397 33.45 22.21 16.63
C ALA F 397 34.34 21.77 15.48
N GLY F 398 35.65 21.84 15.70
CA GLY F 398 36.62 21.29 14.78
C GLY F 398 36.54 21.90 13.39
N ARG F 399 37.14 21.18 12.44
CA ARG F 399 37.18 21.54 11.01
C ARG F 399 35.89 22.27 10.50
N HIS F 400 34.72 21.62 10.54
CA HIS F 400 33.48 22.26 10.04
C HIS F 400 32.64 22.88 11.17
N GLY F 401 33.28 23.65 12.05
CA GLY F 401 32.55 24.38 13.10
C GLY F 401 31.83 25.59 12.54
N CYS F 402 31.03 26.26 13.36
CA CYS F 402 30.20 27.39 12.88
C CYS F 402 31.06 28.58 12.56
N MET F 403 30.94 29.08 11.32
CA MET F 403 31.62 30.31 10.88
C MET F 403 30.85 31.59 11.19
N GLY F 404 29.54 31.48 11.46
CA GLY F 404 28.76 32.62 11.87
C GLY F 404 28.54 32.73 13.37
N GLU F 405 29.41 32.10 14.17
CA GLU F 405 29.33 32.19 15.64
C GLU F 405 29.33 33.65 16.11
N ASN F 406 30.40 34.38 15.77
CA ASN F 406 30.58 35.76 16.24
C ASN F 406 29.49 36.69 15.73
N PHE F 407 29.04 36.46 14.50
CA PHE F 407 27.89 37.17 13.95
C PHE F 407 26.66 36.92 14.82
N ALA F 408 26.42 35.65 15.18
CA ALA F 408 25.24 35.31 15.96
C ALA F 408 25.26 36.00 17.32
N TYR F 409 26.41 35.90 18.00
CA TYR F 409 26.62 36.58 19.29
C TYR F 409 26.40 38.09 19.20
N LEU F 410 27.17 38.75 18.34
CA LEU F 410 27.06 40.20 18.13
C LEU F 410 25.66 40.64 17.73
N GLN F 411 24.97 39.82 16.93
CA GLN F 411 23.59 40.11 16.51
C GLN F 411 22.64 40.06 17.70
N ILE F 412 22.77 39.00 18.50
CA ILE F 412 21.86 38.78 19.62
C ILE F 412 22.20 39.67 20.82
N LYS F 413 23.49 39.75 21.17
CA LYS F 413 23.97 40.71 22.19
C LYS F 413 23.49 42.14 21.90
N THR F 414 23.51 42.54 20.63
CA THR F 414 23.07 43.87 20.19
C THR F 414 21.58 44.08 20.40
N ILE F 415 20.79 43.06 20.07
CA ILE F 415 19.33 43.16 20.16
C ILE F 415 18.86 43.32 21.61
N TRP F 416 19.43 42.52 22.51
CA TRP F 416 19.05 42.54 23.92
C TRP F 416 19.63 43.75 24.64
N SER F 417 20.88 44.09 24.34
CA SER F 417 21.47 45.36 24.79
C SER F 417 20.62 46.59 24.40
N VAL F 418 20.01 46.57 23.22
CA VAL F 418 19.08 47.64 22.83
C VAL F 418 17.77 47.59 23.63
N LEU F 419 17.25 46.40 23.92
CA LEU F 419 15.98 46.24 24.65
C LEU F 419 16.15 46.51 26.13
N LEU F 420 17.17 45.86 26.72
CA LEU F 420 17.60 46.09 28.12
C LEU F 420 17.77 47.57 28.49
N ARG F 421 18.31 48.38 27.58
CA ARG F 421 18.47 49.82 27.83
C ARG F 421 17.11 50.52 27.73
N ASN F 422 16.49 50.44 26.55
CA ASN F 422 15.27 51.22 26.26
C ASN F 422 13.96 50.68 26.81
N PHE F 423 13.95 49.51 27.48
CA PHE F 423 12.69 48.92 27.98
C PHE F 423 12.74 48.31 29.38
N ASP F 424 11.55 48.04 29.95
CA ASP F 424 11.35 47.13 31.09
C ASP F 424 10.50 45.94 30.60
N ILE F 425 11.00 44.72 30.83
CA ILE F 425 10.44 43.50 30.19
C ILE F 425 9.97 42.46 31.22
N GLU F 426 8.90 41.76 30.86
CA GLU F 426 8.31 40.70 31.69
C GLU F 426 7.63 39.67 30.78
N LEU F 427 7.58 38.42 31.25
CA LEU F 427 6.93 37.32 30.51
C LEU F 427 5.40 37.50 30.47
N VAL F 428 4.73 36.72 29.62
CA VAL F 428 3.26 36.64 29.60
C VAL F 428 2.91 35.16 29.66
N GLY F 429 2.55 34.71 30.86
CA GLY F 429 2.41 33.27 31.14
C GLY F 429 3.74 32.65 31.52
N GLU F 430 3.74 31.35 31.76
CA GLU F 430 4.98 30.64 32.13
C GLU F 430 5.80 30.37 30.86
N LEU F 431 7.09 30.09 31.02
CA LEU F 431 8.03 29.78 29.90
C LEU F 431 7.40 29.00 28.74
N PRO F 432 7.68 29.42 27.49
CA PRO F 432 7.15 28.62 26.38
C PRO F 432 7.85 27.28 26.28
N LYS F 433 7.12 26.30 25.76
CA LYS F 433 7.66 24.96 25.60
C LYS F 433 8.33 24.84 24.25
N PRO F 434 9.55 24.28 24.21
CA PRO F 434 10.25 24.11 22.94
C PRO F 434 9.55 23.12 22.05
N ASP F 435 9.53 23.41 20.75
CA ASP F 435 8.88 22.57 19.77
C ASP F 435 9.99 21.76 19.13
N TYR F 436 10.09 20.47 19.48
CA TYR F 436 11.15 19.55 18.99
C TYR F 436 10.76 18.72 17.76
N THR F 437 9.45 18.53 17.58
CA THR F 437 8.88 17.97 16.36
C THR F 437 8.60 19.08 15.31
N ALA F 438 8.88 20.34 15.66
CA ALA F 438 8.92 21.42 14.66
C ALA F 438 10.16 21.31 13.80
N MET F 439 10.07 21.83 12.58
CA MET F 439 11.19 21.89 11.64
C MET F 439 12.13 23.06 11.98
N VAL F 440 11.62 24.01 12.76
CA VAL F 440 12.43 25.05 13.37
C VAL F 440 12.26 24.93 14.89
N VAL F 441 13.23 24.27 15.50
CA VAL F 441 13.17 24.01 16.92
C VAL F 441 13.43 25.27 17.72
N GLY F 442 12.35 25.79 18.29
CA GLY F 442 12.46 26.93 19.19
C GLY F 442 11.22 27.07 20.05
N PRO F 443 11.03 28.26 20.66
CA PRO F 443 9.88 28.44 21.54
C PRO F 443 8.57 28.42 20.74
N ALA F 444 7.61 27.63 21.21
CA ALA F 444 6.36 27.40 20.49
C ALA F 444 5.51 28.63 20.62
N HIS F 445 4.82 29.00 19.54
CA HIS F 445 3.98 30.18 19.54
C HIS F 445 2.76 29.87 20.43
N PRO F 446 2.26 30.82 21.25
CA PRO F 446 2.78 32.17 21.38
C PRO F 446 3.97 32.26 22.32
N CYS F 447 4.80 33.28 22.10
CA CYS F 447 5.98 33.58 22.90
C CYS F 447 5.92 35.05 23.31
N LEU F 448 4.84 35.43 23.98
CA LEU F 448 4.57 36.85 24.27
C LEU F 448 5.52 37.43 25.35
N LEU F 449 5.94 38.68 25.17
CA LEU F 449 6.55 39.51 26.22
C LEU F 449 5.74 40.80 26.33
N ARG F 450 5.79 41.43 27.51
CA ARG F 450 5.27 42.81 27.69
C ARG F 450 6.44 43.79 27.81
N TYR F 451 6.33 44.92 27.10
CA TYR F 451 7.39 45.91 27.04
C TYR F 451 6.90 47.27 27.56
N THR F 452 7.72 47.93 28.37
CA THR F 452 7.46 49.30 28.85
C THR F 452 8.68 50.17 28.62
N ARG F 453 8.45 51.39 28.16
CA ARG F 453 9.54 52.34 27.87
C ARG F 453 10.12 52.95 29.18
N LYS F 454 11.43 53.20 29.19
CA LYS F 454 12.18 53.62 30.38
C LYS F 454 12.47 55.15 30.37
N HIS F 455 12.55 55.77 31.56
CA HIS F 455 12.82 57.24 31.72
C HIS F 455 11.69 58.12 31.16
#